data_1XAX
#
_entry.id   1XAX
#
_entity_poly.entity_id   1
_entity_poly.type   'polypeptide(L)'
_entity_poly.pdbx_seq_one_letter_code
;MGSVLVDLQIATENIEGLPTEEQIVQWATGAVQPEGNEVEMTVRIVDEAESHELNLTYRGKDRPTNVLSFPFECPDEVEL
PLLGDLVICRQVVEREASEQEKPLMAHWAHMVVHGSLHLLGYDHIEDDEAEEMESLETQIMQGLGFDDPYLAEK
;
_entity_poly.pdbx_strand_id   A
#
# COMPACT_ATOMS: atom_id res chain seq x y z
N SER A 3 4.07 -1.08 16.28
CA SER A 3 3.57 0.18 15.67
C SER A 3 3.13 -0.05 14.23
N VAL A 4 2.76 1.02 13.54
CA VAL A 4 2.32 0.92 12.16
C VAL A 4 3.47 1.23 11.21
N LEU A 5 4.20 0.19 10.82
CA LEU A 5 5.34 0.35 9.93
C LEU A 5 4.94 0.12 8.47
N VAL A 6 5.33 1.06 7.62
CA VAL A 6 5.03 0.98 6.20
C VAL A 6 6.31 1.16 5.38
N ASP A 7 6.39 0.48 4.24
CA ASP A 7 7.57 0.57 3.39
C ASP A 7 7.28 1.31 2.09
N LEU A 8 7.90 2.47 1.93
CA LEU A 8 7.75 3.28 0.73
C LEU A 8 9.04 3.23 -0.08
N GLN A 9 9.12 2.28 -1.02
CA GLN A 9 10.32 2.12 -1.82
C GLN A 9 10.19 2.71 -3.23
N ILE A 10 10.71 3.93 -3.40
CA ILE A 10 10.70 4.59 -4.70
C ILE A 10 11.79 3.99 -5.58
N ALA A 11 11.57 4.00 -6.90
CA ALA A 11 12.54 3.44 -7.83
C ALA A 11 13.36 4.53 -8.50
N THR A 12 12.73 5.67 -8.76
CA THR A 12 13.41 6.78 -9.41
C THR A 12 14.03 7.72 -8.40
N GLU A 13 15.21 8.25 -8.74
CA GLU A 13 15.91 9.18 -7.87
C GLU A 13 15.48 10.61 -8.17
N ASN A 14 15.20 10.88 -9.43
CA ASN A 14 14.76 12.20 -9.86
C ASN A 14 13.44 12.09 -10.63
N ILE A 15 12.40 12.68 -10.08
CA ILE A 15 11.08 12.65 -10.71
C ILE A 15 10.39 14.01 -10.62
N GLU A 16 9.20 14.09 -11.18
CA GLU A 16 8.42 15.33 -11.16
C GLU A 16 7.58 15.43 -9.89
N GLY A 17 7.80 14.49 -8.96
CA GLY A 17 7.05 14.50 -7.71
C GLY A 17 7.41 13.33 -6.82
N LEU A 18 8.61 13.34 -6.26
CA LEU A 18 9.06 12.28 -5.37
C LEU A 18 8.01 11.98 -4.31
N PRO A 19 7.96 10.74 -3.83
CA PRO A 19 6.99 10.31 -2.82
C PRO A 19 7.47 10.53 -1.39
N THR A 20 8.69 10.06 -1.09
CA THR A 20 9.27 10.18 0.24
C THR A 20 8.38 9.49 1.27
N GLU A 21 8.98 8.62 2.07
CA GLU A 21 8.22 7.89 3.10
C GLU A 21 7.77 8.81 4.21
N GLU A 22 8.65 9.71 4.65
CA GLU A 22 8.31 10.63 5.72
C GLU A 22 6.97 11.31 5.46
N GLN A 23 6.85 11.94 4.29
CA GLN A 23 5.62 12.62 3.91
C GLN A 23 4.46 11.64 3.81
N ILE A 24 4.55 10.74 2.83
CA ILE A 24 3.50 9.72 2.63
C ILE A 24 3.13 9.03 3.93
N VAL A 25 4.11 8.32 4.50
CA VAL A 25 3.89 7.60 5.74
C VAL A 25 3.27 8.49 6.82
N GLN A 26 3.94 9.58 7.16
CA GLN A 26 3.43 10.50 8.17
C GLN A 26 2.02 10.98 7.82
N TRP A 27 1.87 11.56 6.65
CA TRP A 27 0.57 12.08 6.22
C TRP A 27 -0.52 11.03 6.35
N ALA A 28 -0.37 9.92 5.62
CA ALA A 28 -1.35 8.85 5.65
C ALA A 28 -1.23 7.97 6.89
N THR A 29 -0.24 7.09 6.89
CA THR A 29 -0.03 6.17 8.01
C THR A 29 0.15 6.92 9.34
N GLY A 30 0.60 8.17 9.28
CA GLY A 30 0.78 8.93 10.51
C GLY A 30 -0.54 9.45 11.05
N ALA A 31 -1.47 9.74 10.15
CA ALA A 31 -2.78 10.26 10.55
C ALA A 31 -3.73 9.13 10.96
N VAL A 32 -3.31 7.88 10.75
CA VAL A 32 -4.15 6.73 11.11
C VAL A 32 -3.88 6.24 12.52
N GLN A 33 -2.61 6.23 12.92
CA GLN A 33 -2.24 5.75 14.25
C GLN A 33 -1.54 6.81 15.09
N PRO A 34 -2.06 8.06 15.10
CA PRO A 34 -1.46 9.14 15.89
C PRO A 34 -1.47 8.84 17.39
N GLU A 35 -2.32 7.90 17.81
CA GLU A 35 -2.42 7.53 19.21
C GLU A 35 -1.98 6.08 19.41
N GLY A 36 -2.65 5.17 18.71
CA GLY A 36 -2.33 3.76 18.81
C GLY A 36 -1.92 3.19 17.47
N ASN A 37 -0.71 2.66 17.38
CA ASN A 37 -0.22 2.12 16.11
C ASN A 37 0.22 0.66 16.22
N GLU A 38 0.00 -0.08 15.15
CA GLU A 38 0.37 -1.50 15.07
C GLU A 38 -0.06 -2.10 13.74
N VAL A 39 0.92 -2.44 12.90
CA VAL A 39 0.67 -3.03 11.57
C VAL A 39 1.91 -2.95 10.70
N GLU A 40 1.92 -3.71 9.62
CA GLU A 40 3.06 -3.73 8.69
C GLU A 40 2.57 -3.70 7.24
N MET A 41 2.90 -2.62 6.52
CA MET A 41 2.48 -2.49 5.13
C MET A 41 3.66 -2.15 4.23
N THR A 42 4.15 -3.14 3.49
CA THR A 42 5.27 -2.93 2.59
C THR A 42 4.77 -2.45 1.22
N VAL A 43 5.39 -1.39 0.70
CA VAL A 43 4.99 -0.84 -0.60
C VAL A 43 6.20 -0.50 -1.47
N ARG A 44 6.22 -1.10 -2.66
CA ARG A 44 7.30 -0.87 -3.61
C ARG A 44 6.76 -0.13 -4.84
N ILE A 45 7.16 1.14 -4.97
CA ILE A 45 6.71 1.96 -6.09
C ILE A 45 7.81 2.07 -7.15
N VAL A 46 7.63 1.33 -8.24
CA VAL A 46 8.58 1.34 -9.35
C VAL A 46 7.88 1.06 -10.67
N ASP A 47 8.52 1.43 -11.77
CA ASP A 47 7.96 1.23 -13.11
C ASP A 47 7.41 -0.19 -13.26
N GLU A 48 6.68 -0.41 -14.36
CA GLU A 48 6.09 -1.72 -14.64
C GLU A 48 7.16 -2.79 -14.84
N ALA A 49 8.06 -2.55 -15.79
CA ALA A 49 9.13 -3.50 -16.09
C ALA A 49 9.84 -3.99 -14.84
N GLU A 50 10.39 -3.07 -14.06
CA GLU A 50 11.10 -3.41 -12.83
C GLU A 50 10.33 -4.39 -11.97
N SER A 51 9.15 -3.98 -11.51
CA SER A 51 8.31 -4.83 -10.67
C SER A 51 8.03 -6.17 -11.35
N HIS A 52 7.45 -6.11 -12.54
CA HIS A 52 7.13 -7.32 -13.29
C HIS A 52 8.34 -8.25 -13.36
N GLU A 53 9.45 -7.73 -13.86
CA GLU A 53 10.67 -8.52 -13.96
C GLU A 53 11.11 -8.97 -12.57
N LEU A 54 11.00 -8.07 -11.61
CA LEU A 54 11.38 -8.36 -10.23
C LEU A 54 10.69 -9.62 -9.73
N ASN A 55 9.37 -9.69 -9.91
CA ASN A 55 8.59 -10.84 -9.47
C ASN A 55 8.94 -12.07 -10.30
N LEU A 56 8.70 -11.97 -11.60
CA LEU A 56 8.96 -13.07 -12.52
C LEU A 56 10.40 -13.56 -12.46
N THR A 57 11.31 -12.73 -11.97
CA THR A 57 12.71 -13.12 -11.89
C THR A 57 13.01 -13.94 -10.65
N TYR A 58 12.24 -13.74 -9.58
CA TYR A 58 12.47 -14.48 -8.34
C TYR A 58 11.37 -15.50 -8.03
N ARG A 59 10.29 -15.51 -8.82
CA ARG A 59 9.21 -16.47 -8.59
C ARG A 59 8.38 -16.79 -9.83
N GLY A 60 8.22 -15.82 -10.72
CA GLY A 60 7.42 -16.05 -11.91
C GLY A 60 5.97 -15.62 -11.71
N LYS A 61 5.79 -14.45 -11.11
CA LYS A 61 4.47 -13.92 -10.83
C LYS A 61 3.66 -13.68 -12.10
N ASP A 62 2.56 -12.94 -11.95
CA ASP A 62 1.67 -12.62 -13.07
C ASP A 62 2.41 -11.97 -14.24
N ARG A 63 1.71 -11.12 -14.98
CA ARG A 63 2.29 -10.44 -16.14
C ARG A 63 2.09 -8.93 -15.99
N PRO A 64 2.53 -8.12 -16.97
CA PRO A 64 2.38 -6.66 -16.92
C PRO A 64 1.06 -6.21 -16.30
N THR A 65 1.03 -6.20 -14.97
CA THR A 65 -0.16 -5.82 -14.22
C THR A 65 -0.19 -4.31 -13.96
N ASN A 66 -1.03 -3.90 -13.01
CA ASN A 66 -1.16 -2.50 -12.65
C ASN A 66 -0.72 -2.30 -11.20
N VAL A 67 -1.18 -3.19 -10.33
CA VAL A 67 -0.84 -3.12 -8.91
C VAL A 67 -0.63 -4.51 -8.34
N LEU A 68 0.60 -5.01 -8.44
CA LEU A 68 0.93 -6.33 -7.93
C LEU A 68 1.49 -6.25 -6.51
N SER A 69 0.97 -7.09 -5.63
CA SER A 69 1.41 -7.11 -4.24
C SER A 69 1.75 -8.52 -3.80
N PHE A 70 2.50 -8.64 -2.71
CA PHE A 70 2.90 -9.94 -2.19
C PHE A 70 2.33 -10.16 -0.79
N PRO A 71 1.26 -10.96 -0.68
CA PRO A 71 0.62 -11.26 0.61
C PRO A 71 1.45 -12.20 1.47
N PHE A 72 1.19 -12.20 2.77
CA PHE A 72 1.92 -13.06 3.71
C PHE A 72 1.27 -14.44 3.77
N GLU A 73 1.87 -15.33 4.56
CA GLU A 73 1.34 -16.68 4.72
C GLU A 73 -0.11 -16.66 5.19
N CYS A 74 -1.01 -17.20 4.38
CA CYS A 74 -2.42 -17.24 4.72
C CYS A 74 -2.87 -18.66 5.03
N PRO A 75 -2.44 -19.20 6.18
CA PRO A 75 -2.81 -20.56 6.60
C PRO A 75 -4.32 -20.72 6.78
N ASP A 76 -4.83 -20.28 7.92
CA ASP A 76 -6.26 -20.39 8.22
C ASP A 76 -6.88 -19.01 8.46
N GLU A 77 -6.68 -18.49 9.66
CA GLU A 77 -7.21 -17.18 10.02
C GLU A 77 -6.09 -16.26 10.53
N VAL A 78 -5.25 -16.81 11.40
CA VAL A 78 -4.12 -16.05 11.97
C VAL A 78 -4.53 -14.62 12.34
N GLU A 79 -4.83 -14.42 13.63
CA GLU A 79 -5.22 -13.10 14.12
C GLU A 79 -4.01 -12.26 14.49
N LEU A 80 -3.65 -11.33 13.60
CA LEU A 80 -2.51 -10.45 13.84
C LEU A 80 -2.50 -9.31 12.83
N PRO A 81 -2.12 -8.09 13.27
CA PRO A 81 -2.07 -6.91 12.39
C PRO A 81 -0.99 -7.04 11.32
N LEU A 82 -1.39 -6.86 10.06
CA LEU A 82 -0.45 -6.97 8.95
C LEU A 82 -1.10 -6.50 7.64
N LEU A 83 -0.27 -6.08 6.71
CA LEU A 83 -0.75 -5.63 5.41
C LEU A 83 -0.05 -6.37 4.27
N GLY A 84 1.15 -6.88 4.53
CA GLY A 84 1.89 -7.61 3.52
C GLY A 84 2.73 -6.70 2.64
N ASP A 85 3.25 -7.26 1.54
CA ASP A 85 4.09 -6.51 0.61
C ASP A 85 3.26 -5.98 -0.56
N LEU A 86 3.70 -4.87 -1.14
CA LEU A 86 3.00 -4.27 -2.28
C LEU A 86 3.98 -3.77 -3.34
N VAL A 87 3.52 -3.78 -4.59
CA VAL A 87 4.34 -3.31 -5.71
C VAL A 87 3.46 -2.63 -6.75
N ILE A 88 3.59 -1.31 -6.86
CA ILE A 88 2.79 -0.55 -7.83
C ILE A 88 3.64 0.38 -8.66
N CYS A 89 3.11 0.81 -9.80
CA CYS A 89 3.80 1.71 -10.70
C CYS A 89 3.46 3.16 -10.38
N ARG A 90 4.47 4.03 -10.49
CA ARG A 90 4.28 5.45 -10.20
C ARG A 90 3.73 6.20 -11.40
N GLN A 91 4.18 5.83 -12.59
CA GLN A 91 3.74 6.48 -13.82
C GLN A 91 2.23 6.42 -13.98
N VAL A 92 1.62 5.34 -13.51
CA VAL A 92 0.17 5.17 -13.62
C VAL A 92 -0.58 5.98 -12.56
N VAL A 93 -0.32 5.67 -11.29
CA VAL A 93 -0.97 6.36 -10.19
C VAL A 93 -0.66 7.86 -10.22
N GLU A 94 0.60 8.19 -10.48
CA GLU A 94 1.00 9.59 -10.54
C GLU A 94 0.24 10.31 -11.64
N ARG A 95 -0.01 9.59 -12.74
CA ARG A 95 -0.75 10.17 -13.85
C ARG A 95 -2.22 10.30 -13.49
N GLU A 96 -2.76 9.30 -12.81
CA GLU A 96 -4.15 9.32 -12.38
C GLU A 96 -4.38 10.46 -11.40
N ALA A 97 -3.52 10.53 -10.39
CA ALA A 97 -3.61 11.58 -9.37
C ALA A 97 -3.32 12.95 -10.00
N SER A 98 -2.29 13.00 -10.83
CA SER A 98 -1.92 14.24 -11.50
C SER A 98 -3.04 14.72 -12.41
N GLU A 99 -3.72 13.76 -13.03
CA GLU A 99 -4.83 14.08 -13.94
C GLU A 99 -6.06 14.48 -13.14
N GLN A 100 -6.28 13.80 -12.01
CA GLN A 100 -7.43 14.09 -11.16
C GLN A 100 -7.37 15.52 -10.63
N GLU A 101 -6.17 16.10 -10.63
CA GLU A 101 -5.99 17.47 -10.16
C GLU A 101 -6.14 17.55 -8.65
N LYS A 102 -5.72 16.50 -7.96
CA LYS A 102 -5.82 16.45 -6.50
C LYS A 102 -4.47 16.08 -5.88
N PRO A 103 -4.26 16.45 -4.61
CA PRO A 103 -3.01 16.15 -3.90
C PRO A 103 -2.65 14.67 -3.94
N LEU A 104 -1.43 14.38 -4.38
CA LEU A 104 -0.97 13.00 -4.47
C LEU A 104 -0.98 12.34 -3.09
N MET A 105 -0.94 13.15 -2.04
CA MET A 105 -0.94 12.63 -0.67
C MET A 105 -2.07 11.63 -0.46
N ALA A 106 -3.27 12.00 -0.87
CA ALA A 106 -4.43 11.12 -0.71
C ALA A 106 -4.35 9.93 -1.66
N HIS A 107 -3.94 10.20 -2.90
CA HIS A 107 -3.81 9.16 -3.91
C HIS A 107 -2.93 8.03 -3.41
N TRP A 108 -1.89 8.37 -2.66
CA TRP A 108 -0.97 7.39 -2.12
C TRP A 108 -1.68 6.49 -1.09
N ALA A 109 -2.16 7.09 -0.03
CA ALA A 109 -2.86 6.36 1.02
C ALA A 109 -4.00 5.52 0.44
N HIS A 110 -4.65 6.05 -0.59
CA HIS A 110 -5.77 5.36 -1.23
C HIS A 110 -5.26 4.29 -2.19
N MET A 111 -4.34 4.66 -3.07
CA MET A 111 -3.80 3.73 -4.05
C MET A 111 -3.12 2.54 -3.39
N VAL A 112 -2.49 2.77 -2.23
CA VAL A 112 -1.82 1.68 -1.52
C VAL A 112 -2.84 0.69 -0.96
N VAL A 113 -3.87 1.21 -0.30
CA VAL A 113 -4.91 0.39 0.27
C VAL A 113 -5.71 -0.31 -0.83
N HIS A 114 -5.81 0.36 -1.98
CA HIS A 114 -6.54 -0.18 -3.11
C HIS A 114 -5.87 -1.48 -3.59
N GLY A 115 -4.55 -1.45 -3.65
CA GLY A 115 -3.80 -2.61 -4.09
C GLY A 115 -3.50 -3.58 -2.96
N SER A 116 -3.65 -3.12 -1.71
CA SER A 116 -3.39 -3.97 -0.56
C SER A 116 -4.49 -4.99 -0.35
N LEU A 117 -5.74 -4.54 -0.39
CA LEU A 117 -6.88 -5.41 -0.19
C LEU A 117 -7.28 -6.13 -1.47
N HIS A 118 -7.49 -5.36 -2.53
CA HIS A 118 -7.89 -5.92 -3.82
C HIS A 118 -6.95 -7.03 -4.29
N LEU A 119 -5.74 -7.05 -3.74
CA LEU A 119 -4.76 -8.06 -4.13
C LEU A 119 -4.81 -9.29 -3.23
N LEU A 120 -5.03 -9.09 -1.93
CA LEU A 120 -5.05 -10.23 -1.00
C LEU A 120 -6.25 -10.20 -0.07
N GLY A 121 -6.66 -9.01 0.35
CA GLY A 121 -7.78 -8.91 1.25
C GLY A 121 -7.36 -9.10 2.69
N TYR A 122 -6.62 -8.13 3.22
CA TYR A 122 -6.11 -8.20 4.59
C TYR A 122 -7.22 -8.07 5.64
N ASP A 123 -8.47 -8.25 5.21
CA ASP A 123 -9.62 -8.16 6.12
C ASP A 123 -9.86 -9.49 6.82
N HIS A 124 -8.78 -10.14 7.26
CA HIS A 124 -8.85 -11.43 7.94
C HIS A 124 -9.91 -11.45 9.03
N ILE A 125 -9.96 -12.58 9.76
CA ILE A 125 -10.92 -12.81 10.86
C ILE A 125 -11.64 -11.53 11.27
N GLU A 126 -12.98 -11.60 11.31
CA GLU A 126 -13.79 -10.46 11.70
C GLU A 126 -13.93 -10.34 13.21
N ASP A 127 -13.10 -11.08 13.94
CA ASP A 127 -13.14 -11.04 15.40
C ASP A 127 -12.21 -9.96 15.95
N ASP A 128 -10.91 -10.17 15.81
CA ASP A 128 -9.92 -9.21 16.29
C ASP A 128 -9.44 -8.29 15.17
N GLU A 129 -8.81 -8.88 14.17
CA GLU A 129 -8.29 -8.12 13.03
C GLU A 129 -9.36 -7.19 12.43
N ALA A 130 -10.62 -7.55 12.62
CA ALA A 130 -11.73 -6.76 12.10
C ALA A 130 -11.61 -5.29 12.51
N GLU A 131 -11.91 -5.01 13.78
CA GLU A 131 -11.85 -3.65 14.31
C GLU A 131 -10.50 -3.00 13.99
N GLU A 132 -9.42 -3.74 14.23
CA GLU A 132 -8.08 -3.23 13.97
C GLU A 132 -7.93 -2.82 12.51
N MET A 133 -8.08 -3.77 11.61
CA MET A 133 -7.96 -3.50 10.18
C MET A 133 -8.98 -2.46 9.74
N GLU A 134 -10.25 -2.70 10.05
CA GLU A 134 -11.32 -1.78 9.69
C GLU A 134 -10.95 -0.35 10.10
N SER A 135 -10.67 -0.18 11.39
CA SER A 135 -10.29 1.13 11.90
C SER A 135 -9.01 1.61 11.24
N LEU A 136 -8.10 0.66 10.96
CA LEU A 136 -6.83 0.98 10.32
C LEU A 136 -7.06 1.65 8.97
N GLU A 137 -7.74 0.94 8.07
CA GLU A 137 -8.02 1.48 6.74
C GLU A 137 -8.98 2.66 6.81
N THR A 138 -9.88 2.62 7.79
CA THR A 138 -10.87 3.67 7.97
C THR A 138 -10.22 4.99 8.42
N GLN A 139 -9.22 4.88 9.29
CA GLN A 139 -8.54 6.08 9.80
C GLN A 139 -7.73 6.76 8.71
N ILE A 140 -7.12 5.99 7.83
CA ILE A 140 -6.31 6.55 6.75
C ILE A 140 -7.18 6.96 5.57
N MET A 141 -8.22 6.17 5.30
CA MET A 141 -9.11 6.44 4.18
C MET A 141 -10.22 7.42 4.58
N GLN A 142 -10.92 7.13 5.66
CA GLN A 142 -12.02 7.98 6.13
C GLN A 142 -11.51 9.10 7.03
N GLY A 143 -10.60 8.76 7.95
CA GLY A 143 -10.06 9.75 8.85
C GLY A 143 -9.65 11.04 8.18
N LEU A 144 -9.28 10.94 6.91
CA LEU A 144 -8.86 12.11 6.13
C LEU A 144 -9.96 12.54 5.17
N GLY A 145 -10.78 11.59 4.75
CA GLY A 145 -11.87 11.89 3.83
C GLY A 145 -11.36 12.27 2.45
N PHE A 146 -10.66 11.34 1.80
CA PHE A 146 -10.11 11.58 0.48
C PHE A 146 -11.22 11.74 -0.55
N SER A 3 4.57 1.62 15.45
CA SER A 3 4.73 1.64 13.96
C SER A 3 3.43 1.29 13.26
N VAL A 4 2.83 2.29 12.62
CA VAL A 4 1.58 2.08 11.90
C VAL A 4 1.82 1.50 10.52
N LEU A 5 1.12 0.41 10.25
CA LEU A 5 1.22 -0.33 9.00
C LEU A 5 1.33 0.54 7.75
N VAL A 6 2.52 1.09 7.50
CA VAL A 6 2.74 1.88 6.29
C VAL A 6 4.18 1.76 5.80
N ASP A 7 4.34 1.76 4.49
CA ASP A 7 5.67 1.67 3.88
C ASP A 7 5.57 1.85 2.38
N LEU A 8 6.37 2.76 1.83
CA LEU A 8 6.36 3.03 0.40
C LEU A 8 7.78 3.04 -0.15
N GLN A 9 7.94 2.52 -1.37
CA GLN A 9 9.23 2.47 -2.02
C GLN A 9 9.17 3.13 -3.40
N ILE A 10 9.98 4.17 -3.58
CA ILE A 10 10.02 4.88 -4.86
C ILE A 10 11.22 4.43 -5.68
N ALA A 11 10.97 4.14 -6.95
CA ALA A 11 12.02 3.70 -7.86
C ALA A 11 11.89 4.37 -9.22
N THR A 12 11.66 5.68 -9.21
CA THR A 12 11.52 6.44 -10.45
C THR A 12 12.81 7.16 -10.81
N GLU A 13 13.18 7.08 -12.08
CA GLU A 13 14.39 7.74 -12.56
C GLU A 13 14.24 9.25 -12.56
N ASN A 14 13.01 9.72 -12.72
CA ASN A 14 12.73 11.15 -12.74
C ASN A 14 11.29 11.43 -12.31
N ILE A 15 11.12 12.12 -11.19
CA ILE A 15 9.81 12.46 -10.68
C ILE A 15 9.79 13.87 -10.08
N GLU A 16 8.63 14.25 -9.56
CA GLU A 16 8.48 15.57 -8.94
C GLU A 16 8.96 15.57 -7.49
N GLY A 17 10.23 15.19 -7.31
CA GLY A 17 10.80 15.16 -5.98
C GLY A 17 10.55 13.83 -5.29
N LEU A 18 11.61 13.23 -4.76
CA LEU A 18 11.52 11.96 -4.07
C LEU A 18 10.51 12.04 -2.92
N PRO A 19 9.34 11.39 -3.07
CA PRO A 19 8.30 11.39 -2.04
C PRO A 19 8.82 10.97 -0.68
N THR A 20 8.69 11.85 0.31
CA THR A 20 9.15 11.56 1.67
C THR A 20 8.11 10.75 2.43
N GLU A 21 8.55 9.63 3.01
CA GLU A 21 7.64 8.78 3.77
C GLU A 21 7.23 9.44 5.07
N GLU A 22 8.18 10.02 5.79
CA GLU A 22 7.90 10.67 7.06
C GLU A 22 6.67 11.57 6.95
N GLN A 23 6.69 12.47 5.99
CA GLN A 23 5.57 13.39 5.78
C GLN A 23 4.29 12.63 5.45
N ILE A 24 4.26 12.01 4.28
CA ILE A 24 3.10 11.24 3.85
C ILE A 24 2.65 10.26 4.94
N VAL A 25 3.53 9.35 5.29
CA VAL A 25 3.25 8.35 6.31
C VAL A 25 2.66 8.98 7.57
N GLN A 26 3.43 9.86 8.20
CA GLN A 26 2.99 10.51 9.43
C GLN A 26 1.65 11.22 9.24
N TRP A 27 1.58 12.10 8.24
CA TRP A 27 0.35 12.84 7.99
C TRP A 27 -0.85 11.89 7.85
N ALA A 28 -0.81 11.00 6.86
CA ALA A 28 -1.91 10.07 6.63
C ALA A 28 -1.92 8.90 7.62
N THR A 29 -1.07 7.92 7.38
CA THR A 29 -1.01 6.75 8.25
C THR A 29 -0.70 7.12 9.69
N GLY A 30 -0.09 8.27 9.89
CA GLY A 30 0.23 8.69 11.23
C GLY A 30 -1.01 8.97 12.05
N ALA A 31 -1.96 9.69 11.45
CA ALA A 31 -3.21 10.00 12.14
C ALA A 31 -4.09 8.75 12.26
N VAL A 32 -3.70 7.69 11.56
CA VAL A 32 -4.45 6.43 11.57
C VAL A 32 -4.27 5.62 12.86
N GLN A 33 -3.02 5.29 13.18
CA GLN A 33 -2.73 4.49 14.37
C GLN A 33 -1.90 5.25 15.40
N PRO A 34 -2.24 6.51 15.70
CA PRO A 34 -1.51 7.31 16.68
C PRO A 34 -1.37 6.57 18.01
N GLU A 35 -2.51 6.14 18.56
CA GLU A 35 -2.53 5.41 19.82
C GLU A 35 -3.09 4.00 19.61
N GLY A 36 -2.67 3.35 18.53
CA GLY A 36 -3.16 2.01 18.24
C GLY A 36 -2.08 0.95 18.34
N ASN A 37 -2.26 -0.14 17.59
CA ASN A 37 -1.31 -1.24 17.61
C ASN A 37 -0.21 -1.05 16.57
N GLU A 38 0.69 -2.02 16.49
CA GLU A 38 1.80 -1.96 15.53
C GLU A 38 1.59 -2.93 14.37
N VAL A 39 1.52 -2.38 13.17
CA VAL A 39 1.33 -3.19 11.96
C VAL A 39 2.10 -2.59 10.80
N GLU A 40 2.13 -3.26 9.63
CA GLU A 40 2.88 -2.73 8.49
C GLU A 40 2.26 -3.01 7.12
N MET A 41 2.02 -1.92 6.36
CA MET A 41 1.49 -1.99 5.00
C MET A 41 2.60 -1.58 4.04
N THR A 42 3.43 -2.54 3.63
CA THR A 42 4.56 -2.23 2.74
C THR A 42 4.07 -2.02 1.31
N VAL A 43 4.67 -1.05 0.63
CA VAL A 43 4.29 -0.74 -0.75
C VAL A 43 5.51 -0.30 -1.56
N ARG A 44 5.47 -0.63 -2.86
CA ARG A 44 6.56 -0.27 -3.76
C ARG A 44 6.02 0.19 -5.10
N ILE A 45 6.43 1.38 -5.53
CA ILE A 45 5.99 1.94 -6.79
C ILE A 45 7.15 2.03 -7.78
N VAL A 46 7.01 1.36 -8.92
CA VAL A 46 8.05 1.35 -9.93
C VAL A 46 7.51 0.85 -11.27
N ASP A 47 8.24 1.12 -12.35
CA ASP A 47 7.82 0.70 -13.68
C ASP A 47 7.39 -0.76 -13.69
N GLU A 48 6.39 -1.06 -14.52
CA GLU A 48 5.86 -2.42 -14.63
C GLU A 48 6.96 -3.42 -14.98
N ALA A 49 7.78 -3.07 -15.97
CA ALA A 49 8.87 -3.95 -16.42
C ALA A 49 9.74 -4.39 -15.24
N GLU A 50 10.29 -3.43 -14.53
CA GLU A 50 11.15 -3.70 -13.39
C GLU A 50 10.49 -4.66 -12.41
N SER A 51 9.34 -4.27 -11.88
CA SER A 51 8.61 -5.11 -10.93
C SER A 51 8.20 -6.44 -11.56
N HIS A 52 7.45 -6.36 -12.65
CA HIS A 52 6.99 -7.57 -13.35
C HIS A 52 8.14 -8.54 -13.59
N GLU A 53 9.32 -8.00 -13.88
CA GLU A 53 10.49 -8.83 -14.11
C GLU A 53 11.12 -9.22 -12.77
N LEU A 54 11.03 -8.31 -11.82
CA LEU A 54 11.58 -8.53 -10.49
C LEU A 54 10.96 -9.75 -9.82
N ASN A 55 9.64 -9.75 -9.72
CA ASN A 55 8.91 -10.84 -9.08
C ASN A 55 8.98 -12.13 -9.91
N LEU A 56 8.90 -11.99 -11.23
CA LEU A 56 8.94 -13.15 -12.11
C LEU A 56 10.34 -13.75 -12.21
N THR A 57 11.37 -12.93 -11.99
CA THR A 57 12.75 -13.40 -12.07
C THR A 57 13.17 -14.16 -10.82
N TYR A 58 12.55 -13.84 -9.68
CA TYR A 58 12.91 -14.49 -8.43
C TYR A 58 11.78 -15.35 -7.86
N ARG A 59 10.62 -15.35 -8.52
CA ARG A 59 9.49 -16.15 -8.04
C ARG A 59 8.55 -16.59 -9.14
N GLY A 60 8.40 -15.78 -10.18
CA GLY A 60 7.49 -16.14 -11.27
C GLY A 60 6.08 -15.69 -10.98
N LYS A 61 5.96 -14.55 -10.30
CA LYS A 61 4.67 -13.99 -9.92
C LYS A 61 3.74 -13.81 -11.13
N ASP A 62 2.64 -13.10 -10.89
CA ASP A 62 1.64 -12.85 -11.93
C ASP A 62 2.24 -12.26 -13.20
N ARG A 63 1.35 -11.78 -14.07
CA ARG A 63 1.72 -11.19 -15.36
C ARG A 63 1.63 -9.66 -15.25
N PRO A 64 1.48 -8.89 -16.36
CA PRO A 64 1.38 -7.42 -16.28
C PRO A 64 0.22 -6.97 -15.41
N THR A 65 0.43 -7.04 -14.10
CA THR A 65 -0.60 -6.67 -13.13
C THR A 65 -0.41 -5.22 -12.67
N ASN A 66 -1.36 -4.36 -13.03
CA ASN A 66 -1.31 -2.96 -12.62
C ASN A 66 -1.18 -2.83 -11.11
N VAL A 67 -1.86 -3.71 -10.39
CA VAL A 67 -1.81 -3.70 -8.92
C VAL A 67 -1.33 -5.04 -8.39
N LEU A 68 -0.05 -5.31 -8.59
CA LEU A 68 0.56 -6.56 -8.14
C LEU A 68 0.89 -6.48 -6.65
N SER A 69 0.24 -7.33 -5.86
CA SER A 69 0.46 -7.36 -4.42
C SER A 69 1.58 -8.32 -4.06
N PHE A 70 2.08 -8.22 -2.84
CA PHE A 70 3.16 -9.07 -2.37
C PHE A 70 2.95 -9.45 -0.90
N PRO A 71 1.98 -10.33 -0.62
CA PRO A 71 1.69 -10.77 0.76
C PRO A 71 2.72 -11.76 1.27
N PHE A 72 3.13 -11.59 2.53
CA PHE A 72 4.11 -12.48 3.13
C PHE A 72 3.60 -13.92 3.15
N GLU A 73 4.46 -14.84 3.53
CA GLU A 73 4.10 -16.26 3.60
C GLU A 73 2.84 -16.46 4.43
N CYS A 74 1.74 -16.77 3.75
CA CYS A 74 0.46 -17.00 4.42
C CYS A 74 0.12 -18.49 4.43
N PRO A 75 0.32 -19.16 5.58
CA PRO A 75 0.03 -20.59 5.71
C PRO A 75 -1.46 -20.91 5.62
N ASP A 76 -2.14 -20.99 6.76
CA ASP A 76 -3.57 -21.29 6.77
C ASP A 76 -4.37 -20.18 7.44
N GLU A 77 -4.42 -20.21 8.78
CA GLU A 77 -5.16 -19.20 9.54
C GLU A 77 -4.28 -18.62 10.64
N VAL A 78 -3.56 -17.56 10.32
CA VAL A 78 -2.70 -16.90 11.29
C VAL A 78 -3.30 -15.58 11.76
N GLU A 79 -3.26 -15.34 13.06
CA GLU A 79 -3.81 -14.12 13.64
C GLU A 79 -2.73 -13.16 14.11
N LEU A 80 -2.38 -12.20 13.25
CA LEU A 80 -1.37 -11.20 13.59
C LEU A 80 -1.48 -9.99 12.66
N PRO A 81 -1.25 -8.78 13.19
CA PRO A 81 -1.33 -7.55 12.40
C PRO A 81 -0.30 -7.51 11.28
N LEU A 82 -0.77 -7.31 10.05
CA LEU A 82 0.12 -7.27 8.89
C LEU A 82 -0.66 -7.03 7.60
N LEU A 83 0.04 -6.50 6.61
CA LEU A 83 -0.54 -6.24 5.29
C LEU A 83 0.30 -6.90 4.21
N GLY A 84 1.63 -6.84 4.38
CA GLY A 84 2.53 -7.41 3.41
C GLY A 84 3.19 -6.36 2.53
N ASP A 85 3.51 -6.73 1.30
CA ASP A 85 4.15 -5.81 0.37
C ASP A 85 3.23 -5.46 -0.80
N LEU A 86 3.56 -4.36 -1.49
CA LEU A 86 2.76 -3.89 -2.63
C LEU A 86 3.66 -3.50 -3.79
N VAL A 87 3.19 -3.75 -5.00
CA VAL A 87 3.94 -3.41 -6.21
C VAL A 87 3.04 -2.73 -7.23
N ILE A 88 3.14 -1.39 -7.32
CA ILE A 88 2.32 -0.63 -8.25
C ILE A 88 3.19 0.09 -9.28
N CYS A 89 2.58 0.43 -10.41
CA CYS A 89 3.27 1.14 -11.48
C CYS A 89 2.95 2.63 -11.42
N ARG A 90 3.86 3.39 -10.81
CA ARG A 90 3.67 4.84 -10.67
C ARG A 90 3.20 5.48 -11.98
N GLN A 91 3.60 4.89 -13.10
CA GLN A 91 3.23 5.42 -14.42
C GLN A 91 1.75 5.75 -14.53
N VAL A 92 0.88 4.85 -14.06
CA VAL A 92 -0.56 5.07 -14.16
C VAL A 92 -1.11 5.91 -13.01
N VAL A 93 -0.74 5.56 -11.79
CA VAL A 93 -1.22 6.30 -10.62
C VAL A 93 -0.65 7.71 -10.58
N GLU A 94 0.65 7.83 -10.83
CA GLU A 94 1.30 9.13 -10.84
C GLU A 94 0.75 9.98 -11.98
N ARG A 95 0.45 9.33 -13.10
CA ARG A 95 -0.10 10.03 -14.25
C ARG A 95 -1.53 10.49 -13.96
N GLU A 96 -2.34 9.57 -13.42
CA GLU A 96 -3.71 9.89 -13.08
C GLU A 96 -3.76 10.98 -12.02
N ALA A 97 -2.84 10.89 -11.05
CA ALA A 97 -2.76 11.87 -9.98
C ALA A 97 -2.25 13.20 -10.50
N SER A 98 -1.24 13.13 -11.36
CA SER A 98 -0.66 14.34 -11.95
C SER A 98 -1.67 15.04 -12.85
N GLU A 99 -2.45 14.25 -13.58
CA GLU A 99 -3.47 14.79 -14.47
C GLU A 99 -4.71 15.21 -13.69
N GLN A 100 -4.96 14.53 -12.59
CA GLN A 100 -6.12 14.84 -11.74
C GLN A 100 -5.82 16.02 -10.82
N GLU A 101 -4.55 16.24 -10.54
CA GLU A 101 -4.12 17.34 -9.67
C GLU A 101 -4.60 17.12 -8.24
N LYS A 102 -4.59 15.85 -7.82
CA LYS A 102 -5.03 15.50 -6.48
C LYS A 102 -3.83 15.43 -5.52
N PRO A 103 -4.08 15.54 -4.20
CA PRO A 103 -3.02 15.49 -3.19
C PRO A 103 -2.17 14.23 -3.31
N LEU A 104 -0.85 14.43 -3.44
CA LEU A 104 0.07 13.31 -3.57
C LEU A 104 0.11 12.49 -2.29
N MET A 105 0.19 13.18 -1.14
CA MET A 105 0.23 12.51 0.15
C MET A 105 -0.98 11.61 0.33
N ALA A 106 -2.13 12.06 -0.15
CA ALA A 106 -3.36 11.29 -0.05
C ALA A 106 -3.40 10.20 -1.11
N HIS A 107 -3.00 10.56 -2.33
CA HIS A 107 -2.99 9.61 -3.45
C HIS A 107 -2.26 8.33 -3.06
N TRP A 108 -1.08 8.47 -2.45
CA TRP A 108 -0.31 7.32 -2.02
C TRP A 108 -1.03 6.58 -0.91
N ALA A 109 -1.59 7.34 0.03
CA ALA A 109 -2.32 6.75 1.15
C ALA A 109 -3.46 5.88 0.64
N HIS A 110 -4.10 6.33 -0.44
CA HIS A 110 -5.21 5.59 -1.04
C HIS A 110 -4.67 4.52 -1.98
N MET A 111 -3.71 4.89 -2.80
CA MET A 111 -3.11 3.97 -3.76
C MET A 111 -2.56 2.73 -3.05
N VAL A 112 -1.94 2.93 -1.89
CA VAL A 112 -1.38 1.81 -1.13
C VAL A 112 -2.50 0.91 -0.61
N VAL A 113 -3.48 1.50 0.08
CA VAL A 113 -4.59 0.75 0.63
C VAL A 113 -5.35 0.03 -0.48
N HIS A 114 -5.44 0.67 -1.64
CA HIS A 114 -6.13 0.09 -2.78
C HIS A 114 -5.22 -0.88 -3.53
N GLY A 115 -3.92 -0.63 -3.48
CA GLY A 115 -2.98 -1.48 -4.18
C GLY A 115 -2.74 -2.82 -3.53
N SER A 116 -2.71 -2.85 -2.20
CA SER A 116 -2.46 -4.12 -1.50
C SER A 116 -3.73 -4.73 -0.94
N LEU A 117 -4.57 -3.91 -0.34
CA LEU A 117 -5.78 -4.43 0.28
C LEU A 117 -6.93 -4.61 -0.70
N HIS A 118 -6.93 -3.90 -1.84
CA HIS A 118 -8.00 -4.10 -2.81
C HIS A 118 -8.08 -5.57 -3.17
N LEU A 119 -6.91 -6.21 -3.20
CA LEU A 119 -6.83 -7.63 -3.50
C LEU A 119 -7.20 -8.42 -2.25
N LEU A 120 -6.54 -8.11 -1.14
CA LEU A 120 -6.82 -8.78 0.13
C LEU A 120 -6.61 -7.82 1.31
N GLY A 121 -5.35 -7.47 1.57
CA GLY A 121 -5.00 -6.57 2.65
C GLY A 121 -5.40 -7.06 4.02
N TYR A 122 -6.65 -7.44 4.17
CA TYR A 122 -7.16 -7.92 5.44
C TYR A 122 -7.85 -9.27 5.29
N ASP A 123 -7.63 -9.92 4.14
CA ASP A 123 -8.24 -11.23 3.89
C ASP A 123 -7.60 -12.32 4.74
N HIS A 124 -6.49 -12.00 5.40
CA HIS A 124 -5.80 -12.96 6.25
C HIS A 124 -6.76 -13.62 7.23
N ILE A 125 -7.10 -12.91 8.30
CA ILE A 125 -8.02 -13.42 9.30
C ILE A 125 -9.13 -12.41 9.59
N GLU A 126 -10.33 -12.90 9.85
CA GLU A 126 -11.46 -12.03 10.13
C GLU A 126 -11.65 -11.81 11.63
N ASP A 127 -10.66 -12.23 12.42
CA ASP A 127 -10.72 -12.06 13.87
C ASP A 127 -10.14 -10.72 14.31
N ASP A 128 -8.83 -10.59 14.19
CA ASP A 128 -8.14 -9.35 14.59
C ASP A 128 -7.89 -8.42 13.40
N GLU A 129 -7.14 -8.92 12.42
CA GLU A 129 -6.80 -8.13 11.23
C GLU A 129 -8.04 -7.59 10.52
N ALA A 130 -9.20 -8.16 10.81
CA ALA A 130 -10.44 -7.72 10.18
C ALA A 130 -10.86 -6.34 10.67
N GLU A 131 -11.40 -6.29 11.88
CA GLU A 131 -11.85 -5.03 12.48
C GLU A 131 -10.71 -4.03 12.54
N GLU A 132 -9.57 -4.46 13.08
CA GLU A 132 -8.40 -3.60 13.20
C GLU A 132 -8.09 -2.93 11.87
N MET A 133 -7.87 -3.73 10.83
CA MET A 133 -7.58 -3.20 9.51
C MET A 133 -8.75 -2.37 9.00
N GLU A 134 -9.97 -2.79 9.33
CA GLU A 134 -11.17 -2.05 8.91
C GLU A 134 -11.07 -0.61 9.39
N SER A 135 -11.01 -0.44 10.71
CA SER A 135 -10.89 0.89 11.30
C SER A 135 -9.60 1.54 10.82
N LEU A 136 -8.58 0.70 10.61
CA LEU A 136 -7.28 1.16 10.14
C LEU A 136 -7.45 1.86 8.79
N GLU A 137 -7.94 1.11 7.81
CA GLU A 137 -8.16 1.64 6.47
C GLU A 137 -9.11 2.84 6.53
N THR A 138 -10.11 2.74 7.40
CA THR A 138 -11.08 3.80 7.57
C THR A 138 -10.41 5.06 8.14
N GLN A 139 -9.33 4.88 8.90
CA GLN A 139 -8.63 6.00 9.50
C GLN A 139 -7.81 6.77 8.47
N ILE A 140 -7.18 6.05 7.53
CA ILE A 140 -6.37 6.71 6.51
C ILE A 140 -7.26 7.16 5.35
N MET A 141 -8.32 6.41 5.11
CA MET A 141 -9.24 6.72 4.02
C MET A 141 -10.31 7.73 4.46
N GLN A 142 -11.04 7.38 5.52
CA GLN A 142 -12.09 8.26 6.03
C GLN A 142 -11.54 9.28 7.02
N GLY A 143 -10.70 8.81 7.94
CA GLY A 143 -10.13 9.70 8.94
C GLY A 143 -9.64 11.02 8.37
N LEU A 144 -9.22 11.00 7.11
CA LEU A 144 -8.72 12.20 6.45
C LEU A 144 -9.82 12.86 5.61
N GLY A 145 -10.73 12.04 5.10
CA GLY A 145 -11.81 12.56 4.28
C GLY A 145 -11.35 12.93 2.89
N PHE A 146 -10.92 11.92 2.13
CA PHE A 146 -10.45 12.15 0.76
C PHE A 146 -11.48 12.91 -0.06
N SER A 3 0.55 -1.66 17.00
CA SER A 3 1.84 -1.32 16.34
C SER A 3 1.69 -1.25 14.83
N VAL A 4 1.50 -0.05 14.32
CA VAL A 4 1.33 0.15 12.88
C VAL A 4 2.67 0.44 12.22
N LEU A 5 3.19 -0.54 11.48
CA LEU A 5 4.46 -0.38 10.79
C LEU A 5 4.26 -0.35 9.28
N VAL A 6 4.55 0.79 8.67
CA VAL A 6 4.39 0.95 7.24
C VAL A 6 5.70 1.38 6.59
N ASP A 7 5.99 0.84 5.42
CA ASP A 7 7.21 1.17 4.70
C ASP A 7 6.98 1.24 3.19
N LEU A 8 7.37 2.35 2.59
CA LEU A 8 7.20 2.55 1.16
C LEU A 8 8.56 2.76 0.48
N GLN A 9 8.72 2.21 -0.72
CA GLN A 9 9.98 2.34 -1.45
C GLN A 9 9.72 2.59 -2.93
N ILE A 10 10.58 3.39 -3.55
CA ILE A 10 10.46 3.71 -4.96
C ILE A 10 11.55 3.02 -5.77
N ALA A 11 11.29 2.81 -7.06
CA ALA A 11 12.25 2.15 -7.93
C ALA A 11 12.15 2.66 -9.36
N THR A 12 11.81 3.93 -9.52
CA THR A 12 11.68 4.54 -10.84
C THR A 12 13.02 5.09 -11.31
N GLU A 13 13.00 5.73 -12.48
CA GLU A 13 14.20 6.30 -13.05
C GLU A 13 14.22 7.82 -12.89
N ASN A 14 13.06 8.44 -13.13
CA ASN A 14 12.93 9.88 -13.01
C ASN A 14 11.47 10.28 -12.81
N ILE A 15 11.23 11.17 -11.85
CA ILE A 15 9.88 11.63 -11.56
C ILE A 15 9.85 13.14 -11.36
N GLU A 16 8.64 13.69 -11.27
CA GLU A 16 8.47 15.13 -11.07
C GLU A 16 8.23 15.42 -9.58
N GLY A 17 8.82 14.60 -8.72
CA GLY A 17 8.66 14.77 -7.29
C GLY A 17 8.74 13.46 -6.55
N LEU A 18 9.97 12.98 -6.30
CA LEU A 18 10.18 11.73 -5.60
C LEU A 18 9.30 11.62 -4.36
N PRO A 19 8.85 10.40 -4.04
CA PRO A 19 7.98 10.16 -2.88
C PRO A 19 8.76 10.08 -1.56
N THR A 20 8.18 10.63 -0.50
CA THR A 20 8.83 10.64 0.81
C THR A 20 8.00 9.85 1.82
N GLU A 21 8.65 8.92 2.52
CA GLU A 21 7.99 8.09 3.51
C GLU A 21 7.36 8.95 4.61
N GLU A 22 8.12 9.88 5.15
CA GLU A 22 7.63 10.75 6.22
C GLU A 22 6.28 11.37 5.85
N GLN A 23 6.24 12.03 4.70
CA GLN A 23 5.02 12.67 4.22
C GLN A 23 3.92 11.65 3.99
N ILE A 24 4.18 10.69 3.12
CA ILE A 24 3.21 9.64 2.80
C ILE A 24 2.79 8.89 4.06
N VAL A 25 3.76 8.25 4.71
CA VAL A 25 3.50 7.49 5.92
C VAL A 25 2.71 8.32 6.93
N GLN A 26 3.24 9.49 7.28
CA GLN A 26 2.56 10.37 8.22
C GLN A 26 1.19 10.77 7.68
N TRP A 27 1.14 11.07 6.39
CA TRP A 27 -0.11 11.46 5.75
C TRP A 27 -1.19 10.41 5.99
N ALA A 28 -0.94 9.19 5.49
CA ALA A 28 -1.90 8.10 5.64
C ALA A 28 -1.77 7.44 7.02
N THR A 29 -0.75 6.62 7.18
CA THR A 29 -0.55 5.92 8.44
C THR A 29 -0.45 6.88 9.61
N GLY A 30 -0.10 8.13 9.33
CA GLY A 30 0.00 9.11 10.40
C GLY A 30 -1.36 9.53 10.89
N ALA A 31 -2.31 9.69 9.97
CA ALA A 31 -3.67 10.06 10.34
C ALA A 31 -4.24 9.05 11.32
N VAL A 32 -3.79 7.80 11.21
CA VAL A 32 -4.24 6.73 12.09
C VAL A 32 -3.34 6.58 13.32
N GLN A 33 -2.18 7.24 13.30
CA GLN A 33 -1.23 7.17 14.40
C GLN A 33 -1.92 7.34 15.75
N PRO A 34 -2.69 8.42 15.95
CA PRO A 34 -3.39 8.68 17.21
C PRO A 34 -4.04 7.43 17.80
N GLU A 35 -4.42 6.50 16.93
CA GLU A 35 -5.05 5.25 17.36
C GLU A 35 -4.01 4.17 17.57
N GLY A 36 -3.24 3.87 16.53
CA GLY A 36 -2.22 2.85 16.61
C GLY A 36 -2.79 1.45 16.57
N ASN A 37 -2.60 0.76 15.44
CA ASN A 37 -3.10 -0.60 15.28
C ASN A 37 -2.00 -1.53 14.77
N GLU A 38 -1.91 -2.70 15.37
CA GLU A 38 -0.91 -3.69 14.98
C GLU A 38 -1.07 -4.08 13.51
N VAL A 39 -0.10 -3.71 12.68
CA VAL A 39 -0.15 -4.03 11.26
C VAL A 39 1.18 -3.74 10.58
N GLU A 40 1.43 -4.41 9.45
CA GLU A 40 2.67 -4.23 8.69
C GLU A 40 2.37 -3.98 7.22
N MET A 41 2.32 -2.71 6.84
CA MET A 41 2.04 -2.33 5.45
C MET A 41 3.31 -2.02 4.68
N THR A 42 3.63 -2.87 3.71
CA THR A 42 4.81 -2.69 2.87
C THR A 42 4.39 -2.34 1.46
N VAL A 43 5.01 -1.30 0.88
CA VAL A 43 4.68 -0.87 -0.47
C VAL A 43 5.92 -0.48 -1.27
N ARG A 44 5.88 -0.77 -2.57
CA ARG A 44 6.98 -0.45 -3.47
C ARG A 44 6.44 0.09 -4.79
N ILE A 45 6.86 1.29 -5.15
CA ILE A 45 6.42 1.91 -6.40
C ILE A 45 7.52 1.88 -7.45
N VAL A 46 7.42 0.94 -8.38
CA VAL A 46 8.40 0.80 -9.44
C VAL A 46 7.73 0.84 -10.81
N ASP A 47 8.52 1.13 -11.84
CA ASP A 47 8.00 1.20 -13.21
C ASP A 47 7.20 -0.05 -13.56
N GLU A 48 6.50 0.01 -14.69
CA GLU A 48 5.69 -1.12 -15.14
C GLU A 48 6.56 -2.34 -15.45
N ALA A 49 7.38 -2.22 -16.48
CA ALA A 49 8.25 -3.30 -16.89
C ALA A 49 9.18 -3.72 -15.75
N GLU A 50 9.77 -2.73 -15.08
CA GLU A 50 10.68 -2.97 -13.97
C GLU A 50 10.03 -3.88 -12.92
N SER A 51 8.80 -3.55 -12.54
CA SER A 51 8.09 -4.34 -11.54
C SER A 51 7.86 -5.76 -12.04
N HIS A 52 7.28 -5.87 -13.23
CA HIS A 52 7.00 -7.18 -13.83
C HIS A 52 8.28 -7.98 -13.99
N GLU A 53 9.40 -7.29 -14.18
CA GLU A 53 10.68 -7.95 -14.32
C GLU A 53 11.26 -8.26 -12.94
N LEU A 54 11.00 -7.37 -12.00
CA LEU A 54 11.47 -7.52 -10.63
C LEU A 54 10.82 -8.72 -9.94
N ASN A 55 9.49 -8.70 -9.88
CA ASN A 55 8.75 -9.78 -9.23
C ASN A 55 9.05 -11.12 -9.90
N LEU A 56 9.06 -11.13 -11.23
CA LEU A 56 9.32 -12.34 -11.99
C LEU A 56 10.76 -12.83 -11.83
N THR A 57 11.71 -11.92 -12.03
CA THR A 57 13.13 -12.27 -11.93
C THR A 57 13.49 -12.88 -10.57
N TYR A 58 12.64 -12.67 -9.56
CA TYR A 58 12.92 -13.18 -8.23
C TYR A 58 11.96 -14.31 -7.81
N ARG A 59 10.77 -14.35 -8.40
CA ARG A 59 9.80 -15.38 -8.02
C ARG A 59 8.92 -15.84 -9.19
N GLY A 60 8.60 -14.93 -10.10
CA GLY A 60 7.74 -15.29 -11.23
C GLY A 60 6.29 -14.95 -10.95
N LYS A 61 6.05 -13.69 -10.59
CA LYS A 61 4.70 -13.23 -10.26
C LYS A 61 3.84 -13.08 -11.51
N ASP A 62 2.70 -12.39 -11.37
CA ASP A 62 1.76 -12.18 -12.45
C ASP A 62 2.44 -11.64 -13.71
N ARG A 63 1.62 -11.23 -14.68
CA ARG A 63 2.10 -10.70 -15.94
C ARG A 63 1.86 -9.18 -15.98
N PRO A 64 2.07 -8.51 -17.13
CA PRO A 64 1.86 -7.06 -17.24
C PRO A 64 0.58 -6.59 -16.55
N THR A 65 0.65 -6.46 -15.24
CA THR A 65 -0.49 -6.03 -14.42
C THR A 65 -0.53 -4.51 -14.31
N ASN A 66 -1.31 -4.03 -13.33
CA ASN A 66 -1.44 -2.60 -13.09
C ASN A 66 -0.90 -2.24 -11.71
N VAL A 67 -1.21 -3.10 -10.73
CA VAL A 67 -0.75 -2.89 -9.37
C VAL A 67 -0.67 -4.21 -8.61
N LEU A 68 0.40 -4.97 -8.83
CA LEU A 68 0.58 -6.25 -8.17
C LEU A 68 1.11 -6.07 -6.75
N SER A 69 0.78 -7.01 -5.87
CA SER A 69 1.22 -6.94 -4.48
C SER A 69 1.74 -8.29 -4.01
N PHE A 70 2.33 -8.31 -2.81
CA PHE A 70 2.85 -9.53 -2.25
C PHE A 70 2.25 -9.81 -0.88
N PRO A 71 1.01 -10.33 -0.84
CA PRO A 71 0.32 -10.64 0.41
C PRO A 71 0.82 -11.95 1.01
N PHE A 72 1.00 -11.97 2.33
CA PHE A 72 1.48 -13.17 3.01
C PHE A 72 0.48 -14.31 2.84
N GLU A 73 0.95 -15.55 2.96
CA GLU A 73 0.10 -16.72 2.82
C GLU A 73 -1.09 -16.66 3.78
N CYS A 74 -2.18 -16.05 3.32
CA CYS A 74 -3.39 -15.92 4.13
C CYS A 74 -3.88 -17.29 4.61
N PRO A 75 -3.64 -17.62 5.90
CA PRO A 75 -4.05 -18.89 6.48
C PRO A 75 -5.54 -18.91 6.83
N ASP A 76 -5.92 -19.74 7.79
CA ASP A 76 -7.31 -19.84 8.21
C ASP A 76 -7.65 -18.75 9.23
N GLU A 77 -7.34 -19.00 10.50
CA GLU A 77 -7.62 -18.04 11.55
C GLU A 77 -6.39 -17.80 12.44
N VAL A 78 -5.25 -17.57 11.79
CA VAL A 78 -4.00 -17.34 12.51
C VAL A 78 -4.13 -16.20 13.51
N GLU A 79 -4.87 -15.16 13.12
CA GLU A 79 -5.07 -14.00 13.99
C GLU A 79 -3.75 -13.26 14.20
N LEU A 80 -3.29 -12.55 13.17
CA LEU A 80 -2.05 -11.79 13.25
C LEU A 80 -2.12 -10.52 12.40
N PRO A 81 -1.38 -9.47 12.80
CA PRO A 81 -1.36 -8.20 12.09
C PRO A 81 -0.34 -8.17 10.96
N LEU A 82 -0.79 -7.80 9.77
CA LEU A 82 0.07 -7.72 8.60
C LEU A 82 -0.70 -7.28 7.37
N LEU A 83 0.00 -6.65 6.43
CA LEU A 83 -0.61 -6.17 5.20
C LEU A 83 0.13 -6.70 3.97
N GLY A 84 1.39 -7.10 4.16
CA GLY A 84 2.17 -7.62 3.05
C GLY A 84 2.84 -6.53 2.23
N ASP A 85 3.27 -6.88 1.02
CA ASP A 85 3.94 -5.92 0.14
C ASP A 85 3.00 -5.46 -0.97
N LEU A 86 3.35 -4.36 -1.62
CA LEU A 86 2.53 -3.81 -2.71
C LEU A 86 3.41 -3.19 -3.79
N VAL A 87 3.57 -3.88 -4.91
CA VAL A 87 4.37 -3.37 -6.02
C VAL A 87 3.52 -2.53 -6.95
N ILE A 88 3.28 -1.28 -6.55
CA ILE A 88 2.47 -0.36 -7.34
C ILE A 88 3.28 0.25 -8.48
N CYS A 89 2.58 0.72 -9.51
CA CYS A 89 3.23 1.33 -10.67
C CYS A 89 3.20 2.85 -10.56
N ARG A 90 4.34 3.48 -10.80
CA ARG A 90 4.45 4.93 -10.71
C ARG A 90 4.03 5.61 -12.03
N GLN A 91 3.72 4.82 -13.05
CA GLN A 91 3.33 5.37 -14.34
C GLN A 91 1.81 5.51 -14.47
N VAL A 92 1.07 4.55 -13.93
CA VAL A 92 -0.38 4.58 -14.01
C VAL A 92 -1.02 5.48 -12.95
N VAL A 93 -0.63 5.29 -11.70
CA VAL A 93 -1.18 6.08 -10.60
C VAL A 93 -0.71 7.53 -10.69
N GLU A 94 0.58 7.73 -10.94
CA GLU A 94 1.14 9.07 -11.07
C GLU A 94 0.50 9.78 -12.24
N ARG A 95 0.29 9.04 -13.33
CA ARG A 95 -0.32 9.61 -14.52
C ARG A 95 -1.79 9.94 -14.25
N GLU A 96 -2.50 8.99 -13.67
CA GLU A 96 -3.92 9.18 -13.33
C GLU A 96 -4.06 10.38 -12.40
N ALA A 97 -3.15 10.46 -11.42
CA ALA A 97 -3.17 11.57 -10.47
C ALA A 97 -2.82 12.88 -11.16
N SER A 98 -1.79 12.84 -11.99
CA SER A 98 -1.35 14.02 -12.72
C SER A 98 -2.46 14.50 -13.65
N GLU A 99 -3.28 13.57 -14.12
CA GLU A 99 -4.38 13.89 -15.01
C GLU A 99 -5.61 14.32 -14.22
N GLN A 100 -5.74 13.78 -13.01
CA GLN A 100 -6.86 14.11 -12.15
C GLN A 100 -6.71 15.52 -11.57
N GLU A 101 -5.46 15.94 -11.38
CA GLU A 101 -5.15 17.26 -10.84
C GLU A 101 -5.37 17.31 -9.33
N LYS A 102 -4.72 16.39 -8.62
CA LYS A 102 -4.85 16.32 -7.17
C LYS A 102 -3.52 15.88 -6.54
N PRO A 103 -3.20 16.39 -5.33
CA PRO A 103 -1.96 16.05 -4.63
C PRO A 103 -1.73 14.54 -4.57
N LEU A 104 -0.49 14.13 -4.83
CA LEU A 104 -0.14 12.72 -4.81
C LEU A 104 -0.37 12.11 -3.43
N MET A 105 -0.44 12.96 -2.41
CA MET A 105 -0.67 12.51 -1.04
C MET A 105 -1.83 11.53 -0.97
N ALA A 106 -3.04 12.03 -1.25
CA ALA A 106 -4.24 11.19 -1.22
C ALA A 106 -4.08 9.97 -2.13
N HIS A 107 -3.39 10.17 -3.25
CA HIS A 107 -3.17 9.08 -4.20
C HIS A 107 -2.45 7.91 -3.54
N TRP A 108 -1.29 8.19 -2.94
CA TRP A 108 -0.50 7.16 -2.28
C TRP A 108 -1.32 6.49 -1.18
N ALA A 109 -1.85 7.30 -0.27
CA ALA A 109 -2.68 6.80 0.83
C ALA A 109 -3.78 5.89 0.30
N HIS A 110 -4.40 6.32 -0.80
CA HIS A 110 -5.47 5.54 -1.42
C HIS A 110 -4.87 4.33 -2.12
N MET A 111 -3.72 4.53 -2.76
CA MET A 111 -3.03 3.47 -3.47
C MET A 111 -2.77 2.28 -2.54
N VAL A 112 -2.01 2.52 -1.49
CA VAL A 112 -1.68 1.48 -0.52
C VAL A 112 -2.91 0.69 -0.09
N VAL A 113 -3.97 1.40 0.29
CA VAL A 113 -5.20 0.76 0.74
C VAL A 113 -5.93 0.05 -0.40
N HIS A 114 -5.84 0.60 -1.61
CA HIS A 114 -6.51 0.00 -2.75
C HIS A 114 -5.93 -1.38 -3.07
N GLY A 115 -4.61 -1.42 -3.20
CA GLY A 115 -3.94 -2.68 -3.52
C GLY A 115 -3.82 -3.60 -2.33
N SER A 116 -3.42 -3.05 -1.18
CA SER A 116 -3.24 -3.85 0.02
C SER A 116 -4.49 -4.67 0.34
N LEU A 117 -5.66 -4.07 0.12
CA LEU A 117 -6.93 -4.75 0.39
C LEU A 117 -7.35 -5.63 -0.78
N HIS A 118 -7.57 -5.02 -1.94
CA HIS A 118 -8.00 -5.75 -3.13
C HIS A 118 -7.17 -7.00 -3.38
N LEU A 119 -5.91 -6.99 -2.94
CA LEU A 119 -5.03 -8.13 -3.15
C LEU A 119 -4.93 -9.04 -1.93
N LEU A 120 -5.06 -8.47 -0.73
CA LEU A 120 -4.95 -9.26 0.49
C LEU A 120 -6.32 -9.52 1.12
N GLY A 121 -7.13 -8.47 1.28
CA GLY A 121 -8.43 -8.65 1.87
C GLY A 121 -8.50 -8.16 3.31
N TYR A 122 -8.42 -6.85 3.51
CA TYR A 122 -8.46 -6.25 4.84
C TYR A 122 -9.44 -6.97 5.78
N ASP A 123 -10.47 -7.57 5.22
CA ASP A 123 -11.48 -8.28 6.01
C ASP A 123 -10.91 -9.58 6.60
N HIS A 124 -9.68 -9.52 7.11
CA HIS A 124 -9.04 -10.68 7.71
C HIS A 124 -9.87 -11.22 8.87
N ILE A 125 -9.25 -12.04 9.73
CA ILE A 125 -9.93 -12.62 10.87
C ILE A 125 -10.79 -11.57 11.60
N GLU A 126 -11.72 -12.04 12.42
CA GLU A 126 -12.61 -11.13 13.15
C GLU A 126 -12.23 -11.02 14.62
N ASP A 127 -11.13 -11.66 15.02
CA ASP A 127 -10.69 -11.61 16.41
C ASP A 127 -9.77 -10.43 16.67
N ASP A 128 -8.55 -10.49 16.13
CA ASP A 128 -7.57 -9.43 16.31
C ASP A 128 -7.55 -8.46 15.13
N GLU A 129 -6.96 -8.92 14.03
CA GLU A 129 -6.83 -8.12 12.81
C GLU A 129 -8.12 -7.35 12.48
N ALA A 130 -9.26 -7.89 12.89
CA ALA A 130 -10.54 -7.25 12.63
C ALA A 130 -10.51 -5.77 12.99
N GLU A 131 -10.57 -5.47 14.29
CA GLU A 131 -10.55 -4.10 14.76
C GLU A 131 -9.33 -3.36 14.24
N GLU A 132 -8.17 -4.01 14.33
CA GLU A 132 -6.92 -3.41 13.86
C GLU A 132 -7.07 -2.89 12.44
N MET A 133 -7.33 -3.81 11.51
CA MET A 133 -7.49 -3.43 10.10
C MET A 133 -8.63 -2.44 9.93
N GLU A 134 -9.77 -2.73 10.57
CA GLU A 134 -10.93 -1.85 10.49
C GLU A 134 -10.55 -0.41 10.80
N SER A 135 -9.90 -0.21 11.94
CA SER A 135 -9.48 1.13 12.34
C SER A 135 -8.34 1.62 11.46
N LEU A 136 -7.39 0.73 11.17
CA LEU A 136 -6.24 1.06 10.35
C LEU A 136 -6.68 1.66 9.01
N GLU A 137 -7.66 1.02 8.38
CA GLU A 137 -8.16 1.48 7.09
C GLU A 137 -9.17 2.60 7.28
N THR A 138 -10.22 2.32 8.05
CA THR A 138 -11.26 3.30 8.30
C THR A 138 -10.70 4.65 8.74
N GLN A 139 -9.67 4.62 9.57
CA GLN A 139 -9.07 5.86 10.08
C GLN A 139 -8.27 6.60 9.00
N ILE A 140 -7.38 5.87 8.32
CA ILE A 140 -6.56 6.50 7.29
C ILE A 140 -7.38 6.83 6.05
N MET A 141 -8.40 6.03 5.78
CA MET A 141 -9.25 6.25 4.61
C MET A 141 -10.38 7.24 4.92
N GLN A 142 -11.21 6.90 5.90
CA GLN A 142 -12.34 7.76 6.27
C GLN A 142 -11.93 8.87 7.24
N GLY A 143 -10.83 8.66 7.95
CA GLY A 143 -10.37 9.66 8.90
C GLY A 143 -9.36 10.62 8.30
N LEU A 144 -9.37 10.77 6.98
CA LEU A 144 -8.45 11.67 6.30
C LEU A 144 -9.17 12.52 5.27
N GLY A 145 -10.04 11.90 4.49
CA GLY A 145 -10.77 12.62 3.47
C GLY A 145 -9.99 12.75 2.18
N PHE A 146 -10.25 11.85 1.24
CA PHE A 146 -9.55 11.86 -0.04
C PHE A 146 -10.35 12.63 -1.09
N SER A 3 2.31 -2.13 16.93
CA SER A 3 1.73 -0.82 16.51
C SER A 3 1.61 -0.73 14.99
N VAL A 4 1.22 0.43 14.50
CA VAL A 4 1.06 0.64 13.07
C VAL A 4 2.41 1.00 12.42
N LEU A 5 2.81 0.21 11.43
CA LEU A 5 4.08 0.44 10.74
C LEU A 5 3.90 0.29 9.24
N VAL A 6 4.59 1.14 8.48
CA VAL A 6 4.52 1.11 7.02
C VAL A 6 5.90 1.32 6.42
N ASP A 7 6.13 0.70 5.26
CA ASP A 7 7.42 0.82 4.58
C ASP A 7 7.25 1.36 3.16
N LEU A 8 7.83 2.53 2.92
CA LEU A 8 7.76 3.16 1.61
C LEU A 8 8.99 2.80 0.78
N GLN A 9 8.79 2.03 -0.28
CA GLN A 9 9.90 1.62 -1.14
C GLN A 9 9.81 2.24 -2.52
N ILE A 10 10.78 3.09 -2.84
CA ILE A 10 10.84 3.75 -4.13
C ILE A 10 11.85 3.05 -5.04
N ALA A 11 11.39 2.64 -6.21
CA ALA A 11 12.25 1.93 -7.16
C ALA A 11 12.31 2.63 -8.51
N THR A 12 11.23 3.33 -8.86
CA THR A 12 11.18 4.03 -10.14
C THR A 12 12.28 5.08 -10.23
N GLU A 13 12.66 5.43 -11.46
CA GLU A 13 13.71 6.42 -11.68
C GLU A 13 13.10 7.76 -12.09
N ASN A 14 12.16 7.73 -13.01
CA ASN A 14 11.51 8.95 -13.48
C ASN A 14 10.17 9.15 -12.78
N ILE A 15 10.08 10.23 -12.02
CA ILE A 15 8.84 10.55 -11.29
C ILE A 15 8.69 12.05 -11.10
N GLU A 16 7.66 12.44 -10.37
CA GLU A 16 7.40 13.86 -10.09
C GLU A 16 7.97 14.26 -8.74
N GLY A 17 9.09 13.64 -8.37
CA GLY A 17 9.71 13.93 -7.09
C GLY A 17 9.78 12.72 -6.19
N LEU A 18 10.99 12.28 -5.87
CA LEU A 18 11.20 11.12 -5.02
C LEU A 18 10.28 11.17 -3.79
N PRO A 19 9.20 10.38 -3.79
CA PRO A 19 8.24 10.33 -2.68
C PRO A 19 8.93 10.11 -1.33
N THR A 20 8.67 11.01 -0.39
CA THR A 20 9.26 10.91 0.94
C THR A 20 8.36 10.12 1.88
N GLU A 21 8.93 9.12 2.55
CA GLU A 21 8.18 8.29 3.48
C GLU A 21 7.61 9.13 4.63
N GLU A 22 8.45 9.98 5.21
CA GLU A 22 8.02 10.82 6.32
C GLU A 22 6.72 11.53 5.99
N GLN A 23 6.70 12.25 4.87
CA GLN A 23 5.51 12.98 4.45
C GLN A 23 4.34 12.03 4.19
N ILE A 24 4.52 11.12 3.23
CA ILE A 24 3.48 10.16 2.89
C ILE A 24 3.04 9.36 4.11
N VAL A 25 3.99 8.66 4.72
CA VAL A 25 3.70 7.84 5.90
C VAL A 25 2.98 8.66 6.97
N GLN A 26 3.62 9.74 7.42
CA GLN A 26 3.03 10.60 8.44
C GLN A 26 1.68 11.13 7.97
N TRP A 27 1.62 11.57 6.72
CA TRP A 27 0.39 12.09 6.16
C TRP A 27 -0.75 11.08 6.33
N ALA A 28 -0.60 9.91 5.72
CA ALA A 28 -1.62 8.88 5.80
C ALA A 28 -1.54 8.11 7.12
N THR A 29 -0.58 7.21 7.24
CA THR A 29 -0.42 6.40 8.44
C THR A 29 -0.40 7.28 9.69
N GLY A 30 -0.01 8.54 9.53
CA GLY A 30 0.01 9.44 10.68
C GLY A 30 -1.38 9.78 11.13
N ALA A 31 -2.28 10.00 10.18
CA ALA A 31 -3.66 10.32 10.50
C ALA A 31 -4.26 9.25 11.41
N VAL A 32 -3.76 8.02 11.25
CA VAL A 32 -4.24 6.89 12.05
C VAL A 32 -3.36 6.65 13.27
N GLN A 33 -2.19 7.27 13.30
CA GLN A 33 -1.24 7.13 14.41
C GLN A 33 -1.95 7.09 15.77
N PRO A 34 -2.75 8.13 16.09
CA PRO A 34 -3.47 8.20 17.36
C PRO A 34 -4.12 6.87 17.74
N GLU A 35 -4.90 6.31 16.83
CA GLU A 35 -5.57 5.03 17.06
C GLU A 35 -5.08 3.96 16.08
N GLY A 36 -3.78 3.93 15.86
CA GLY A 36 -3.20 2.97 14.94
C GLY A 36 -2.90 1.64 15.62
N ASN A 37 -3.59 0.59 15.17
CA ASN A 37 -3.40 -0.74 15.73
C ASN A 37 -2.14 -1.39 15.18
N GLU A 38 -1.87 -2.62 15.60
CA GLU A 38 -0.69 -3.35 15.15
C GLU A 38 -0.81 -3.72 13.68
N VAL A 39 0.15 -3.27 12.87
CA VAL A 39 0.15 -3.56 11.44
C VAL A 39 1.51 -3.25 10.82
N GLU A 40 1.79 -3.89 9.69
CA GLU A 40 3.06 -3.69 8.98
C GLU A 40 2.84 -3.67 7.47
N MET A 41 3.00 -2.49 6.88
CA MET A 41 2.83 -2.33 5.44
C MET A 41 4.16 -2.17 4.73
N THR A 42 4.17 -2.42 3.43
CA THR A 42 5.40 -2.30 2.64
C THR A 42 5.07 -1.97 1.18
N VAL A 43 4.77 -0.70 0.92
CA VAL A 43 4.43 -0.25 -0.42
C VAL A 43 5.67 -0.12 -1.30
N ARG A 44 5.54 -0.53 -2.56
CA ARG A 44 6.65 -0.47 -3.51
C ARG A 44 6.24 0.29 -4.77
N ILE A 45 7.07 1.25 -5.17
CA ILE A 45 6.81 2.05 -6.36
C ILE A 45 7.84 1.76 -7.44
N VAL A 46 7.37 1.41 -8.63
CA VAL A 46 8.26 1.10 -9.74
C VAL A 46 7.48 0.82 -11.02
N ASP A 47 8.17 0.88 -12.15
CA ASP A 47 7.55 0.62 -13.44
C ASP A 47 6.89 -0.76 -13.46
N GLU A 48 6.52 -1.22 -14.65
CA GLU A 48 5.88 -2.53 -14.80
C GLU A 48 6.92 -3.63 -15.03
N ALA A 49 7.85 -3.38 -15.94
CA ALA A 49 8.88 -4.35 -16.27
C ALA A 49 9.71 -4.72 -15.04
N GLU A 50 10.29 -3.72 -14.40
CA GLU A 50 11.12 -3.94 -13.22
C GLU A 50 10.44 -4.85 -12.19
N SER A 51 9.31 -4.39 -11.66
CA SER A 51 8.58 -5.16 -10.67
C SER A 51 8.17 -6.53 -11.22
N HIS A 52 7.47 -6.51 -12.35
CA HIS A 52 7.01 -7.75 -12.99
C HIS A 52 8.19 -8.66 -13.28
N GLU A 53 9.38 -8.09 -13.43
CA GLU A 53 10.57 -8.87 -13.68
C GLU A 53 11.12 -9.41 -12.36
N LEU A 54 10.98 -8.60 -11.31
CA LEU A 54 11.46 -8.97 -9.99
C LEU A 54 10.61 -10.08 -9.38
N ASN A 55 9.31 -9.83 -9.24
CA ASN A 55 8.41 -10.82 -8.68
C ASN A 55 8.52 -12.14 -9.43
N LEU A 56 8.53 -12.05 -10.76
CA LEU A 56 8.64 -13.23 -11.60
C LEU A 56 10.05 -13.79 -11.54
N THR A 57 11.01 -12.93 -11.21
CA THR A 57 12.40 -13.36 -11.11
C THR A 57 12.58 -14.41 -10.00
N TYR A 58 11.77 -14.32 -8.96
CA TYR A 58 11.88 -15.25 -7.85
C TYR A 58 10.65 -16.16 -7.68
N ARG A 59 9.50 -15.79 -8.25
CA ARG A 59 8.31 -16.63 -8.09
C ARG A 59 7.37 -16.60 -9.30
N GLY A 60 7.84 -16.12 -10.45
CA GLY A 60 6.99 -16.07 -11.63
C GLY A 60 5.59 -15.57 -11.32
N LYS A 61 5.51 -14.45 -10.62
CA LYS A 61 4.23 -13.85 -10.23
C LYS A 61 3.30 -13.64 -11.42
N ASP A 62 2.25 -12.84 -11.19
CA ASP A 62 1.25 -12.54 -12.21
C ASP A 62 1.87 -12.00 -13.50
N ARG A 63 1.01 -11.46 -14.35
CA ARG A 63 1.42 -10.90 -15.64
C ARG A 63 1.48 -9.37 -15.52
N PRO A 64 1.91 -8.65 -16.58
CA PRO A 64 1.98 -7.18 -16.57
C PRO A 64 0.82 -6.54 -15.82
N THR A 65 0.93 -6.49 -14.50
CA THR A 65 -0.10 -5.93 -13.65
C THR A 65 0.09 -4.43 -13.44
N ASN A 66 -1.01 -3.74 -13.17
CA ASN A 66 -0.98 -2.30 -12.92
C ASN A 66 -1.00 -2.04 -11.41
N VAL A 67 -1.59 -2.97 -10.67
CA VAL A 67 -1.67 -2.85 -9.21
C VAL A 67 -1.30 -4.16 -8.54
N LEU A 68 -0.08 -4.63 -8.79
CA LEU A 68 0.40 -5.87 -8.22
C LEU A 68 0.88 -5.64 -6.79
N SER A 69 0.93 -6.71 -5.99
CA SER A 69 1.35 -6.58 -4.59
C SER A 69 2.16 -7.80 -4.14
N PHE A 70 2.88 -7.64 -3.04
CA PHE A 70 3.70 -8.72 -2.49
C PHE A 70 3.24 -9.08 -1.08
N PRO A 71 2.12 -9.83 -0.97
CA PRO A 71 1.58 -10.25 0.32
C PRO A 71 2.36 -11.42 0.91
N PHE A 72 2.56 -11.39 2.23
CA PHE A 72 3.28 -12.45 2.90
C PHE A 72 2.58 -13.79 2.73
N GLU A 73 3.17 -14.85 3.28
CA GLU A 73 2.58 -16.18 3.18
C GLU A 73 1.33 -16.29 4.04
N CYS A 74 0.17 -16.34 3.39
CA CYS A 74 -1.11 -16.44 4.09
C CYS A 74 -1.59 -17.89 4.14
N PRO A 75 -1.45 -18.57 5.29
CA PRO A 75 -1.87 -19.96 5.44
C PRO A 75 -3.40 -20.11 5.53
N ASP A 76 -3.94 -20.20 6.74
CA ASP A 76 -5.38 -20.34 6.93
C ASP A 76 -5.95 -19.20 7.75
N GLU A 77 -5.81 -19.30 9.07
CA GLU A 77 -6.31 -18.29 9.99
C GLU A 77 -5.20 -17.34 10.43
N VAL A 78 -4.26 -17.87 11.20
CA VAL A 78 -3.12 -17.09 11.71
C VAL A 78 -3.56 -15.72 12.19
N GLU A 79 -3.85 -15.61 13.50
CA GLU A 79 -4.30 -14.36 14.09
C GLU A 79 -3.11 -13.49 14.48
N LEU A 80 -2.81 -12.49 13.65
CA LEU A 80 -1.71 -11.58 13.91
C LEU A 80 -1.79 -10.35 12.99
N PRO A 81 -1.20 -9.23 13.42
CA PRO A 81 -1.21 -7.99 12.64
C PRO A 81 -0.24 -8.05 11.46
N LEU A 82 -0.69 -7.58 10.30
CA LEU A 82 0.15 -7.60 9.10
C LEU A 82 -0.56 -6.94 7.92
N LEU A 83 0.22 -6.31 7.06
CA LEU A 83 -0.32 -5.65 5.87
C LEU A 83 0.39 -6.12 4.60
N GLY A 84 1.57 -6.74 4.77
CA GLY A 84 2.31 -7.24 3.63
C GLY A 84 2.95 -6.13 2.79
N ASP A 85 3.37 -6.48 1.58
CA ASP A 85 4.00 -5.53 0.68
C ASP A 85 3.12 -5.29 -0.55
N LEU A 86 3.30 -4.14 -1.18
CA LEU A 86 2.52 -3.80 -2.37
C LEU A 86 3.42 -3.37 -3.53
N VAL A 87 2.89 -3.46 -4.75
CA VAL A 87 3.63 -3.08 -5.94
C VAL A 87 2.76 -2.19 -6.83
N ILE A 88 2.79 -0.88 -6.57
CA ILE A 88 1.99 0.06 -7.35
C ILE A 88 2.82 0.70 -8.47
N CYS A 89 2.13 1.05 -9.56
CA CYS A 89 2.79 1.68 -10.70
C CYS A 89 2.70 3.20 -10.61
N ARG A 90 3.84 3.86 -10.78
CA ARG A 90 3.90 5.32 -10.70
C ARG A 90 3.55 5.98 -12.05
N GLN A 91 3.32 5.16 -13.08
CA GLN A 91 3.00 5.70 -14.39
C GLN A 91 1.51 6.00 -14.54
N VAL A 92 0.66 5.12 -14.01
CA VAL A 92 -0.78 5.30 -14.11
C VAL A 92 -1.33 6.16 -12.98
N VAL A 93 -0.90 5.88 -11.76
CA VAL A 93 -1.37 6.64 -10.60
C VAL A 93 -0.88 8.08 -10.67
N GLU A 94 0.39 8.27 -10.99
CA GLU A 94 0.96 9.60 -11.11
C GLU A 94 0.29 10.36 -12.24
N ARG A 95 -0.01 9.65 -13.33
CA ARG A 95 -0.68 10.27 -14.47
C ARG A 95 -2.09 10.67 -14.09
N GLU A 96 -2.81 9.76 -13.46
CA GLU A 96 -4.17 10.03 -13.02
C GLU A 96 -4.19 11.16 -12.01
N ALA A 97 -3.23 11.13 -11.09
CA ALA A 97 -3.12 12.17 -10.06
C ALA A 97 -2.72 13.51 -10.68
N SER A 98 -1.79 13.46 -11.62
CA SER A 98 -1.32 14.66 -12.29
C SER A 98 -2.43 15.26 -13.15
N GLU A 99 -3.20 14.39 -13.79
CA GLU A 99 -4.31 14.83 -14.63
C GLU A 99 -5.50 15.28 -13.78
N GLN A 100 -5.69 14.61 -12.65
CA GLN A 100 -6.79 14.93 -11.75
C GLN A 100 -6.54 16.26 -11.04
N GLU A 101 -5.26 16.65 -10.94
CA GLU A 101 -4.89 17.90 -10.29
C GLU A 101 -5.17 17.83 -8.79
N LYS A 102 -4.80 16.71 -8.17
CA LYS A 102 -5.01 16.52 -6.74
C LYS A 102 -3.71 16.15 -6.04
N PRO A 103 -3.53 16.58 -4.78
CA PRO A 103 -2.32 16.29 -4.01
C PRO A 103 -1.99 14.80 -3.99
N LEU A 104 -0.77 14.46 -4.41
CA LEU A 104 -0.34 13.07 -4.44
C LEU A 104 -0.41 12.44 -3.05
N MET A 105 -0.45 13.28 -2.01
CA MET A 105 -0.52 12.79 -0.64
C MET A 105 -1.64 11.77 -0.49
N ALA A 106 -2.86 12.17 -0.82
CA ALA A 106 -4.01 11.29 -0.72
C ALA A 106 -3.91 10.15 -1.72
N HIS A 107 -3.28 10.43 -2.86
CA HIS A 107 -3.11 9.42 -3.91
C HIS A 107 -2.40 8.18 -3.36
N TRP A 108 -1.23 8.38 -2.79
CA TRP A 108 -0.45 7.27 -2.23
C TRP A 108 -1.28 6.50 -1.20
N ALA A 109 -1.83 7.23 -0.24
CA ALA A 109 -2.65 6.64 0.81
C ALA A 109 -3.76 5.79 0.20
N HIS A 110 -4.63 6.44 -0.57
CA HIS A 110 -5.73 5.75 -1.22
C HIS A 110 -5.23 4.63 -2.12
N MET A 111 -4.20 4.94 -2.92
CA MET A 111 -3.63 3.96 -3.83
C MET A 111 -3.24 2.67 -3.09
N VAL A 112 -2.42 2.82 -2.05
CA VAL A 112 -1.98 1.66 -1.27
C VAL A 112 -3.17 0.85 -0.76
N VAL A 113 -4.07 1.52 -0.05
CA VAL A 113 -5.26 0.87 0.48
C VAL A 113 -6.08 0.20 -0.63
N HIS A 114 -6.06 0.80 -1.82
CA HIS A 114 -6.80 0.25 -2.94
C HIS A 114 -6.19 -1.08 -3.40
N GLY A 115 -4.90 -1.07 -3.69
CA GLY A 115 -4.22 -2.27 -4.12
C GLY A 115 -3.97 -3.25 -3.00
N SER A 116 -4.28 -2.84 -1.77
CA SER A 116 -4.07 -3.69 -0.61
C SER A 116 -5.25 -4.65 -0.43
N LEU A 117 -6.43 -4.10 -0.19
CA LEU A 117 -7.63 -4.91 0.01
C LEU A 117 -8.29 -5.31 -1.30
N HIS A 118 -8.41 -4.34 -2.21
CA HIS A 118 -9.04 -4.59 -3.51
C HIS A 118 -8.28 -5.66 -4.30
N LEU A 119 -7.00 -5.85 -3.97
CA LEU A 119 -6.18 -6.83 -4.66
C LEU A 119 -6.44 -8.24 -4.15
N LEU A 120 -6.35 -8.42 -2.84
CA LEU A 120 -6.57 -9.73 -2.23
C LEU A 120 -7.71 -9.69 -1.22
N GLY A 121 -7.52 -8.92 -0.16
CA GLY A 121 -8.53 -8.84 0.88
C GLY A 121 -7.96 -9.24 2.23
N TYR A 122 -7.10 -8.38 2.77
CA TYR A 122 -6.44 -8.63 4.06
C TYR A 122 -7.42 -8.92 5.21
N ASP A 123 -8.65 -9.25 4.89
CA ASP A 123 -9.68 -9.57 5.89
C ASP A 123 -9.45 -10.94 6.50
N HIS A 124 -8.18 -11.26 6.80
CA HIS A 124 -7.81 -12.55 7.39
C HIS A 124 -8.87 -13.10 8.34
N ILE A 125 -8.91 -12.55 9.55
CA ILE A 125 -9.86 -12.98 10.56
C ILE A 125 -10.83 -11.86 10.93
N GLU A 126 -11.91 -12.24 11.60
CA GLU A 126 -12.92 -11.27 12.02
C GLU A 126 -12.74 -10.88 13.48
N ASP A 127 -11.75 -11.48 14.15
CA ASP A 127 -11.48 -11.19 15.55
C ASP A 127 -10.51 -10.02 15.72
N ASP A 128 -9.25 -10.24 15.34
CA ASP A 128 -8.22 -9.21 15.47
C ASP A 128 -8.04 -8.41 14.19
N GLU A 129 -7.34 -8.99 13.22
CA GLU A 129 -7.07 -8.34 11.94
C GLU A 129 -8.28 -7.57 11.42
N ALA A 130 -9.47 -8.05 11.74
CA ALA A 130 -10.70 -7.39 11.31
C ALA A 130 -10.76 -5.96 11.79
N GLU A 131 -11.01 -5.78 13.08
CA GLU A 131 -11.08 -4.45 13.68
C GLU A 131 -9.86 -3.62 13.31
N GLU A 132 -8.70 -4.27 13.27
CA GLU A 132 -7.46 -3.59 12.91
C GLU A 132 -7.54 -3.02 11.50
N MET A 133 -7.74 -3.90 10.53
CA MET A 133 -7.85 -3.48 9.13
C MET A 133 -8.97 -2.47 8.94
N GLU A 134 -10.12 -2.76 9.56
CA GLU A 134 -11.28 -1.87 9.48
C GLU A 134 -10.95 -0.50 10.03
N SER A 135 -10.60 -0.45 11.32
CA SER A 135 -10.26 0.82 11.97
C SER A 135 -9.07 1.48 11.28
N LEU A 136 -8.00 0.71 11.11
CA LEU A 136 -6.79 1.23 10.48
C LEU A 136 -7.09 1.81 9.10
N GLU A 137 -7.62 0.98 8.20
CA GLU A 137 -7.94 1.42 6.85
C GLU A 137 -8.95 2.56 6.87
N THR A 138 -10.05 2.35 7.59
CA THR A 138 -11.09 3.35 7.69
C THR A 138 -10.56 4.67 8.24
N GLN A 139 -9.57 4.59 9.12
CA GLN A 139 -8.97 5.78 9.72
C GLN A 139 -8.06 6.50 8.73
N ILE A 140 -7.08 5.79 8.20
CA ILE A 140 -6.13 6.39 7.25
C ILE A 140 -6.87 6.84 5.98
N MET A 141 -7.94 6.14 5.64
CA MET A 141 -8.72 6.46 4.46
C MET A 141 -9.77 7.53 4.74
N GLN A 142 -10.70 7.22 5.65
CA GLN A 142 -11.77 8.14 5.99
C GLN A 142 -11.27 9.30 6.85
N GLY A 143 -10.19 9.07 7.59
CA GLY A 143 -9.63 10.10 8.45
C GLY A 143 -9.47 11.44 7.73
N LEU A 144 -9.14 11.39 6.46
CA LEU A 144 -8.97 12.61 5.66
C LEU A 144 -10.08 12.75 4.64
N GLY A 145 -10.62 11.63 4.18
CA GLY A 145 -11.69 11.65 3.20
C GLY A 145 -11.22 12.15 1.84
N PHE A 146 -10.92 11.21 0.95
CA PHE A 146 -10.46 11.56 -0.39
C PHE A 146 -11.59 11.42 -1.41
N SER A 3 2.17 1.20 16.87
CA SER A 3 3.42 1.34 16.06
C SER A 3 3.25 0.76 14.67
N VAL A 4 2.76 1.57 13.75
CA VAL A 4 2.56 1.13 12.37
C VAL A 4 3.87 1.18 11.59
N LEU A 5 4.48 0.02 11.41
CA LEU A 5 5.74 -0.07 10.67
C LEU A 5 5.49 -0.18 9.18
N VAL A 6 5.24 0.97 8.54
CA VAL A 6 5.01 1.01 7.11
C VAL A 6 6.26 1.47 6.37
N ASP A 7 6.42 1.01 5.14
CA ASP A 7 7.59 1.37 4.35
C ASP A 7 7.22 1.74 2.91
N LEU A 8 7.73 2.88 2.45
CA LEU A 8 7.46 3.34 1.10
C LEU A 8 8.70 3.12 0.21
N GLN A 9 8.72 1.99 -0.48
CA GLN A 9 9.84 1.65 -1.35
C GLN A 9 9.69 2.29 -2.73
N ILE A 10 10.71 3.04 -3.13
CA ILE A 10 10.72 3.70 -4.43
C ILE A 10 11.72 3.04 -5.37
N ALA A 11 11.43 3.08 -6.66
CA ALA A 11 12.31 2.46 -7.66
C ALA A 11 13.35 3.45 -8.17
N THR A 12 12.95 4.71 -8.33
CA THR A 12 13.86 5.74 -8.83
C THR A 12 14.47 6.53 -7.68
N GLU A 13 15.40 7.42 -8.01
CA GLU A 13 16.08 8.24 -7.02
C GLU A 13 15.40 9.61 -6.94
N ASN A 14 15.19 10.22 -8.11
CA ASN A 14 14.54 11.53 -8.17
C ASN A 14 13.22 11.41 -8.92
N ILE A 15 12.12 11.68 -8.21
CA ILE A 15 10.79 11.58 -8.81
C ILE A 15 9.97 12.84 -8.55
N GLU A 16 8.89 12.99 -9.31
CA GLU A 16 8.01 14.15 -9.18
C GLU A 16 6.75 13.78 -8.39
N GLY A 17 6.24 12.58 -8.62
CA GLY A 17 5.05 12.14 -7.93
C GLY A 17 5.35 11.13 -6.83
N LEU A 18 6.45 11.37 -6.13
CA LEU A 18 6.85 10.47 -5.04
C LEU A 18 7.86 11.17 -4.13
N PRO A 19 7.49 11.41 -2.86
CA PRO A 19 8.32 12.09 -1.89
C PRO A 19 8.94 11.12 -0.87
N THR A 20 9.37 11.65 0.27
CA THR A 20 9.97 10.83 1.31
C THR A 20 8.91 10.10 2.12
N GLU A 21 9.25 8.89 2.57
CA GLU A 21 8.33 8.07 3.36
C GLU A 21 7.83 8.83 4.58
N GLU A 22 8.72 9.52 5.28
CA GLU A 22 8.34 10.27 6.47
C GLU A 22 7.07 11.08 6.22
N GLN A 23 7.08 11.86 5.15
CA GLN A 23 5.92 12.68 4.80
C GLN A 23 4.68 11.82 4.58
N ILE A 24 4.70 11.02 3.52
CA ILE A 24 3.57 10.14 3.20
C ILE A 24 3.20 9.28 4.40
N VAL A 25 4.15 8.46 4.82
CA VAL A 25 3.96 7.56 5.96
C VAL A 25 3.30 8.30 7.13
N GLN A 26 3.97 9.33 7.63
CA GLN A 26 3.45 10.09 8.75
C GLN A 26 2.05 10.64 8.46
N TRP A 27 1.93 11.41 7.40
CA TRP A 27 0.65 12.00 7.02
C TRP A 27 -0.46 10.94 7.00
N ALA A 28 -0.32 9.94 6.15
CA ALA A 28 -1.32 8.90 6.03
C ALA A 28 -1.18 7.82 7.11
N THR A 29 -0.21 6.94 6.94
CA THR A 29 0.00 5.85 7.89
C THR A 29 0.19 6.36 9.32
N GLY A 30 0.59 7.61 9.46
CA GLY A 30 0.79 8.17 10.79
C GLY A 30 -0.52 8.58 11.43
N ALA A 31 -1.42 9.14 10.62
CA ALA A 31 -2.73 9.57 11.13
C ALA A 31 -3.64 8.38 11.40
N VAL A 32 -3.24 7.18 10.97
CA VAL A 32 -4.04 5.98 11.17
C VAL A 32 -3.61 5.21 12.42
N GLN A 33 -2.32 5.24 12.73
CA GLN A 33 -1.81 4.52 13.90
C GLN A 33 -1.15 5.46 14.91
N PRO A 34 -1.78 6.62 15.20
CA PRO A 34 -1.23 7.57 16.17
C PRO A 34 -1.26 7.01 17.59
N GLU A 35 -2.45 6.59 18.03
CA GLU A 35 -2.63 6.03 19.36
C GLU A 35 -3.13 4.59 19.28
N GLY A 36 -2.88 3.93 18.14
CA GLY A 36 -3.32 2.57 17.96
C GLY A 36 -2.23 1.54 18.20
N ASN A 37 -2.52 0.29 17.86
CA ASN A 37 -1.56 -0.80 18.04
C ASN A 37 -0.47 -0.76 16.97
N GLU A 38 0.44 -1.72 17.02
CA GLU A 38 1.53 -1.80 16.06
C GLU A 38 1.16 -2.67 14.87
N VAL A 39 1.82 -2.43 13.73
CA VAL A 39 1.56 -3.19 12.52
C VAL A 39 2.73 -3.08 11.54
N GLU A 40 2.59 -3.72 10.38
CA GLU A 40 3.64 -3.69 9.36
C GLU A 40 3.03 -3.50 7.97
N MET A 41 3.55 -2.51 7.24
CA MET A 41 3.08 -2.22 5.89
C MET A 41 4.24 -1.88 4.97
N THR A 42 4.02 -2.04 3.67
CA THR A 42 5.07 -1.75 2.69
C THR A 42 4.48 -1.53 1.30
N VAL A 43 5.12 -0.66 0.53
CA VAL A 43 4.67 -0.37 -0.83
C VAL A 43 5.86 -0.20 -1.77
N ARG A 44 5.63 -0.37 -3.07
CA ARG A 44 6.69 -0.25 -4.04
C ARG A 44 6.25 0.53 -5.28
N ILE A 45 6.68 1.78 -5.36
CA ILE A 45 6.35 2.63 -6.51
C ILE A 45 7.31 2.36 -7.66
N VAL A 46 6.87 1.58 -8.64
CA VAL A 46 7.71 1.26 -9.78
C VAL A 46 6.88 0.82 -10.99
N ASP A 47 7.35 1.17 -12.18
CA ASP A 47 6.66 0.82 -13.42
C ASP A 47 6.24 -0.65 -13.43
N GLU A 48 5.49 -1.03 -14.47
CA GLU A 48 5.02 -2.40 -14.61
C GLU A 48 6.17 -3.35 -14.94
N ALA A 49 6.87 -3.07 -16.03
CA ALA A 49 7.98 -3.91 -16.45
C ALA A 49 8.94 -4.19 -15.30
N GLU A 50 9.47 -3.13 -14.70
CA GLU A 50 10.39 -3.26 -13.58
C GLU A 50 9.76 -4.06 -12.44
N SER A 51 8.54 -3.68 -12.06
CA SER A 51 7.84 -4.37 -10.99
C SER A 51 7.65 -5.85 -11.34
N HIS A 52 6.95 -6.10 -12.43
CA HIS A 52 6.70 -7.46 -12.89
C HIS A 52 8.01 -8.24 -12.94
N GLU A 53 9.06 -7.58 -13.40
CA GLU A 53 10.37 -8.20 -13.48
C GLU A 53 10.91 -8.43 -12.07
N LEU A 54 10.68 -7.46 -11.20
CA LEU A 54 11.12 -7.53 -9.81
C LEU A 54 10.49 -8.73 -9.09
N ASN A 55 9.20 -8.93 -9.32
CA ASN A 55 8.50 -10.04 -8.68
C ASN A 55 8.91 -11.39 -9.27
N LEU A 56 8.85 -11.48 -10.60
CA LEU A 56 9.17 -12.71 -11.29
C LEU A 56 10.66 -13.04 -11.23
N THR A 57 11.51 -12.04 -11.00
CA THR A 57 12.95 -12.27 -10.94
C THR A 57 13.39 -12.78 -9.56
N TYR A 58 12.65 -12.43 -8.52
CA TYR A 58 13.01 -12.85 -7.17
C TYR A 58 12.00 -13.81 -6.55
N ARG A 59 10.89 -14.09 -7.24
CA ARG A 59 9.89 -15.00 -6.68
C ARG A 59 9.03 -15.69 -7.73
N GLY A 60 8.76 -15.03 -8.85
CA GLY A 60 7.93 -15.63 -9.89
C GLY A 60 6.46 -15.35 -9.64
N LYS A 61 6.16 -14.13 -9.25
CA LYS A 61 4.78 -13.72 -8.96
C LYS A 61 3.92 -13.67 -10.21
N ASP A 62 2.76 -13.02 -10.09
CA ASP A 62 1.80 -12.89 -11.18
C ASP A 62 2.44 -12.39 -12.48
N ARG A 63 1.61 -11.80 -13.36
CA ARG A 63 2.08 -11.29 -14.64
C ARG A 63 1.70 -9.82 -14.80
N PRO A 64 1.99 -9.20 -15.97
CA PRO A 64 1.67 -7.79 -16.21
C PRO A 64 0.30 -7.39 -15.69
N THR A 65 0.28 -6.96 -14.44
CA THR A 65 -0.94 -6.54 -13.77
C THR A 65 -1.09 -5.02 -13.82
N ASN A 66 -1.99 -4.49 -13.01
CA ASN A 66 -2.22 -3.05 -12.92
C ASN A 66 -1.76 -2.51 -11.57
N VAL A 67 -1.87 -3.36 -10.54
CA VAL A 67 -1.47 -2.99 -9.20
C VAL A 67 -1.14 -4.24 -8.38
N LEU A 68 0.08 -4.74 -8.54
CA LEU A 68 0.50 -5.95 -7.84
C LEU A 68 0.93 -5.64 -6.41
N SER A 69 0.62 -6.56 -5.50
CA SER A 69 0.97 -6.40 -4.09
C SER A 69 1.71 -7.63 -3.57
N PHE A 70 2.37 -7.49 -2.43
CA PHE A 70 3.12 -8.59 -1.83
C PHE A 70 2.58 -8.94 -0.45
N PRO A 71 1.52 -9.77 -0.38
CA PRO A 71 0.91 -10.19 0.87
C PRO A 71 1.74 -11.26 1.58
N PHE A 72 1.77 -11.20 2.91
CA PHE A 72 2.52 -12.17 3.70
C PHE A 72 1.94 -13.57 3.54
N GLU A 73 2.57 -14.55 4.17
CA GLU A 73 2.11 -15.93 4.09
C GLU A 73 0.76 -16.09 4.78
N CYS A 74 -0.29 -15.65 4.10
CA CYS A 74 -1.65 -15.73 4.65
C CYS A 74 -2.00 -17.17 5.04
N PRO A 75 -1.99 -17.46 6.36
CA PRO A 75 -2.31 -18.81 6.87
C PRO A 75 -3.80 -19.11 6.79
N ASP A 76 -4.26 -20.05 7.62
CA ASP A 76 -5.66 -20.42 7.65
C ASP A 76 -6.43 -19.60 8.68
N GLU A 77 -6.22 -19.93 9.95
CA GLU A 77 -6.89 -19.21 11.05
C GLU A 77 -5.87 -18.57 11.98
N VAL A 78 -5.60 -17.29 11.75
CA VAL A 78 -4.65 -16.56 12.58
C VAL A 78 -5.24 -15.25 13.09
N GLU A 79 -4.46 -14.50 13.85
CA GLU A 79 -4.91 -13.24 14.41
C GLU A 79 -3.73 -12.41 14.92
N LEU A 80 -3.05 -11.72 14.00
CA LEU A 80 -1.91 -10.90 14.35
C LEU A 80 -1.88 -9.63 13.49
N PRO A 81 -1.53 -8.47 14.11
CA PRO A 81 -1.46 -7.20 13.39
C PRO A 81 -0.48 -7.23 12.22
N LEU A 82 -0.96 -6.84 11.04
CA LEU A 82 -0.11 -6.82 9.85
C LEU A 82 -0.90 -6.27 8.66
N LEU A 83 -0.18 -5.76 7.66
CA LEU A 83 -0.80 -5.20 6.47
C LEU A 83 -0.24 -5.84 5.20
N GLY A 84 1.08 -5.99 5.15
CA GLY A 84 1.71 -6.61 3.99
C GLY A 84 2.52 -5.63 3.15
N ASP A 85 2.97 -6.11 2.00
CA ASP A 85 3.77 -5.29 1.08
C ASP A 85 2.99 -5.03 -0.20
N LEU A 86 3.31 -3.92 -0.87
CA LEU A 86 2.63 -3.56 -2.12
C LEU A 86 3.63 -3.14 -3.19
N VAL A 87 3.24 -3.31 -4.46
CA VAL A 87 4.08 -2.93 -5.58
C VAL A 87 3.23 -2.18 -6.62
N ILE A 88 3.07 -0.88 -6.40
CA ILE A 88 2.26 -0.06 -7.29
C ILE A 88 3.03 0.43 -8.51
N CYS A 89 2.27 0.80 -9.55
CA CYS A 89 2.85 1.31 -10.78
C CYS A 89 2.88 2.84 -10.78
N ARG A 90 4.04 3.40 -11.11
CA ARG A 90 4.22 4.85 -11.12
C ARG A 90 3.76 5.48 -12.44
N GLN A 91 3.35 4.65 -13.40
CA GLN A 91 2.92 5.16 -14.69
C GLN A 91 1.41 5.36 -14.79
N VAL A 92 0.63 4.39 -14.29
CA VAL A 92 -0.83 4.49 -14.36
C VAL A 92 -1.42 5.35 -13.25
N VAL A 93 -1.04 5.09 -12.00
CA VAL A 93 -1.55 5.85 -10.87
C VAL A 93 -1.08 7.29 -10.94
N GLU A 94 0.16 7.48 -11.36
CA GLU A 94 0.72 8.81 -11.48
C GLU A 94 -0.02 9.58 -12.57
N ARG A 95 -0.45 8.86 -13.60
CA ARG A 95 -1.18 9.48 -14.69
C ARG A 95 -2.59 9.83 -14.23
N GLU A 96 -3.24 8.90 -13.55
CA GLU A 96 -4.58 9.11 -13.04
C GLU A 96 -4.59 10.27 -12.04
N ALA A 97 -3.63 10.24 -11.12
CA ALA A 97 -3.52 11.28 -10.11
C ALA A 97 -3.11 12.61 -10.74
N SER A 98 -2.10 12.57 -11.60
CA SER A 98 -1.62 13.77 -12.27
C SER A 98 -2.71 14.37 -13.14
N GLU A 99 -3.53 13.50 -13.74
CA GLU A 99 -4.63 13.95 -14.59
C GLU A 99 -5.81 14.41 -13.75
N GLN A 100 -5.98 13.80 -12.59
CA GLN A 100 -7.08 14.15 -11.70
C GLN A 100 -6.77 15.43 -10.93
N GLU A 101 -5.49 15.67 -10.67
CA GLU A 101 -5.06 16.86 -9.95
C GLU A 101 -5.57 16.84 -8.51
N LYS A 102 -5.38 15.71 -7.83
CA LYS A 102 -5.83 15.56 -6.45
C LYS A 102 -4.63 15.54 -5.50
N PRO A 103 -4.88 15.79 -4.20
CA PRO A 103 -3.82 15.80 -3.19
C PRO A 103 -2.92 14.57 -3.27
N LEU A 104 -1.68 14.78 -3.70
CA LEU A 104 -0.72 13.69 -3.84
C LEU A 104 -0.61 12.89 -2.54
N MET A 105 -0.81 13.56 -1.42
CA MET A 105 -0.75 12.92 -0.11
C MET A 105 -1.68 11.71 -0.05
N ALA A 106 -2.94 11.93 -0.40
CA ALA A 106 -3.94 10.88 -0.39
C ALA A 106 -3.65 9.85 -1.50
N HIS A 107 -2.92 10.29 -2.53
CA HIS A 107 -2.58 9.41 -3.65
C HIS A 107 -1.90 8.13 -3.17
N TRP A 108 -0.74 8.28 -2.53
CA TRP A 108 0.00 7.12 -2.03
C TRP A 108 -0.80 6.38 -0.97
N ALA A 109 -1.33 7.12 0.00
CA ALA A 109 -2.12 6.53 1.08
C ALA A 109 -3.26 5.68 0.53
N HIS A 110 -3.89 6.15 -0.53
CA HIS A 110 -4.99 5.43 -1.14
C HIS A 110 -4.47 4.38 -2.11
N MET A 111 -3.49 4.77 -2.92
CA MET A 111 -2.89 3.87 -3.90
C MET A 111 -2.33 2.62 -3.23
N VAL A 112 -1.95 2.73 -1.96
CA VAL A 112 -1.40 1.59 -1.24
C VAL A 112 -2.51 0.67 -0.71
N VAL A 113 -3.49 1.25 -0.02
CA VAL A 113 -4.59 0.48 0.53
C VAL A 113 -5.46 -0.11 -0.59
N HIS A 114 -5.80 0.71 -1.57
CA HIS A 114 -6.62 0.26 -2.69
C HIS A 114 -5.93 -0.86 -3.44
N GLY A 115 -4.62 -0.70 -3.65
CA GLY A 115 -3.87 -1.71 -4.37
C GLY A 115 -3.59 -2.95 -3.54
N SER A 116 -3.62 -2.82 -2.23
CA SER A 116 -3.37 -3.95 -1.34
C SER A 116 -4.60 -4.84 -1.21
N LEU A 117 -5.66 -4.29 -0.63
CA LEU A 117 -6.90 -5.04 -0.41
C LEU A 117 -7.51 -5.51 -1.72
N HIS A 118 -7.64 -4.60 -2.68
CA HIS A 118 -8.22 -4.94 -3.98
C HIS A 118 -7.50 -6.12 -4.63
N LEU A 119 -6.27 -6.39 -4.19
CA LEU A 119 -5.49 -7.47 -4.76
C LEU A 119 -5.67 -8.80 -4.02
N LEU A 120 -5.75 -8.77 -2.68
CA LEU A 120 -5.89 -10.01 -1.93
C LEU A 120 -6.82 -9.89 -0.73
N GLY A 121 -7.38 -8.70 -0.49
CA GLY A 121 -8.27 -8.53 0.64
C GLY A 121 -7.62 -8.93 1.94
N TYR A 122 -6.64 -8.14 2.37
CA TYR A 122 -5.92 -8.42 3.61
C TYR A 122 -6.76 -8.16 4.86
N ASP A 123 -8.08 -8.06 4.70
CA ASP A 123 -8.98 -7.83 5.82
C ASP A 123 -9.51 -9.16 6.36
N HIS A 124 -8.78 -10.23 6.12
CA HIS A 124 -9.19 -11.57 6.58
C HIS A 124 -9.45 -11.60 8.08
N ILE A 125 -9.89 -12.75 8.56
CA ILE A 125 -10.20 -12.96 9.98
C ILE A 125 -11.06 -11.84 10.55
N GLU A 126 -12.24 -12.22 11.05
CA GLU A 126 -13.16 -11.25 11.62
C GLU A 126 -12.84 -10.96 13.09
N ASP A 127 -11.75 -11.53 13.59
CA ASP A 127 -11.36 -11.31 14.98
C ASP A 127 -10.46 -10.10 15.15
N ASP A 128 -9.23 -10.20 14.66
CA ASP A 128 -8.26 -9.11 14.78
C ASP A 128 -8.20 -8.24 13.53
N GLU A 129 -7.48 -8.71 12.51
CA GLU A 129 -7.30 -7.98 11.26
C GLU A 129 -8.59 -7.29 10.81
N ALA A 130 -9.74 -7.89 11.11
CA ALA A 130 -11.01 -7.31 10.72
C ALA A 130 -11.14 -5.87 11.22
N GLU A 131 -11.39 -5.72 12.52
CA GLU A 131 -11.53 -4.40 13.13
C GLU A 131 -10.29 -3.55 12.88
N GLU A 132 -9.11 -4.17 13.00
CA GLU A 132 -7.85 -3.47 12.79
C GLU A 132 -7.77 -2.91 11.37
N MET A 133 -7.78 -3.81 10.39
CA MET A 133 -7.69 -3.40 8.99
C MET A 133 -8.82 -2.43 8.64
N GLU A 134 -10.04 -2.78 9.00
CA GLU A 134 -11.18 -1.92 8.73
C GLU A 134 -11.00 -0.56 9.38
N SER A 135 -10.69 -0.56 10.67
CA SER A 135 -10.47 0.68 11.41
C SER A 135 -9.35 1.49 10.81
N LEU A 136 -8.15 0.90 10.74
CA LEU A 136 -6.99 1.58 10.19
C LEU A 136 -7.27 2.02 8.75
N GLU A 137 -7.82 1.11 7.95
CA GLU A 137 -8.15 1.43 6.56
C GLU A 137 -9.04 2.67 6.49
N THR A 138 -10.12 2.64 7.26
CA THR A 138 -11.05 3.76 7.30
C THR A 138 -10.37 5.01 7.86
N GLN A 139 -9.34 4.80 8.68
CA GLN A 139 -8.61 5.90 9.29
C GLN A 139 -7.71 6.60 8.27
N ILE A 140 -7.07 5.82 7.40
CA ILE A 140 -6.18 6.39 6.38
C ILE A 140 -7.00 6.82 5.17
N MET A 141 -8.07 6.10 4.90
CA MET A 141 -8.93 6.40 3.76
C MET A 141 -9.98 7.45 4.11
N GLN A 142 -10.78 7.16 5.15
CA GLN A 142 -11.83 8.07 5.58
C GLN A 142 -11.32 9.13 6.55
N GLY A 143 -10.50 8.71 7.51
CA GLY A 143 -9.97 9.62 8.51
C GLY A 143 -9.55 10.96 7.93
N LEU A 144 -9.08 10.95 6.69
CA LEU A 144 -8.64 12.18 6.03
C LEU A 144 -9.58 12.54 4.87
N GLY A 145 -10.27 11.55 4.34
CA GLY A 145 -11.20 11.79 3.24
C GLY A 145 -10.49 11.93 1.91
N PHE A 146 -10.49 10.86 1.12
CA PHE A 146 -9.84 10.87 -0.18
C PHE A 146 -10.88 10.88 -1.30
N SER A 3 2.88 -2.32 16.49
CA SER A 3 2.16 -1.10 16.05
C SER A 3 1.99 -1.06 14.53
N VAL A 4 1.44 0.03 14.02
CA VAL A 4 1.22 0.18 12.59
C VAL A 4 2.50 0.66 11.90
N LEU A 5 3.26 -0.29 11.36
CA LEU A 5 4.49 0.03 10.66
C LEU A 5 4.30 -0.01 9.15
N VAL A 6 5.10 0.78 8.43
CA VAL A 6 5.01 0.84 6.98
C VAL A 6 6.39 0.93 6.35
N ASP A 7 6.48 0.67 5.05
CA ASP A 7 7.74 0.75 4.34
C ASP A 7 7.55 1.16 2.88
N LEU A 8 7.53 2.48 2.65
CA LEU A 8 7.36 3.01 1.31
C LEU A 8 8.72 3.25 0.65
N GLN A 9 8.93 2.65 -0.52
CA GLN A 9 10.20 2.81 -1.23
C GLN A 9 9.97 2.97 -2.74
N ILE A 10 10.94 3.61 -3.39
CA ILE A 10 10.86 3.84 -4.83
C ILE A 10 11.89 2.99 -5.57
N ALA A 11 11.63 2.71 -6.84
CA ALA A 11 12.54 1.92 -7.66
C ALA A 11 12.47 2.34 -9.11
N THR A 12 12.06 3.57 -9.36
CA THR A 12 11.94 4.09 -10.72
C THR A 12 13.25 4.77 -11.14
N GLU A 13 13.22 5.42 -12.30
CA GLU A 13 14.39 6.11 -12.82
C GLU A 13 14.34 7.59 -12.48
N ASN A 14 13.21 8.22 -12.73
CA ASN A 14 13.03 9.64 -12.44
C ASN A 14 11.56 9.99 -12.30
N ILE A 15 11.23 10.78 -11.28
CA ILE A 15 9.85 11.18 -11.04
C ILE A 15 9.78 12.66 -10.65
N GLU A 16 8.56 13.19 -10.60
CA GLU A 16 8.34 14.58 -10.23
C GLU A 16 8.39 14.76 -8.73
N GLY A 17 9.51 14.39 -8.12
CA GLY A 17 9.65 14.51 -6.68
C GLY A 17 9.51 13.18 -5.97
N LEU A 18 10.64 12.60 -5.59
CA LEU A 18 10.64 11.31 -4.90
C LEU A 18 9.71 11.33 -3.70
N PRO A 19 8.64 10.52 -3.72
CA PRO A 19 7.67 10.46 -2.62
C PRO A 19 8.33 10.04 -1.30
N THR A 20 8.85 11.02 -0.57
CA THR A 20 9.50 10.74 0.71
C THR A 20 8.56 10.02 1.66
N GLU A 21 9.05 8.95 2.27
CA GLU A 21 8.26 8.16 3.20
C GLU A 21 7.72 9.02 4.33
N GLU A 22 8.56 9.89 4.88
CA GLU A 22 8.14 10.77 5.96
C GLU A 22 6.81 11.45 5.65
N GLN A 23 6.77 12.12 4.50
CA GLN A 23 5.55 12.82 4.07
C GLN A 23 4.38 11.85 3.91
N ILE A 24 4.51 10.92 2.97
CA ILE A 24 3.46 9.94 2.71
C ILE A 24 3.11 9.17 3.98
N VAL A 25 4.09 8.49 4.56
CA VAL A 25 3.89 7.72 5.77
C VAL A 25 3.20 8.54 6.85
N GLN A 26 3.82 9.66 7.23
CA GLN A 26 3.26 10.53 8.26
C GLN A 26 1.88 11.04 7.83
N TRP A 27 1.78 11.51 6.60
CA TRP A 27 0.51 12.02 6.08
C TRP A 27 -0.60 10.99 6.24
N ALA A 28 -0.43 9.84 5.59
CA ALA A 28 -1.43 8.77 5.65
C ALA A 28 -1.37 7.99 6.97
N THR A 29 -0.39 7.12 7.09
CA THR A 29 -0.24 6.30 8.30
C THR A 29 -0.15 7.16 9.55
N GLY A 30 0.40 8.37 9.41
CA GLY A 30 0.50 9.25 10.56
C GLY A 30 -0.86 9.68 11.07
N ALA A 31 -1.77 9.95 10.13
CA ALA A 31 -3.12 10.36 10.51
C ALA A 31 -3.80 9.27 11.32
N VAL A 32 -3.41 8.02 11.08
CA VAL A 32 -3.98 6.88 11.79
C VAL A 32 -3.13 6.46 12.99
N GLN A 33 -1.98 7.12 13.16
CA GLN A 33 -1.08 6.80 14.27
C GLN A 33 -1.80 6.81 15.63
N PRO A 34 -2.46 7.94 15.98
CA PRO A 34 -3.17 8.07 17.24
C PRO A 34 -3.96 6.80 17.63
N GLU A 35 -4.80 6.34 16.72
CA GLU A 35 -5.59 5.14 16.96
C GLU A 35 -5.23 4.02 15.99
N GLY A 36 -3.94 3.85 15.76
CA GLY A 36 -3.47 2.82 14.84
C GLY A 36 -3.32 1.47 15.53
N ASN A 37 -3.35 0.40 14.74
CA ASN A 37 -3.21 -0.95 15.27
C ASN A 37 -1.90 -1.59 14.81
N GLU A 38 -1.64 -2.80 15.28
CA GLU A 38 -0.42 -3.52 14.92
C GLU A 38 -0.50 -4.01 13.48
N VAL A 39 0.43 -3.54 12.64
CA VAL A 39 0.46 -3.93 11.24
C VAL A 39 1.79 -3.57 10.59
N GLU A 40 2.01 -4.09 9.39
CA GLU A 40 3.24 -3.83 8.64
C GLU A 40 2.94 -3.64 7.17
N MET A 41 2.68 -2.38 6.78
CA MET A 41 2.37 -2.04 5.40
C MET A 41 3.62 -1.67 4.61
N THR A 42 4.24 -2.66 3.98
CA THR A 42 5.43 -2.42 3.18
C THR A 42 5.03 -2.21 1.73
N VAL A 43 5.43 -1.06 1.17
CA VAL A 43 5.08 -0.74 -0.21
C VAL A 43 6.28 -0.23 -1.00
N ARG A 44 6.31 -0.57 -2.28
CA ARG A 44 7.38 -0.14 -3.17
C ARG A 44 6.82 0.20 -4.55
N ILE A 45 7.22 1.36 -5.08
CA ILE A 45 6.76 1.78 -6.39
C ILE A 45 7.89 1.72 -7.42
N VAL A 46 7.68 0.92 -8.46
CA VAL A 46 8.68 0.77 -9.52
C VAL A 46 8.03 0.68 -10.89
N ASP A 47 8.81 0.92 -11.94
CA ASP A 47 8.31 0.87 -13.31
C ASP A 47 7.50 -0.39 -13.56
N GLU A 48 6.90 -0.46 -14.75
CA GLU A 48 6.09 -1.61 -15.13
C GLU A 48 6.95 -2.84 -15.42
N ALA A 49 7.81 -2.73 -16.42
CA ALA A 49 8.69 -3.83 -16.80
C ALA A 49 9.51 -4.33 -15.61
N GLU A 50 10.25 -3.43 -14.99
CA GLU A 50 11.08 -3.78 -13.84
C GLU A 50 10.28 -4.52 -12.78
N SER A 51 9.15 -3.95 -12.39
CA SER A 51 8.29 -4.57 -11.38
C SER A 51 7.90 -5.99 -11.78
N HIS A 52 7.20 -6.10 -12.90
CA HIS A 52 6.76 -7.39 -13.40
C HIS A 52 7.93 -8.36 -13.53
N GLU A 53 9.01 -7.89 -14.15
CA GLU A 53 10.19 -8.73 -14.30
C GLU A 53 10.75 -9.09 -12.94
N LEU A 54 10.60 -8.18 -11.99
CA LEU A 54 11.08 -8.39 -10.63
C LEU A 54 10.25 -9.46 -9.93
N ASN A 55 8.97 -9.54 -10.30
CA ASN A 55 8.08 -10.53 -9.71
C ASN A 55 8.56 -11.93 -10.02
N LEU A 56 8.61 -12.24 -11.32
CA LEU A 56 9.05 -13.53 -11.78
C LEU A 56 10.53 -13.72 -11.47
N THR A 57 11.28 -12.63 -11.51
CA THR A 57 12.69 -12.70 -11.16
C THR A 57 12.83 -13.17 -9.72
N TYR A 58 11.76 -12.99 -8.95
CA TYR A 58 11.72 -13.40 -7.56
C TYR A 58 11.19 -14.83 -7.42
N ARG A 59 10.05 -15.11 -8.06
CA ARG A 59 9.47 -16.44 -7.99
C ARG A 59 8.58 -16.81 -9.17
N GLY A 60 7.89 -15.83 -9.73
CA GLY A 60 6.99 -16.11 -10.86
C GLY A 60 5.56 -15.72 -10.57
N LYS A 61 5.36 -14.49 -10.10
CA LYS A 61 4.03 -14.00 -9.78
C LYS A 61 3.20 -13.78 -11.05
N ASP A 62 2.10 -13.06 -10.90
CA ASP A 62 1.20 -12.76 -12.02
C ASP A 62 1.93 -12.16 -13.22
N ARG A 63 1.20 -11.41 -14.03
CA ARG A 63 1.75 -10.78 -15.22
C ARG A 63 1.46 -9.27 -15.21
N PRO A 64 1.81 -8.53 -16.28
CA PRO A 64 1.58 -7.09 -16.35
C PRO A 64 0.22 -6.67 -15.80
N THR A 65 0.17 -6.40 -14.51
CA THR A 65 -1.05 -6.00 -13.84
C THR A 65 -1.09 -4.49 -13.61
N ASN A 66 -1.96 -4.03 -12.73
CA ASN A 66 -2.09 -2.62 -12.41
C ASN A 66 -1.48 -2.32 -11.05
N VAL A 67 -1.55 -3.30 -10.14
CA VAL A 67 -1.00 -3.14 -8.80
C VAL A 67 -0.63 -4.48 -8.20
N LEU A 68 0.61 -4.90 -8.45
CA LEU A 68 1.11 -6.16 -7.93
C LEU A 68 1.77 -5.96 -6.57
N SER A 69 1.89 -7.02 -5.79
CA SER A 69 2.49 -6.93 -4.46
C SER A 69 3.17 -8.23 -4.05
N PHE A 70 3.66 -8.24 -2.81
CA PHE A 70 4.33 -9.42 -2.27
C PHE A 70 3.84 -9.70 -0.84
N PRO A 71 2.69 -10.38 -0.72
CA PRO A 71 2.10 -10.72 0.58
C PRO A 71 2.82 -11.89 1.25
N PHE A 72 2.66 -12.00 2.57
CA PHE A 72 3.29 -13.07 3.33
C PHE A 72 2.80 -14.43 2.83
N GLU A 73 3.32 -15.50 3.42
CA GLU A 73 2.93 -16.85 3.04
C GLU A 73 1.46 -17.11 3.36
N CYS A 74 0.58 -16.61 2.49
CA CYS A 74 -0.85 -16.78 2.67
C CYS A 74 -1.28 -18.22 2.44
N PRO A 75 -1.73 -18.92 3.49
CA PRO A 75 -2.16 -20.31 3.39
C PRO A 75 -3.64 -20.43 3.01
N ASP A 76 -4.53 -20.58 3.99
CA ASP A 76 -5.95 -20.69 3.73
C ASP A 76 -6.74 -19.58 4.43
N GLU A 77 -7.08 -19.81 5.68
CA GLU A 77 -7.84 -18.82 6.46
C GLU A 77 -7.19 -18.59 7.82
N VAL A 78 -6.04 -17.92 7.82
CA VAL A 78 -5.33 -17.62 9.06
C VAL A 78 -5.78 -16.29 9.64
N GLU A 79 -5.46 -16.07 10.92
CA GLU A 79 -5.86 -14.84 11.60
C GLU A 79 -4.66 -14.14 12.23
N LEU A 80 -4.15 -13.10 11.56
CA LEU A 80 -3.02 -12.35 12.06
C LEU A 80 -2.90 -11.00 11.34
N PRO A 81 -2.42 -9.96 12.04
CA PRO A 81 -2.27 -8.62 11.46
C PRO A 81 -1.03 -8.50 10.59
N LEU A 82 -1.20 -7.95 9.39
CA LEU A 82 -0.09 -7.79 8.46
C LEU A 82 -0.58 -7.24 7.13
N LEU A 83 0.34 -6.62 6.39
CA LEU A 83 0.00 -6.05 5.08
C LEU A 83 0.96 -6.57 4.01
N GLY A 84 2.17 -6.96 4.41
CA GLY A 84 3.15 -7.49 3.47
C GLY A 84 3.80 -6.41 2.62
N ASP A 85 4.42 -6.82 1.52
CA ASP A 85 5.10 -5.90 0.62
C ASP A 85 4.22 -5.56 -0.58
N LEU A 86 4.50 -4.43 -1.23
CA LEU A 86 3.73 -4.00 -2.38
C LEU A 86 4.62 -3.51 -3.52
N VAL A 87 4.18 -3.77 -4.74
CA VAL A 87 4.92 -3.34 -5.93
C VAL A 87 3.99 -2.64 -6.91
N ILE A 88 3.91 -1.32 -6.79
CA ILE A 88 3.04 -0.52 -7.65
C ILE A 88 3.81 0.27 -8.69
N CYS A 89 3.12 0.68 -9.74
CA CYS A 89 3.73 1.46 -10.81
C CYS A 89 3.20 2.89 -10.79
N ARG A 90 3.99 3.80 -10.23
CA ARG A 90 3.61 5.21 -10.12
C ARG A 90 3.06 5.74 -11.45
N GLN A 91 3.53 5.17 -12.55
CA GLN A 91 3.10 5.60 -13.88
C GLN A 91 1.58 5.67 -14.00
N VAL A 92 0.89 4.69 -13.43
CA VAL A 92 -0.57 4.66 -13.50
C VAL A 92 -1.22 5.54 -12.44
N VAL A 93 -0.88 5.29 -11.18
CA VAL A 93 -1.44 6.08 -10.08
C VAL A 93 -1.12 7.55 -10.24
N GLU A 94 0.13 7.85 -10.63
CA GLU A 94 0.54 9.23 -10.83
C GLU A 94 -0.26 9.84 -11.98
N ARG A 95 -0.55 9.00 -12.98
CA ARG A 95 -1.34 9.44 -14.12
C ARG A 95 -2.75 9.78 -13.69
N GLU A 96 -3.37 8.86 -12.96
CA GLU A 96 -4.72 9.07 -12.45
C GLU A 96 -4.75 10.27 -11.52
N ALA A 97 -3.72 10.41 -10.70
CA ALA A 97 -3.62 11.53 -9.76
C ALA A 97 -3.45 12.84 -10.52
N SER A 98 -2.61 12.82 -11.54
CA SER A 98 -2.35 14.00 -12.35
C SER A 98 -3.59 14.37 -13.16
N GLU A 99 -4.34 13.35 -13.58
CA GLU A 99 -5.55 13.57 -14.35
C GLU A 99 -6.70 13.99 -13.44
N GLN A 100 -6.67 13.52 -12.20
CA GLN A 100 -7.71 13.85 -11.23
C GLN A 100 -7.52 15.26 -10.68
N GLU A 101 -6.30 15.79 -10.80
CA GLU A 101 -6.00 17.13 -10.32
C GLU A 101 -6.16 17.22 -8.81
N LYS A 102 -5.84 16.12 -8.12
CA LYS A 102 -5.94 16.08 -6.66
C LYS A 102 -4.57 15.86 -6.03
N PRO A 103 -4.40 16.31 -4.77
CA PRO A 103 -3.13 16.16 -4.05
C PRO A 103 -2.62 14.72 -4.06
N LEU A 104 -1.39 14.53 -4.50
CA LEU A 104 -0.78 13.21 -4.57
C LEU A 104 -0.72 12.58 -3.19
N MET A 105 -0.75 13.41 -2.15
CA MET A 105 -0.69 12.92 -0.77
C MET A 105 -1.78 11.87 -0.52
N ALA A 106 -3.04 12.30 -0.64
CA ALA A 106 -4.17 11.41 -0.43
C ALA A 106 -4.15 10.27 -1.43
N HIS A 107 -3.63 10.55 -2.63
CA HIS A 107 -3.55 9.55 -3.69
C HIS A 107 -2.77 8.32 -3.22
N TRP A 108 -1.53 8.55 -2.78
CA TRP A 108 -0.69 7.45 -2.30
C TRP A 108 -1.40 6.69 -1.18
N ALA A 109 -1.90 7.44 -0.20
CA ALA A 109 -2.61 6.86 0.93
C ALA A 109 -3.73 5.94 0.45
N HIS A 110 -4.60 6.47 -0.41
CA HIS A 110 -5.71 5.69 -0.96
C HIS A 110 -5.19 4.63 -1.92
N MET A 111 -4.09 4.95 -2.59
CA MET A 111 -3.49 4.02 -3.54
C MET A 111 -3.07 2.73 -2.84
N VAL A 112 -2.26 2.85 -1.79
CA VAL A 112 -1.81 1.67 -1.05
C VAL A 112 -3.00 0.80 -0.64
N VAL A 113 -4.01 1.44 -0.07
CA VAL A 113 -5.21 0.73 0.36
C VAL A 113 -5.89 0.06 -0.82
N HIS A 114 -6.14 0.83 -1.88
CA HIS A 114 -6.79 0.30 -3.08
C HIS A 114 -5.98 -0.87 -3.64
N GLY A 115 -4.66 -0.81 -3.45
CA GLY A 115 -3.80 -1.86 -3.94
C GLY A 115 -3.86 -3.12 -3.08
N SER A 116 -3.47 -2.99 -1.82
CA SER A 116 -3.47 -4.14 -0.91
C SER A 116 -4.82 -4.86 -0.90
N LEU A 117 -5.90 -4.09 -0.95
CA LEU A 117 -7.24 -4.67 -0.94
C LEU A 117 -7.44 -5.61 -2.13
N HIS A 118 -7.35 -5.05 -3.34
CA HIS A 118 -7.51 -5.84 -4.55
C HIS A 118 -6.34 -6.81 -4.74
N LEU A 119 -5.23 -6.50 -4.09
CA LEU A 119 -4.03 -7.34 -4.17
C LEU A 119 -4.34 -8.80 -3.86
N LEU A 120 -4.80 -9.05 -2.65
CA LEU A 120 -5.12 -10.41 -2.22
C LEU A 120 -6.48 -10.50 -1.55
N GLY A 121 -7.15 -9.37 -1.38
CA GLY A 121 -8.46 -9.38 -0.75
C GLY A 121 -8.35 -9.56 0.76
N TYR A 122 -7.84 -8.55 1.44
CA TYR A 122 -7.66 -8.59 2.89
C TYR A 122 -8.99 -8.69 3.63
N ASP A 123 -10.10 -8.75 2.89
CA ASP A 123 -11.42 -8.85 3.50
C ASP A 123 -11.60 -10.20 4.20
N HIS A 124 -10.68 -11.14 3.94
CA HIS A 124 -10.75 -12.46 4.55
C HIS A 124 -10.95 -12.37 6.06
N ILE A 125 -11.18 -13.53 6.69
CA ILE A 125 -11.38 -13.62 8.14
C ILE A 125 -12.05 -12.36 8.71
N GLU A 126 -13.36 -12.43 8.89
CA GLU A 126 -14.13 -11.31 9.41
C GLU A 126 -14.04 -11.20 10.94
N ASP A 127 -13.11 -11.93 11.54
CA ASP A 127 -12.95 -11.91 12.99
C ASP A 127 -11.99 -10.81 13.46
N ASP A 128 -10.70 -11.00 13.17
CA ASP A 128 -9.67 -10.04 13.60
C ASP A 128 -9.29 -9.05 12.49
N GLU A 129 -8.40 -9.48 11.60
CA GLU A 129 -7.90 -8.64 10.51
C GLU A 129 -9.00 -7.77 9.89
N ALA A 130 -10.21 -8.31 9.79
CA ALA A 130 -11.32 -7.56 9.21
C ALA A 130 -11.50 -6.21 9.90
N GLU A 131 -12.05 -6.23 11.11
CA GLU A 131 -12.28 -5.00 11.86
C GLU A 131 -11.00 -4.19 11.99
N GLU A 132 -9.91 -4.87 12.35
CA GLU A 132 -8.62 -4.20 12.51
C GLU A 132 -8.21 -3.49 11.23
N MET A 133 -8.03 -4.24 10.16
CA MET A 133 -7.64 -3.67 8.87
C MET A 133 -8.68 -2.67 8.39
N GLU A 134 -9.95 -3.05 8.48
CA GLU A 134 -11.04 -2.17 8.05
C GLU A 134 -10.97 -0.83 8.75
N SER A 135 -11.04 -0.84 10.08
CA SER A 135 -10.97 0.39 10.86
C SER A 135 -9.63 1.08 10.62
N LEU A 136 -8.57 0.29 10.57
CA LEU A 136 -7.23 0.82 10.34
C LEU A 136 -7.20 1.64 9.05
N GLU A 137 -7.51 1.01 7.93
CA GLU A 137 -7.52 1.69 6.64
C GLU A 137 -8.54 2.82 6.64
N THR A 138 -9.73 2.52 7.17
CA THR A 138 -10.80 3.51 7.25
C THR A 138 -10.29 4.76 7.95
N GLN A 139 -9.40 4.57 8.91
CA GLN A 139 -8.82 5.68 9.66
C GLN A 139 -7.84 6.46 8.79
N ILE A 140 -7.03 5.73 8.03
CA ILE A 140 -6.04 6.37 7.15
C ILE A 140 -6.74 7.12 6.02
N MET A 141 -7.93 6.63 5.64
CA MET A 141 -8.70 7.25 4.58
C MET A 141 -9.57 8.39 5.12
N GLN A 142 -10.48 8.06 6.03
CA GLN A 142 -11.38 9.04 6.62
C GLN A 142 -10.62 10.00 7.55
N GLY A 143 -9.50 9.53 8.10
CA GLY A 143 -8.71 10.35 9.00
C GLY A 143 -8.41 11.72 8.42
N LEU A 144 -8.38 11.80 7.09
CA LEU A 144 -8.09 13.06 6.41
C LEU A 144 -9.23 13.46 5.47
N GLY A 145 -10.22 12.59 5.33
CA GLY A 145 -11.34 12.88 4.46
C GLY A 145 -10.92 13.07 3.01
N PHE A 146 -10.72 11.96 2.31
CA PHE A 146 -10.30 12.01 0.91
C PHE A 146 -11.52 12.11 0.00
N SER A 3 2.43 -1.04 17.32
CA SER A 3 3.54 -0.65 16.41
C SER A 3 3.13 -0.77 14.95
N VAL A 4 2.54 0.30 14.42
CA VAL A 4 2.09 0.33 13.03
C VAL A 4 3.20 0.87 12.13
N LEU A 5 3.99 -0.03 11.56
CA LEU A 5 5.08 0.36 10.67
C LEU A 5 4.67 0.23 9.21
N VAL A 6 4.98 1.26 8.43
CA VAL A 6 4.65 1.27 7.01
C VAL A 6 5.90 1.53 6.17
N ASP A 7 6.04 0.82 5.07
CA ASP A 7 7.19 0.98 4.19
C ASP A 7 6.81 1.69 2.90
N LEU A 8 7.64 2.65 2.51
CA LEU A 8 7.42 3.42 1.29
C LEU A 8 8.71 3.50 0.48
N GLN A 9 8.89 2.56 -0.45
CA GLN A 9 10.11 2.54 -1.25
C GLN A 9 9.83 2.80 -2.73
N ILE A 10 10.79 3.45 -3.39
CA ILE A 10 10.69 3.77 -4.80
C ILE A 10 11.72 2.97 -5.60
N ALA A 11 11.33 2.52 -6.79
CA ALA A 11 12.23 1.75 -7.63
C ALA A 11 12.08 2.12 -9.10
N THR A 12 11.42 3.25 -9.36
CA THR A 12 11.20 3.71 -10.74
C THR A 12 12.50 4.24 -11.33
N GLU A 13 12.49 4.49 -12.63
CA GLU A 13 13.67 5.00 -13.33
C GLU A 13 13.50 6.48 -13.65
N ASN A 14 12.25 6.90 -13.86
CA ASN A 14 11.95 8.29 -14.19
C ASN A 14 10.54 8.65 -13.76
N ILE A 15 10.42 9.70 -12.94
CA ILE A 15 9.11 10.14 -12.46
C ILE A 15 9.08 11.65 -12.27
N GLU A 16 7.96 12.16 -11.78
CA GLU A 16 7.80 13.60 -11.56
C GLU A 16 8.23 13.97 -10.15
N GLY A 17 9.44 13.56 -9.77
CA GLY A 17 9.95 13.86 -8.46
C GLY A 17 9.97 12.65 -7.55
N LEU A 18 11.17 12.28 -7.08
CA LEU A 18 11.33 11.13 -6.20
C LEU A 18 10.50 11.30 -4.93
N PRO A 19 9.42 10.51 -4.78
CA PRO A 19 8.55 10.59 -3.60
C PRO A 19 9.33 10.35 -2.30
N THR A 20 8.86 10.97 -1.22
CA THR A 20 9.51 10.82 0.08
C THR A 20 8.59 10.09 1.06
N GLU A 21 9.13 9.07 1.69
CA GLU A 21 8.36 8.26 2.65
C GLU A 21 7.87 9.10 3.83
N GLU A 22 8.76 9.87 4.44
CA GLU A 22 8.40 10.70 5.59
C GLU A 22 7.10 11.46 5.34
N GLN A 23 7.05 12.20 4.23
CA GLN A 23 5.85 12.96 3.88
C GLN A 23 4.65 12.04 3.67
N ILE A 24 4.76 11.15 2.69
CA ILE A 24 3.69 10.20 2.39
C ILE A 24 3.31 9.39 3.62
N VAL A 25 4.28 8.63 4.14
CA VAL A 25 4.06 7.80 5.32
C VAL A 25 3.42 8.59 6.45
N GLN A 26 4.06 9.69 6.85
CA GLN A 26 3.53 10.52 7.92
C GLN A 26 2.14 11.04 7.57
N TRP A 27 2.00 11.55 6.36
CA TRP A 27 0.71 12.07 5.90
C TRP A 27 -0.39 11.02 6.06
N ALA A 28 -0.24 9.90 5.37
CA ALA A 28 -1.22 8.82 5.43
C ALA A 28 -1.09 8.02 6.73
N THR A 29 -0.09 7.15 6.79
CA THR A 29 0.11 6.31 7.97
C THR A 29 0.26 7.16 9.23
N GLY A 30 0.97 8.27 9.12
CA GLY A 30 1.15 9.13 10.29
C GLY A 30 -0.17 9.56 10.88
N ALA A 31 -1.14 9.88 10.02
CA ALA A 31 -2.45 10.31 10.48
C ALA A 31 -3.12 9.21 11.31
N VAL A 32 -2.84 7.95 10.96
CA VAL A 32 -3.41 6.82 11.68
C VAL A 32 -2.50 6.32 12.80
N GLN A 33 -1.32 6.90 12.93
CA GLN A 33 -0.37 6.51 13.96
C GLN A 33 -0.97 6.64 15.36
N PRO A 34 -1.47 7.83 15.73
CA PRO A 34 -2.06 8.09 17.05
C PRO A 34 -2.89 6.91 17.56
N GLU A 35 -3.76 6.37 16.72
CA GLU A 35 -4.60 5.25 17.10
C GLU A 35 -4.29 4.02 16.24
N GLY A 36 -3.01 3.76 16.02
CA GLY A 36 -2.61 2.63 15.22
C GLY A 36 -2.05 1.49 16.07
N ASN A 37 -2.47 0.26 15.74
CA ASN A 37 -2.00 -0.91 16.47
C ASN A 37 -0.77 -1.52 15.79
N GLU A 38 -0.28 -2.62 16.36
CA GLU A 38 0.90 -3.29 15.80
C GLU A 38 0.59 -3.85 14.42
N VAL A 39 1.23 -3.29 13.39
CA VAL A 39 1.03 -3.73 12.03
C VAL A 39 2.23 -3.41 11.15
N GLU A 40 2.31 -4.05 9.99
CA GLU A 40 3.41 -3.83 9.06
C GLU A 40 2.90 -3.70 7.63
N MET A 41 2.75 -2.46 7.17
CA MET A 41 2.27 -2.20 5.81
C MET A 41 3.38 -1.71 4.90
N THR A 42 4.03 -2.64 4.21
CA THR A 42 5.11 -2.30 3.30
C THR A 42 4.56 -1.96 1.93
N VAL A 43 5.20 -1.01 1.24
CA VAL A 43 4.75 -0.60 -0.08
C VAL A 43 5.90 -0.08 -0.94
N ARG A 44 5.94 -0.53 -2.19
CA ARG A 44 6.97 -0.12 -3.12
C ARG A 44 6.35 0.27 -4.46
N ILE A 45 6.88 1.32 -5.07
CA ILE A 45 6.37 1.79 -6.35
C ILE A 45 7.45 1.76 -7.43
N VAL A 46 7.11 1.17 -8.58
CA VAL A 46 8.06 1.08 -9.68
C VAL A 46 7.33 0.71 -10.98
N ASP A 47 7.98 0.99 -12.11
CA ASP A 47 7.41 0.69 -13.42
C ASP A 47 6.87 -0.74 -13.47
N GLU A 48 6.11 -1.04 -14.51
CA GLU A 48 5.53 -2.37 -14.69
C GLU A 48 6.62 -3.41 -14.98
N ALA A 49 7.34 -3.20 -16.08
CA ALA A 49 8.40 -4.12 -16.48
C ALA A 49 9.35 -4.43 -15.32
N GLU A 50 9.80 -3.38 -14.65
CA GLU A 50 10.73 -3.53 -13.53
C GLU A 50 10.15 -4.46 -12.46
N SER A 51 9.02 -4.06 -11.88
CA SER A 51 8.37 -4.86 -10.84
C SER A 51 8.15 -6.29 -11.33
N HIS A 52 7.42 -6.42 -12.44
CA HIS A 52 7.13 -7.73 -13.02
C HIS A 52 8.40 -8.55 -13.15
N GLU A 53 9.42 -7.97 -13.76
CA GLU A 53 10.70 -8.65 -13.93
C GLU A 53 11.28 -8.98 -12.56
N LEU A 54 11.18 -8.04 -11.64
CA LEU A 54 11.68 -8.23 -10.28
C LEU A 54 11.05 -9.46 -9.64
N ASN A 55 9.73 -9.46 -9.54
CA ASN A 55 8.99 -10.55 -8.95
C ASN A 55 9.26 -11.86 -9.69
N LEU A 56 9.06 -11.82 -11.00
CA LEU A 56 9.25 -13.00 -11.84
C LEU A 56 10.69 -13.51 -11.80
N THR A 57 11.63 -12.62 -12.08
CA THR A 57 13.05 -12.98 -12.12
C THR A 57 13.49 -13.72 -10.85
N TYR A 58 12.78 -13.50 -9.74
CA TYR A 58 13.15 -14.14 -8.49
C TYR A 58 12.19 -15.26 -8.08
N ARG A 59 10.96 -15.24 -8.60
CA ARG A 59 10.00 -16.29 -8.22
C ARG A 59 9.04 -16.67 -9.35
N GLY A 60 8.68 -15.71 -10.18
CA GLY A 60 7.75 -15.99 -11.28
C GLY A 60 6.33 -15.57 -10.92
N LYS A 61 6.19 -14.31 -10.49
CA LYS A 61 4.90 -13.77 -10.09
C LYS A 61 3.93 -13.65 -11.27
N ASP A 62 2.85 -12.90 -11.04
CA ASP A 62 1.81 -12.70 -12.05
C ASP A 62 2.36 -12.18 -13.38
N ARG A 63 1.49 -11.51 -14.13
CA ARG A 63 1.85 -10.95 -15.44
C ARG A 63 1.62 -9.43 -15.43
N PRO A 64 1.84 -8.73 -16.56
CA PRO A 64 1.64 -7.29 -16.68
C PRO A 64 0.59 -6.75 -15.71
N THR A 65 1.03 -6.60 -14.46
CA THR A 65 0.17 -6.12 -13.39
C THR A 65 0.19 -4.60 -13.28
N ASN A 66 -0.96 -4.01 -12.99
CA ASN A 66 -1.07 -2.57 -12.83
C ASN A 66 -0.89 -2.18 -11.37
N VAL A 67 -1.24 -3.12 -10.49
CA VAL A 67 -1.12 -2.90 -9.04
C VAL A 67 -0.81 -4.22 -8.32
N LEU A 68 0.39 -4.72 -8.55
CA LEU A 68 0.82 -5.97 -7.93
C LEU A 68 1.28 -5.73 -6.50
N SER A 69 1.08 -6.73 -5.63
CA SER A 69 1.47 -6.61 -4.24
C SER A 69 2.11 -7.90 -3.75
N PHE A 70 2.81 -7.82 -2.62
CA PHE A 70 3.47 -8.99 -2.05
C PHE A 70 2.89 -9.33 -0.68
N PRO A 71 1.78 -10.09 -0.65
CA PRO A 71 1.13 -10.49 0.59
C PRO A 71 1.86 -11.63 1.30
N PHE A 72 1.83 -11.62 2.62
CA PHE A 72 2.49 -12.66 3.41
C PHE A 72 1.82 -14.01 3.17
N GLU A 73 2.34 -15.06 3.81
CA GLU A 73 1.78 -16.40 3.67
C GLU A 73 0.25 -16.37 3.77
N CYS A 74 -0.39 -17.45 3.34
CA CYS A 74 -1.85 -17.52 3.39
C CYS A 74 -2.32 -18.79 4.10
N PRO A 75 -2.19 -18.82 5.44
CA PRO A 75 -2.62 -19.97 6.26
C PRO A 75 -4.13 -20.18 6.19
N ASP A 76 -4.68 -20.82 7.22
CA ASP A 76 -6.12 -21.08 7.27
C ASP A 76 -6.86 -19.85 7.78
N GLU A 77 -6.93 -19.70 9.10
CA GLU A 77 -7.61 -18.57 9.72
C GLU A 77 -6.72 -17.90 10.76
N VAL A 78 -5.43 -17.85 10.48
CA VAL A 78 -4.47 -17.24 11.40
C VAL A 78 -4.93 -15.85 11.83
N GLU A 79 -5.02 -15.64 13.14
CA GLU A 79 -5.44 -14.36 13.69
C GLU A 79 -4.24 -13.54 14.15
N LEU A 80 -3.84 -12.57 13.33
CA LEU A 80 -2.70 -11.71 13.65
C LEU A 80 -2.67 -10.49 12.73
N PRO A 81 -2.26 -9.33 13.26
CA PRO A 81 -2.18 -8.09 12.47
C PRO A 81 -1.06 -8.14 11.44
N LEU A 82 -1.31 -7.55 10.28
CA LEU A 82 -0.32 -7.54 9.20
C LEU A 82 -0.89 -6.90 7.95
N LEU A 83 -0.02 -6.31 7.13
CA LEU A 83 -0.45 -5.66 5.91
C LEU A 83 0.33 -6.17 4.69
N GLY A 84 1.50 -6.77 4.94
CA GLY A 84 2.31 -7.29 3.85
C GLY A 84 3.01 -6.21 3.05
N ASP A 85 3.36 -6.52 1.80
CA ASP A 85 4.04 -5.56 0.94
C ASP A 85 3.22 -5.26 -0.31
N LEU A 86 3.53 -4.14 -0.97
CA LEU A 86 2.81 -3.74 -2.17
C LEU A 86 3.76 -3.33 -3.29
N VAL A 87 3.31 -3.48 -4.54
CA VAL A 87 4.10 -3.13 -5.71
C VAL A 87 3.24 -2.36 -6.72
N ILE A 88 3.16 -1.04 -6.54
CA ILE A 88 2.36 -0.19 -7.42
C ILE A 88 3.20 0.42 -8.54
N CYS A 89 2.54 0.79 -9.63
CA CYS A 89 3.21 1.40 -10.76
C CYS A 89 3.09 2.93 -10.69
N ARG A 90 4.18 3.62 -11.02
CA ARG A 90 4.21 5.08 -10.99
C ARG A 90 3.68 5.71 -12.28
N GLN A 91 3.34 4.88 -13.27
CA GLN A 91 2.85 5.39 -14.55
C GLN A 91 1.35 5.65 -14.53
N VAL A 92 0.59 4.69 -14.02
CA VAL A 92 -0.87 4.80 -13.97
C VAL A 92 -1.34 5.75 -12.86
N VAL A 93 -1.02 5.40 -11.62
CA VAL A 93 -1.44 6.21 -10.47
C VAL A 93 -0.99 7.67 -10.62
N GLU A 94 0.27 7.86 -11.00
CA GLU A 94 0.80 9.20 -11.19
C GLU A 94 0.03 9.94 -12.27
N ARG A 95 -0.39 9.19 -13.29
CA ARG A 95 -1.16 9.76 -14.39
C ARG A 95 -2.56 10.15 -13.92
N GLU A 96 -3.21 9.22 -13.22
CA GLU A 96 -4.55 9.47 -12.69
C GLU A 96 -4.52 10.62 -11.70
N ALA A 97 -3.48 10.68 -10.89
CA ALA A 97 -3.33 11.74 -9.89
C ALA A 97 -2.97 13.05 -10.57
N SER A 98 -2.08 12.98 -11.54
CA SER A 98 -1.65 14.18 -12.28
C SER A 98 -2.79 14.74 -13.11
N GLU A 99 -3.66 13.86 -13.60
CA GLU A 99 -4.80 14.27 -14.40
C GLU A 99 -5.98 14.66 -13.52
N GLN A 100 -6.09 13.99 -12.38
CA GLN A 100 -7.17 14.27 -11.44
C GLN A 100 -7.07 15.68 -10.88
N GLU A 101 -5.85 16.23 -10.90
CA GLU A 101 -5.62 17.59 -10.39
C GLU A 101 -5.85 17.64 -8.88
N LYS A 102 -5.54 16.55 -8.20
CA LYS A 102 -5.71 16.48 -6.75
C LYS A 102 -4.38 16.18 -6.06
N PRO A 103 -4.27 16.48 -4.76
CA PRO A 103 -3.05 16.24 -3.98
C PRO A 103 -2.57 14.80 -4.09
N LEU A 104 -1.34 14.63 -4.57
CA LEU A 104 -0.76 13.29 -4.72
C LEU A 104 -0.71 12.57 -3.37
N MET A 105 -0.69 13.34 -2.28
CA MET A 105 -0.64 12.76 -0.94
C MET A 105 -1.74 11.72 -0.75
N ALA A 106 -2.99 12.16 -0.89
CA ALA A 106 -4.13 11.26 -0.73
C ALA A 106 -4.05 10.08 -1.70
N HIS A 107 -3.53 10.35 -2.89
CA HIS A 107 -3.39 9.31 -3.91
C HIS A 107 -2.63 8.10 -3.37
N TRP A 108 -1.51 8.36 -2.71
CA TRP A 108 -0.70 7.29 -2.14
C TRP A 108 -1.50 6.51 -1.09
N ALA A 109 -2.00 7.23 -0.08
CA ALA A 109 -2.79 6.61 0.98
C ALA A 109 -3.92 5.77 0.42
N HIS A 110 -4.62 6.32 -0.57
CA HIS A 110 -5.73 5.62 -1.20
C HIS A 110 -5.22 4.49 -2.08
N MET A 111 -4.13 4.76 -2.80
CA MET A 111 -3.53 3.77 -3.68
C MET A 111 -3.10 2.52 -2.91
N VAL A 112 -2.27 2.70 -1.89
CA VAL A 112 -1.79 1.58 -1.09
C VAL A 112 -2.94 0.70 -0.61
N VAL A 113 -3.99 1.32 -0.07
CA VAL A 113 -5.15 0.59 0.42
C VAL A 113 -5.89 -0.09 -0.72
N HIS A 114 -6.06 0.61 -1.84
CA HIS A 114 -6.77 0.05 -2.98
C HIS A 114 -6.11 -1.23 -3.48
N GLY A 115 -4.81 -1.18 -3.69
CA GLY A 115 -4.07 -2.33 -4.18
C GLY A 115 -3.71 -3.33 -3.09
N SER A 116 -3.79 -2.89 -1.83
CA SER A 116 -3.45 -3.77 -0.71
C SER A 116 -4.58 -4.74 -0.41
N LEU A 117 -5.81 -4.27 -0.51
CA LEU A 117 -6.98 -5.11 -0.23
C LEU A 117 -7.39 -5.95 -1.43
N HIS A 118 -7.70 -5.29 -2.54
CA HIS A 118 -8.13 -5.96 -3.76
C HIS A 118 -7.15 -7.05 -4.19
N LEU A 119 -5.91 -6.97 -3.71
CA LEU A 119 -4.89 -7.95 -4.07
C LEU A 119 -4.95 -9.20 -3.20
N LEU A 120 -5.09 -9.03 -1.89
CA LEU A 120 -5.12 -10.17 -0.99
C LEU A 120 -6.45 -10.34 -0.25
N GLY A 121 -6.85 -9.32 0.50
CA GLY A 121 -8.10 -9.43 1.24
C GLY A 121 -7.88 -9.52 2.74
N TYR A 122 -7.44 -8.42 3.33
CA TYR A 122 -7.16 -8.36 4.77
C TYR A 122 -8.29 -8.91 5.63
N ASP A 123 -9.43 -9.27 5.02
CA ASP A 123 -10.57 -9.80 5.76
C ASP A 123 -10.27 -11.18 6.37
N HIS A 124 -9.08 -11.33 6.95
CA HIS A 124 -8.68 -12.59 7.57
C HIS A 124 -9.79 -13.17 8.43
N ILE A 125 -10.06 -12.50 9.55
CA ILE A 125 -11.08 -12.93 10.49
C ILE A 125 -11.94 -11.75 10.92
N GLU A 126 -13.22 -12.02 11.19
CA GLU A 126 -14.13 -10.97 11.62
C GLU A 126 -14.09 -10.77 13.13
N ASP A 127 -13.15 -11.43 13.80
CA ASP A 127 -13.03 -11.30 15.25
C ASP A 127 -12.10 -10.15 15.63
N ASP A 128 -10.81 -10.31 15.35
CA ASP A 128 -9.82 -9.29 15.69
C ASP A 128 -9.52 -8.38 14.50
N GLU A 129 -8.80 -8.93 13.52
CA GLU A 129 -8.42 -8.18 12.32
C GLU A 129 -9.58 -7.33 11.78
N ALA A 130 -10.80 -7.80 11.99
CA ALA A 130 -11.98 -7.07 11.51
C ALA A 130 -11.95 -5.62 11.97
N GLU A 131 -12.25 -5.40 13.25
CA GLU A 131 -12.27 -4.06 13.82
C GLU A 131 -10.92 -3.36 13.62
N GLU A 132 -9.84 -4.09 13.88
CA GLU A 132 -8.50 -3.54 13.73
C GLU A 132 -8.28 -3.00 12.32
N MET A 133 -8.42 -3.86 11.32
CA MET A 133 -8.24 -3.46 9.93
C MET A 133 -9.24 -2.37 9.55
N GLU A 134 -10.51 -2.58 9.91
CA GLU A 134 -11.55 -1.61 9.61
C GLU A 134 -11.17 -0.23 10.15
N SER A 135 -10.87 -0.16 11.44
CA SER A 135 -10.49 1.09 12.07
C SER A 135 -9.21 1.63 11.46
N LEU A 136 -8.24 0.73 11.24
CA LEU A 136 -6.96 1.12 10.67
C LEU A 136 -7.15 1.81 9.32
N GLU A 137 -7.76 1.08 8.37
CA GLU A 137 -7.99 1.63 7.04
C GLU A 137 -8.94 2.82 7.10
N THR A 138 -9.97 2.71 7.93
CA THR A 138 -10.94 3.77 8.07
C THR A 138 -10.30 5.04 8.64
N GLN A 139 -9.20 4.87 9.37
CA GLN A 139 -8.50 6.00 9.97
C GLN A 139 -7.62 6.71 8.96
N ILE A 140 -7.01 5.95 8.06
CA ILE A 140 -6.14 6.54 7.04
C ILE A 140 -6.97 7.04 5.87
N MET A 141 -7.99 6.27 5.51
CA MET A 141 -8.87 6.62 4.41
C MET A 141 -10.01 7.54 4.86
N GLN A 142 -10.76 7.10 5.87
CA GLN A 142 -11.89 7.86 6.39
C GLN A 142 -11.46 8.89 7.43
N GLY A 143 -10.28 8.71 8.01
CA GLY A 143 -9.81 9.61 9.03
C GLY A 143 -9.03 10.79 8.46
N LEU A 144 -9.28 11.12 7.20
CA LEU A 144 -8.59 12.23 6.54
C LEU A 144 -9.55 13.01 5.65
N GLY A 145 -10.35 12.30 4.87
CA GLY A 145 -11.29 12.95 3.98
C GLY A 145 -10.68 13.29 2.65
N PHE A 146 -10.02 12.31 2.03
CA PHE A 146 -9.38 12.52 0.73
C PHE A 146 -10.39 12.98 -0.31
N SER A 3 2.31 -2.84 16.68
CA SER A 3 2.21 -1.41 16.32
C SER A 3 2.00 -1.22 14.81
N VAL A 4 1.71 0.00 14.41
CA VAL A 4 1.49 0.30 12.99
C VAL A 4 2.78 0.78 12.32
N LEU A 5 3.24 0.02 11.34
CA LEU A 5 4.46 0.37 10.62
C LEU A 5 4.26 0.19 9.11
N VAL A 6 4.88 1.07 8.33
CA VAL A 6 4.78 1.02 6.89
C VAL A 6 6.12 1.33 6.22
N ASP A 7 6.53 0.49 5.30
CA ASP A 7 7.79 0.68 4.59
C ASP A 7 7.55 0.93 3.11
N LEU A 8 7.76 2.17 2.68
CA LEU A 8 7.56 2.53 1.28
C LEU A 8 8.91 2.73 0.59
N GLN A 9 8.97 2.44 -0.71
CA GLN A 9 10.20 2.60 -1.47
C GLN A 9 9.93 2.96 -2.92
N ILE A 10 10.74 3.86 -3.46
CA ILE A 10 10.61 4.29 -4.85
C ILE A 10 11.79 3.78 -5.68
N ALA A 11 11.48 3.11 -6.78
CA ALA A 11 12.52 2.56 -7.66
C ALA A 11 12.33 3.04 -9.09
N THR A 12 12.58 4.33 -9.32
CA THR A 12 12.44 4.91 -10.66
C THR A 12 13.69 5.67 -11.05
N GLU A 13 13.75 6.07 -12.31
CA GLU A 13 14.89 6.82 -12.83
C GLU A 13 14.64 8.32 -12.70
N ASN A 14 13.38 8.72 -12.78
CA ASN A 14 13.00 10.12 -12.67
C ASN A 14 11.49 10.25 -12.48
N ILE A 15 11.10 10.79 -11.33
CA ILE A 15 9.68 10.97 -11.02
C ILE A 15 9.39 12.42 -10.62
N GLU A 16 8.13 12.71 -10.33
CA GLU A 16 7.72 14.04 -9.94
C GLU A 16 8.45 14.49 -8.67
N GLY A 17 8.75 13.52 -7.80
CA GLY A 17 9.44 13.83 -6.57
C GLY A 17 9.63 12.61 -5.68
N LEU A 18 10.85 12.40 -5.21
CA LEU A 18 11.16 11.27 -4.35
C LEU A 18 10.21 11.21 -3.15
N PRO A 19 9.25 10.26 -3.16
CA PRO A 19 8.28 10.11 -2.07
C PRO A 19 8.96 9.83 -0.73
N THR A 20 8.97 10.84 0.14
CA THR A 20 9.58 10.70 1.46
C THR A 20 8.63 10.04 2.44
N GLU A 21 9.12 9.03 3.15
CA GLU A 21 8.31 8.29 4.13
C GLU A 21 7.59 9.26 5.07
N GLU A 22 8.30 10.28 5.53
CA GLU A 22 7.72 11.26 6.43
C GLU A 22 6.37 11.76 5.92
N GLN A 23 6.35 12.24 4.69
CA GLN A 23 5.12 12.74 4.08
C GLN A 23 4.06 11.65 4.00
N ILE A 24 4.33 10.62 3.19
CA ILE A 24 3.40 9.51 3.03
C ILE A 24 3.00 8.90 4.37
N VAL A 25 3.98 8.42 5.11
CA VAL A 25 3.75 7.80 6.40
C VAL A 25 2.94 8.73 7.31
N GLN A 26 3.46 9.92 7.57
CA GLN A 26 2.76 10.88 8.43
C GLN A 26 1.38 11.20 7.87
N TRP A 27 1.33 11.51 6.58
CA TRP A 27 0.06 11.84 5.93
C TRP A 27 -0.97 10.73 6.16
N ALA A 28 -0.67 9.53 5.69
CA ALA A 28 -1.58 8.40 5.84
C ALA A 28 -1.47 7.77 7.22
N THR A 29 -0.42 6.99 7.44
CA THR A 29 -0.21 6.32 8.71
C THR A 29 -0.25 7.30 9.88
N GLY A 30 0.09 8.56 9.61
CA GLY A 30 0.07 9.54 10.68
C GLY A 30 -1.34 9.90 11.07
N ALA A 31 -2.23 9.99 10.09
CA ALA A 31 -3.62 10.31 10.36
C ALA A 31 -4.22 9.27 11.31
N VAL A 32 -3.69 8.05 11.27
CA VAL A 32 -4.18 6.97 12.13
C VAL A 32 -3.36 6.86 13.43
N GLN A 33 -2.20 7.50 13.46
CA GLN A 33 -1.33 7.46 14.64
C GLN A 33 -2.13 7.75 15.93
N PRO A 34 -2.83 8.89 16.00
CA PRO A 34 -3.62 9.25 17.18
C PRO A 34 -4.52 8.13 17.65
N GLU A 35 -4.89 7.24 16.74
CA GLU A 35 -5.75 6.11 17.07
C GLU A 35 -4.95 4.98 17.71
N GLY A 36 -3.73 4.78 17.22
CA GLY A 36 -2.89 3.73 17.75
C GLY A 36 -3.39 2.34 17.41
N ASN A 37 -2.83 1.76 16.35
CA ASN A 37 -3.23 0.43 15.92
C ASN A 37 -2.02 -0.45 15.68
N GLU A 38 -2.26 -1.71 15.31
CA GLU A 38 -1.19 -2.66 15.05
C GLU A 38 -1.27 -3.20 13.62
N VAL A 39 -0.23 -2.93 12.83
CA VAL A 39 -0.21 -3.39 11.44
C VAL A 39 1.17 -3.16 10.82
N GLU A 40 1.43 -3.87 9.72
CA GLU A 40 2.70 -3.75 9.02
C GLU A 40 2.48 -3.76 7.51
N MET A 41 2.83 -2.65 6.85
CA MET A 41 2.65 -2.54 5.41
C MET A 41 3.99 -2.33 4.69
N THR A 42 4.09 -2.87 3.48
CA THR A 42 5.30 -2.73 2.69
C THR A 42 4.98 -2.18 1.30
N VAL A 43 5.13 -0.87 1.14
CA VAL A 43 4.82 -0.23 -0.14
C VAL A 43 6.03 -0.18 -1.06
N ARG A 44 5.84 -0.63 -2.29
CA ARG A 44 6.89 -0.62 -3.29
C ARG A 44 6.41 0.00 -4.59
N ILE A 45 6.98 1.15 -4.93
CA ILE A 45 6.60 1.85 -6.15
C ILE A 45 7.75 1.84 -7.15
N VAL A 46 7.65 0.94 -8.13
CA VAL A 46 8.68 0.81 -9.15
C VAL A 46 8.06 0.75 -10.54
N ASP A 47 8.87 1.04 -11.56
CA ASP A 47 8.39 1.01 -12.94
C ASP A 47 7.60 -0.27 -13.23
N GLU A 48 6.91 -0.30 -14.36
CA GLU A 48 6.12 -1.46 -14.73
C GLU A 48 7.02 -2.64 -15.10
N ALA A 49 7.99 -2.40 -15.98
CA ALA A 49 8.91 -3.45 -16.40
C ALA A 49 9.71 -4.00 -15.24
N GLU A 50 10.36 -3.12 -14.50
CA GLU A 50 11.17 -3.51 -13.35
C GLU A 50 10.36 -4.35 -12.37
N SER A 51 9.16 -3.87 -12.04
CA SER A 51 8.30 -4.59 -11.10
C SER A 51 7.97 -5.98 -11.63
N HIS A 52 7.41 -6.02 -12.84
CA HIS A 52 7.06 -7.29 -13.47
C HIS A 52 8.25 -8.23 -13.51
N GLU A 53 9.40 -7.69 -13.90
CA GLU A 53 10.63 -8.47 -13.95
C GLU A 53 11.01 -8.91 -12.54
N LEU A 54 10.87 -7.98 -11.59
CA LEU A 54 11.20 -8.26 -10.20
C LEU A 54 10.39 -9.44 -9.67
N ASN A 55 9.10 -9.46 -9.98
CA ASN A 55 8.22 -10.54 -9.52
C ASN A 55 8.51 -11.83 -10.27
N LEU A 56 8.51 -11.73 -11.59
CA LEU A 56 8.73 -12.89 -12.45
C LEU A 56 10.15 -13.43 -12.37
N THR A 57 11.10 -12.59 -11.95
CA THR A 57 12.49 -13.01 -11.87
C THR A 57 12.78 -13.76 -10.57
N TYR A 58 12.03 -13.44 -9.51
CA TYR A 58 12.25 -14.08 -8.22
C TYR A 58 11.08 -14.96 -7.78
N ARG A 59 10.00 -15.01 -8.57
CA ARG A 59 8.85 -15.83 -8.19
C ARG A 59 8.01 -16.28 -9.38
N GLY A 60 7.92 -15.45 -10.42
CA GLY A 60 7.11 -15.81 -11.58
C GLY A 60 5.66 -15.37 -11.39
N LYS A 61 5.48 -14.12 -10.99
CA LYS A 61 4.16 -13.56 -10.75
C LYS A 61 3.41 -13.26 -12.05
N ASP A 62 2.33 -12.48 -11.93
CA ASP A 62 1.48 -12.10 -13.05
C ASP A 62 2.28 -11.52 -14.23
N ARG A 63 1.61 -10.68 -15.02
CA ARG A 63 2.21 -10.07 -16.20
C ARG A 63 1.97 -8.55 -16.16
N PRO A 64 2.15 -7.81 -17.28
CA PRO A 64 1.93 -6.36 -17.30
C PRO A 64 0.69 -5.95 -16.53
N THR A 65 0.88 -5.67 -15.24
CA THR A 65 -0.21 -5.28 -14.36
C THR A 65 -0.22 -3.78 -14.09
N ASN A 66 -1.02 -3.38 -13.11
CA ASN A 66 -1.13 -1.97 -12.73
C ASN A 66 -0.99 -1.81 -11.21
N VAL A 67 -1.46 -2.81 -10.47
CA VAL A 67 -1.37 -2.78 -9.02
C VAL A 67 -1.09 -4.18 -8.46
N LEU A 68 0.16 -4.60 -8.58
CA LEU A 68 0.57 -5.91 -8.09
C LEU A 68 1.09 -5.82 -6.66
N SER A 69 0.64 -6.74 -5.81
CA SER A 69 1.06 -6.75 -4.41
C SER A 69 1.47 -8.16 -3.97
N PHE A 70 2.33 -8.22 -2.95
CA PHE A 70 2.79 -9.50 -2.44
C PHE A 70 2.18 -9.78 -1.06
N PRO A 71 1.15 -10.64 -1.00
CA PRO A 71 0.48 -10.98 0.25
C PRO A 71 1.35 -11.85 1.16
N PHE A 72 1.09 -11.80 2.45
CA PHE A 72 1.85 -12.60 3.42
C PHE A 72 1.41 -14.05 3.38
N GLU A 73 2.06 -14.89 4.21
CA GLU A 73 1.73 -16.30 4.27
C GLU A 73 0.31 -16.50 4.78
N CYS A 74 -0.52 -17.17 3.99
CA CYS A 74 -1.90 -17.43 4.36
C CYS A 74 -2.12 -18.91 4.67
N PRO A 75 -1.53 -19.40 5.77
CA PRO A 75 -1.66 -20.80 6.18
C PRO A 75 -3.10 -21.20 6.46
N ASP A 76 -3.61 -20.81 7.63
CA ASP A 76 -4.98 -21.14 8.00
C ASP A 76 -5.80 -19.87 8.27
N GLU A 77 -5.63 -19.31 9.46
CA GLU A 77 -6.36 -18.09 9.84
C GLU A 77 -5.42 -17.02 10.37
N VAL A 78 -4.43 -17.45 11.17
CA VAL A 78 -3.45 -16.54 11.76
C VAL A 78 -4.09 -15.26 12.28
N GLU A 79 -4.40 -15.24 13.57
CA GLU A 79 -5.02 -14.06 14.19
C GLU A 79 -3.96 -13.04 14.58
N LEU A 80 -3.43 -12.33 13.59
CA LEU A 80 -2.41 -11.30 13.83
C LEU A 80 -2.50 -10.19 12.79
N PRO A 81 -2.54 -8.92 13.23
CA PRO A 81 -2.63 -7.77 12.33
C PRO A 81 -1.46 -7.70 11.35
N LEU A 82 -1.76 -7.36 10.10
CA LEU A 82 -0.74 -7.26 9.06
C LEU A 82 -1.33 -6.77 7.75
N LEU A 83 -0.47 -6.33 6.84
CA LEU A 83 -0.91 -5.83 5.55
C LEU A 83 -0.19 -6.54 4.41
N GLY A 84 1.10 -6.81 4.59
CA GLY A 84 1.88 -7.48 3.58
C GLY A 84 2.69 -6.52 2.73
N ASP A 85 3.09 -6.97 1.55
CA ASP A 85 3.88 -6.14 0.64
C ASP A 85 3.04 -5.71 -0.56
N LEU A 86 3.37 -4.56 -1.14
CA LEU A 86 2.64 -4.04 -2.28
C LEU A 86 3.58 -3.44 -3.32
N VAL A 87 3.38 -3.81 -4.59
CA VAL A 87 4.19 -3.30 -5.69
C VAL A 87 3.32 -2.51 -6.65
N ILE A 88 3.04 -1.25 -6.29
CA ILE A 88 2.23 -0.39 -7.12
C ILE A 88 3.02 0.23 -8.27
N CYS A 89 2.40 0.33 -9.44
CA CYS A 89 3.03 0.90 -10.61
C CYS A 89 2.59 2.34 -10.81
N ARG A 90 3.46 3.28 -10.45
CA ARG A 90 3.15 4.70 -10.57
C ARG A 90 2.70 5.07 -11.98
N GLN A 91 3.17 4.32 -12.97
CA GLN A 91 2.84 4.58 -14.37
C GLN A 91 1.35 4.91 -14.55
N VAL A 92 0.47 4.12 -13.93
CA VAL A 92 -0.97 4.33 -14.07
C VAL A 92 -1.52 5.35 -13.06
N VAL A 93 -1.26 5.12 -11.77
CA VAL A 93 -1.74 6.01 -10.74
C VAL A 93 -1.13 7.41 -10.87
N GLU A 94 0.15 7.47 -11.22
CA GLU A 94 0.82 8.76 -11.40
C GLU A 94 0.21 9.50 -12.59
N ARG A 95 0.07 8.80 -13.71
CA ARG A 95 -0.51 9.38 -14.90
C ARG A 95 -1.94 9.84 -14.61
N GLU A 96 -2.74 8.94 -14.04
CA GLU A 96 -4.12 9.24 -13.70
C GLU A 96 -4.18 10.42 -12.73
N ALA A 97 -3.28 10.40 -11.74
CA ALA A 97 -3.22 11.47 -10.75
C ALA A 97 -2.82 12.78 -11.41
N SER A 98 -1.81 12.73 -12.27
CA SER A 98 -1.34 13.91 -12.98
C SER A 98 -2.43 14.46 -13.87
N GLU A 99 -3.21 13.56 -14.46
CA GLU A 99 -4.30 13.96 -15.34
C GLU A 99 -5.52 14.38 -14.54
N GLN A 100 -5.67 13.81 -13.34
CA GLN A 100 -6.78 14.12 -12.47
C GLN A 100 -6.58 15.47 -11.79
N GLU A 101 -5.31 15.84 -11.60
CA GLU A 101 -4.97 17.11 -10.96
C GLU A 101 -5.28 17.07 -9.46
N LYS A 102 -4.83 16.01 -8.80
CA LYS A 102 -5.06 15.85 -7.37
C LYS A 102 -3.74 15.67 -6.63
N PRO A 103 -3.66 16.13 -5.37
CA PRO A 103 -2.45 16.02 -4.55
C PRO A 103 -1.89 14.60 -4.53
N LEU A 104 -0.56 14.49 -4.44
CA LEU A 104 0.10 13.20 -4.41
C LEU A 104 -0.03 12.55 -3.04
N MET A 105 -0.59 13.28 -2.08
CA MET A 105 -0.77 12.76 -0.74
C MET A 105 -1.75 11.60 -0.73
N ALA A 106 -2.94 11.83 -1.30
CA ALA A 106 -3.96 10.80 -1.38
C ALA A 106 -3.55 9.72 -2.37
N HIS A 107 -2.69 10.08 -3.31
CA HIS A 107 -2.20 9.16 -4.32
C HIS A 107 -1.66 7.88 -3.68
N TRP A 108 -0.62 8.02 -2.89
CA TRP A 108 -0.02 6.86 -2.22
C TRP A 108 -0.97 6.26 -1.20
N ALA A 109 -1.47 7.10 -0.29
CA ALA A 109 -2.39 6.66 0.76
C ALA A 109 -3.51 5.79 0.19
N HIS A 110 -4.15 6.27 -0.87
CA HIS A 110 -5.24 5.52 -1.50
C HIS A 110 -4.71 4.29 -2.21
N MET A 111 -3.75 4.49 -3.11
CA MET A 111 -3.17 3.39 -3.88
C MET A 111 -2.82 2.20 -2.99
N VAL A 112 -2.12 2.47 -1.89
CA VAL A 112 -1.74 1.40 -0.97
C VAL A 112 -2.95 0.63 -0.46
N VAL A 113 -3.83 1.32 0.25
CA VAL A 113 -5.04 0.72 0.80
C VAL A 113 -5.87 0.02 -0.29
N HIS A 114 -5.86 0.58 -1.50
CA HIS A 114 -6.61 0.02 -2.61
C HIS A 114 -5.92 -1.24 -3.15
N GLY A 115 -4.62 -1.15 -3.35
CA GLY A 115 -3.86 -2.27 -3.87
C GLY A 115 -3.53 -3.32 -2.81
N SER A 116 -3.99 -3.09 -1.58
CA SER A 116 -3.72 -4.03 -0.49
C SER A 116 -4.90 -4.99 -0.29
N LEU A 117 -6.12 -4.46 -0.31
CA LEU A 117 -7.30 -5.29 -0.13
C LEU A 117 -7.76 -5.95 -1.43
N HIS A 118 -7.95 -5.14 -2.46
CA HIS A 118 -8.39 -5.64 -3.76
C HIS A 118 -7.44 -6.72 -4.28
N LEU A 119 -6.22 -6.74 -3.77
CA LEU A 119 -5.23 -7.72 -4.21
C LEU A 119 -5.23 -8.98 -3.33
N LEU A 120 -5.30 -8.79 -2.01
CA LEU A 120 -5.27 -9.93 -1.10
C LEU A 120 -6.47 -9.97 -0.16
N GLY A 121 -6.96 -8.80 0.23
CA GLY A 121 -8.09 -8.74 1.15
C GLY A 121 -7.66 -8.99 2.58
N TYR A 122 -6.92 -8.05 3.14
CA TYR A 122 -6.43 -8.17 4.51
C TYR A 122 -7.54 -7.95 5.56
N ASP A 123 -8.79 -8.02 5.13
CA ASP A 123 -9.91 -7.84 6.05
C ASP A 123 -10.43 -9.19 6.53
N HIS A 124 -9.50 -10.09 6.85
CA HIS A 124 -9.87 -11.43 7.32
C HIS A 124 -9.94 -11.49 8.84
N ILE A 125 -10.30 -12.66 9.36
CA ILE A 125 -10.43 -12.89 10.81
C ILE A 125 -11.21 -11.77 11.50
N GLU A 126 -12.31 -12.14 12.13
CA GLU A 126 -13.14 -11.18 12.83
C GLU A 126 -12.65 -10.93 14.26
N ASP A 127 -11.52 -11.53 14.61
CA ASP A 127 -10.97 -11.39 15.96
C ASP A 127 -10.04 -10.19 16.06
N ASP A 128 -8.86 -10.28 15.43
CA ASP A 128 -7.88 -9.20 15.50
C ASP A 128 -7.93 -8.27 14.29
N GLU A 129 -7.31 -8.70 13.20
CA GLU A 129 -7.25 -7.90 11.97
C GLU A 129 -8.56 -7.18 11.67
N ALA A 130 -9.68 -7.83 11.97
CA ALA A 130 -10.99 -7.23 11.72
C ALA A 130 -11.08 -5.81 12.30
N GLU A 131 -11.21 -5.72 13.61
CA GLU A 131 -11.31 -4.42 14.27
C GLU A 131 -10.11 -3.54 13.94
N GLU A 132 -8.91 -4.09 14.12
CA GLU A 132 -7.67 -3.36 13.84
C GLU A 132 -7.71 -2.75 12.44
N MET A 133 -7.92 -3.60 11.44
CA MET A 133 -7.99 -3.14 10.06
C MET A 133 -9.11 -2.13 9.88
N GLU A 134 -10.27 -2.43 10.46
CA GLU A 134 -11.42 -1.54 10.36
C GLU A 134 -11.04 -0.13 10.85
N SER A 135 -10.66 -0.04 12.12
CA SER A 135 -10.27 1.24 12.70
C SER A 135 -9.05 1.80 12.00
N LEU A 136 -8.03 0.97 11.82
CA LEU A 136 -6.80 1.38 11.16
C LEU A 136 -7.09 1.97 9.78
N GLU A 137 -7.69 1.16 8.92
CA GLU A 137 -8.03 1.60 7.57
C GLU A 137 -8.93 2.82 7.60
N THR A 138 -10.01 2.73 8.38
CA THR A 138 -10.95 3.84 8.50
C THR A 138 -10.25 5.12 8.95
N GLN A 139 -9.20 4.96 9.75
CA GLN A 139 -8.45 6.10 10.26
C GLN A 139 -7.59 6.75 9.18
N ILE A 140 -6.79 5.94 8.48
CA ILE A 140 -5.92 6.46 7.44
C ILE A 140 -6.72 6.86 6.20
N MET A 141 -7.83 6.17 5.97
CA MET A 141 -8.68 6.46 4.82
C MET A 141 -9.69 7.57 5.12
N GLN A 142 -10.53 7.34 6.11
CA GLN A 142 -11.55 8.32 6.49
C GLN A 142 -10.95 9.53 7.21
N GLY A 143 -9.88 9.29 7.97
CA GLY A 143 -9.24 10.37 8.70
C GLY A 143 -8.95 11.58 7.83
N LEU A 144 -8.79 11.35 6.53
CA LEU A 144 -8.50 12.44 5.60
C LEU A 144 -9.49 12.43 4.43
N GLY A 145 -9.80 11.23 3.94
CA GLY A 145 -10.73 11.11 2.83
C GLY A 145 -10.06 11.36 1.49
N PHE A 146 -9.81 10.27 0.76
CA PHE A 146 -9.17 10.37 -0.55
C PHE A 146 -10.20 10.25 -1.67
N SER A 3 3.22 -2.06 16.56
CA SER A 3 2.51 -0.79 16.28
C SER A 3 2.20 -0.63 14.80
N VAL A 4 1.75 0.56 14.41
CA VAL A 4 1.42 0.83 13.01
C VAL A 4 2.65 1.31 12.25
N LEU A 5 3.16 0.47 11.35
CA LEU A 5 4.33 0.82 10.57
C LEU A 5 4.10 0.58 9.09
N VAL A 6 4.64 1.47 8.25
CA VAL A 6 4.50 1.35 6.81
C VAL A 6 5.76 1.86 6.12
N ASP A 7 6.31 1.05 5.21
CA ASP A 7 7.53 1.43 4.50
C ASP A 7 7.31 1.48 2.99
N LEU A 8 7.47 2.67 2.42
CA LEU A 8 7.31 2.87 0.99
C LEU A 8 8.64 3.24 0.36
N GLN A 9 8.97 2.62 -0.77
CA GLN A 9 10.22 2.89 -1.46
C GLN A 9 10.02 2.97 -2.97
N ILE A 10 10.81 3.81 -3.61
CA ILE A 10 10.73 3.99 -5.05
C ILE A 10 11.76 3.13 -5.77
N ALA A 11 11.49 2.83 -7.03
CA ALA A 11 12.39 2.00 -7.83
C ALA A 11 12.44 2.50 -9.26
N THR A 12 12.75 3.80 -9.42
CA THR A 12 12.84 4.40 -10.74
C THR A 12 14.15 5.16 -10.91
N GLU A 13 14.27 5.89 -12.01
CA GLU A 13 15.47 6.67 -12.29
C GLU A 13 15.20 8.15 -12.08
N ASN A 14 14.13 8.65 -12.71
CA ASN A 14 13.75 10.06 -12.59
C ASN A 14 12.27 10.19 -12.35
N ILE A 15 11.91 11.00 -11.36
CA ILE A 15 10.52 11.22 -11.01
C ILE A 15 10.24 12.69 -10.75
N GLU A 16 9.00 13.12 -10.98
CA GLU A 16 8.61 14.49 -10.75
C GLU A 16 8.18 14.70 -9.29
N GLY A 17 9.06 14.32 -8.38
CA GLY A 17 8.77 14.45 -6.96
C GLY A 17 8.89 13.13 -6.22
N LEU A 18 10.13 12.76 -5.88
CA LEU A 18 10.39 11.51 -5.18
C LEU A 18 9.46 11.34 -3.98
N PRO A 19 8.48 10.42 -4.06
CA PRO A 19 7.54 10.18 -2.96
C PRO A 19 8.24 9.80 -1.68
N THR A 20 8.48 10.80 -0.82
CA THR A 20 9.15 10.57 0.45
C THR A 20 8.25 9.84 1.43
N GLU A 21 8.78 8.79 2.06
CA GLU A 21 8.02 8.00 3.02
C GLU A 21 7.58 8.85 4.21
N GLU A 22 8.49 9.64 4.74
CA GLU A 22 8.19 10.50 5.88
C GLU A 22 6.91 11.30 5.64
N GLN A 23 6.87 12.02 4.52
CA GLN A 23 5.71 12.83 4.17
C GLN A 23 4.47 11.95 4.00
N ILE A 24 4.50 11.06 3.01
CA ILE A 24 3.38 10.16 2.75
C ILE A 24 2.96 9.41 4.01
N VAL A 25 3.88 8.59 4.53
CA VAL A 25 3.63 7.81 5.73
C VAL A 25 3.06 8.68 6.86
N GLN A 26 3.75 9.75 7.19
CA GLN A 26 3.30 10.65 8.24
C GLN A 26 1.93 11.24 7.92
N TRP A 27 1.81 11.81 6.72
CA TRP A 27 0.55 12.41 6.29
C TRP A 27 -0.61 11.42 6.45
N ALA A 28 -0.54 10.31 5.73
CA ALA A 28 -1.58 9.30 5.79
C ALA A 28 -1.50 8.46 7.06
N THR A 29 -0.54 7.54 7.09
CA THR A 29 -0.37 6.66 8.25
C THR A 29 -0.29 7.46 9.56
N GLY A 30 0.36 8.61 9.51
CA GLY A 30 0.47 9.42 10.72
C GLY A 30 -0.88 9.84 11.25
N ALA A 31 -1.79 10.21 10.34
CA ALA A 31 -3.13 10.62 10.72
C ALA A 31 -3.90 9.48 11.38
N VAL A 32 -3.54 8.24 11.05
CA VAL A 32 -4.21 7.07 11.62
C VAL A 32 -3.50 6.54 12.86
N GLN A 33 -2.35 7.12 13.21
CA GLN A 33 -1.61 6.68 14.39
C GLN A 33 -1.48 7.78 15.44
N PRO A 34 -2.57 8.52 15.72
CA PRO A 34 -2.54 9.60 16.71
C PRO A 34 -2.61 9.06 18.14
N GLU A 35 -3.42 8.03 18.33
CA GLU A 35 -3.59 7.41 19.65
C GLU A 35 -2.74 6.15 19.76
N GLY A 36 -2.96 5.21 18.86
CA GLY A 36 -2.20 3.97 18.88
C GLY A 36 -2.83 2.89 18.00
N ASN A 37 -2.02 2.31 17.12
CA ASN A 37 -2.49 1.26 16.23
C ASN A 37 -1.49 0.11 16.16
N GLU A 38 -1.81 -0.90 15.36
CA GLU A 38 -0.93 -2.05 15.20
C GLU A 38 -1.06 -2.66 13.81
N VAL A 39 0.00 -2.55 13.01
CA VAL A 39 0.00 -3.10 11.65
C VAL A 39 1.34 -2.84 10.96
N GLU A 40 1.58 -3.57 9.88
CA GLU A 40 2.81 -3.43 9.11
C GLU A 40 2.52 -3.45 7.62
N MET A 41 2.90 -2.38 6.92
CA MET A 41 2.67 -2.28 5.48
C MET A 41 3.96 -2.03 4.72
N THR A 42 4.07 -2.63 3.54
CA THR A 42 5.24 -2.47 2.69
C THR A 42 4.82 -2.01 1.29
N VAL A 43 5.44 -0.94 0.81
CA VAL A 43 5.12 -0.40 -0.51
C VAL A 43 6.36 -0.22 -1.37
N ARG A 44 6.27 -0.67 -2.62
CA ARG A 44 7.38 -0.55 -3.56
C ARG A 44 6.90 -0.01 -4.91
N ILE A 45 7.53 1.06 -5.37
CA ILE A 45 7.17 1.67 -6.64
C ILE A 45 8.21 1.35 -7.71
N VAL A 46 7.91 0.40 -8.57
CA VAL A 46 8.84 0.02 -9.63
C VAL A 46 8.12 -0.05 -10.98
N ASP A 47 8.85 0.33 -12.05
CA ASP A 47 8.30 0.33 -13.40
C ASP A 47 7.58 -0.98 -13.72
N GLU A 48 6.93 -1.02 -14.87
CA GLU A 48 6.19 -2.21 -15.30
C GLU A 48 7.15 -3.36 -15.58
N ALA A 49 7.96 -3.21 -16.63
CA ALA A 49 8.92 -4.25 -17.02
C ALA A 49 9.80 -4.65 -15.84
N GLU A 50 10.33 -3.64 -15.15
CA GLU A 50 11.20 -3.90 -13.99
C GLU A 50 10.47 -4.70 -12.93
N SER A 51 9.20 -4.39 -12.72
CA SER A 51 8.39 -5.08 -11.73
C SER A 51 8.05 -6.49 -12.21
N HIS A 52 7.33 -6.57 -13.32
CA HIS A 52 6.94 -7.85 -13.90
C HIS A 52 8.15 -8.75 -14.12
N GLU A 53 9.31 -8.14 -14.30
CA GLU A 53 10.54 -8.89 -14.49
C GLU A 53 11.13 -9.25 -13.13
N LEU A 54 10.99 -8.31 -12.19
CA LEU A 54 11.49 -8.50 -10.83
C LEU A 54 10.79 -9.68 -10.15
N ASN A 55 9.47 -9.57 -10.05
CA ASN A 55 8.68 -10.61 -9.41
C ASN A 55 8.86 -11.96 -10.10
N LEU A 56 8.74 -11.96 -11.42
CA LEU A 56 8.88 -13.19 -12.20
C LEU A 56 10.28 -13.78 -12.07
N THR A 57 11.29 -12.98 -12.35
CA THR A 57 12.68 -13.44 -12.30
C THR A 57 13.01 -14.15 -10.98
N TYR A 58 12.25 -13.85 -9.93
CA TYR A 58 12.53 -14.46 -8.63
C TYR A 58 11.47 -15.49 -8.22
N ARG A 59 10.24 -15.37 -8.73
CA ARG A 59 9.19 -16.31 -8.34
C ARG A 59 8.25 -16.68 -9.50
N GLY A 60 8.02 -15.75 -10.42
CA GLY A 60 7.12 -16.01 -11.52
C GLY A 60 5.71 -15.55 -11.23
N LYS A 61 5.59 -14.32 -10.74
CA LYS A 61 4.29 -13.75 -10.39
C LYS A 61 3.43 -13.49 -11.62
N ASP A 62 2.36 -12.72 -11.43
CA ASP A 62 1.43 -12.39 -12.50
C ASP A 62 2.12 -11.81 -13.73
N ARG A 63 1.32 -11.28 -14.64
CA ARG A 63 1.79 -10.68 -15.88
C ARG A 63 1.41 -9.20 -15.90
N PRO A 64 1.77 -8.43 -16.97
CA PRO A 64 1.44 -7.01 -17.06
C PRO A 64 0.17 -6.63 -16.30
N THR A 65 0.37 -6.30 -15.03
CA THR A 65 -0.72 -5.94 -14.14
C THR A 65 -0.87 -4.42 -14.02
N ASN A 66 -1.63 -4.00 -13.02
CA ASN A 66 -1.87 -2.58 -12.77
C ASN A 66 -1.47 -2.23 -11.34
N VAL A 67 -1.83 -3.10 -10.40
CA VAL A 67 -1.52 -2.90 -8.99
C VAL A 67 -1.06 -4.21 -8.35
N LEU A 68 0.12 -4.68 -8.74
CA LEU A 68 0.67 -5.93 -8.22
C LEU A 68 1.30 -5.70 -6.84
N SER A 69 1.00 -6.59 -5.90
CA SER A 69 1.54 -6.51 -4.57
C SER A 69 2.03 -7.87 -4.10
N PHE A 70 2.78 -7.88 -2.99
CA PHE A 70 3.31 -9.13 -2.45
C PHE A 70 2.67 -9.45 -1.10
N PRO A 71 1.62 -10.29 -1.10
CA PRO A 71 0.92 -10.68 0.12
C PRO A 71 1.68 -11.71 0.93
N PHE A 72 1.61 -11.59 2.26
CA PHE A 72 2.29 -12.52 3.15
C PHE A 72 1.57 -13.87 3.16
N GLU A 73 2.11 -14.82 3.92
CA GLU A 73 1.54 -16.16 4.02
C GLU A 73 0.03 -16.08 4.25
N CYS A 74 -0.72 -16.99 3.64
CA CYS A 74 -2.17 -17.01 3.78
C CYS A 74 -2.65 -18.28 4.48
N PRO A 75 -2.32 -18.44 5.77
CA PRO A 75 -2.72 -19.62 6.54
C PRO A 75 -4.21 -19.58 6.91
N ASP A 76 -4.61 -20.38 7.88
CA ASP A 76 -6.00 -20.43 8.31
C ASP A 76 -6.54 -19.03 8.59
N GLU A 77 -6.25 -18.51 9.78
CA GLU A 77 -6.70 -17.18 10.18
C GLU A 77 -5.55 -16.36 10.73
N VAL A 78 -4.74 -16.97 11.58
CA VAL A 78 -3.58 -16.31 12.19
C VAL A 78 -3.95 -14.91 12.68
N GLU A 79 -4.27 -14.81 13.97
CA GLU A 79 -4.64 -13.53 14.57
C GLU A 79 -3.41 -12.65 14.81
N LEU A 80 -3.15 -11.74 13.88
CA LEU A 80 -2.02 -10.82 13.99
C LEU A 80 -2.17 -9.66 13.01
N PRO A 81 -1.70 -8.46 13.41
CA PRO A 81 -1.77 -7.27 12.57
C PRO A 81 -0.71 -7.25 11.48
N LEU A 82 -1.13 -6.93 10.25
CA LEU A 82 -0.22 -6.88 9.11
C LEU A 82 -0.92 -6.37 7.86
N LEU A 83 -0.15 -5.94 6.88
CA LEU A 83 -0.71 -5.44 5.62
C LEU A 83 -0.12 -6.16 4.41
N GLY A 84 1.19 -6.38 4.44
CA GLY A 84 1.86 -7.05 3.34
C GLY A 84 2.73 -6.11 2.54
N ASP A 85 3.26 -6.61 1.42
CA ASP A 85 4.12 -5.79 0.56
C ASP A 85 3.37 -5.35 -0.70
N LEU A 86 3.84 -4.29 -1.34
CA LEU A 86 3.22 -3.77 -2.55
C LEU A 86 4.24 -3.47 -3.64
N VAL A 87 3.81 -3.59 -4.89
CA VAL A 87 4.67 -3.33 -6.05
C VAL A 87 3.89 -2.62 -7.14
N ILE A 88 3.75 -1.30 -7.02
CA ILE A 88 3.00 -0.52 -8.00
C ILE A 88 3.92 0.30 -8.91
N CYS A 89 3.37 0.77 -10.02
CA CYS A 89 4.13 1.57 -10.98
C CYS A 89 3.88 3.06 -10.74
N ARG A 90 4.88 3.88 -11.04
CA ARG A 90 4.78 5.32 -10.85
C ARG A 90 4.11 6.01 -12.05
N GLN A 91 3.79 5.24 -13.09
CA GLN A 91 3.18 5.81 -14.28
C GLN A 91 1.65 5.77 -14.23
N VAL A 92 1.07 4.72 -13.65
CA VAL A 92 -0.39 4.59 -13.58
C VAL A 92 -1.01 5.46 -12.50
N VAL A 93 -0.65 5.22 -11.24
CA VAL A 93 -1.21 5.97 -10.13
C VAL A 93 -0.85 7.45 -10.23
N GLU A 94 0.38 7.73 -10.65
CA GLU A 94 0.82 9.11 -10.80
C GLU A 94 -0.02 9.80 -11.86
N ARG A 95 -0.40 9.06 -12.89
CA ARG A 95 -1.22 9.60 -13.97
C ARG A 95 -2.63 9.85 -13.44
N GLU A 96 -3.16 8.88 -12.70
CA GLU A 96 -4.50 9.00 -12.13
C GLU A 96 -4.54 10.17 -11.15
N ALA A 97 -3.46 10.32 -10.38
CA ALA A 97 -3.37 11.39 -9.40
C ALA A 97 -3.18 12.74 -10.10
N SER A 98 -2.18 12.82 -10.96
CA SER A 98 -1.91 14.06 -11.69
C SER A 98 -3.12 14.46 -12.53
N GLU A 99 -3.86 13.47 -13.01
CA GLU A 99 -5.04 13.72 -13.82
C GLU A 99 -6.24 14.05 -12.92
N GLN A 100 -6.26 13.47 -11.73
CA GLN A 100 -7.34 13.71 -10.78
C GLN A 100 -7.28 15.13 -10.24
N GLU A 101 -6.13 15.78 -10.39
CA GLU A 101 -5.95 17.15 -9.92
C GLU A 101 -5.92 17.20 -8.39
N LYS A 102 -5.38 16.15 -7.78
CA LYS A 102 -5.29 16.07 -6.33
C LYS A 102 -3.87 15.70 -5.89
N PRO A 103 -3.41 16.24 -4.75
CA PRO A 103 -2.06 15.96 -4.23
C PRO A 103 -1.81 14.46 -4.10
N LEU A 104 -0.58 14.05 -4.40
CA LEU A 104 -0.20 12.65 -4.31
C LEU A 104 -0.32 12.14 -2.87
N MET A 105 -0.34 13.06 -1.91
CA MET A 105 -0.46 12.71 -0.50
C MET A 105 -1.55 11.66 -0.28
N ALA A 106 -2.79 12.08 -0.38
CA ALA A 106 -3.93 11.18 -0.20
C ALA A 106 -3.85 10.03 -1.21
N HIS A 107 -3.46 10.36 -2.44
CA HIS A 107 -3.34 9.37 -3.49
C HIS A 107 -2.58 8.15 -3.01
N TRP A 108 -1.38 8.37 -2.47
CA TRP A 108 -0.56 7.29 -1.95
C TRP A 108 -1.31 6.50 -0.88
N ALA A 109 -1.86 7.21 0.09
CA ALA A 109 -2.63 6.58 1.16
C ALA A 109 -3.66 5.62 0.58
N HIS A 110 -4.35 6.07 -0.45
CA HIS A 110 -5.34 5.24 -1.13
C HIS A 110 -4.65 4.21 -2.03
N MET A 111 -3.50 4.62 -2.57
CA MET A 111 -2.73 3.76 -3.45
C MET A 111 -2.27 2.49 -2.71
N VAL A 112 -1.96 2.64 -1.43
CA VAL A 112 -1.51 1.51 -0.62
C VAL A 112 -2.67 0.62 -0.19
N VAL A 113 -3.78 1.24 0.22
CA VAL A 113 -4.96 0.48 0.66
C VAL A 113 -5.69 -0.18 -0.50
N HIS A 114 -5.89 0.57 -1.58
CA HIS A 114 -6.60 0.04 -2.75
C HIS A 114 -5.81 -1.11 -3.38
N GLY A 115 -4.47 -1.01 -3.32
CA GLY A 115 -3.63 -2.03 -3.89
C GLY A 115 -3.31 -3.14 -2.90
N SER A 116 -3.43 -2.84 -1.61
CA SER A 116 -3.13 -3.83 -0.57
C SER A 116 -4.28 -4.82 -0.42
N LEU A 117 -5.50 -4.31 -0.46
CA LEU A 117 -6.68 -5.16 -0.31
C LEU A 117 -7.09 -5.82 -1.62
N HIS A 118 -7.29 -4.99 -2.65
CA HIS A 118 -7.70 -5.49 -3.96
C HIS A 118 -6.75 -6.58 -4.47
N LEU A 119 -5.54 -6.62 -3.93
CA LEU A 119 -4.55 -7.62 -4.35
C LEU A 119 -4.61 -8.88 -3.50
N LEU A 120 -4.99 -8.76 -2.24
CA LEU A 120 -5.04 -9.92 -1.36
C LEU A 120 -6.23 -9.87 -0.40
N GLY A 121 -6.54 -8.70 0.13
CA GLY A 121 -7.64 -8.58 1.06
C GLY A 121 -7.20 -8.82 2.49
N TYR A 122 -6.43 -7.90 3.04
CA TYR A 122 -5.92 -8.01 4.40
C TYR A 122 -7.01 -7.78 5.45
N ASP A 123 -8.28 -7.83 5.03
CA ASP A 123 -9.39 -7.63 5.96
C ASP A 123 -9.91 -8.97 6.48
N HIS A 124 -9.09 -10.00 6.39
CA HIS A 124 -9.48 -11.33 6.84
C HIS A 124 -9.50 -11.41 8.37
N ILE A 125 -9.84 -12.59 8.88
CA ILE A 125 -9.91 -12.81 10.33
C ILE A 125 -10.96 -11.90 10.96
N GLU A 126 -11.64 -12.41 11.98
CA GLU A 126 -12.67 -11.65 12.67
C GLU A 126 -12.25 -11.27 14.10
N ASP A 127 -11.10 -11.78 14.53
CA ASP A 127 -10.62 -11.51 15.89
C ASP A 127 -9.76 -10.24 15.95
N ASP A 128 -8.57 -10.30 15.36
CA ASP A 128 -7.64 -9.17 15.38
C ASP A 128 -7.72 -8.33 14.11
N GLU A 129 -7.05 -8.80 13.05
CA GLU A 129 -7.00 -8.09 11.77
C GLU A 129 -8.35 -7.49 11.39
N ALA A 130 -9.44 -8.13 11.80
CA ALA A 130 -10.77 -7.63 11.49
C ALA A 130 -10.95 -6.20 11.98
N GLU A 131 -11.13 -6.05 13.29
CA GLU A 131 -11.30 -4.74 13.90
C GLU A 131 -10.12 -3.83 13.55
N GLU A 132 -8.92 -4.37 13.66
CA GLU A 132 -7.70 -3.62 13.36
C GLU A 132 -7.76 -3.04 11.95
N MET A 133 -7.91 -3.93 10.97
CA MET A 133 -7.99 -3.50 9.57
C MET A 133 -9.15 -2.54 9.36
N GLU A 134 -10.31 -2.90 9.89
CA GLU A 134 -11.50 -2.06 9.76
C GLU A 134 -11.22 -0.65 10.28
N SER A 135 -10.90 -0.55 11.56
CA SER A 135 -10.62 0.74 12.18
C SER A 135 -9.41 1.40 11.51
N LEU A 136 -8.36 0.62 11.29
CA LEU A 136 -7.15 1.13 10.67
C LEU A 136 -7.46 1.78 9.32
N GLU A 137 -8.02 1.01 8.40
CA GLU A 137 -8.37 1.50 7.08
C GLU A 137 -9.38 2.64 7.19
N THR A 138 -10.46 2.39 7.92
CA THR A 138 -11.50 3.40 8.09
C THR A 138 -10.92 4.70 8.66
N GLN A 139 -9.83 4.59 9.41
CA GLN A 139 -9.20 5.75 10.01
C GLN A 139 -8.38 6.53 8.98
N ILE A 140 -7.45 5.85 8.31
CA ILE A 140 -6.61 6.51 7.31
C ILE A 140 -7.46 7.00 6.14
N MET A 141 -8.55 6.28 5.86
CA MET A 141 -9.44 6.63 4.76
C MET A 141 -10.48 7.66 5.18
N GLN A 142 -11.32 7.30 6.15
CA GLN A 142 -12.38 8.18 6.63
C GLN A 142 -11.84 9.29 7.52
N GLY A 143 -10.63 9.12 8.04
CA GLY A 143 -10.04 10.13 8.90
C GLY A 143 -9.28 11.22 8.16
N LEU A 144 -9.63 11.43 6.89
CA LEU A 144 -8.97 12.45 6.08
C LEU A 144 -9.91 13.02 5.01
N GLY A 145 -10.65 12.14 4.37
CA GLY A 145 -11.56 12.57 3.32
C GLY A 145 -10.86 12.66 1.98
N PHE A 146 -10.77 11.53 1.29
CA PHE A 146 -10.10 11.48 -0.01
C PHE A 146 -10.96 12.11 -1.10
N SER A 3 0.66 -1.48 16.07
CA SER A 3 1.91 -1.47 15.27
C SER A 3 1.63 -1.11 13.82
N VAL A 4 1.25 0.14 13.59
CA VAL A 4 0.96 0.62 12.25
C VAL A 4 2.19 1.20 11.57
N LEU A 5 2.56 0.65 10.41
CA LEU A 5 3.72 1.11 9.68
C LEU A 5 3.59 0.86 8.19
N VAL A 6 4.06 1.82 7.40
CA VAL A 6 4.01 1.72 5.95
C VAL A 6 5.30 2.24 5.33
N ASP A 7 5.89 1.45 4.42
CA ASP A 7 7.14 1.83 3.78
C ASP A 7 6.92 2.34 2.36
N LEU A 8 7.78 3.25 1.93
CA LEU A 8 7.71 3.82 0.59
C LEU A 8 9.00 3.52 -0.17
N GLN A 9 8.92 3.40 -1.50
CA GLN A 9 10.11 3.11 -2.29
C GLN A 9 10.04 3.70 -3.69
N ILE A 10 10.58 4.92 -3.85
CA ILE A 10 10.60 5.59 -5.13
C ILE A 10 11.80 5.08 -5.94
N ALA A 11 11.73 5.16 -7.27
CA ALA A 11 12.82 4.68 -8.10
C ALA A 11 12.94 5.43 -9.43
N THR A 12 11.80 5.70 -10.06
CA THR A 12 11.80 6.40 -11.34
C THR A 12 11.66 7.90 -11.18
N GLU A 13 12.15 8.64 -12.18
CA GLU A 13 12.08 10.10 -12.18
C GLU A 13 10.70 10.57 -11.77
N ASN A 14 9.69 9.86 -12.26
CA ASN A 14 8.27 10.11 -12.00
C ASN A 14 8.00 11.45 -11.30
N ILE A 15 6.86 11.51 -10.58
CA ILE A 15 6.41 12.72 -9.86
C ILE A 15 7.49 13.79 -9.73
N GLU A 16 7.06 15.02 -9.93
CA GLU A 16 7.95 16.17 -9.83
C GLU A 16 8.63 16.21 -8.47
N GLY A 17 7.99 15.59 -7.47
CA GLY A 17 8.55 15.54 -6.14
C GLY A 17 8.71 14.13 -5.62
N LEU A 18 9.37 14.00 -4.47
CA LEU A 18 9.60 12.69 -3.87
C LEU A 18 8.81 12.55 -2.57
N PRO A 19 7.58 11.99 -2.65
CA PRO A 19 6.73 11.79 -1.48
C PRO A 19 7.47 11.07 -0.35
N THR A 20 8.16 11.84 0.48
CA THR A 20 8.90 11.26 1.60
C THR A 20 7.98 10.50 2.54
N GLU A 21 8.36 9.25 2.84
CA GLU A 21 7.57 8.41 3.73
C GLU A 21 7.20 9.16 5.01
N GLU A 22 8.18 9.84 5.61
CA GLU A 22 7.93 10.60 6.83
C GLU A 22 6.68 11.45 6.72
N GLN A 23 6.61 12.28 5.69
CA GLN A 23 5.46 13.15 5.46
C GLN A 23 4.21 12.31 5.19
N ILE A 24 4.19 11.63 4.05
CA ILE A 24 3.06 10.79 3.67
C ILE A 24 2.60 9.92 4.83
N VAL A 25 3.50 9.09 5.33
CA VAL A 25 3.21 8.20 6.45
C VAL A 25 2.67 8.97 7.65
N GLN A 26 3.43 9.95 8.12
CA GLN A 26 3.02 10.76 9.27
C GLN A 26 1.65 11.39 9.02
N TRP A 27 1.55 12.17 7.95
CA TRP A 27 0.30 12.84 7.62
C TRP A 27 -0.87 11.85 7.59
N ALA A 28 -0.77 10.85 6.72
CA ALA A 28 -1.83 9.84 6.60
C ALA A 28 -1.78 8.83 7.75
N THR A 29 -0.84 7.89 7.68
CA THR A 29 -0.72 6.87 8.71
C THR A 29 -0.65 7.49 10.11
N GLY A 30 0.17 8.52 10.25
CA GLY A 30 0.29 9.19 11.53
C GLY A 30 -1.04 9.71 12.03
N ALA A 31 -1.87 10.20 11.11
CA ALA A 31 -3.18 10.71 11.48
C ALA A 31 -4.02 9.61 12.13
N VAL A 32 -3.67 8.36 11.83
CA VAL A 32 -4.39 7.21 12.38
C VAL A 32 -3.86 6.81 13.76
N GLN A 33 -2.58 7.07 13.98
CA GLN A 33 -1.92 6.72 15.26
C GLN A 33 -2.78 7.08 16.48
N PRO A 34 -3.23 8.35 16.59
CA PRO A 34 -4.03 8.81 17.73
C PRO A 34 -5.04 7.76 18.21
N GLU A 35 -5.60 7.00 17.28
CA GLU A 35 -6.58 5.97 17.63
C GLU A 35 -5.88 4.70 18.12
N GLY A 36 -4.94 4.20 17.32
CA GLY A 36 -4.23 3.00 17.70
C GLY A 36 -4.60 1.80 16.84
N ASN A 37 -3.72 1.45 15.90
CA ASN A 37 -3.97 0.32 15.02
C ASN A 37 -2.72 -0.54 14.89
N GLU A 38 -2.81 -1.61 14.09
CA GLU A 38 -1.67 -2.50 13.89
C GLU A 38 -1.62 -3.01 12.46
N VAL A 39 -0.58 -2.62 11.74
CA VAL A 39 -0.40 -3.02 10.34
C VAL A 39 1.01 -2.70 9.85
N GLU A 40 1.47 -3.46 8.88
CA GLU A 40 2.80 -3.26 8.31
C GLU A 40 2.76 -3.44 6.80
N MET A 41 2.75 -2.33 6.07
CA MET A 41 2.70 -2.37 4.61
C MET A 41 3.97 -1.81 3.97
N THR A 42 4.23 -2.21 2.74
CA THR A 42 5.40 -1.75 2.00
C THR A 42 4.99 -1.29 0.59
N VAL A 43 5.43 -0.11 0.19
CA VAL A 43 5.09 0.43 -1.12
C VAL A 43 6.31 0.48 -2.04
N ARG A 44 6.19 -0.21 -3.18
CA ARG A 44 7.28 -0.25 -4.16
C ARG A 44 6.90 0.48 -5.44
N ILE A 45 7.66 1.51 -5.77
CA ILE A 45 7.42 2.30 -6.98
C ILE A 45 8.41 1.92 -8.07
N VAL A 46 7.90 1.49 -9.22
CA VAL A 46 8.76 1.10 -10.34
C VAL A 46 7.92 0.69 -11.55
N ASP A 47 8.53 0.74 -12.73
CA ASP A 47 7.86 0.37 -13.96
C ASP A 47 7.26 -1.03 -13.86
N GLU A 48 6.28 -1.33 -14.70
CA GLU A 48 5.63 -2.63 -14.68
C GLU A 48 6.61 -3.72 -15.12
N ALA A 49 7.46 -3.41 -16.09
CA ALA A 49 8.44 -4.38 -16.58
C ALA A 49 9.34 -4.89 -15.47
N GLU A 50 9.97 -3.96 -14.76
CA GLU A 50 10.87 -4.30 -13.66
C GLU A 50 10.18 -5.22 -12.65
N SER A 51 9.07 -4.74 -12.09
CA SER A 51 8.32 -5.52 -11.10
C SER A 51 7.89 -6.87 -11.69
N HIS A 52 7.09 -6.81 -12.76
CA HIS A 52 6.62 -8.02 -13.42
C HIS A 52 7.75 -9.02 -13.61
N GLU A 53 8.84 -8.58 -14.23
CA GLU A 53 9.99 -9.45 -14.43
C GLU A 53 10.55 -9.90 -13.10
N LEU A 54 10.58 -8.98 -12.14
CA LEU A 54 11.10 -9.27 -10.80
C LEU A 54 10.34 -10.42 -10.16
N ASN A 55 9.03 -10.48 -10.37
CA ASN A 55 8.22 -11.55 -9.80
C ASN A 55 8.43 -12.87 -10.54
N LEU A 56 8.11 -12.86 -11.81
CA LEU A 56 8.23 -14.06 -12.64
C LEU A 56 9.67 -14.58 -12.71
N THR A 57 10.63 -13.73 -12.43
CA THR A 57 12.03 -14.14 -12.49
C THR A 57 12.49 -14.84 -11.21
N TYR A 58 11.92 -14.43 -10.07
CA TYR A 58 12.32 -15.02 -8.79
C TYR A 58 11.18 -15.80 -8.11
N ARG A 59 10.02 -15.88 -8.75
CA ARG A 59 8.90 -16.61 -8.12
C ARG A 59 7.88 -17.12 -9.14
N GLY A 60 7.68 -16.41 -10.24
CA GLY A 60 6.70 -16.84 -11.23
C GLY A 60 5.32 -16.31 -10.89
N LYS A 61 5.29 -15.16 -10.22
CA LYS A 61 4.04 -14.52 -9.81
C LYS A 61 3.10 -14.28 -10.99
N ASP A 62 2.09 -13.45 -10.76
CA ASP A 62 1.09 -13.12 -11.76
C ASP A 62 1.72 -12.64 -13.08
N ARG A 63 0.95 -11.88 -13.86
CA ARG A 63 1.40 -11.36 -15.14
C ARG A 63 1.15 -9.85 -15.21
N PRO A 64 1.38 -9.20 -16.37
CA PRO A 64 1.17 -7.76 -16.52
C PRO A 64 -0.06 -7.26 -15.79
N THR A 65 0.15 -6.85 -14.55
CA THR A 65 -0.92 -6.35 -13.70
C THR A 65 -0.82 -4.85 -13.50
N ASN A 66 -1.68 -4.30 -12.64
CA ASN A 66 -1.67 -2.88 -12.35
C ASN A 66 -1.13 -2.63 -10.95
N VAL A 67 -1.38 -3.57 -10.05
CA VAL A 67 -0.92 -3.47 -8.67
C VAL A 67 -0.60 -4.84 -8.10
N LEU A 68 0.69 -5.16 -8.00
CA LEU A 68 1.13 -6.45 -7.47
C LEU A 68 1.76 -6.30 -6.10
N SER A 69 1.23 -7.02 -5.12
CA SER A 69 1.76 -6.96 -3.76
C SER A 69 2.36 -8.29 -3.33
N PHE A 70 3.29 -8.25 -2.39
CA PHE A 70 3.94 -9.45 -1.88
C PHE A 70 3.65 -9.64 -0.40
N PRO A 71 2.49 -10.24 -0.07
CA PRO A 71 2.10 -10.50 1.31
C PRO A 71 2.83 -11.69 1.92
N PHE A 72 2.87 -11.75 3.25
CA PHE A 72 3.53 -12.84 3.95
C PHE A 72 2.86 -14.17 3.62
N GLU A 73 3.38 -15.25 4.19
CA GLU A 73 2.83 -16.60 3.96
C GLU A 73 1.31 -16.59 4.05
N CYS A 74 0.67 -17.53 3.37
CA CYS A 74 -0.78 -17.63 3.36
C CYS A 74 -1.35 -17.66 4.79
N PRO A 75 -2.20 -16.68 5.14
CA PRO A 75 -2.80 -16.59 6.48
C PRO A 75 -4.04 -17.47 6.60
N ASP A 76 -3.89 -18.63 7.21
CA ASP A 76 -5.00 -19.56 7.40
C ASP A 76 -5.80 -19.19 8.64
N GLU A 77 -5.31 -19.59 9.80
CA GLU A 77 -5.97 -19.30 11.07
C GLU A 77 -5.11 -18.39 11.93
N VAL A 78 -4.28 -17.58 11.28
CA VAL A 78 -3.39 -16.66 11.99
C VAL A 78 -4.12 -15.37 12.34
N GLU A 79 -3.88 -14.87 13.55
CA GLU A 79 -4.51 -13.63 14.00
C GLU A 79 -3.46 -12.58 14.36
N LEU A 80 -2.96 -11.88 13.35
CA LEU A 80 -1.96 -10.85 13.55
C LEU A 80 -1.98 -9.83 12.42
N PRO A 81 -1.63 -8.57 12.72
CA PRO A 81 -1.61 -7.50 11.71
C PRO A 81 -0.43 -7.63 10.74
N LEU A 82 -0.67 -7.32 9.47
CA LEU A 82 0.37 -7.42 8.46
C LEU A 82 -0.16 -7.02 7.09
N LEU A 83 0.69 -6.35 6.31
CA LEU A 83 0.32 -5.92 4.97
C LEU A 83 1.33 -6.38 3.93
N GLY A 84 2.51 -6.82 4.39
CA GLY A 84 3.54 -7.29 3.47
C GLY A 84 4.01 -6.22 2.51
N ASP A 85 4.59 -6.66 1.39
CA ASP A 85 5.08 -5.74 0.37
C ASP A 85 3.98 -5.37 -0.61
N LEU A 86 4.14 -4.23 -1.29
CA LEU A 86 3.14 -3.78 -2.25
C LEU A 86 3.79 -3.05 -3.43
N VAL A 87 4.06 -3.79 -4.50
CA VAL A 87 4.65 -3.20 -5.70
C VAL A 87 3.56 -2.63 -6.60
N ILE A 88 3.72 -1.37 -7.00
CA ILE A 88 2.71 -0.74 -7.85
C ILE A 88 3.31 -0.12 -9.11
N CYS A 89 2.47 0.03 -10.12
CA CYS A 89 2.89 0.62 -11.39
C CYS A 89 3.06 2.13 -11.23
N ARG A 90 4.29 2.59 -11.41
CA ARG A 90 4.61 4.01 -11.27
C ARG A 90 4.00 4.85 -12.39
N GLN A 91 3.34 4.22 -13.36
CA GLN A 91 2.74 4.94 -14.47
C GLN A 91 1.24 5.14 -14.30
N VAL A 92 0.56 4.21 -13.64
CA VAL A 92 -0.88 4.30 -13.45
C VAL A 92 -1.28 5.27 -12.34
N VAL A 93 -0.85 4.99 -11.11
CA VAL A 93 -1.19 5.83 -9.97
C VAL A 93 -0.65 7.25 -10.14
N GLU A 94 0.61 7.35 -10.57
CA GLU A 94 1.23 8.65 -10.78
C GLU A 94 0.44 9.47 -11.79
N ARG A 95 0.00 8.81 -12.86
CA ARG A 95 -0.77 9.49 -13.89
C ARG A 95 -2.15 9.87 -13.36
N GLU A 96 -2.76 8.96 -12.62
CA GLU A 96 -4.07 9.23 -12.04
C GLU A 96 -3.98 10.35 -11.01
N ALA A 97 -2.98 10.27 -10.15
CA ALA A 97 -2.77 11.29 -9.11
C ALA A 97 -2.30 12.61 -9.73
N SER A 98 -1.65 12.52 -10.88
CA SER A 98 -1.15 13.71 -11.56
C SER A 98 -2.26 14.36 -12.37
N GLU A 99 -3.17 13.55 -12.89
CA GLU A 99 -4.28 14.05 -13.69
C GLU A 99 -5.44 14.47 -12.80
N GLN A 100 -5.59 13.80 -11.67
CA GLN A 100 -6.67 14.10 -10.73
C GLN A 100 -6.54 15.53 -10.19
N GLU A 101 -5.30 16.00 -10.09
CA GLU A 101 -5.04 17.35 -9.58
C GLU A 101 -5.43 17.47 -8.12
N LYS A 102 -4.95 16.54 -7.31
CA LYS A 102 -5.25 16.54 -5.88
C LYS A 102 -4.03 16.11 -5.08
N PRO A 103 -4.07 16.30 -3.74
CA PRO A 103 -2.95 15.92 -2.86
C PRO A 103 -2.45 14.50 -3.12
N LEU A 104 -1.16 14.37 -3.38
CA LEU A 104 -0.56 13.07 -3.65
C LEU A 104 -0.48 12.23 -2.38
N MET A 105 -0.20 12.89 -1.25
CA MET A 105 -0.09 12.19 0.03
C MET A 105 -1.35 11.36 0.30
N ALA A 106 -2.48 11.84 -0.20
CA ALA A 106 -3.75 11.13 -0.03
C ALA A 106 -3.86 9.98 -1.01
N HIS A 107 -3.48 10.24 -2.26
CA HIS A 107 -3.53 9.22 -3.30
C HIS A 107 -2.73 8.00 -2.89
N TRP A 108 -1.57 8.22 -2.28
CA TRP A 108 -0.73 7.13 -1.83
C TRP A 108 -1.44 6.32 -0.75
N ALA A 109 -2.02 7.02 0.22
CA ALA A 109 -2.74 6.38 1.31
C ALA A 109 -3.90 5.54 0.76
N HIS A 110 -4.66 6.12 -0.16
CA HIS A 110 -5.80 5.42 -0.76
C HIS A 110 -5.30 4.33 -1.71
N MET A 111 -4.35 4.69 -2.55
CA MET A 111 -3.79 3.76 -3.53
C MET A 111 -3.24 2.50 -2.85
N VAL A 112 -2.28 2.69 -1.94
CA VAL A 112 -1.68 1.57 -1.23
C VAL A 112 -2.74 0.59 -0.72
N VAL A 113 -3.74 1.11 -0.01
CA VAL A 113 -4.81 0.27 0.52
C VAL A 113 -5.62 -0.35 -0.61
N HIS A 114 -5.77 0.38 -1.72
CA HIS A 114 -6.52 -0.12 -2.86
C HIS A 114 -5.82 -1.31 -3.50
N GLY A 115 -4.51 -1.19 -3.68
CA GLY A 115 -3.73 -2.25 -4.29
C GLY A 115 -3.28 -3.31 -3.30
N SER A 116 -3.50 -3.07 -2.01
CA SER A 116 -3.10 -4.04 -0.99
C SER A 116 -4.18 -5.10 -0.76
N LEU A 117 -5.41 -4.65 -0.57
CA LEU A 117 -6.52 -5.57 -0.33
C LEU A 117 -7.11 -6.12 -1.62
N HIS A 118 -7.33 -5.23 -2.59
CA HIS A 118 -7.90 -5.62 -3.87
C HIS A 118 -7.13 -6.78 -4.51
N LEU A 119 -5.88 -6.98 -4.09
CA LEU A 119 -5.06 -8.03 -4.67
C LEU A 119 -5.05 -9.30 -3.80
N LEU A 120 -4.93 -9.13 -2.48
CA LEU A 120 -4.87 -10.29 -1.59
C LEU A 120 -6.04 -10.31 -0.61
N GLY A 121 -6.43 -9.15 -0.11
CA GLY A 121 -7.52 -9.10 0.84
C GLY A 121 -7.05 -9.41 2.26
N TYR A 122 -6.28 -8.49 2.83
CA TYR A 122 -5.74 -8.67 4.17
C TYR A 122 -6.81 -8.51 5.27
N ASP A 123 -8.08 -8.58 4.88
CA ASP A 123 -9.18 -8.45 5.83
C ASP A 123 -9.87 -9.81 6.00
N HIS A 124 -9.08 -10.87 6.05
CA HIS A 124 -9.60 -12.23 6.19
C HIS A 124 -10.28 -12.43 7.54
N ILE A 125 -9.49 -12.72 8.57
CA ILE A 125 -10.02 -12.95 9.91
C ILE A 125 -11.01 -11.86 10.31
N GLU A 126 -12.16 -12.27 10.82
CA GLU A 126 -13.20 -11.33 11.22
C GLU A 126 -13.08 -10.97 12.70
N ASP A 127 -12.03 -11.45 13.36
CA ASP A 127 -11.84 -11.16 14.78
C ASP A 127 -11.04 -9.87 15.01
N ASP A 128 -9.76 -9.91 14.67
CA ASP A 128 -8.89 -8.76 14.85
C ASP A 128 -8.72 -7.94 13.57
N GLU A 129 -7.95 -8.48 12.64
CA GLU A 129 -7.66 -7.82 11.36
C GLU A 129 -8.89 -7.11 10.79
N ALA A 130 -10.02 -7.81 10.77
CA ALA A 130 -11.25 -7.22 10.23
C ALA A 130 -11.53 -5.84 10.82
N GLU A 131 -11.98 -5.80 12.07
CA GLU A 131 -12.29 -4.54 12.73
C GLU A 131 -11.07 -3.61 12.74
N GLU A 132 -9.94 -4.14 13.18
CA GLU A 132 -8.70 -3.36 13.24
C GLU A 132 -8.42 -2.69 11.90
N MET A 133 -8.35 -3.50 10.84
CA MET A 133 -8.09 -2.99 9.51
C MET A 133 -9.21 -2.05 9.08
N GLU A 134 -10.44 -2.37 9.47
CA GLU A 134 -11.59 -1.55 9.13
C GLU A 134 -11.40 -0.14 9.66
N SER A 135 -11.28 -0.01 10.98
CA SER A 135 -11.07 1.29 11.61
C SER A 135 -9.77 1.90 11.13
N LEU A 136 -8.73 1.08 11.07
CA LEU A 136 -7.41 1.53 10.62
C LEU A 136 -7.49 2.13 9.23
N GLU A 137 -7.93 1.33 8.27
CA GLU A 137 -8.05 1.78 6.89
C GLU A 137 -9.03 2.95 6.79
N THR A 138 -10.13 2.86 7.52
CA THR A 138 -11.13 3.91 7.52
C THR A 138 -10.55 5.22 8.05
N GLN A 139 -9.61 5.13 8.98
CA GLN A 139 -9.00 6.32 9.56
C GLN A 139 -8.01 6.98 8.61
N ILE A 140 -7.31 6.16 7.82
CA ILE A 140 -6.34 6.71 6.86
C ILE A 140 -7.03 7.09 5.57
N MET A 141 -8.11 6.38 5.25
CA MET A 141 -8.86 6.65 4.02
C MET A 141 -9.91 7.75 4.23
N GLN A 142 -10.82 7.52 5.19
CA GLN A 142 -11.88 8.48 5.47
C GLN A 142 -11.44 9.56 6.45
N GLY A 143 -10.63 9.17 7.44
CA GLY A 143 -10.17 10.12 8.44
C GLY A 143 -9.70 11.44 7.84
N LEU A 144 -9.20 11.38 6.61
CA LEU A 144 -8.72 12.58 5.93
C LEU A 144 -9.70 13.03 4.85
N GLY A 145 -10.48 12.09 4.34
CA GLY A 145 -11.45 12.41 3.30
C GLY A 145 -10.79 12.72 1.97
N PHE A 146 -10.39 11.67 1.25
CA PHE A 146 -9.75 11.83 -0.05
C PHE A 146 -10.78 12.11 -1.14
N SER A 3 1.67 -1.51 16.77
CA SER A 3 1.99 -0.20 16.14
C SER A 3 1.93 -0.30 14.62
N VAL A 4 2.07 0.84 13.96
CA VAL A 4 2.03 0.89 12.50
C VAL A 4 3.44 0.82 11.91
N LEU A 5 3.56 0.28 10.71
CA LEU A 5 4.86 0.16 10.04
C LEU A 5 4.71 0.32 8.53
N VAL A 6 4.94 1.54 8.05
CA VAL A 6 4.84 1.82 6.62
C VAL A 6 6.22 1.86 5.98
N ASP A 7 6.41 1.07 4.93
CA ASP A 7 7.69 1.03 4.23
C ASP A 7 7.56 1.57 2.82
N LEU A 8 8.08 2.79 2.61
CA LEU A 8 8.03 3.42 1.31
C LEU A 8 9.27 3.06 0.47
N GLN A 9 9.20 1.94 -0.22
CA GLN A 9 10.32 1.49 -1.04
C GLN A 9 10.19 2.02 -2.46
N ILE A 10 11.19 2.80 -2.88
CA ILE A 10 11.21 3.37 -4.21
C ILE A 10 12.10 2.57 -5.14
N ALA A 11 11.82 2.64 -6.44
CA ALA A 11 12.61 1.91 -7.44
C ALA A 11 12.84 2.76 -8.69
N THR A 12 12.98 4.07 -8.49
CA THR A 12 13.19 4.98 -9.60
C THR A 12 14.40 5.88 -9.35
N GLU A 13 15.27 6.02 -10.34
CA GLU A 13 16.46 6.84 -10.21
C GLU A 13 16.13 8.31 -10.47
N ASN A 14 15.12 8.55 -11.30
CA ASN A 14 14.70 9.91 -11.64
C ASN A 14 13.18 10.03 -11.60
N ILE A 15 12.69 10.94 -10.76
CA ILE A 15 11.26 11.16 -10.62
C ILE A 15 10.96 12.64 -10.41
N GLU A 16 9.70 13.03 -10.65
CA GLU A 16 9.29 14.42 -10.48
C GLU A 16 8.79 14.64 -9.06
N GLY A 17 9.59 14.21 -8.08
CA GLY A 17 9.21 14.37 -6.69
C GLY A 17 9.26 13.05 -5.94
N LEU A 18 10.45 12.69 -5.47
CA LEU A 18 10.65 11.43 -4.74
C LEU A 18 9.56 11.24 -3.67
N PRO A 19 9.19 9.98 -3.41
CA PRO A 19 8.16 9.66 -2.41
C PRO A 19 8.71 9.69 -0.99
N THR A 20 8.30 10.69 -0.22
CA THR A 20 8.75 10.82 1.16
C THR A 20 7.83 10.08 2.12
N GLU A 21 8.42 9.24 2.97
CA GLU A 21 7.67 8.46 3.94
C GLU A 21 7.18 9.34 5.09
N GLU A 22 8.06 10.20 5.58
CA GLU A 22 7.72 11.09 6.68
C GLU A 22 6.39 11.79 6.43
N GLN A 23 6.28 12.46 5.28
CA GLN A 23 5.06 13.15 4.92
C GLN A 23 3.90 12.18 4.74
N ILE A 24 3.99 11.36 3.70
CA ILE A 24 2.94 10.38 3.41
C ILE A 24 2.53 9.61 4.67
N VAL A 25 3.50 8.97 5.30
CA VAL A 25 3.24 8.21 6.52
C VAL A 25 2.58 9.08 7.59
N GLN A 26 3.25 10.16 7.97
CA GLN A 26 2.72 11.06 8.99
C GLN A 26 1.33 11.58 8.62
N TRP A 27 1.23 12.26 7.48
CA TRP A 27 -0.03 12.81 7.04
C TRP A 27 -1.13 11.75 7.01
N ALA A 28 -0.93 10.69 6.22
CA ALA A 28 -1.93 9.62 6.12
C ALA A 28 -1.87 8.66 7.31
N THR A 29 -0.89 7.77 7.30
CA THR A 29 -0.74 6.79 8.36
C THR A 29 -0.64 7.44 9.74
N GLY A 30 -0.28 8.71 9.77
CA GLY A 30 -0.16 9.39 11.04
C GLY A 30 -1.51 9.80 11.58
N ALA A 31 -2.42 10.19 10.68
CA ALA A 31 -3.76 10.59 11.08
C ALA A 31 -4.47 9.44 11.80
N VAL A 32 -4.12 8.22 11.43
CA VAL A 32 -4.73 7.04 12.05
C VAL A 32 -4.07 6.67 13.37
N GLN A 33 -2.78 6.97 13.50
CA GLN A 33 -2.02 6.66 14.71
C GLN A 33 -2.77 7.05 15.99
N PRO A 34 -3.28 8.29 16.09
CA PRO A 34 -3.98 8.78 17.28
C PRO A 34 -5.12 7.85 17.73
N GLU A 35 -6.03 7.54 16.81
CA GLU A 35 -7.17 6.69 17.15
C GLU A 35 -6.99 5.27 16.60
N GLY A 36 -5.79 4.72 16.74
CA GLY A 36 -5.53 3.37 16.26
C GLY A 36 -4.17 3.22 15.61
N ASN A 37 -3.30 2.42 16.22
CA ASN A 37 -1.96 2.20 15.68
C ASN A 37 -1.59 0.72 15.75
N GLU A 38 -1.62 0.06 14.60
CA GLU A 38 -1.27 -1.36 14.51
C GLU A 38 -1.45 -1.88 13.09
N VAL A 39 -0.32 -2.22 12.44
CA VAL A 39 -0.33 -2.73 11.06
C VAL A 39 0.98 -2.40 10.36
N GLU A 40 1.30 -3.11 9.28
CA GLU A 40 2.54 -2.87 8.54
C GLU A 40 2.32 -2.94 7.03
N MET A 41 2.39 -1.78 6.38
CA MET A 41 2.21 -1.71 4.93
C MET A 41 3.51 -1.34 4.24
N THR A 42 4.03 -2.25 3.42
CA THR A 42 5.27 -2.01 2.70
C THR A 42 5.00 -1.66 1.24
N VAL A 43 4.82 -0.38 0.96
CA VAL A 43 4.54 0.08 -0.39
C VAL A 43 5.81 0.13 -1.23
N ARG A 44 5.73 -0.42 -2.44
CA ARG A 44 6.86 -0.44 -3.35
C ARG A 44 6.55 0.32 -4.64
N ILE A 45 7.39 1.30 -4.94
CA ILE A 45 7.21 2.12 -6.14
C ILE A 45 8.20 1.70 -7.23
N VAL A 46 7.67 1.30 -8.39
CA VAL A 46 8.50 0.88 -9.50
C VAL A 46 7.70 0.81 -10.79
N ASP A 47 8.41 0.87 -11.92
CA ASP A 47 7.77 0.82 -13.22
C ASP A 47 6.99 -0.48 -13.39
N GLU A 48 6.57 -0.76 -14.63
CA GLU A 48 5.81 -1.98 -14.91
C GLU A 48 6.75 -3.13 -15.27
N ALA A 49 7.56 -2.94 -16.31
CA ALA A 49 8.49 -3.96 -16.76
C ALA A 49 9.34 -4.48 -15.61
N GLU A 50 9.98 -3.56 -14.91
CA GLU A 50 10.84 -3.90 -13.77
C GLU A 50 10.09 -4.79 -12.78
N SER A 51 8.94 -4.29 -12.31
CA SER A 51 8.12 -5.04 -11.35
C SER A 51 7.75 -6.41 -11.91
N HIS A 52 7.07 -6.40 -13.05
CA HIS A 52 6.65 -7.63 -13.70
C HIS A 52 7.80 -8.63 -13.76
N GLU A 53 8.93 -8.18 -14.29
CA GLU A 53 10.11 -9.02 -14.38
C GLU A 53 10.55 -9.43 -12.97
N LEU A 54 10.30 -8.53 -12.01
CA LEU A 54 10.65 -8.77 -10.63
C LEU A 54 9.87 -9.95 -10.05
N ASN A 55 8.61 -10.06 -10.46
CA ASN A 55 7.76 -11.13 -9.98
C ASN A 55 8.24 -12.48 -10.51
N LEU A 56 8.25 -12.60 -11.82
CA LEU A 56 8.68 -13.84 -12.46
C LEU A 56 10.13 -14.16 -12.14
N THR A 57 11.01 -13.16 -12.22
CA THR A 57 12.42 -13.38 -11.91
C THR A 57 12.52 -13.95 -10.50
N TYR A 58 11.51 -13.67 -9.68
CA TYR A 58 11.47 -14.17 -8.31
C TYR A 58 10.92 -15.59 -8.27
N ARG A 59 9.82 -15.84 -8.98
CA ARG A 59 9.21 -17.17 -8.98
C ARG A 59 8.37 -17.46 -10.23
N GLY A 60 7.73 -16.45 -10.77
CA GLY A 60 6.89 -16.65 -11.95
C GLY A 60 5.46 -16.18 -11.69
N LYS A 61 5.34 -15.10 -10.93
CA LYS A 61 4.04 -14.53 -10.58
C LYS A 61 3.26 -14.10 -11.82
N ASP A 62 2.23 -13.30 -11.60
CA ASP A 62 1.35 -12.81 -12.66
C ASP A 62 2.13 -12.22 -13.84
N ARG A 63 1.43 -11.49 -14.69
CA ARG A 63 2.02 -10.88 -15.88
C ARG A 63 1.76 -9.37 -15.87
N PRO A 64 2.17 -8.66 -16.95
CA PRO A 64 1.97 -7.21 -17.04
C PRO A 64 0.59 -6.75 -16.56
N THR A 65 0.48 -6.57 -15.25
CA THR A 65 -0.78 -6.14 -14.63
C THR A 65 -0.70 -4.65 -14.26
N ASN A 66 -1.67 -4.21 -13.47
CA ASN A 66 -1.72 -2.82 -13.04
C ASN A 66 -1.54 -2.71 -11.52
N VAL A 67 -1.77 -3.81 -10.81
CA VAL A 67 -1.64 -3.83 -9.37
C VAL A 67 -1.18 -5.21 -8.87
N LEU A 68 0.05 -5.27 -8.36
CA LEU A 68 0.60 -6.51 -7.85
C LEU A 68 1.31 -6.28 -6.52
N SER A 69 1.06 -7.15 -5.55
CA SER A 69 1.68 -7.02 -4.23
C SER A 69 2.34 -8.32 -3.79
N PHE A 70 3.12 -8.24 -2.71
CA PHE A 70 3.81 -9.40 -2.18
C PHE A 70 3.49 -9.59 -0.70
N PRO A 71 2.42 -10.33 -0.39
CA PRO A 71 1.99 -10.59 0.99
C PRO A 71 2.95 -11.53 1.72
N PHE A 72 3.07 -11.34 3.03
CA PHE A 72 3.96 -12.18 3.84
C PHE A 72 3.48 -13.63 3.83
N GLU A 73 4.37 -14.55 4.18
CA GLU A 73 4.05 -15.96 4.22
C GLU A 73 2.89 -16.24 5.18
N CYS A 74 1.76 -16.66 4.63
CA CYS A 74 0.58 -16.96 5.45
C CYS A 74 0.44 -18.46 5.65
N PRO A 75 0.80 -18.98 6.83
CA PRO A 75 0.69 -20.41 7.14
C PRO A 75 -0.73 -20.93 7.04
N ASP A 76 -1.56 -20.54 8.02
CA ASP A 76 -2.95 -20.97 8.04
C ASP A 76 -3.89 -19.76 8.00
N GLU A 77 -4.17 -19.18 9.17
CA GLU A 77 -5.04 -18.02 9.26
C GLU A 77 -4.33 -16.86 9.94
N VAL A 78 -3.50 -17.19 10.93
CA VAL A 78 -2.75 -16.18 11.68
C VAL A 78 -3.66 -15.11 12.25
N GLU A 79 -3.10 -14.24 13.08
CA GLU A 79 -3.88 -13.17 13.70
C GLU A 79 -3.00 -11.96 13.99
N LEU A 80 -2.77 -11.14 12.97
CA LEU A 80 -1.95 -9.93 13.12
C LEU A 80 -2.17 -8.97 11.96
N PRO A 81 -2.15 -7.66 12.23
CA PRO A 81 -2.35 -6.64 11.19
C PRO A 81 -1.11 -6.45 10.31
N LEU A 82 -1.26 -6.75 9.03
CA LEU A 82 -0.15 -6.63 8.08
C LEU A 82 -0.65 -6.74 6.65
N LEU A 83 0.05 -6.08 5.74
CA LEU A 83 -0.29 -6.11 4.33
C LEU A 83 0.89 -6.62 3.49
N GLY A 84 2.09 -6.54 4.05
CA GLY A 84 3.27 -7.00 3.33
C GLY A 84 3.76 -6.00 2.30
N ASP A 85 4.31 -6.51 1.20
CA ASP A 85 4.82 -5.66 0.13
C ASP A 85 3.75 -5.37 -0.91
N LEU A 86 3.93 -4.28 -1.66
CA LEU A 86 2.97 -3.89 -2.69
C LEU A 86 3.66 -3.15 -3.83
N VAL A 87 3.70 -3.77 -5.01
CA VAL A 87 4.32 -3.16 -6.17
C VAL A 87 3.34 -2.21 -6.86
N ILE A 88 3.23 -0.99 -6.33
CA ILE A 88 2.32 0.00 -6.88
C ILE A 88 2.87 0.63 -8.15
N CYS A 89 2.00 0.79 -9.15
CA CYS A 89 2.39 1.39 -10.42
C CYS A 89 2.45 2.90 -10.30
N ARG A 90 3.65 3.45 -10.38
CA ARG A 90 3.85 4.89 -10.27
C ARG A 90 3.66 5.60 -11.60
N GLN A 91 3.43 4.85 -12.67
CA GLN A 91 3.25 5.45 -13.99
C GLN A 91 1.79 5.83 -14.23
N VAL A 92 0.87 4.94 -13.88
CA VAL A 92 -0.55 5.20 -14.08
C VAL A 92 -1.15 6.00 -12.92
N VAL A 93 -0.81 5.62 -11.71
CA VAL A 93 -1.33 6.31 -10.52
C VAL A 93 -0.78 7.72 -10.42
N GLU A 94 0.53 7.88 -10.64
CA GLU A 94 1.15 9.19 -10.58
C GLU A 94 0.61 10.07 -11.70
N ARG A 95 0.34 9.46 -12.84
CA ARG A 95 -0.21 10.19 -13.98
C ARG A 95 -1.64 10.62 -13.69
N GLU A 96 -2.45 9.67 -13.24
CA GLU A 96 -3.84 9.94 -12.90
C GLU A 96 -3.91 10.98 -11.79
N ALA A 97 -2.98 10.87 -10.83
CA ALA A 97 -2.92 11.80 -9.71
C ALA A 97 -2.44 13.17 -10.18
N SER A 98 -1.43 13.16 -11.05
CA SER A 98 -0.87 14.39 -11.58
C SER A 98 -1.92 15.14 -12.40
N GLU A 99 -2.65 14.40 -13.23
CA GLU A 99 -3.69 14.98 -14.06
C GLU A 99 -4.94 15.28 -13.24
N GLN A 100 -5.13 14.53 -12.16
CA GLN A 100 -6.28 14.72 -11.29
C GLN A 100 -6.18 16.04 -10.52
N GLU A 101 -4.97 16.58 -10.43
CA GLU A 101 -4.74 17.83 -9.73
C GLU A 101 -5.11 17.71 -8.25
N LYS A 102 -4.77 16.57 -7.66
CA LYS A 102 -5.06 16.32 -6.25
C LYS A 102 -3.78 15.97 -5.49
N PRO A 103 -3.79 16.16 -4.16
CA PRO A 103 -2.62 15.86 -3.31
C PRO A 103 -2.12 14.43 -3.52
N LEU A 104 -0.89 14.31 -4.02
CA LEU A 104 -0.28 13.01 -4.26
C LEU A 104 -0.20 12.21 -2.97
N MET A 105 -0.15 12.90 -1.84
CA MET A 105 -0.06 12.26 -0.53
C MET A 105 -1.21 11.28 -0.33
N ALA A 106 -2.42 11.73 -0.66
CA ALA A 106 -3.60 10.89 -0.52
C ALA A 106 -3.59 9.74 -1.51
N HIS A 107 -3.14 10.03 -2.74
CA HIS A 107 -3.08 9.01 -3.79
C HIS A 107 -2.43 7.73 -3.28
N TRP A 108 -1.26 7.87 -2.65
CA TRP A 108 -0.55 6.70 -2.12
C TRP A 108 -1.37 6.04 -1.02
N ALA A 109 -1.94 6.85 -0.13
CA ALA A 109 -2.76 6.32 0.96
C ALA A 109 -3.89 5.46 0.41
N HIS A 110 -4.61 6.01 -0.55
CA HIS A 110 -5.72 5.30 -1.18
C HIS A 110 -5.20 4.16 -2.04
N MET A 111 -4.19 4.45 -2.85
CA MET A 111 -3.59 3.44 -3.73
C MET A 111 -3.10 2.22 -2.95
N VAL A 112 -2.15 2.44 -2.05
CA VAL A 112 -1.59 1.36 -1.24
C VAL A 112 -2.68 0.45 -0.68
N VAL A 113 -3.71 1.06 -0.10
CA VAL A 113 -4.83 0.32 0.46
C VAL A 113 -5.68 -0.30 -0.64
N HIS A 114 -5.67 0.33 -1.81
CA HIS A 114 -6.45 -0.16 -2.94
C HIS A 114 -5.82 -1.44 -3.49
N GLY A 115 -4.52 -1.40 -3.73
CA GLY A 115 -3.83 -2.56 -4.26
C GLY A 115 -3.55 -3.60 -3.20
N SER A 116 -3.41 -3.16 -1.96
CA SER A 116 -3.15 -4.08 -0.84
C SER A 116 -4.38 -4.92 -0.52
N LEU A 117 -5.50 -4.24 -0.29
CA LEU A 117 -6.75 -4.91 0.04
C LEU A 117 -7.17 -5.89 -1.04
N HIS A 118 -7.35 -5.40 -2.26
CA HIS A 118 -7.77 -6.22 -3.39
C HIS A 118 -6.87 -7.44 -3.56
N LEU A 119 -5.61 -7.33 -3.12
CA LEU A 119 -4.66 -8.43 -3.26
C LEU A 119 -4.53 -9.24 -1.97
N LEU A 120 -4.93 -8.65 -0.84
CA LEU A 120 -4.81 -9.34 0.45
C LEU A 120 -6.19 -9.70 1.00
N GLY A 121 -6.95 -8.68 1.40
CA GLY A 121 -8.26 -8.91 1.96
C GLY A 121 -8.27 -8.77 3.46
N TYR A 122 -8.10 -7.54 3.94
CA TYR A 122 -8.08 -7.25 5.38
C TYR A 122 -9.20 -8.01 6.10
N ASP A 123 -10.28 -8.29 5.39
CA ASP A 123 -11.42 -9.01 5.96
C ASP A 123 -11.01 -10.28 6.69
N HIS A 124 -9.86 -10.84 6.34
CA HIS A 124 -9.38 -12.07 6.98
C HIS A 124 -9.48 -11.98 8.50
N ILE A 125 -9.61 -13.15 9.15
CA ILE A 125 -9.76 -13.22 10.61
C ILE A 125 -10.56 -12.06 11.16
N GLU A 126 -11.85 -12.29 11.35
CA GLU A 126 -12.75 -11.26 11.86
C GLU A 126 -12.64 -11.07 13.39
N ASP A 127 -11.61 -11.66 14.00
CA ASP A 127 -11.43 -11.54 15.44
C ASP A 127 -10.60 -10.33 15.83
N ASP A 128 -9.31 -10.37 15.52
CA ASP A 128 -8.41 -9.26 15.87
C ASP A 128 -8.17 -8.29 14.71
N GLU A 129 -7.23 -8.66 13.83
CA GLU A 129 -6.86 -7.83 12.68
C GLU A 129 -8.07 -7.15 12.03
N ALA A 130 -9.21 -7.82 12.05
CA ALA A 130 -10.42 -7.27 11.44
C ALA A 130 -10.69 -5.85 11.92
N GLU A 131 -11.19 -5.73 13.15
CA GLU A 131 -11.50 -4.42 13.73
C GLU A 131 -10.33 -3.45 13.59
N GLU A 132 -9.13 -3.92 13.89
CA GLU A 132 -7.92 -3.10 13.81
C GLU A 132 -7.71 -2.60 12.38
N MET A 133 -7.49 -3.53 11.45
CA MET A 133 -7.26 -3.18 10.06
C MET A 133 -8.42 -2.35 9.50
N GLU A 134 -9.64 -2.82 9.74
CA GLU A 134 -10.82 -2.09 9.26
C GLU A 134 -10.85 -0.69 9.83
N SER A 135 -10.52 -0.58 11.11
CA SER A 135 -10.49 0.72 11.79
C SER A 135 -9.43 1.61 11.16
N LEU A 136 -8.18 1.16 11.18
CA LEU A 136 -7.08 1.93 10.61
C LEU A 136 -7.32 2.17 9.12
N GLU A 137 -7.97 1.21 8.47
CA GLU A 137 -8.26 1.33 7.05
C GLU A 137 -9.24 2.46 6.81
N THR A 138 -10.39 2.39 7.49
CA THR A 138 -11.40 3.41 7.36
C THR A 138 -10.92 4.75 7.92
N GLN A 139 -9.97 4.70 8.84
CA GLN A 139 -9.43 5.91 9.46
C GLN A 139 -8.52 6.66 8.49
N ILE A 140 -7.58 5.94 7.88
CA ILE A 140 -6.66 6.57 6.94
C ILE A 140 -7.33 6.78 5.59
N MET A 141 -8.27 5.90 5.26
CA MET A 141 -9.01 5.98 4.00
C MET A 141 -10.24 6.89 4.12
N GLN A 142 -11.12 6.56 5.07
CA GLN A 142 -12.34 7.33 5.27
C GLN A 142 -12.11 8.52 6.20
N GLY A 143 -11.19 8.36 7.15
CA GLY A 143 -10.90 9.43 8.09
C GLY A 143 -9.82 10.37 7.59
N LEU A 144 -9.65 10.43 6.27
CA LEU A 144 -8.64 11.29 5.67
C LEU A 144 -9.30 12.46 4.94
N GLY A 145 -10.16 12.14 3.99
CA GLY A 145 -10.85 13.16 3.22
C GLY A 145 -10.39 13.22 1.78
N PHE A 146 -10.44 12.07 1.11
CA PHE A 146 -10.02 11.99 -0.29
C PHE A 146 -11.11 12.52 -1.22
N SER A 3 3.71 0.22 16.97
CA SER A 3 3.50 1.33 16.00
C SER A 3 3.25 0.78 14.59
N VAL A 4 2.60 1.60 13.77
CA VAL A 4 2.30 1.20 12.40
C VAL A 4 3.58 1.15 11.56
N LEU A 5 4.23 0.00 11.55
CA LEU A 5 5.46 -0.18 10.78
C LEU A 5 5.17 -0.22 9.29
N VAL A 6 4.98 0.96 8.70
CA VAL A 6 4.71 1.07 7.27
C VAL A 6 5.92 1.62 6.55
N ASP A 7 6.34 0.93 5.49
CA ASP A 7 7.51 1.36 4.72
C ASP A 7 7.14 1.74 3.30
N LEU A 8 7.63 2.90 2.87
CA LEU A 8 7.38 3.40 1.52
C LEU A 8 8.61 3.18 0.65
N GLN A 9 8.39 2.70 -0.58
CA GLN A 9 9.50 2.45 -1.49
C GLN A 9 9.26 3.05 -2.86
N ILE A 10 10.15 3.94 -3.27
CA ILE A 10 10.06 4.59 -4.56
C ILE A 10 11.22 4.17 -5.46
N ALA A 11 10.90 3.57 -6.60
CA ALA A 11 11.91 3.11 -7.54
C ALA A 11 11.67 3.65 -8.93
N THR A 12 11.50 4.97 -9.03
CA THR A 12 11.25 5.60 -10.31
C THR A 12 12.54 6.20 -10.88
N GLU A 13 13.01 5.64 -11.99
CA GLU A 13 14.22 6.10 -12.63
C GLU A 13 14.16 7.61 -12.89
N ASN A 14 12.95 8.13 -13.03
CA ASN A 14 12.74 9.55 -13.29
C ASN A 14 11.31 9.97 -12.95
N ILE A 15 11.17 10.85 -11.96
CA ILE A 15 9.86 11.33 -11.54
C ILE A 15 9.81 12.85 -11.54
N GLU A 16 8.61 13.40 -11.59
CA GLU A 16 8.42 14.84 -11.58
C GLU A 16 8.80 15.42 -10.22
N GLY A 17 8.71 14.57 -9.19
CA GLY A 17 9.06 15.00 -7.84
C GLY A 17 9.12 13.83 -6.88
N LEU A 18 10.31 13.26 -6.72
CA LEU A 18 10.49 12.13 -5.81
C LEU A 18 9.91 12.43 -4.44
N PRO A 19 9.12 11.51 -3.88
CA PRO A 19 8.49 11.68 -2.58
C PRO A 19 9.33 11.11 -1.44
N THR A 20 8.87 11.33 -0.21
CA THR A 20 9.57 10.84 0.97
C THR A 20 8.62 10.04 1.86
N GLU A 21 9.04 8.84 2.23
CA GLU A 21 8.23 7.95 3.07
C GLU A 21 7.79 8.64 4.35
N GLU A 22 8.71 9.28 5.05
CA GLU A 22 8.40 9.97 6.30
C GLU A 22 7.12 10.80 6.17
N GLN A 23 7.09 11.67 5.17
CA GLN A 23 5.94 12.51 4.93
C GLN A 23 4.69 11.67 4.67
N ILE A 24 4.68 10.98 3.53
CA ILE A 24 3.55 10.13 3.16
C ILE A 24 3.18 9.17 4.30
N VAL A 25 4.13 8.31 4.66
CA VAL A 25 3.93 7.34 5.73
C VAL A 25 3.28 7.99 6.95
N GLN A 26 3.96 8.97 7.52
CA GLN A 26 3.44 9.66 8.70
C GLN A 26 2.06 10.26 8.43
N TRP A 27 1.97 11.08 7.39
CA TRP A 27 0.72 11.73 7.03
C TRP A 27 -0.43 10.72 6.96
N ALA A 28 -0.32 9.74 6.07
CA ALA A 28 -1.37 8.75 5.92
C ALA A 28 -1.29 7.67 7.00
N THR A 29 -0.37 6.73 6.83
CA THR A 29 -0.19 5.64 7.79
C THR A 29 -0.06 6.16 9.23
N GLY A 30 0.70 7.25 9.39
CA GLY A 30 0.88 7.81 10.72
C GLY A 30 -0.42 8.26 11.34
N ALA A 31 -1.33 8.79 10.53
CA ALA A 31 -2.62 9.25 11.03
C ALA A 31 -3.56 8.07 11.31
N VAL A 32 -3.15 6.88 10.88
CA VAL A 32 -3.97 5.68 11.06
C VAL A 32 -3.86 5.12 12.47
N GLN A 33 -2.66 4.71 12.86
CA GLN A 33 -2.42 4.11 14.18
C GLN A 33 -1.46 4.96 15.02
N PRO A 34 -1.63 6.28 15.06
CA PRO A 34 -0.76 7.16 15.84
C PRO A 34 -0.66 6.70 17.30
N GLU A 35 -1.82 6.43 17.90
CA GLU A 35 -1.87 5.97 19.28
C GLU A 35 -2.48 4.57 19.36
N GLY A 36 -2.25 3.77 18.32
CA GLY A 36 -2.80 2.42 18.29
C GLY A 36 -1.74 1.35 18.52
N ASN A 37 -1.98 0.16 17.96
CA ASN A 37 -1.06 -0.95 18.10
C ASN A 37 -0.05 -1.00 16.97
N GLU A 38 0.83 -1.99 16.99
CA GLU A 38 1.85 -2.15 15.96
C GLU A 38 1.26 -2.69 14.67
N VAL A 39 1.87 -2.33 13.54
CA VAL A 39 1.41 -2.79 12.23
C VAL A 39 2.59 -2.95 11.27
N GLU A 40 2.35 -3.59 10.13
CA GLU A 40 3.39 -3.80 9.13
C GLU A 40 2.84 -3.61 7.72
N MET A 41 2.97 -2.39 7.20
CA MET A 41 2.47 -2.08 5.86
C MET A 41 3.59 -1.56 4.95
N THR A 42 4.12 -2.45 4.12
CA THR A 42 5.18 -2.08 3.19
C THR A 42 4.61 -1.88 1.79
N VAL A 43 5.07 -0.82 1.12
CA VAL A 43 4.59 -0.52 -0.22
C VAL A 43 5.73 -0.03 -1.12
N ARG A 44 5.61 -0.34 -2.42
CA ARG A 44 6.63 0.07 -3.38
C ARG A 44 5.98 0.49 -4.70
N ILE A 45 6.51 1.55 -5.31
CA ILE A 45 5.99 2.05 -6.57
C ILE A 45 7.09 2.10 -7.63
N VAL A 46 7.10 1.11 -8.52
CA VAL A 46 8.10 1.05 -9.56
C VAL A 46 7.45 0.83 -10.93
N ASP A 47 8.19 1.13 -12.00
CA ASP A 47 7.70 0.98 -13.36
C ASP A 47 7.04 -0.38 -13.57
N GLU A 48 6.46 -0.57 -14.75
CA GLU A 48 5.79 -1.82 -15.08
C GLU A 48 6.79 -2.97 -15.25
N ALA A 49 7.63 -2.86 -16.28
CA ALA A 49 8.64 -3.88 -16.56
C ALA A 49 9.44 -4.24 -15.32
N GLU A 50 9.92 -3.23 -14.62
CA GLU A 50 10.72 -3.43 -13.42
C GLU A 50 9.99 -4.32 -12.41
N SER A 51 8.84 -3.85 -11.93
CA SER A 51 8.04 -4.61 -10.97
C SER A 51 7.82 -6.04 -11.45
N HIS A 52 7.23 -6.17 -12.64
CA HIS A 52 6.96 -7.47 -13.23
C HIS A 52 8.21 -8.34 -13.22
N GLU A 53 9.31 -7.79 -13.71
CA GLU A 53 10.58 -8.52 -13.73
C GLU A 53 11.00 -8.85 -12.31
N LEU A 54 10.87 -7.88 -11.42
CA LEU A 54 11.23 -8.04 -10.01
C LEU A 54 10.52 -9.24 -9.40
N ASN A 55 9.22 -9.34 -9.64
CA ASN A 55 8.42 -10.44 -9.10
C ASN A 55 8.76 -11.74 -9.80
N LEU A 56 8.62 -11.74 -11.11
CA LEU A 56 8.87 -12.92 -11.93
C LEU A 56 10.32 -13.38 -11.87
N THR A 57 11.24 -12.50 -11.51
CA THR A 57 12.65 -12.86 -11.46
C THR A 57 13.01 -13.55 -10.13
N TYR A 58 12.31 -13.19 -9.06
CA TYR A 58 12.60 -13.78 -7.76
C TYR A 58 11.45 -14.64 -7.22
N ARG A 59 10.37 -14.78 -7.99
CA ARG A 59 9.24 -15.58 -7.52
C ARG A 59 8.40 -16.15 -8.67
N GLY A 60 8.30 -15.42 -9.78
CA GLY A 60 7.48 -15.89 -10.90
C GLY A 60 6.04 -15.46 -10.74
N LYS A 61 5.84 -14.26 -10.22
CA LYS A 61 4.51 -13.72 -9.99
C LYS A 61 3.68 -13.63 -11.27
N ASP A 62 2.58 -12.89 -11.19
CA ASP A 62 1.66 -12.72 -12.31
C ASP A 62 2.36 -12.16 -13.56
N ARG A 63 1.61 -11.43 -14.39
CA ARG A 63 2.12 -10.86 -15.62
C ARG A 63 1.71 -9.38 -15.69
N PRO A 64 2.03 -8.65 -16.80
CA PRO A 64 1.67 -7.24 -16.95
C PRO A 64 0.39 -6.88 -16.23
N THR A 65 0.54 -6.46 -14.98
CA THR A 65 -0.60 -6.08 -14.13
C THR A 65 -0.72 -4.56 -14.03
N ASN A 66 -1.48 -4.11 -13.03
CA ASN A 66 -1.68 -2.69 -12.79
C ASN A 66 -1.27 -2.33 -11.37
N VAL A 67 -1.69 -3.15 -10.42
CA VAL A 67 -1.37 -2.94 -9.01
C VAL A 67 -1.06 -4.26 -8.32
N LEU A 68 0.15 -4.77 -8.51
CA LEU A 68 0.57 -6.03 -7.90
C LEU A 68 1.05 -5.81 -6.46
N SER A 69 0.67 -6.72 -5.58
CA SER A 69 1.05 -6.63 -4.17
C SER A 69 1.94 -7.79 -3.76
N PHE A 70 2.17 -7.92 -2.45
CA PHE A 70 3.01 -8.99 -1.93
C PHE A 70 2.61 -9.32 -0.48
N PRO A 71 1.57 -10.15 -0.31
CA PRO A 71 1.09 -10.54 1.02
C PRO A 71 1.98 -11.60 1.66
N PHE A 72 2.01 -11.63 2.98
CA PHE A 72 2.82 -12.60 3.72
C PHE A 72 2.21 -14.00 3.62
N GLU A 73 2.88 -14.97 4.22
CA GLU A 73 2.41 -16.35 4.21
C GLU A 73 1.05 -16.48 4.90
N CYS A 74 0.19 -17.32 4.32
CA CYS A 74 -1.15 -17.54 4.87
C CYS A 74 -1.28 -18.97 5.39
N PRO A 75 -0.97 -19.20 6.67
CA PRO A 75 -1.05 -20.53 7.28
C PRO A 75 -2.49 -21.02 7.47
N ASP A 76 -3.06 -20.78 8.65
CA ASP A 76 -4.44 -21.21 8.94
C ASP A 76 -5.33 -20.03 9.29
N GLU A 77 -5.32 -19.66 10.57
CA GLU A 77 -6.12 -18.55 11.06
C GLU A 77 -5.21 -17.37 11.43
N VAL A 78 -4.02 -17.70 11.94
CA VAL A 78 -3.04 -16.70 12.32
C VAL A 78 -3.59 -15.72 13.36
N GLU A 79 -4.44 -14.81 12.91
CA GLU A 79 -5.04 -13.81 13.80
C GLU A 79 -3.99 -12.83 14.31
N LEU A 80 -3.73 -11.81 13.51
CA LEU A 80 -2.74 -10.79 13.86
C LEU A 80 -2.71 -9.69 12.79
N PRO A 81 -2.28 -8.47 13.17
CA PRO A 81 -2.21 -7.33 12.23
C PRO A 81 -1.06 -7.47 11.24
N LEU A 82 -1.30 -7.09 9.99
CA LEU A 82 -0.29 -7.16 8.94
C LEU A 82 -0.81 -6.58 7.63
N LEU A 83 0.08 -5.97 6.86
CA LEU A 83 -0.29 -5.38 5.58
C LEU A 83 0.58 -5.92 4.43
N GLY A 84 1.69 -6.56 4.77
CA GLY A 84 2.58 -7.12 3.76
C GLY A 84 3.24 -6.06 2.90
N ASP A 85 3.75 -6.49 1.75
CA ASP A 85 4.42 -5.57 0.81
C ASP A 85 3.53 -5.25 -0.39
N LEU A 86 3.89 -4.20 -1.11
CA LEU A 86 3.11 -3.78 -2.28
C LEU A 86 4.03 -3.34 -3.42
N VAL A 87 3.53 -3.46 -4.65
CA VAL A 87 4.29 -3.06 -5.83
C VAL A 87 3.37 -2.52 -6.91
N ILE A 88 3.13 -1.21 -6.88
CA ILE A 88 2.24 -0.57 -7.83
C ILE A 88 3.03 0.22 -8.89
N CYS A 89 2.39 0.45 -10.03
CA CYS A 89 3.01 1.21 -11.11
C CYS A 89 2.72 2.70 -10.96
N ARG A 90 3.78 3.50 -10.83
CA ARG A 90 3.63 4.94 -10.65
C ARG A 90 3.20 5.63 -11.94
N GLN A 91 3.12 4.88 -13.04
CA GLN A 91 2.75 5.45 -14.33
C GLN A 91 1.24 5.70 -14.41
N VAL A 92 0.45 4.74 -13.95
CA VAL A 92 -1.01 4.85 -14.01
C VAL A 92 -1.57 5.72 -12.89
N VAL A 93 -1.16 5.43 -11.66
CA VAL A 93 -1.65 6.19 -10.51
C VAL A 93 -1.23 7.66 -10.58
N GLU A 94 0.05 7.89 -10.88
CA GLU A 94 0.55 9.26 -11.00
C GLU A 94 -0.16 9.97 -12.15
N ARG A 95 -0.49 9.21 -13.20
CA ARG A 95 -1.20 9.76 -14.34
C ARG A 95 -2.60 10.19 -13.93
N GLU A 96 -3.31 9.28 -13.25
CA GLU A 96 -4.66 9.57 -12.79
C GLU A 96 -4.64 10.74 -11.81
N ALA A 97 -3.69 10.70 -10.89
CA ALA A 97 -3.54 11.77 -9.90
C ALA A 97 -3.15 13.07 -10.56
N SER A 98 -2.16 13.01 -11.45
CA SER A 98 -1.69 14.19 -12.16
C SER A 98 -2.82 14.79 -13.00
N GLU A 99 -3.59 13.92 -13.63
CA GLU A 99 -4.72 14.36 -14.45
C GLU A 99 -5.86 14.87 -13.57
N GLN A 100 -5.96 14.31 -12.38
CA GLN A 100 -7.01 14.71 -11.44
C GLN A 100 -6.64 16.00 -10.72
N GLU A 101 -5.34 16.31 -10.69
CA GLU A 101 -4.86 17.52 -10.02
C GLU A 101 -5.13 17.46 -8.52
N LYS A 102 -4.93 16.29 -7.94
CA LYS A 102 -5.15 16.10 -6.51
C LYS A 102 -3.82 15.88 -5.78
N PRO A 103 -3.83 15.97 -4.44
CA PRO A 103 -2.63 15.78 -3.63
C PRO A 103 -2.06 14.37 -3.76
N LEU A 104 -0.75 14.29 -3.98
CA LEU A 104 -0.08 13.00 -4.12
C LEU A 104 -0.05 12.24 -2.79
N MET A 105 -0.06 12.99 -1.69
CA MET A 105 -0.02 12.39 -0.37
C MET A 105 -1.17 11.41 -0.17
N ALA A 106 -2.38 11.83 -0.53
CA ALA A 106 -3.56 10.99 -0.40
C ALA A 106 -3.55 9.87 -1.43
N HIS A 107 -3.23 10.22 -2.68
CA HIS A 107 -3.18 9.25 -3.76
C HIS A 107 -2.44 7.98 -3.34
N TRP A 108 -1.23 8.15 -2.82
CA TRP A 108 -0.43 7.02 -2.39
C TRP A 108 -1.08 6.31 -1.21
N ALA A 109 -1.56 7.09 -0.24
CA ALA A 109 -2.22 6.53 0.94
C ALA A 109 -3.38 5.61 0.54
N HIS A 110 -4.20 6.08 -0.40
CA HIS A 110 -5.33 5.30 -0.87
C HIS A 110 -4.86 4.23 -1.86
N MET A 111 -3.89 4.59 -2.69
CA MET A 111 -3.35 3.66 -3.67
C MET A 111 -2.82 2.40 -3.00
N VAL A 112 -1.94 2.59 -2.01
CA VAL A 112 -1.36 1.48 -1.28
C VAL A 112 -2.45 0.60 -0.67
N VAL A 113 -3.35 1.22 0.08
CA VAL A 113 -4.45 0.49 0.72
C VAL A 113 -5.29 -0.27 -0.30
N HIS A 114 -5.61 0.39 -1.41
CA HIS A 114 -6.41 -0.24 -2.46
C HIS A 114 -5.68 -1.47 -3.00
N GLY A 115 -4.45 -1.27 -3.43
CA GLY A 115 -3.66 -2.37 -3.98
C GLY A 115 -3.35 -3.45 -2.95
N SER A 116 -3.48 -3.12 -1.67
CA SER A 116 -3.19 -4.08 -0.62
C SER A 116 -4.35 -5.07 -0.42
N LEU A 117 -5.52 -4.53 -0.10
CA LEU A 117 -6.70 -5.36 0.15
C LEU A 117 -7.43 -5.74 -1.13
N HIS A 118 -7.63 -4.77 -2.02
CA HIS A 118 -8.34 -5.01 -3.27
C HIS A 118 -7.69 -6.13 -4.10
N LEU A 119 -6.43 -6.42 -3.83
CA LEU A 119 -5.71 -7.45 -4.57
C LEU A 119 -5.77 -8.82 -3.89
N LEU A 120 -5.97 -8.84 -2.58
CA LEU A 120 -6.01 -10.10 -1.85
C LEU A 120 -7.24 -10.19 -0.94
N GLY A 121 -7.45 -9.19 -0.10
CA GLY A 121 -8.58 -9.22 0.81
C GLY A 121 -8.16 -9.54 2.23
N TYR A 122 -7.45 -8.61 2.85
CA TYR A 122 -6.96 -8.78 4.21
C TYR A 122 -8.08 -9.02 5.22
N ASP A 123 -9.34 -8.85 4.78
CA ASP A 123 -10.48 -9.05 5.65
C ASP A 123 -10.87 -10.53 5.72
N HIS A 124 -9.88 -11.41 5.81
CA HIS A 124 -10.12 -12.85 5.86
C HIS A 124 -10.66 -13.25 7.24
N ILE A 125 -9.89 -12.96 8.27
CA ILE A 125 -10.29 -13.29 9.63
C ILE A 125 -11.19 -12.20 10.21
N GLU A 126 -12.32 -12.61 10.76
CA GLU A 126 -13.27 -11.66 11.33
C GLU A 126 -12.91 -11.29 12.77
N ASP A 127 -11.80 -11.85 13.26
CA ASP A 127 -11.38 -11.57 14.63
C ASP A 127 -10.47 -10.35 14.74
N ASP A 128 -9.25 -10.47 14.22
CA ASP A 128 -8.27 -9.38 14.29
C ASP A 128 -8.23 -8.53 13.01
N GLU A 129 -7.48 -9.01 12.02
CA GLU A 129 -7.30 -8.30 10.76
C GLU A 129 -8.58 -7.64 10.26
N ALA A 130 -9.72 -8.30 10.44
CA ALA A 130 -10.99 -7.75 9.99
C ALA A 130 -11.20 -6.35 10.53
N GLU A 131 -11.55 -6.25 11.82
CA GLU A 131 -11.77 -4.97 12.45
C GLU A 131 -10.54 -4.08 12.30
N GLU A 132 -9.37 -4.66 12.53
CA GLU A 132 -8.11 -3.93 12.42
C GLU A 132 -8.00 -3.27 11.05
N MET A 133 -7.98 -4.08 10.00
CA MET A 133 -7.88 -3.55 8.63
C MET A 133 -9.01 -2.57 8.36
N GLU A 134 -10.22 -2.91 8.81
CA GLU A 134 -11.37 -2.03 8.63
C GLU A 134 -11.05 -0.64 9.17
N SER A 135 -10.75 -0.57 10.47
CA SER A 135 -10.40 0.69 11.10
C SER A 135 -9.14 1.27 10.45
N LEU A 136 -8.23 0.38 10.07
CA LEU A 136 -6.99 0.79 9.42
C LEU A 136 -7.29 1.61 8.17
N GLU A 137 -7.99 1.00 7.23
CA GLU A 137 -8.35 1.66 5.98
C GLU A 137 -9.26 2.86 6.23
N THR A 138 -10.16 2.72 7.20
CA THR A 138 -11.09 3.80 7.52
C THR A 138 -10.36 5.01 8.10
N GLN A 139 -9.28 4.75 8.83
CA GLN A 139 -8.51 5.82 9.45
C GLN A 139 -7.67 6.59 8.43
N ILE A 140 -7.12 5.87 7.45
CA ILE A 140 -6.31 6.52 6.42
C ILE A 140 -7.18 7.07 5.30
N MET A 141 -8.28 6.38 5.01
CA MET A 141 -9.18 6.81 3.95
C MET A 141 -10.20 7.83 4.43
N GLN A 142 -10.84 7.54 5.57
CA GLN A 142 -11.84 8.44 6.13
C GLN A 142 -11.22 9.51 7.02
N GLY A 143 -9.98 9.28 7.45
CA GLY A 143 -9.31 10.23 8.32
C GLY A 143 -8.92 11.53 7.61
N LEU A 144 -8.57 11.43 6.33
CA LEU A 144 -8.17 12.62 5.57
C LEU A 144 -9.11 12.89 4.40
N GLY A 145 -9.97 11.93 4.08
CA GLY A 145 -10.90 12.12 2.97
C GLY A 145 -10.19 12.24 1.65
N PHE A 146 -10.69 11.53 0.64
CA PHE A 146 -10.09 11.56 -0.70
C PHE A 146 -11.15 11.78 -1.76
N SER A 3 3.39 -0.12 16.59
CA SER A 3 3.15 1.12 15.81
C SER A 3 2.86 0.81 14.35
N VAL A 4 2.67 1.85 13.56
CA VAL A 4 2.38 1.69 12.14
C VAL A 4 3.65 1.86 11.30
N LEU A 5 4.09 0.76 10.71
CA LEU A 5 5.29 0.77 9.88
C LEU A 5 4.95 0.60 8.40
N VAL A 6 4.98 1.69 7.66
CA VAL A 6 4.67 1.67 6.24
C VAL A 6 5.89 2.02 5.40
N ASP A 7 6.22 1.16 4.45
CA ASP A 7 7.38 1.38 3.58
C ASP A 7 6.95 1.54 2.12
N LEU A 8 7.45 2.59 1.49
CA LEU A 8 7.14 2.87 0.09
C LEU A 8 8.41 3.24 -0.67
N GLN A 9 8.60 2.64 -1.85
CA GLN A 9 9.79 2.93 -2.64
C GLN A 9 9.47 3.22 -4.11
N ILE A 10 10.08 4.28 -4.62
CA ILE A 10 9.91 4.69 -6.01
C ILE A 10 11.13 4.30 -6.82
N ALA A 11 10.92 3.91 -8.07
CA ALA A 11 12.05 3.49 -8.92
C ALA A 11 11.76 3.71 -10.41
N THR A 12 10.90 4.67 -10.71
CA THR A 12 10.55 4.94 -12.11
C THR A 12 10.69 6.44 -12.42
N GLU A 13 10.16 6.84 -13.58
CA GLU A 13 10.20 8.23 -14.00
C GLU A 13 8.95 8.96 -13.51
N ASN A 14 8.24 8.32 -12.58
CA ASN A 14 7.02 8.87 -12.01
C ASN A 14 7.28 10.23 -11.34
N ILE A 15 6.41 10.58 -10.38
CA ILE A 15 6.50 11.84 -9.65
C ILE A 15 7.83 12.55 -9.83
N GLU A 16 7.75 13.82 -10.17
CA GLU A 16 8.93 14.66 -10.39
C GLU A 16 9.96 14.45 -9.28
N GLY A 17 9.47 14.13 -8.09
CA GLY A 17 10.35 13.90 -6.96
C GLY A 17 9.78 12.92 -5.96
N LEU A 18 10.64 12.06 -5.44
CA LEU A 18 10.22 11.06 -4.47
C LEU A 18 9.59 11.72 -3.25
N PRO A 19 8.28 11.49 -3.01
CA PRO A 19 7.57 12.07 -1.87
C PRO A 19 8.15 11.61 -0.53
N THR A 20 8.67 12.57 0.24
CA THR A 20 9.27 12.27 1.54
C THR A 20 8.35 11.37 2.37
N GLU A 21 8.90 10.28 2.88
CA GLU A 21 8.14 9.34 3.68
C GLU A 21 7.57 10.01 4.93
N GLU A 22 8.39 10.86 5.57
CA GLU A 22 7.96 11.56 6.76
C GLU A 22 6.59 12.21 6.55
N GLN A 23 6.48 13.02 5.51
CA GLN A 23 5.23 13.71 5.19
C GLN A 23 4.12 12.70 4.90
N ILE A 24 4.25 11.99 3.78
CA ILE A 24 3.25 10.99 3.39
C ILE A 24 2.91 10.05 4.53
N VAL A 25 3.92 9.33 5.01
CA VAL A 25 3.72 8.38 6.11
C VAL A 25 3.02 9.04 7.29
N GLN A 26 3.60 10.11 7.80
CA GLN A 26 3.03 10.82 8.95
C GLN A 26 1.61 11.30 8.64
N TRP A 27 1.46 12.06 7.57
CA TRP A 27 0.16 12.59 7.19
C TRP A 27 -0.89 11.47 7.12
N ALA A 28 -0.66 10.50 6.23
CA ALA A 28 -1.59 9.40 6.05
C ALA A 28 -1.49 8.38 7.18
N THR A 29 -0.46 7.55 7.13
CA THR A 29 -0.27 6.51 8.14
C THR A 29 -0.18 7.08 9.55
N GLY A 30 0.39 8.27 9.69
CA GLY A 30 0.50 8.87 11.00
C GLY A 30 -0.85 9.25 11.58
N ALA A 31 -1.75 9.70 10.72
CA ALA A 31 -3.09 10.09 11.15
C ALA A 31 -3.91 8.87 11.57
N VAL A 32 -3.53 7.69 11.08
CA VAL A 32 -4.25 6.47 11.41
C VAL A 32 -3.67 5.78 12.65
N GLN A 33 -2.47 6.19 13.07
CA GLN A 33 -1.83 5.59 14.23
C GLN A 33 -1.48 6.64 15.29
N PRO A 34 -2.41 7.57 15.58
CA PRO A 34 -2.17 8.61 16.59
C PRO A 34 -2.10 8.04 18.00
N GLU A 35 -2.57 6.81 18.16
CA GLU A 35 -2.56 6.15 19.47
C GLU A 35 -1.37 5.20 19.58
N GLY A 36 -1.28 4.25 18.66
CA GLY A 36 -0.19 3.29 18.68
C GLY A 36 -0.65 1.86 18.51
N ASN A 37 -0.58 1.36 17.27
CA ASN A 37 -0.99 -0.01 16.97
C ASN A 37 0.01 -0.69 16.05
N GLU A 38 0.40 -1.90 16.39
CA GLU A 38 1.36 -2.65 15.58
C GLU A 38 0.81 -2.95 14.20
N VAL A 39 1.64 -2.74 13.17
CA VAL A 39 1.25 -2.99 11.78
C VAL A 39 2.39 -2.71 10.83
N GLU A 40 2.49 -3.50 9.77
CA GLU A 40 3.55 -3.33 8.78
C GLU A 40 3.03 -3.43 7.35
N MET A 41 3.14 -2.35 6.60
CA MET A 41 2.70 -2.31 5.21
C MET A 41 3.83 -1.84 4.30
N THR A 42 3.83 -2.34 3.05
CA THR A 42 4.86 -1.95 2.10
C THR A 42 4.25 -1.57 0.76
N VAL A 43 5.03 -0.85 -0.05
CA VAL A 43 4.58 -0.41 -1.37
C VAL A 43 5.76 -0.22 -2.31
N ARG A 44 5.74 -0.94 -3.43
CA ARG A 44 6.82 -0.84 -4.41
C ARG A 44 6.32 -0.28 -5.74
N ILE A 45 6.90 0.85 -6.14
CA ILE A 45 6.54 1.49 -7.39
C ILE A 45 7.55 1.13 -8.49
N VAL A 46 7.07 0.50 -9.55
CA VAL A 46 7.93 0.10 -10.66
C VAL A 46 7.12 -0.46 -11.82
N ASP A 47 7.73 -0.48 -13.01
CA ASP A 47 7.08 -0.98 -14.22
C ASP A 47 6.50 -2.37 -14.00
N GLU A 48 5.89 -2.92 -15.04
CA GLU A 48 5.28 -4.24 -14.98
C GLU A 48 6.33 -5.33 -15.18
N ALA A 49 7.07 -5.24 -16.28
CA ALA A 49 8.11 -6.23 -16.59
C ALA A 49 9.05 -6.42 -15.40
N GLU A 50 9.67 -5.34 -14.97
CA GLU A 50 10.59 -5.38 -13.83
C GLU A 50 9.89 -5.98 -12.61
N SER A 51 8.65 -5.55 -12.38
CA SER A 51 7.88 -6.04 -11.26
C SER A 51 7.65 -7.54 -11.39
N HIS A 52 6.95 -7.93 -12.45
CA HIS A 52 6.68 -9.34 -12.71
C HIS A 52 7.94 -10.19 -12.59
N GLU A 53 8.95 -9.84 -13.37
CA GLU A 53 10.22 -10.56 -13.33
C GLU A 53 10.79 -10.54 -11.92
N LEU A 54 10.57 -9.43 -11.21
CA LEU A 54 11.05 -9.27 -9.85
C LEU A 54 10.31 -10.19 -8.89
N ASN A 55 8.99 -10.02 -8.81
CA ASN A 55 8.18 -10.83 -7.92
C ASN A 55 8.39 -12.31 -8.25
N LEU A 56 8.33 -12.63 -9.53
CA LEU A 56 8.55 -13.99 -9.97
C LEU A 56 9.97 -14.40 -9.58
N THR A 57 10.89 -13.43 -9.62
CA THR A 57 12.26 -13.68 -9.23
C THR A 57 12.31 -13.96 -7.73
N TYR A 58 11.37 -13.35 -7.00
CA TYR A 58 11.29 -13.56 -5.56
C TYR A 58 10.79 -14.97 -5.26
N ARG A 59 9.74 -15.40 -5.98
CA ARG A 59 9.20 -16.74 -5.77
C ARG A 59 8.47 -17.31 -6.98
N GLY A 60 7.84 -16.45 -7.77
CA GLY A 60 7.11 -16.93 -8.95
C GLY A 60 5.61 -16.70 -8.81
N LYS A 61 5.25 -15.48 -8.44
CA LYS A 61 3.86 -15.09 -8.24
C LYS A 61 3.10 -14.94 -9.57
N ASP A 62 1.94 -14.29 -9.49
CA ASP A 62 1.06 -14.06 -10.63
C ASP A 62 1.78 -13.51 -11.87
N ARG A 63 1.03 -12.79 -12.71
CA ARG A 63 1.54 -12.22 -13.95
C ARG A 63 1.11 -10.75 -14.06
N PRO A 64 1.08 -10.11 -15.28
CA PRO A 64 0.67 -8.71 -15.41
C PRO A 64 -0.42 -8.33 -14.43
N THR A 65 -0.09 -7.43 -13.52
CA THR A 65 -1.02 -7.02 -12.50
C THR A 65 -0.78 -5.56 -12.09
N ASN A 66 -1.68 -4.68 -12.52
CA ASN A 66 -1.57 -3.25 -12.20
C ASN A 66 -1.41 -3.05 -10.70
N VAL A 67 -2.25 -3.74 -9.92
CA VAL A 67 -2.19 -3.64 -8.47
C VAL A 67 -1.64 -4.93 -7.88
N LEU A 68 -0.43 -5.26 -8.29
CA LEU A 68 0.25 -6.46 -7.82
C LEU A 68 0.89 -6.20 -6.46
N SER A 69 0.69 -7.13 -5.53
CA SER A 69 1.25 -6.99 -4.19
C SER A 69 1.74 -8.32 -3.64
N PHE A 70 2.51 -8.26 -2.57
CA PHE A 70 3.03 -9.47 -1.93
C PHE A 70 2.29 -9.78 -0.65
N PRO A 71 1.30 -10.69 -0.71
CA PRO A 71 0.50 -11.08 0.46
C PRO A 71 1.25 -12.04 1.37
N PHE A 72 1.32 -11.71 2.65
CA PHE A 72 2.00 -12.55 3.63
C PHE A 72 1.51 -14.00 3.55
N GLU A 73 2.10 -14.87 4.38
CA GLU A 73 1.72 -16.27 4.39
C GLU A 73 0.51 -16.51 5.28
N CYS A 74 -0.08 -17.70 5.17
CA CYS A 74 -1.25 -18.06 5.97
C CYS A 74 -0.95 -19.25 6.87
N PRO A 75 -0.38 -18.99 8.06
CA PRO A 75 -0.04 -20.05 9.01
C PRO A 75 -1.25 -20.88 9.42
N ASP A 76 -2.11 -20.31 10.26
CA ASP A 76 -3.30 -20.99 10.74
C ASP A 76 -4.57 -20.32 10.22
N GLU A 77 -5.04 -19.31 10.94
CA GLU A 77 -6.24 -18.58 10.56
C GLU A 77 -5.94 -17.10 10.34
N VAL A 78 -4.68 -16.80 10.02
CA VAL A 78 -4.25 -15.43 9.77
C VAL A 78 -4.81 -14.46 10.81
N GLU A 79 -4.84 -14.90 12.07
CA GLU A 79 -5.34 -14.07 13.16
C GLU A 79 -4.29 -13.07 13.62
N LEU A 80 -3.76 -12.28 12.69
CA LEU A 80 -2.77 -11.27 13.01
C LEU A 80 -2.95 -10.04 12.13
N PRO A 81 -2.36 -8.90 12.51
CA PRO A 81 -2.48 -7.65 11.74
C PRO A 81 -1.77 -7.70 10.39
N LEU A 82 -0.51 -7.23 10.34
CA LEU A 82 0.29 -7.21 9.11
C LEU A 82 -0.50 -6.70 7.90
N LEU A 83 0.22 -6.16 6.93
CA LEU A 83 -0.39 -5.65 5.71
C LEU A 83 0.26 -6.27 4.47
N GLY A 84 1.52 -6.65 4.60
CA GLY A 84 2.22 -7.26 3.48
C GLY A 84 2.97 -6.26 2.62
N ASP A 85 3.47 -6.73 1.47
CA ASP A 85 4.20 -5.87 0.55
C ASP A 85 3.36 -5.55 -0.69
N LEU A 86 3.75 -4.52 -1.42
CA LEU A 86 3.01 -4.14 -2.63
C LEU A 86 3.93 -3.89 -3.81
N VAL A 87 3.37 -4.03 -5.01
CA VAL A 87 4.10 -3.82 -6.25
C VAL A 87 3.16 -3.20 -7.28
N ILE A 88 2.99 -1.89 -7.21
CA ILE A 88 2.09 -1.18 -8.11
C ILE A 88 2.76 -0.76 -9.42
N CYS A 89 1.93 -0.31 -10.36
CA CYS A 89 2.42 0.13 -11.67
C CYS A 89 2.73 1.63 -11.64
N ARG A 90 3.76 2.02 -12.39
CA ARG A 90 4.19 3.41 -12.45
C ARG A 90 3.39 4.25 -13.45
N GLN A 91 2.49 3.63 -14.19
CA GLN A 91 1.71 4.35 -15.19
C GLN A 91 0.27 4.62 -14.73
N VAL A 92 -0.26 3.79 -13.84
CA VAL A 92 -1.64 3.96 -13.38
C VAL A 92 -1.76 4.97 -12.24
N VAL A 93 -0.99 4.79 -11.17
CA VAL A 93 -1.05 5.71 -10.03
C VAL A 93 -0.42 7.05 -10.39
N GLU A 94 0.75 7.01 -11.02
CA GLU A 94 1.44 8.23 -11.42
C GLU A 94 0.58 9.04 -12.37
N ARG A 95 0.00 8.37 -13.37
CA ARG A 95 -0.84 9.04 -14.34
C ARG A 95 -2.12 9.54 -13.66
N GLU A 96 -2.69 8.69 -12.82
CA GLU A 96 -3.91 9.05 -12.10
C GLU A 96 -3.69 10.29 -11.25
N ALA A 97 -2.59 10.31 -10.50
CA ALA A 97 -2.26 11.43 -9.64
C ALA A 97 -1.83 12.65 -10.45
N SER A 98 -0.83 12.46 -11.31
CA SER A 98 -0.34 13.56 -12.14
C SER A 98 -1.45 14.15 -13.01
N GLU A 99 -2.40 13.31 -13.38
CA GLU A 99 -3.52 13.76 -14.21
C GLU A 99 -4.61 14.39 -13.35
N GLN A 100 -4.95 13.74 -12.24
CA GLN A 100 -5.97 14.24 -11.33
C GLN A 100 -5.61 15.62 -10.80
N GLU A 101 -4.31 15.87 -10.66
CA GLU A 101 -3.83 17.15 -10.16
C GLU A 101 -4.34 17.41 -8.75
N LYS A 102 -4.54 16.34 -7.99
CA LYS A 102 -5.02 16.46 -6.62
C LYS A 102 -3.90 16.19 -5.62
N PRO A 103 -4.17 16.43 -4.32
CA PRO A 103 -3.17 16.22 -3.27
C PRO A 103 -2.57 14.81 -3.32
N LEU A 104 -1.29 14.73 -3.68
CA LEU A 104 -0.61 13.45 -3.77
C LEU A 104 -0.53 12.76 -2.41
N MET A 105 -0.59 13.55 -1.35
CA MET A 105 -0.53 13.01 0.01
C MET A 105 -1.55 11.89 0.19
N ALA A 106 -2.81 12.19 -0.08
CA ALA A 106 -3.89 11.21 0.04
C ALA A 106 -3.73 10.11 -1.00
N HIS A 107 -3.24 10.48 -2.18
CA HIS A 107 -3.04 9.52 -3.26
C HIS A 107 -2.24 8.31 -2.79
N TRP A 108 -1.13 8.57 -2.12
CA TRP A 108 -0.28 7.51 -1.59
C TRP A 108 -1.06 6.65 -0.61
N ALA A 109 -1.65 7.29 0.40
CA ALA A 109 -2.43 6.58 1.40
C ALA A 109 -3.47 5.69 0.73
N HIS A 110 -4.04 6.19 -0.35
CA HIS A 110 -5.04 5.43 -1.11
C HIS A 110 -4.35 4.38 -1.97
N MET A 111 -3.19 4.75 -2.51
CA MET A 111 -2.41 3.86 -3.35
C MET A 111 -2.07 2.58 -2.60
N VAL A 112 -1.65 2.72 -1.35
CA VAL A 112 -1.28 1.57 -0.53
C VAL A 112 -2.49 0.72 -0.18
N VAL A 113 -3.54 1.37 0.32
CA VAL A 113 -4.77 0.67 0.70
C VAL A 113 -5.43 0.01 -0.49
N HIS A 114 -5.80 0.81 -1.49
CA HIS A 114 -6.46 0.29 -2.68
C HIS A 114 -5.61 -0.79 -3.35
N GLY A 115 -4.31 -0.54 -3.43
CA GLY A 115 -3.40 -1.50 -4.05
C GLY A 115 -3.12 -2.71 -3.18
N SER A 116 -3.46 -2.63 -1.89
CA SER A 116 -3.22 -3.73 -0.98
C SER A 116 -4.51 -4.50 -0.67
N LEU A 117 -5.51 -3.78 -0.17
CA LEU A 117 -6.80 -4.39 0.18
C LEU A 117 -7.40 -5.17 -0.99
N HIS A 118 -7.22 -4.66 -2.20
CA HIS A 118 -7.77 -5.32 -3.39
C HIS A 118 -6.93 -6.52 -3.83
N LEU A 119 -5.67 -6.57 -3.39
CA LEU A 119 -4.79 -7.66 -3.76
C LEU A 119 -4.87 -8.84 -2.78
N LEU A 120 -4.52 -8.59 -1.53
CA LEU A 120 -4.54 -9.65 -0.52
C LEU A 120 -5.81 -9.63 0.32
N GLY A 121 -6.28 -8.44 0.67
CA GLY A 121 -7.49 -8.35 1.47
C GLY A 121 -7.22 -8.61 2.94
N TYR A 122 -6.52 -7.68 3.58
CA TYR A 122 -6.18 -7.81 5.00
C TYR A 122 -7.43 -7.97 5.90
N ASP A 123 -8.62 -7.94 5.31
CA ASP A 123 -9.85 -8.09 6.07
C ASP A 123 -10.22 -9.56 6.28
N HIS A 124 -9.22 -10.44 6.16
CA HIS A 124 -9.43 -11.88 6.33
C HIS A 124 -10.33 -12.19 7.53
N ILE A 125 -9.73 -12.46 8.70
CA ILE A 125 -10.51 -12.79 9.90
C ILE A 125 -11.53 -11.68 10.21
N GLU A 126 -12.34 -11.90 11.24
CA GLU A 126 -13.37 -10.93 11.61
C GLU A 126 -13.14 -10.31 12.99
N ASP A 127 -12.84 -11.14 13.98
CA ASP A 127 -12.66 -10.66 15.35
C ASP A 127 -11.23 -10.23 15.69
N ASP A 128 -10.25 -10.56 14.85
CA ASP A 128 -8.87 -10.19 15.14
C ASP A 128 -8.44 -8.89 14.44
N GLU A 129 -7.98 -9.01 13.20
CA GLU A 129 -7.50 -7.84 12.46
C GLU A 129 -8.63 -7.11 11.74
N ALA A 130 -9.77 -7.76 11.57
CA ALA A 130 -10.90 -7.14 10.89
C ALA A 130 -11.24 -5.78 11.49
N GLU A 131 -11.49 -5.76 12.79
CA GLU A 131 -11.83 -4.52 13.49
C GLU A 131 -10.74 -3.47 13.31
N GLU A 132 -9.52 -3.79 13.74
CA GLU A 132 -8.39 -2.89 13.62
C GLU A 132 -8.17 -2.46 12.17
N MET A 133 -8.07 -3.44 11.28
CA MET A 133 -7.86 -3.19 9.86
C MET A 133 -8.93 -2.25 9.32
N GLU A 134 -10.19 -2.60 9.54
CA GLU A 134 -11.29 -1.78 9.08
C GLU A 134 -11.23 -0.39 9.71
N SER A 135 -10.96 -0.35 11.01
CA SER A 135 -10.87 0.92 11.72
C SER A 135 -9.71 1.76 11.19
N LEU A 136 -8.50 1.21 11.25
CA LEU A 136 -7.32 1.92 10.77
C LEU A 136 -7.46 2.27 9.29
N GLU A 137 -7.91 1.30 8.50
CA GLU A 137 -8.11 1.52 7.06
C GLU A 137 -9.08 2.67 6.84
N THR A 138 -10.28 2.54 7.42
CA THR A 138 -11.29 3.56 7.29
C THR A 138 -10.81 4.88 7.90
N GLN A 139 -9.82 4.78 8.78
CA GLN A 139 -9.26 5.96 9.44
C GLN A 139 -8.34 6.74 8.50
N ILE A 140 -7.59 6.01 7.68
CA ILE A 140 -6.67 6.65 6.73
C ILE A 140 -7.41 7.02 5.46
N MET A 141 -8.35 6.17 5.06
CA MET A 141 -9.13 6.42 3.86
C MET A 141 -10.34 7.30 4.12
N GLN A 142 -11.16 6.92 5.11
CA GLN A 142 -12.36 7.68 5.45
C GLN A 142 -12.05 8.81 6.44
N GLY A 143 -11.27 8.50 7.46
CA GLY A 143 -10.92 9.49 8.47
C GLY A 143 -10.53 10.83 7.88
N LEU A 144 -9.66 10.81 6.88
CA LEU A 144 -9.20 12.03 6.22
C LEU A 144 -10.24 12.53 5.23
N GLY A 145 -11.09 11.62 4.75
CA GLY A 145 -12.12 12.00 3.79
C GLY A 145 -11.54 12.51 2.50
N PHE A 146 -10.76 11.68 1.82
CA PHE A 146 -10.13 12.06 0.56
C PHE A 146 -11.19 12.34 -0.49
N SER A 3 4.10 0.41 16.75
CA SER A 3 3.27 1.24 15.83
C SER A 3 3.17 0.60 14.44
N VAL A 4 2.63 1.34 13.49
CA VAL A 4 2.49 0.85 12.13
C VAL A 4 3.81 0.93 11.38
N LEU A 5 4.40 -0.23 11.13
CA LEU A 5 5.67 -0.30 10.43
C LEU A 5 5.46 -0.42 8.92
N VAL A 6 5.27 0.72 8.27
CA VAL A 6 5.07 0.74 6.82
C VAL A 6 6.36 1.13 6.11
N ASP A 7 6.43 0.90 4.81
CA ASP A 7 7.63 1.24 4.06
C ASP A 7 7.35 1.40 2.57
N LEU A 8 7.41 2.64 2.10
CA LEU A 8 7.19 2.94 0.68
C LEU A 8 8.52 3.31 0.04
N GLN A 9 8.82 2.72 -1.11
CA GLN A 9 10.09 3.02 -1.78
C GLN A 9 9.92 3.28 -3.27
N ILE A 10 10.58 4.33 -3.75
CA ILE A 10 10.55 4.71 -5.16
C ILE A 10 11.64 3.98 -5.93
N ALA A 11 11.39 3.74 -7.22
CA ALA A 11 12.36 3.05 -8.06
C ALA A 11 12.66 3.85 -9.32
N THR A 12 12.72 5.17 -9.18
CA THR A 12 13.00 6.04 -10.31
C THR A 12 14.14 7.00 -10.00
N GLU A 13 15.22 6.90 -10.75
CA GLU A 13 16.38 7.76 -10.55
C GLU A 13 16.05 9.21 -10.92
N ASN A 14 15.10 9.38 -11.84
CA ASN A 14 14.70 10.72 -12.27
C ASN A 14 13.18 10.79 -12.47
N ILE A 15 12.52 11.63 -11.67
CA ILE A 15 11.08 11.79 -11.77
C ILE A 15 10.67 13.22 -11.42
N GLU A 16 9.37 13.47 -11.42
CA GLU A 16 8.85 14.81 -11.10
C GLU A 16 9.15 15.18 -9.65
N GLY A 17 9.22 14.16 -8.79
CA GLY A 17 9.50 14.40 -7.39
C GLY A 17 9.66 13.12 -6.60
N LEU A 18 10.82 12.96 -5.95
CA LEU A 18 11.09 11.77 -5.16
C LEU A 18 10.06 11.61 -4.05
N PRO A 19 9.17 10.60 -4.17
CA PRO A 19 8.13 10.35 -3.16
C PRO A 19 8.72 10.06 -1.79
N THR A 20 8.70 11.05 -0.91
CA THR A 20 9.24 10.90 0.43
C THR A 20 8.31 10.07 1.30
N GLU A 21 8.87 9.05 1.95
CA GLU A 21 8.09 8.17 2.81
C GLU A 21 7.59 8.91 4.05
N GLU A 22 8.47 9.68 4.67
CA GLU A 22 8.11 10.44 5.87
C GLU A 22 6.79 11.17 5.67
N GLN A 23 6.71 11.97 4.62
CA GLN A 23 5.48 12.72 4.32
C GLN A 23 4.31 11.77 4.10
N ILE A 24 4.38 11.01 3.01
CA ILE A 24 3.33 10.06 2.68
C ILE A 24 2.96 9.20 3.88
N VAL A 25 3.93 8.38 4.31
CA VAL A 25 3.74 7.49 5.45
C VAL A 25 3.11 8.21 6.63
N GLN A 26 3.78 9.24 7.13
CA GLN A 26 3.28 10.00 8.28
C GLN A 26 1.89 10.55 8.01
N TRP A 27 1.74 11.28 6.90
CA TRP A 27 0.45 11.87 6.55
C TRP A 27 -0.66 10.82 6.60
N ALA A 28 -0.56 9.79 5.76
CA ALA A 28 -1.57 8.75 5.71
C ALA A 28 -1.39 7.73 6.83
N THR A 29 -0.43 6.84 6.65
CA THR A 29 -0.16 5.78 7.63
C THR A 29 0.18 6.35 9.01
N GLY A 30 0.53 7.62 9.08
CA GLY A 30 0.85 8.22 10.37
C GLY A 30 -0.40 8.63 11.11
N ALA A 31 -1.40 9.09 10.36
CA ALA A 31 -2.67 9.51 10.95
C ALA A 31 -3.59 8.33 11.23
N VAL A 32 -3.22 7.14 10.75
CA VAL A 32 -4.05 5.95 10.96
C VAL A 32 -3.65 5.18 12.22
N GLN A 33 -2.35 4.99 12.42
CA GLN A 33 -1.87 4.25 13.58
C GLN A 33 -0.98 5.10 14.49
N PRO A 34 -1.37 6.36 14.77
CA PRO A 34 -0.59 7.24 15.63
C PRO A 34 -0.41 6.65 17.03
N GLU A 35 -1.53 6.31 17.65
CA GLU A 35 -1.52 5.72 18.98
C GLU A 35 -2.12 4.32 18.96
N GLY A 36 -2.02 3.65 17.81
CA GLY A 36 -2.57 2.31 17.67
C GLY A 36 -1.58 1.21 18.03
N ASN A 37 -1.85 0.01 17.55
CA ASN A 37 -0.99 -1.14 17.82
C ASN A 37 0.14 -1.22 16.80
N GLU A 38 0.98 -2.25 16.93
CA GLU A 38 2.11 -2.44 16.05
C GLU A 38 1.73 -3.30 14.83
N VAL A 39 1.97 -2.76 13.63
CA VAL A 39 1.66 -3.48 12.40
C VAL A 39 2.77 -3.28 11.36
N GLU A 40 2.55 -3.78 10.15
CA GLU A 40 3.55 -3.66 9.08
C GLU A 40 2.89 -3.57 7.70
N MET A 41 3.24 -2.53 6.95
CA MET A 41 2.69 -2.34 5.61
C MET A 41 3.75 -1.80 4.65
N THR A 42 4.32 -2.70 3.85
CA THR A 42 5.35 -2.31 2.88
C THR A 42 4.71 -1.98 1.53
N VAL A 43 5.38 -1.14 0.75
CA VAL A 43 4.88 -0.75 -0.57
C VAL A 43 6.01 -0.33 -1.50
N ARG A 44 6.07 -0.96 -2.67
CA ARG A 44 7.09 -0.66 -3.65
C ARG A 44 6.48 0.05 -4.86
N ILE A 45 7.00 1.22 -5.19
CA ILE A 45 6.51 1.98 -6.32
C ILE A 45 7.55 2.00 -7.44
N VAL A 46 7.35 1.13 -8.43
CA VAL A 46 8.27 1.03 -9.56
C VAL A 46 7.52 0.75 -10.86
N ASP A 47 8.20 0.97 -11.99
CA ASP A 47 7.60 0.73 -13.30
C ASP A 47 7.05 -0.69 -13.41
N GLU A 48 6.66 -1.07 -14.62
CA GLU A 48 6.10 -2.40 -14.86
C GLU A 48 7.19 -3.46 -14.97
N ALA A 49 8.11 -3.27 -15.91
CA ALA A 49 9.20 -4.22 -16.13
C ALA A 49 9.86 -4.64 -14.81
N GLU A 50 10.36 -3.66 -14.07
CA GLU A 50 11.03 -3.92 -12.80
C GLU A 50 10.23 -4.89 -11.92
N SER A 51 9.03 -4.46 -11.53
CA SER A 51 8.17 -5.27 -10.69
C SER A 51 7.96 -6.66 -11.29
N HIS A 52 7.48 -6.69 -12.53
CA HIS A 52 7.23 -7.95 -13.22
C HIS A 52 8.48 -8.82 -13.25
N GLU A 53 9.64 -8.18 -13.19
CA GLU A 53 10.90 -8.90 -13.19
C GLU A 53 11.22 -9.38 -11.77
N LEU A 54 10.89 -8.55 -10.79
CA LEU A 54 11.13 -8.88 -9.39
C LEU A 54 10.23 -10.02 -8.93
N ASN A 55 8.91 -9.81 -9.02
CA ASN A 55 7.95 -10.82 -8.61
C ASN A 55 8.24 -12.16 -9.26
N LEU A 56 8.47 -12.15 -10.57
CA LEU A 56 8.77 -13.39 -11.29
C LEU A 56 10.12 -13.92 -10.87
N THR A 57 11.13 -13.07 -10.90
CA THR A 57 12.47 -13.49 -10.48
C THR A 57 12.40 -14.03 -9.05
N TYR A 58 11.37 -13.58 -8.32
CA TYR A 58 11.16 -14.01 -6.95
C TYR A 58 10.47 -15.37 -6.92
N ARG A 59 9.41 -15.52 -7.73
CA ARG A 59 8.68 -16.78 -7.76
C ARG A 59 7.92 -17.01 -9.08
N GLY A 60 7.44 -15.94 -9.70
CA GLY A 60 6.70 -16.09 -10.94
C GLY A 60 5.29 -15.54 -10.83
N LYS A 61 5.15 -14.39 -10.18
CA LYS A 61 3.85 -13.76 -9.99
C LYS A 61 3.27 -13.25 -11.31
N ASP A 62 2.25 -12.40 -11.19
CA ASP A 62 1.57 -11.85 -12.36
C ASP A 62 2.54 -11.26 -13.38
N ARG A 63 2.00 -10.85 -14.52
CA ARG A 63 2.77 -10.26 -15.61
C ARG A 63 2.38 -8.79 -15.78
N PRO A 64 2.65 -8.15 -16.94
CA PRO A 64 2.29 -6.73 -17.16
C PRO A 64 0.94 -6.38 -16.58
N THR A 65 0.95 -5.88 -15.34
CA THR A 65 -0.26 -5.51 -14.63
C THR A 65 -0.37 -3.99 -14.49
N ASN A 66 -1.23 -3.55 -13.58
CA ASN A 66 -1.42 -2.13 -13.33
C ASN A 66 -1.16 -1.79 -11.86
N VAL A 67 -1.63 -2.67 -10.97
CA VAL A 67 -1.43 -2.47 -9.54
C VAL A 67 -1.09 -3.80 -8.85
N LEU A 68 0.13 -4.26 -9.06
CA LEU A 68 0.60 -5.51 -8.46
C LEU A 68 1.02 -5.29 -7.02
N SER A 69 0.90 -6.34 -6.20
CA SER A 69 1.26 -6.26 -4.79
C SER A 69 1.83 -7.57 -4.28
N PHE A 70 2.46 -7.52 -3.11
CA PHE A 70 3.05 -8.71 -2.51
C PHE A 70 2.31 -9.08 -1.23
N PRO A 71 1.42 -10.09 -1.31
CA PRO A 71 0.63 -10.55 -0.15
C PRO A 71 1.44 -11.42 0.79
N PHE A 72 0.98 -11.55 2.03
CA PHE A 72 1.67 -12.36 3.01
C PHE A 72 1.35 -13.84 2.81
N GLU A 73 2.28 -14.56 2.18
CA GLU A 73 2.10 -15.98 1.95
C GLU A 73 2.14 -16.74 3.27
N CYS A 74 1.05 -16.65 4.02
CA CYS A 74 0.95 -17.31 5.32
C CYS A 74 -0.49 -17.71 5.61
N PRO A 75 -0.72 -18.49 6.68
CA PRO A 75 -2.06 -18.95 7.05
C PRO A 75 -2.95 -17.80 7.52
N ASP A 76 -4.21 -17.82 7.11
CA ASP A 76 -5.17 -16.78 7.48
C ASP A 76 -5.48 -16.83 8.97
N GLU A 77 -5.61 -18.04 9.51
CA GLU A 77 -5.91 -18.21 10.91
C GLU A 77 -4.72 -17.85 11.79
N VAL A 78 -4.34 -16.58 11.77
CA VAL A 78 -3.22 -16.09 12.56
C VAL A 78 -3.58 -14.81 13.28
N GLU A 79 -3.15 -14.68 14.53
CA GLU A 79 -3.44 -13.49 15.32
C GLU A 79 -2.21 -12.61 15.44
N LEU A 80 -1.86 -11.95 14.33
CA LEU A 80 -0.71 -11.06 14.30
C LEU A 80 -0.94 -9.92 13.32
N PRO A 81 -0.79 -8.66 13.76
CA PRO A 81 -1.00 -7.48 12.90
C PRO A 81 -0.06 -7.45 11.70
N LEU A 82 -0.61 -7.10 10.54
CA LEU A 82 0.18 -7.01 9.31
C LEU A 82 -0.68 -6.52 8.15
N LEU A 83 -0.03 -5.94 7.16
CA LEU A 83 -0.74 -5.43 5.98
C LEU A 83 -0.17 -6.04 4.71
N GLY A 84 1.11 -6.43 4.75
CA GLY A 84 1.74 -7.03 3.58
C GLY A 84 2.59 -6.05 2.80
N ASP A 85 2.92 -6.43 1.56
CA ASP A 85 3.75 -5.58 0.69
C ASP A 85 2.99 -5.25 -0.60
N LEU A 86 3.45 -4.21 -1.30
CA LEU A 86 2.82 -3.79 -2.55
C LEU A 86 3.84 -3.50 -3.64
N VAL A 87 3.36 -3.38 -4.88
CA VAL A 87 4.21 -3.10 -6.02
C VAL A 87 3.43 -2.35 -7.10
N ILE A 88 3.27 -1.05 -6.93
CA ILE A 88 2.52 -0.23 -7.89
C ILE A 88 3.45 0.59 -8.78
N CYS A 89 2.88 1.15 -9.85
CA CYS A 89 3.64 1.96 -10.78
C CYS A 89 3.41 3.45 -10.53
N ARG A 90 4.47 4.24 -10.63
CA ARG A 90 4.40 5.68 -10.41
C ARG A 90 3.97 6.43 -11.68
N GLN A 91 3.81 5.71 -12.78
CA GLN A 91 3.43 6.34 -14.05
C GLN A 91 1.91 6.44 -14.21
N VAL A 92 1.18 5.38 -13.84
CA VAL A 92 -0.26 5.37 -13.98
C VAL A 92 -0.98 6.15 -12.89
N VAL A 93 -0.64 5.88 -11.64
CA VAL A 93 -1.28 6.56 -10.51
C VAL A 93 -0.88 8.04 -10.46
N GLU A 94 0.42 8.30 -10.59
CA GLU A 94 0.90 9.68 -10.57
C GLU A 94 0.30 10.47 -11.73
N ARG A 95 0.08 9.78 -12.85
CA ARG A 95 -0.49 10.41 -14.03
C ARG A 95 -1.98 10.66 -13.79
N GLU A 96 -2.67 9.67 -13.25
CA GLU A 96 -4.09 9.79 -12.97
C GLU A 96 -4.33 10.90 -11.96
N ALA A 97 -3.51 10.92 -10.91
CA ALA A 97 -3.61 11.93 -9.87
C ALA A 97 -3.18 13.30 -10.40
N SER A 98 -2.05 13.32 -11.10
CA SER A 98 -1.52 14.55 -11.66
C SER A 98 -2.52 15.16 -12.65
N GLU A 99 -3.13 14.31 -13.45
CA GLU A 99 -4.11 14.75 -14.43
C GLU A 99 -5.45 15.09 -13.76
N GLN A 100 -5.75 14.36 -12.69
CA GLN A 100 -6.98 14.57 -11.95
C GLN A 100 -6.95 15.89 -11.17
N GLU A 101 -5.74 16.43 -10.98
CA GLU A 101 -5.57 17.68 -10.25
C GLU A 101 -5.91 17.50 -8.78
N LYS A 102 -5.53 16.36 -8.23
CA LYS A 102 -5.78 16.06 -6.82
C LYS A 102 -4.47 15.91 -6.05
N PRO A 103 -4.52 16.04 -4.71
CA PRO A 103 -3.34 15.91 -3.86
C PRO A 103 -2.81 14.48 -3.81
N LEU A 104 -1.55 14.29 -4.15
CA LEU A 104 -0.93 12.97 -4.15
C LEU A 104 -0.96 12.36 -2.75
N MET A 105 -1.08 13.22 -1.73
CA MET A 105 -1.11 12.76 -0.35
C MET A 105 -2.21 11.71 -0.15
N ALA A 106 -3.44 12.07 -0.50
CA ALA A 106 -4.57 11.14 -0.36
C ALA A 106 -4.53 10.07 -1.45
N HIS A 107 -4.03 10.44 -2.62
CA HIS A 107 -3.93 9.52 -3.74
C HIS A 107 -3.09 8.30 -3.37
N TRP A 108 -1.89 8.56 -2.84
CA TRP A 108 -0.99 7.49 -2.44
C TRP A 108 -1.61 6.68 -1.29
N ALA A 109 -2.16 7.37 -0.31
CA ALA A 109 -2.81 6.72 0.83
C ALA A 109 -3.92 5.80 0.37
N HIS A 110 -4.68 6.25 -0.62
CA HIS A 110 -5.78 5.46 -1.16
C HIS A 110 -5.25 4.40 -2.12
N MET A 111 -4.29 4.79 -2.95
CA MET A 111 -3.69 3.88 -3.91
C MET A 111 -3.09 2.67 -3.22
N VAL A 112 -2.27 2.91 -2.20
CA VAL A 112 -1.63 1.83 -1.45
C VAL A 112 -2.67 0.87 -0.88
N VAL A 113 -3.67 1.42 -0.20
CA VAL A 113 -4.72 0.60 0.42
C VAL A 113 -5.55 -0.11 -0.65
N HIS A 114 -5.74 0.55 -1.80
CA HIS A 114 -6.51 -0.04 -2.88
C HIS A 114 -5.89 -1.36 -3.34
N GLY A 115 -4.60 -1.30 -3.67
CA GLY A 115 -3.91 -2.49 -4.11
C GLY A 115 -3.49 -3.39 -2.97
N SER A 116 -3.50 -2.85 -1.75
CA SER A 116 -3.12 -3.62 -0.56
C SER A 116 -4.18 -4.66 -0.22
N LEU A 117 -5.43 -4.21 -0.11
CA LEU A 117 -6.53 -5.10 0.24
C LEU A 117 -7.04 -5.87 -0.98
N HIS A 118 -7.52 -5.14 -1.97
CA HIS A 118 -8.05 -5.74 -3.18
C HIS A 118 -7.13 -6.81 -3.76
N LEU A 119 -5.83 -6.69 -3.48
CA LEU A 119 -4.86 -7.64 -4.00
C LEU A 119 -4.47 -8.72 -2.99
N LEU A 120 -4.70 -8.48 -1.70
CA LEU A 120 -4.33 -9.47 -0.69
C LEU A 120 -5.43 -9.71 0.35
N GLY A 121 -6.09 -8.64 0.79
CA GLY A 121 -7.14 -8.80 1.78
C GLY A 121 -6.57 -9.12 3.15
N TYR A 122 -5.90 -8.13 3.75
CA TYR A 122 -5.28 -8.30 5.07
C TYR A 122 -6.29 -8.56 6.19
N ASP A 123 -7.52 -8.93 5.84
CA ASP A 123 -8.55 -9.20 6.84
C ASP A 123 -8.40 -10.63 7.40
N HIS A 124 -7.15 -11.03 7.67
CA HIS A 124 -6.83 -12.37 8.19
C HIS A 124 -7.93 -12.92 9.11
N ILE A 125 -7.76 -12.74 10.43
CA ILE A 125 -8.75 -13.25 11.38
C ILE A 125 -10.14 -12.73 11.07
N GLU A 126 -11.16 -13.38 11.63
CA GLU A 126 -12.54 -13.01 11.38
C GLU A 126 -12.97 -11.81 12.23
N ASP A 127 -13.05 -12.01 13.55
CA ASP A 127 -13.48 -10.94 14.45
C ASP A 127 -12.32 -10.07 14.94
N ASP A 128 -11.09 -10.51 14.74
CA ASP A 128 -9.93 -9.75 15.21
C ASP A 128 -9.38 -8.83 14.12
N GLU A 129 -8.49 -9.35 13.28
CA GLU A 129 -7.88 -8.57 12.21
C GLU A 129 -8.91 -7.76 11.44
N ALA A 130 -10.11 -8.29 11.31
CA ALA A 130 -11.18 -7.60 10.59
C ALA A 130 -11.40 -6.21 11.16
N GLU A 131 -11.55 -6.12 12.49
CA GLU A 131 -11.75 -4.84 13.15
C GLU A 131 -10.57 -3.91 12.89
N GLU A 132 -9.40 -4.35 13.31
CA GLU A 132 -8.17 -3.57 13.12
C GLU A 132 -8.01 -3.18 11.66
N MET A 133 -8.34 -4.12 10.77
CA MET A 133 -8.25 -3.88 9.34
C MET A 133 -9.21 -2.78 8.92
N GLU A 134 -10.48 -2.95 9.26
CA GLU A 134 -11.51 -1.97 8.94
C GLU A 134 -11.10 -0.59 9.46
N SER A 135 -10.67 -0.56 10.72
CA SER A 135 -10.22 0.69 11.33
C SER A 135 -8.94 1.17 10.67
N LEU A 136 -8.10 0.21 10.30
CA LEU A 136 -6.82 0.52 9.65
C LEU A 136 -7.06 1.29 8.37
N GLU A 137 -7.92 0.76 7.51
CA GLU A 137 -8.23 1.41 6.24
C GLU A 137 -9.16 2.61 6.46
N THR A 138 -10.03 2.49 7.45
CA THR A 138 -10.98 3.55 7.76
C THR A 138 -10.28 4.81 8.27
N GLN A 139 -9.22 4.64 9.07
CA GLN A 139 -8.49 5.77 9.61
C GLN A 139 -7.73 6.53 8.52
N ILE A 140 -7.06 5.79 7.63
CA ILE A 140 -6.31 6.43 6.56
C ILE A 140 -7.25 6.94 5.45
N MET A 141 -8.31 6.20 5.20
CA MET A 141 -9.27 6.58 4.16
C MET A 141 -10.32 7.56 4.70
N GLN A 142 -11.04 7.16 5.75
CA GLN A 142 -12.08 7.99 6.32
C GLN A 142 -11.54 8.97 7.36
N GLY A 143 -10.63 8.48 8.20
CA GLY A 143 -10.04 9.33 9.24
C GLY A 143 -9.62 10.69 8.72
N LEU A 144 -9.26 10.76 7.45
CA LEU A 144 -8.84 12.02 6.83
C LEU A 144 -9.96 12.63 6.01
N GLY A 145 -10.84 11.76 5.49
CA GLY A 145 -11.95 12.25 4.68
C GLY A 145 -11.51 12.70 3.31
N PHE A 146 -10.95 11.79 2.53
CA PHE A 146 -10.49 12.12 1.18
C PHE A 146 -11.67 12.42 0.26
N SER A 3 1.15 -1.47 17.32
CA SER A 3 2.37 -1.69 16.49
C SER A 3 2.05 -1.49 15.00
N VAL A 4 1.79 -0.25 14.61
CA VAL A 4 1.48 0.06 13.22
C VAL A 4 2.75 0.42 12.45
N LEU A 5 3.08 -0.40 11.46
CA LEU A 5 4.27 -0.18 10.65
C LEU A 5 3.92 -0.08 9.17
N VAL A 6 4.57 0.83 8.47
CA VAL A 6 4.33 1.04 7.05
C VAL A 6 5.63 1.38 6.33
N ASP A 7 5.80 0.84 5.12
CA ASP A 7 7.00 1.09 4.33
C ASP A 7 6.65 1.61 2.94
N LEU A 8 7.05 2.85 2.67
CA LEU A 8 6.80 3.47 1.38
C LEU A 8 8.09 3.59 0.58
N GLN A 9 8.22 2.79 -0.48
CA GLN A 9 9.42 2.83 -1.31
C GLN A 9 9.10 3.07 -2.77
N ILE A 10 9.97 3.79 -3.46
CA ILE A 10 9.79 4.10 -4.87
C ILE A 10 11.00 3.62 -5.68
N ALA A 11 10.78 3.36 -6.96
CA ALA A 11 11.85 2.91 -7.83
C ALA A 11 11.72 3.51 -9.23
N THR A 12 11.77 4.83 -9.31
CA THR A 12 11.65 5.54 -10.57
C THR A 12 12.99 6.09 -11.02
N GLU A 13 12.99 6.81 -12.14
CA GLU A 13 14.20 7.40 -12.68
C GLU A 13 14.20 8.92 -12.46
N ASN A 14 13.07 9.55 -12.73
CA ASN A 14 12.94 10.99 -12.57
C ASN A 14 11.49 11.43 -12.76
N ILE A 15 10.91 12.02 -11.72
CA ILE A 15 9.53 12.49 -11.76
C ILE A 15 9.42 13.90 -11.19
N GLU A 16 8.18 14.40 -11.14
CA GLU A 16 7.94 15.74 -10.62
C GLU A 16 7.86 15.71 -9.09
N GLY A 17 8.94 15.23 -8.46
CA GLY A 17 8.98 15.15 -7.02
C GLY A 17 8.82 13.72 -6.51
N LEU A 18 9.74 13.30 -5.66
CA LEU A 18 9.69 11.95 -5.10
C LEU A 18 8.60 11.85 -4.04
N PRO A 19 8.12 10.63 -3.75
CA PRO A 19 7.06 10.42 -2.77
C PRO A 19 7.58 10.45 -1.34
N THR A 20 8.69 9.74 -1.10
CA THR A 20 9.29 9.69 0.23
C THR A 20 8.32 9.10 1.25
N GLU A 21 8.78 8.10 1.99
CA GLU A 21 7.95 7.45 2.99
C GLU A 21 7.55 8.44 4.09
N GLU A 22 8.50 9.23 4.55
CA GLU A 22 8.23 10.22 5.60
C GLU A 22 6.96 11.00 5.29
N GLN A 23 6.90 11.60 4.11
CA GLN A 23 5.74 12.37 3.69
C GLN A 23 4.48 11.50 3.65
N ILE A 24 4.45 10.55 2.72
CA ILE A 24 3.31 9.66 2.58
C ILE A 24 2.94 9.01 3.91
N VAL A 25 3.87 8.23 4.46
CA VAL A 25 3.66 7.55 5.73
C VAL A 25 3.11 8.51 6.79
N GLN A 26 3.87 9.56 7.09
CA GLN A 26 3.44 10.54 8.08
C GLN A 26 2.10 11.14 7.72
N TRP A 27 1.97 11.64 6.50
CA TRP A 27 0.72 12.24 6.05
C TRP A 27 -0.47 11.32 6.31
N ALA A 28 -0.46 10.14 5.70
CA ALA A 28 -1.55 9.19 5.87
C ALA A 28 -1.37 8.35 7.13
N THR A 29 -0.47 7.37 7.07
CA THR A 29 -0.22 6.50 8.20
C THR A 29 0.07 7.29 9.48
N GLY A 30 0.56 8.52 9.31
CA GLY A 30 0.86 9.35 10.47
C GLY A 30 -0.40 9.76 11.21
N ALA A 31 -1.36 10.34 10.49
CA ALA A 31 -2.60 10.76 11.11
C ALA A 31 -3.27 9.60 11.83
N VAL A 32 -2.93 8.38 11.44
CA VAL A 32 -3.51 7.18 12.04
C VAL A 32 -2.68 6.68 13.23
N GLN A 33 -1.41 7.05 13.26
CA GLN A 33 -0.51 6.64 14.34
C GLN A 33 -1.14 6.78 15.72
N PRO A 34 -1.62 8.00 16.07
CA PRO A 34 -2.24 8.27 17.37
C PRO A 34 -3.14 7.12 17.84
N GLU A 35 -4.07 6.72 17.00
CA GLU A 35 -5.00 5.63 17.34
C GLU A 35 -4.83 4.45 16.40
N GLY A 36 -3.57 4.10 16.12
CA GLY A 36 -3.29 2.98 15.24
C GLY A 36 -3.22 1.66 15.99
N ASN A 37 -3.15 0.56 15.23
CA ASN A 37 -3.08 -0.77 15.83
C ASN A 37 -1.92 -1.57 15.24
N GLU A 38 -1.76 -2.81 15.70
CA GLU A 38 -0.70 -3.68 15.22
C GLU A 38 -0.93 -4.07 13.77
N VAL A 39 -0.07 -3.60 12.87
CA VAL A 39 -0.19 -3.91 11.45
C VAL A 39 1.10 -3.58 10.69
N GLU A 40 1.21 -4.13 9.48
CA GLU A 40 2.38 -3.90 8.64
C GLU A 40 1.96 -3.65 7.20
N MET A 41 2.22 -2.43 6.71
CA MET A 41 1.86 -2.07 5.35
C MET A 41 3.09 -1.68 4.52
N THR A 42 3.58 -2.63 3.73
CA THR A 42 4.74 -2.37 2.89
C THR A 42 4.30 -2.13 1.44
N VAL A 43 4.68 -0.98 0.89
CA VAL A 43 4.30 -0.64 -0.48
C VAL A 43 5.49 -0.12 -1.28
N ARG A 44 5.62 -0.63 -2.50
CA ARG A 44 6.70 -0.22 -3.40
C ARG A 44 6.12 0.26 -4.73
N ILE A 45 6.64 1.38 -5.22
CA ILE A 45 6.18 1.93 -6.49
C ILE A 45 7.30 1.97 -7.52
N VAL A 46 7.15 1.14 -8.56
CA VAL A 46 8.14 1.06 -9.62
C VAL A 46 7.48 0.78 -10.96
N ASP A 47 8.19 1.08 -12.04
CA ASP A 47 7.66 0.85 -13.39
C ASP A 47 7.12 -0.57 -13.53
N GLU A 48 6.49 -0.85 -14.67
CA GLU A 48 5.94 -2.18 -14.91
C GLU A 48 7.03 -3.20 -15.22
N ALA A 49 7.94 -2.84 -16.11
CA ALA A 49 9.03 -3.74 -16.49
C ALA A 49 9.82 -4.22 -15.28
N GLU A 50 10.36 -3.27 -14.53
CA GLU A 50 11.14 -3.59 -13.34
C GLU A 50 10.36 -4.47 -12.37
N SER A 51 9.18 -4.00 -11.96
CA SER A 51 8.33 -4.75 -11.04
C SER A 51 8.07 -6.16 -11.57
N HIS A 52 7.57 -6.25 -12.80
CA HIS A 52 7.27 -7.53 -13.41
C HIS A 52 8.51 -8.42 -13.44
N GLU A 53 9.57 -7.96 -14.10
CA GLU A 53 10.79 -8.74 -14.18
C GLU A 53 11.28 -9.12 -12.78
N LEU A 54 10.98 -8.25 -11.81
CA LEU A 54 11.37 -8.49 -10.43
C LEU A 54 10.58 -9.63 -9.82
N ASN A 55 9.25 -9.56 -9.91
CA ASN A 55 8.40 -10.61 -9.36
C ASN A 55 8.84 -11.96 -9.90
N LEU A 56 8.86 -12.07 -11.22
CA LEU A 56 9.26 -13.29 -11.88
C LEU A 56 10.72 -13.60 -11.62
N THR A 57 11.51 -12.56 -11.34
CA THR A 57 12.93 -12.75 -11.07
C THR A 57 13.13 -13.65 -9.85
N TYR A 58 12.23 -13.57 -8.89
CA TYR A 58 12.35 -14.37 -7.68
C TYR A 58 11.24 -15.41 -7.50
N ARG A 59 10.13 -15.29 -8.25
CA ARG A 59 9.04 -16.27 -8.08
C ARG A 59 8.15 -16.43 -9.31
N GLY A 60 8.63 -16.06 -10.49
CA GLY A 60 7.83 -16.20 -11.70
C GLY A 60 6.38 -15.78 -11.50
N LYS A 61 6.19 -14.58 -10.95
CA LYS A 61 4.85 -14.05 -10.68
C LYS A 61 4.02 -13.88 -11.95
N ASP A 62 2.92 -13.14 -11.82
CA ASP A 62 1.99 -12.90 -12.92
C ASP A 62 2.68 -12.25 -14.13
N ARG A 63 1.91 -11.45 -14.88
CA ARG A 63 2.42 -10.77 -16.07
C ARG A 63 2.03 -9.29 -16.03
N PRO A 64 2.28 -8.51 -17.12
CA PRO A 64 1.94 -7.09 -17.15
C PRO A 64 0.62 -6.77 -16.46
N THR A 65 0.73 -6.32 -15.21
CA THR A 65 -0.44 -6.00 -14.41
C THR A 65 -0.53 -4.49 -14.14
N ASN A 66 -1.35 -4.12 -13.16
CA ASN A 66 -1.52 -2.72 -12.79
C ASN A 66 -1.20 -2.50 -11.32
N VAL A 67 -1.60 -3.46 -10.48
CA VAL A 67 -1.35 -3.37 -9.04
C VAL A 67 -1.01 -4.73 -8.46
N LEU A 68 0.27 -5.08 -8.50
CA LEU A 68 0.74 -6.36 -7.97
C LEU A 68 1.41 -6.15 -6.61
N SER A 69 1.17 -7.07 -5.68
CA SER A 69 1.74 -6.96 -4.34
C SER A 69 2.49 -8.24 -3.98
N PHE A 70 3.22 -8.18 -2.86
CA PHE A 70 3.99 -9.33 -2.38
C PHE A 70 3.49 -9.76 -1.00
N PRO A 71 2.76 -10.90 -0.93
CA PRO A 71 2.23 -11.42 0.33
C PRO A 71 3.31 -12.11 1.16
N PHE A 72 3.22 -11.96 2.48
CA PHE A 72 4.19 -12.58 3.39
C PHE A 72 4.09 -14.11 3.33
N GLU A 73 4.95 -14.78 4.08
CA GLU A 73 4.96 -16.23 4.12
C GLU A 73 3.60 -16.78 4.53
N CYS A 74 2.76 -17.07 3.54
CA CYS A 74 1.42 -17.60 3.80
C CYS A 74 1.47 -18.85 4.68
N PRO A 75 1.06 -18.72 5.96
CA PRO A 75 1.05 -19.85 6.89
C PRO A 75 -0.26 -20.62 6.85
N ASP A 76 -1.37 -19.90 7.03
CA ASP A 76 -2.69 -20.51 7.02
C ASP A 76 -3.55 -19.89 5.92
N GLU A 77 -4.20 -18.78 6.24
CA GLU A 77 -5.06 -18.08 5.28
C GLU A 77 -4.73 -16.59 5.25
N VAL A 78 -3.51 -16.25 5.68
CA VAL A 78 -3.06 -14.85 5.70
C VAL A 78 -4.07 -13.93 6.36
N GLU A 79 -4.96 -14.50 7.17
CA GLU A 79 -5.97 -13.70 7.85
C GLU A 79 -5.48 -13.28 9.23
N LEU A 80 -4.81 -12.13 9.28
CA LEU A 80 -4.28 -11.61 10.53
C LEU A 80 -3.78 -10.18 10.37
N PRO A 81 -3.54 -9.47 11.48
CA PRO A 81 -3.07 -8.07 11.44
C PRO A 81 -1.83 -7.89 10.56
N LEU A 82 -2.05 -7.61 9.28
CA LEU A 82 -0.96 -7.40 8.34
C LEU A 82 -1.48 -7.05 6.94
N LEU A 83 -0.62 -6.45 6.14
CA LEU A 83 -0.98 -6.07 4.79
C LEU A 83 0.02 -6.64 3.77
N GLY A 84 1.26 -6.85 4.21
CA GLY A 84 2.28 -7.40 3.35
C GLY A 84 2.96 -6.33 2.50
N ASP A 85 3.68 -6.78 1.47
CA ASP A 85 4.39 -5.86 0.58
C ASP A 85 3.54 -5.55 -0.65
N LEU A 86 3.82 -4.41 -1.30
CA LEU A 86 3.06 -4.02 -2.47
C LEU A 86 3.98 -3.55 -3.60
N VAL A 87 3.50 -3.65 -4.83
CA VAL A 87 4.28 -3.24 -6.00
C VAL A 87 3.37 -2.55 -7.03
N ILE A 88 3.17 -1.25 -6.85
CA ILE A 88 2.33 -0.48 -7.75
C ILE A 88 3.16 0.26 -8.80
N CYS A 89 2.51 0.62 -9.91
CA CYS A 89 3.16 1.34 -10.99
C CYS A 89 2.92 2.85 -10.86
N ARG A 90 3.92 3.54 -10.32
CA ARG A 90 3.82 4.99 -10.14
C ARG A 90 3.44 5.70 -11.42
N GLN A 91 3.80 5.11 -12.56
CA GLN A 91 3.50 5.71 -13.85
C GLN A 91 2.00 5.88 -14.07
N VAL A 92 1.22 4.90 -13.63
CA VAL A 92 -0.24 4.93 -13.78
C VAL A 92 -0.90 5.81 -12.72
N VAL A 93 -0.73 5.43 -11.46
CA VAL A 93 -1.33 6.17 -10.35
C VAL A 93 -0.96 7.66 -10.41
N GLU A 94 0.32 7.94 -10.60
CA GLU A 94 0.79 9.32 -10.68
C GLU A 94 0.18 10.01 -11.90
N ARG A 95 0.02 9.25 -12.98
CA ARG A 95 -0.56 9.79 -14.20
C ARG A 95 -2.02 10.19 -13.96
N GLU A 96 -2.81 9.22 -13.49
CA GLU A 96 -4.22 9.47 -13.20
C GLU A 96 -4.36 10.56 -12.16
N ALA A 97 -3.39 10.60 -11.24
CA ALA A 97 -3.40 11.61 -10.18
C ALA A 97 -3.07 12.99 -10.75
N SER A 98 -1.95 13.07 -11.48
CA SER A 98 -1.52 14.32 -12.09
C SER A 98 -2.57 14.81 -13.07
N GLU A 99 -3.34 13.89 -13.63
CA GLU A 99 -4.39 14.23 -14.58
C GLU A 99 -5.67 14.60 -13.85
N GLN A 100 -5.89 13.93 -12.72
CA GLN A 100 -7.06 14.16 -11.89
C GLN A 100 -7.03 15.58 -11.32
N GLU A 101 -5.83 16.11 -11.10
CA GLU A 101 -5.66 17.45 -10.56
C GLU A 101 -6.06 17.50 -9.09
N LYS A 102 -5.44 16.65 -8.28
CA LYS A 102 -5.70 16.60 -6.85
C LYS A 102 -4.43 16.32 -6.06
N PRO A 103 -4.45 16.54 -4.74
CA PRO A 103 -3.29 16.32 -3.88
C PRO A 103 -2.77 14.89 -3.98
N LEU A 104 -1.58 14.74 -4.55
CA LEU A 104 -0.98 13.42 -4.71
C LEU A 104 -0.79 12.73 -3.36
N MET A 105 -0.72 13.52 -2.30
CA MET A 105 -0.55 12.97 -0.95
C MET A 105 -1.58 11.89 -0.66
N ALA A 106 -2.86 12.26 -0.74
CA ALA A 106 -3.94 11.32 -0.48
C ALA A 106 -3.92 10.17 -1.48
N HIS A 107 -3.54 10.48 -2.71
CA HIS A 107 -3.47 9.46 -3.76
C HIS A 107 -2.70 8.24 -3.30
N TRP A 108 -1.50 8.46 -2.78
CA TRP A 108 -0.66 7.36 -2.31
C TRP A 108 -1.36 6.60 -1.19
N ALA A 109 -1.85 7.33 -0.19
CA ALA A 109 -2.55 6.71 0.93
C ALA A 109 -3.69 5.82 0.43
N HIS A 110 -4.55 6.39 -0.41
CA HIS A 110 -5.67 5.64 -0.96
C HIS A 110 -5.15 4.52 -1.87
N MET A 111 -4.09 4.82 -2.61
CA MET A 111 -3.49 3.86 -3.53
C MET A 111 -3.05 2.61 -2.78
N VAL A 112 -2.19 2.78 -1.79
CA VAL A 112 -1.68 1.64 -1.01
C VAL A 112 -2.84 0.79 -0.48
N VAL A 113 -3.94 1.44 -0.12
CA VAL A 113 -5.10 0.74 0.39
C VAL A 113 -5.84 0.01 -0.73
N HIS A 114 -6.13 0.71 -1.82
CA HIS A 114 -6.83 0.11 -2.95
C HIS A 114 -6.05 -1.10 -3.48
N GLY A 115 -4.73 -0.97 -3.52
CA GLY A 115 -3.90 -2.06 -4.01
C GLY A 115 -3.67 -3.13 -2.97
N SER A 116 -3.52 -2.72 -1.71
CA SER A 116 -3.31 -3.67 -0.62
C SER A 116 -4.49 -4.62 -0.48
N LEU A 117 -5.68 -4.07 -0.37
CA LEU A 117 -6.90 -4.86 -0.22
C LEU A 117 -7.13 -5.74 -1.44
N HIS A 118 -6.83 -5.22 -2.62
CA HIS A 118 -7.01 -5.96 -3.86
C HIS A 118 -6.15 -7.21 -3.90
N LEU A 119 -4.97 -7.15 -3.30
CA LEU A 119 -4.07 -8.29 -3.29
C LEU A 119 -4.12 -9.08 -1.99
N LEU A 120 -4.62 -8.47 -0.92
CA LEU A 120 -4.70 -9.16 0.37
C LEU A 120 -6.14 -9.32 0.84
N GLY A 121 -6.95 -8.27 0.72
CA GLY A 121 -8.33 -8.37 1.17
C GLY A 121 -8.50 -7.92 2.61
N TYR A 122 -8.35 -6.62 2.85
CA TYR A 122 -8.49 -6.03 4.19
C TYR A 122 -9.50 -6.78 5.05
N ASP A 123 -10.57 -7.27 4.43
CA ASP A 123 -11.61 -8.01 5.14
C ASP A 123 -11.22 -9.46 5.37
N HIS A 124 -9.96 -9.69 5.75
CA HIS A 124 -9.46 -11.04 5.99
C HIS A 124 -10.38 -11.80 6.95
N ILE A 125 -10.23 -11.51 8.25
CA ILE A 125 -11.03 -12.15 9.28
C ILE A 125 -11.92 -11.14 9.99
N GLU A 126 -12.92 -11.63 10.71
CA GLU A 126 -13.84 -10.77 11.42
C GLU A 126 -13.67 -10.88 12.94
N ASP A 127 -12.72 -11.71 13.37
CA ASP A 127 -12.47 -11.91 14.79
C ASP A 127 -11.46 -10.90 15.33
N ASP A 128 -10.20 -11.05 14.92
CA ASP A 128 -9.13 -10.16 15.38
C ASP A 128 -8.85 -9.03 14.39
N GLU A 129 -8.14 -9.36 13.32
CA GLU A 129 -7.77 -8.39 12.29
C GLU A 129 -8.94 -7.47 11.91
N ALA A 130 -10.17 -7.95 12.10
CA ALA A 130 -11.35 -7.18 11.76
C ALA A 130 -11.25 -5.74 12.27
N GLU A 131 -11.34 -5.57 13.59
CA GLU A 131 -11.26 -4.24 14.20
C GLU A 131 -9.97 -3.53 13.82
N GLU A 132 -8.86 -4.25 13.89
CA GLU A 132 -7.56 -3.69 13.54
C GLU A 132 -7.56 -3.13 12.13
N MET A 133 -7.77 -4.00 11.15
CA MET A 133 -7.78 -3.60 9.75
C MET A 133 -8.86 -2.55 9.49
N GLU A 134 -10.09 -2.86 9.90
CA GLU A 134 -11.21 -1.95 9.72
C GLU A 134 -10.88 -0.56 10.27
N SER A 135 -10.56 -0.51 11.55
CA SER A 135 -10.22 0.76 12.20
C SER A 135 -9.02 1.40 11.52
N LEU A 136 -8.00 0.60 11.23
CA LEU A 136 -6.79 1.09 10.57
C LEU A 136 -7.13 1.72 9.23
N GLU A 137 -7.75 0.94 8.35
CA GLU A 137 -8.13 1.41 7.03
C GLU A 137 -9.05 2.62 7.13
N THR A 138 -10.07 2.49 7.96
CA THR A 138 -11.04 3.57 8.14
C THR A 138 -10.36 4.81 8.70
N GLN A 139 -9.29 4.62 9.45
CA GLN A 139 -8.57 5.74 10.06
C GLN A 139 -7.72 6.47 9.02
N ILE A 140 -7.02 5.73 8.18
CA ILE A 140 -6.17 6.34 7.16
C ILE A 140 -7.00 6.83 5.99
N MET A 141 -8.10 6.14 5.72
CA MET A 141 -8.99 6.51 4.62
C MET A 141 -10.02 7.56 5.06
N GLN A 142 -10.81 7.23 6.08
CA GLN A 142 -11.83 8.14 6.58
C GLN A 142 -11.27 9.12 7.60
N GLY A 143 -10.29 8.69 8.37
CA GLY A 143 -9.69 9.53 9.38
C GLY A 143 -8.49 10.32 8.87
N LEU A 144 -8.43 10.53 7.56
CA LEU A 144 -7.32 11.26 6.95
C LEU A 144 -7.84 12.39 6.07
N GLY A 145 -8.87 12.11 5.29
CA GLY A 145 -9.45 13.11 4.42
C GLY A 145 -9.09 12.88 2.96
N PHE A 146 -10.10 12.86 2.10
CA PHE A 146 -9.88 12.65 0.66
C PHE A 146 -10.97 13.35 -0.15
N SER A 3 4.21 -0.49 16.75
CA SER A 3 3.66 0.65 15.98
C SER A 3 3.39 0.25 14.53
N VAL A 4 2.82 1.17 13.76
CA VAL A 4 2.52 0.93 12.36
C VAL A 4 3.74 1.21 11.48
N LEU A 5 4.48 0.15 11.16
CA LEU A 5 5.67 0.28 10.34
C LEU A 5 5.32 0.19 8.85
N VAL A 6 5.61 1.25 8.11
CA VAL A 6 5.31 1.29 6.69
C VAL A 6 6.55 1.65 5.89
N ASP A 7 6.51 1.41 4.58
CA ASP A 7 7.65 1.71 3.72
C ASP A 7 7.21 2.01 2.29
N LEU A 8 7.73 3.10 1.73
CA LEU A 8 7.41 3.50 0.37
C LEU A 8 8.67 3.45 -0.49
N GLN A 9 8.96 2.27 -1.03
CA GLN A 9 10.14 2.08 -1.86
C GLN A 9 9.87 2.37 -3.33
N ILE A 10 10.70 3.21 -3.93
CA ILE A 10 10.56 3.56 -5.34
C ILE A 10 11.71 2.97 -6.15
N ALA A 11 11.39 2.26 -7.21
CA ALA A 11 12.42 1.64 -8.05
C ALA A 11 12.59 2.39 -9.36
N THR A 12 12.90 3.68 -9.26
CA THR A 12 13.09 4.51 -10.44
C THR A 12 14.43 5.27 -10.36
N GLU A 13 15.03 5.52 -11.51
CA GLU A 13 16.29 6.25 -11.57
C GLU A 13 16.13 7.64 -10.96
N ASN A 14 15.14 8.37 -11.45
CA ASN A 14 14.85 9.71 -10.95
C ASN A 14 13.62 9.67 -10.06
N ILE A 15 12.97 10.81 -9.86
CA ILE A 15 11.78 10.86 -9.02
C ILE A 15 10.55 11.26 -9.82
N GLU A 16 9.54 10.40 -9.75
CA GLU A 16 8.27 10.62 -10.42
C GLU A 16 7.16 10.16 -9.49
N GLY A 17 7.32 10.54 -8.22
CA GLY A 17 6.36 10.17 -7.20
C GLY A 17 7.04 10.02 -5.84
N LEU A 18 8.13 9.25 -5.81
CA LEU A 18 8.90 9.03 -4.57
C LEU A 18 9.04 10.32 -3.78
N PRO A 19 8.18 10.51 -2.77
CA PRO A 19 8.18 11.69 -1.93
C PRO A 19 8.85 11.45 -0.59
N THR A 20 8.58 12.32 0.39
CA THR A 20 9.16 12.17 1.72
C THR A 20 8.32 11.23 2.57
N GLU A 21 8.97 10.25 3.17
CA GLU A 21 8.28 9.28 4.03
C GLU A 21 7.61 9.96 5.21
N GLU A 22 8.34 10.85 5.87
CA GLU A 22 7.80 11.57 7.03
C GLU A 22 6.44 12.17 6.70
N GLN A 23 6.40 12.95 5.62
CA GLN A 23 5.15 13.57 5.18
C GLN A 23 4.09 12.53 4.87
N ILE A 24 4.34 11.71 3.86
CA ILE A 24 3.40 10.66 3.47
C ILE A 24 3.02 9.79 4.65
N VAL A 25 4.01 9.06 5.16
CA VAL A 25 3.79 8.17 6.31
C VAL A 25 2.99 8.85 7.41
N GLN A 26 3.50 9.98 7.90
CA GLN A 26 2.81 10.72 8.95
C GLN A 26 1.42 11.16 8.51
N TRP A 27 1.35 11.81 7.35
CA TRP A 27 0.08 12.28 6.82
C TRP A 27 -0.97 11.16 6.82
N ALA A 28 -0.69 10.11 6.06
CA ALA A 28 -1.62 8.98 5.96
C ALA A 28 -1.50 8.04 7.15
N THR A 29 -0.46 7.22 7.17
CA THR A 29 -0.26 6.25 8.24
C THR A 29 -0.15 6.93 9.61
N GLY A 30 0.28 8.18 9.65
CA GLY A 30 0.40 8.87 10.90
C GLY A 30 -0.96 9.24 11.48
N ALA A 31 -1.86 9.66 10.61
CA ALA A 31 -3.20 10.03 11.03
C ALA A 31 -3.99 8.82 11.53
N VAL A 32 -3.57 7.62 11.11
CA VAL A 32 -4.24 6.39 11.52
C VAL A 32 -3.63 5.79 12.79
N GLN A 33 -2.42 6.23 13.14
CA GLN A 33 -1.76 5.70 14.33
C GLN A 33 -1.37 6.83 15.30
N PRO A 34 -2.28 7.79 15.54
CA PRO A 34 -2.02 8.90 16.46
C PRO A 34 -1.75 8.41 17.89
N GLU A 35 -2.14 7.16 18.17
CA GLU A 35 -1.93 6.58 19.49
C GLU A 35 -0.75 5.61 19.47
N GLY A 36 -0.82 4.61 18.60
CA GLY A 36 0.25 3.65 18.50
C GLY A 36 -0.25 2.21 18.43
N ASN A 37 -0.22 1.64 17.23
CA ASN A 37 -0.67 0.27 17.02
C ASN A 37 0.30 -0.49 16.11
N GLU A 38 0.61 -1.73 16.50
CA GLU A 38 1.55 -2.55 15.73
C GLU A 38 0.96 -2.91 14.36
N VAL A 39 1.67 -2.53 13.31
CA VAL A 39 1.25 -2.82 11.94
C VAL A 39 2.45 -2.86 10.99
N GLU A 40 2.25 -3.43 9.80
CA GLU A 40 3.33 -3.52 8.82
C GLU A 40 2.80 -3.38 7.40
N MET A 41 3.25 -2.33 6.71
CA MET A 41 2.83 -2.07 5.33
C MET A 41 4.02 -1.69 4.47
N THR A 42 4.52 -2.65 3.69
CA THR A 42 5.65 -2.39 2.80
C THR A 42 5.18 -2.12 1.39
N VAL A 43 5.25 -0.86 0.96
CA VAL A 43 4.81 -0.47 -0.37
C VAL A 43 5.99 -0.25 -1.31
N ARG A 44 5.83 -0.69 -2.55
CA ARG A 44 6.86 -0.54 -3.57
C ARG A 44 6.28 -0.01 -4.87
N ILE A 45 6.95 0.97 -5.46
CA ILE A 45 6.50 1.57 -6.72
C ILE A 45 7.57 1.43 -7.79
N VAL A 46 7.15 1.08 -8.99
CA VAL A 46 8.07 0.92 -10.11
C VAL A 46 7.32 0.59 -11.40
N ASP A 47 7.97 0.82 -12.53
CA ASP A 47 7.37 0.55 -13.84
C ASP A 47 6.75 -0.85 -13.88
N GLU A 48 6.04 -1.14 -14.97
CA GLU A 48 5.41 -2.44 -15.13
C GLU A 48 6.43 -3.54 -15.33
N ALA A 49 7.27 -3.38 -16.35
CA ALA A 49 8.31 -4.36 -16.66
C ALA A 49 9.16 -4.68 -15.44
N GLU A 50 9.78 -3.65 -14.87
CA GLU A 50 10.65 -3.82 -13.70
C GLU A 50 9.95 -4.61 -12.60
N SER A 51 8.77 -4.15 -12.20
CA SER A 51 8.00 -4.81 -11.16
C SER A 51 7.76 -6.27 -11.51
N HIS A 52 7.37 -6.52 -12.75
CA HIS A 52 7.10 -7.87 -13.22
C HIS A 52 8.37 -8.72 -13.20
N GLU A 53 9.41 -8.27 -13.89
CA GLU A 53 10.67 -9.02 -13.91
C GLU A 53 11.10 -9.32 -12.48
N LEU A 54 11.05 -8.30 -11.63
CA LEU A 54 11.41 -8.47 -10.23
C LEU A 54 10.44 -9.43 -9.55
N ASN A 55 9.21 -9.46 -10.06
CA ASN A 55 8.17 -10.33 -9.52
C ASN A 55 8.53 -11.80 -9.64
N LEU A 56 8.71 -12.25 -10.88
CA LEU A 56 9.03 -13.65 -11.13
C LEU A 56 10.50 -13.96 -10.90
N THR A 57 11.37 -13.01 -11.22
CA THR A 57 12.80 -13.21 -11.05
C THR A 57 13.17 -13.36 -9.57
N TYR A 58 12.28 -12.91 -8.68
CA TYR A 58 12.56 -13.00 -7.25
C TYR A 58 11.61 -13.95 -6.51
N ARG A 59 10.43 -14.23 -7.06
CA ARG A 59 9.51 -15.14 -6.38
C ARG A 59 8.63 -15.97 -7.32
N GLY A 60 8.28 -15.41 -8.47
CA GLY A 60 7.43 -16.13 -9.40
C GLY A 60 5.96 -15.87 -9.15
N LYS A 61 5.57 -14.60 -9.23
CA LYS A 61 4.20 -14.19 -8.99
C LYS A 61 3.46 -13.85 -10.29
N ASP A 62 2.33 -13.18 -10.15
CA ASP A 62 1.49 -12.80 -11.30
C ASP A 62 2.30 -12.14 -12.41
N ARG A 63 1.58 -11.66 -13.43
CA ARG A 63 2.18 -11.01 -14.58
C ARG A 63 1.59 -9.60 -14.74
N PRO A 64 1.71 -8.94 -15.92
CA PRO A 64 1.17 -7.59 -16.13
C PRO A 64 -0.17 -7.35 -15.44
N THR A 65 -0.10 -6.69 -14.30
CA THR A 65 -1.30 -6.36 -13.52
C THR A 65 -1.37 -4.86 -13.25
N ASN A 66 -2.19 -4.47 -12.28
CA ASN A 66 -2.32 -3.05 -11.94
C ASN A 66 -1.74 -2.77 -10.57
N VAL A 67 -1.90 -3.72 -9.65
CA VAL A 67 -1.38 -3.57 -8.30
C VAL A 67 -0.89 -4.90 -7.74
N LEU A 68 0.34 -5.28 -8.10
CA LEU A 68 0.93 -6.52 -7.63
C LEU A 68 1.47 -6.34 -6.21
N SER A 69 1.17 -7.28 -5.32
CA SER A 69 1.63 -7.19 -3.95
C SER A 69 2.25 -8.50 -3.47
N PHE A 70 2.94 -8.44 -2.34
CA PHE A 70 3.59 -9.61 -1.76
C PHE A 70 3.18 -9.76 -0.30
N PRO A 71 1.97 -10.30 -0.06
CA PRO A 71 1.45 -10.50 1.29
C PRO A 71 2.06 -11.73 1.95
N PHE A 72 1.99 -11.79 3.28
CA PHE A 72 2.53 -12.92 4.03
C PHE A 72 1.68 -14.16 3.79
N GLU A 73 2.34 -15.32 3.72
CA GLU A 73 1.63 -16.59 3.50
C GLU A 73 0.43 -16.70 4.44
N CYS A 74 -0.76 -16.67 3.86
CA CYS A 74 -1.99 -16.75 4.67
C CYS A 74 -2.87 -17.93 4.26
N PRO A 75 -2.34 -19.16 4.37
CA PRO A 75 -3.09 -20.37 4.05
C PRO A 75 -4.01 -20.77 5.20
N ASP A 76 -3.62 -20.36 6.40
CA ASP A 76 -4.37 -20.63 7.62
C ASP A 76 -4.77 -19.32 8.28
N GLU A 77 -5.18 -18.36 7.46
CA GLU A 77 -5.56 -17.02 7.93
C GLU A 77 -5.92 -17.01 9.41
N VAL A 78 -5.01 -16.47 10.20
CA VAL A 78 -5.17 -16.39 11.64
C VAL A 78 -5.37 -14.93 12.06
N GLU A 79 -5.27 -14.66 13.35
CA GLU A 79 -5.45 -13.32 13.86
C GLU A 79 -4.13 -12.63 14.13
N LEU A 80 -3.60 -11.97 13.10
CA LEU A 80 -2.32 -11.27 13.22
C LEU A 80 -2.33 -9.98 12.40
N PRO A 81 -2.20 -8.82 13.05
CA PRO A 81 -2.20 -7.51 12.37
C PRO A 81 -1.00 -7.37 11.43
N LEU A 82 -1.27 -7.02 10.17
CA LEU A 82 -0.21 -6.86 9.18
C LEU A 82 -0.78 -6.51 7.81
N LEU A 83 0.08 -6.05 6.91
CA LEU A 83 -0.34 -5.68 5.57
C LEU A 83 0.50 -6.40 4.51
N GLY A 84 1.76 -6.69 4.86
CA GLY A 84 2.64 -7.38 3.92
C GLY A 84 3.35 -6.42 2.99
N ASP A 85 3.69 -6.90 1.80
CA ASP A 85 4.39 -6.08 0.81
C ASP A 85 3.46 -5.71 -0.35
N LEU A 86 3.78 -4.62 -1.04
CA LEU A 86 2.97 -4.15 -2.15
C LEU A 86 3.86 -3.63 -3.28
N VAL A 87 3.43 -3.84 -4.52
CA VAL A 87 4.16 -3.39 -5.70
C VAL A 87 3.22 -2.72 -6.68
N ILE A 88 2.90 -1.45 -6.42
CA ILE A 88 2.00 -0.69 -7.27
C ILE A 88 2.76 -0.04 -8.42
N CYS A 89 2.08 0.09 -9.56
CA CYS A 89 2.68 0.72 -10.73
C CYS A 89 2.66 2.24 -10.60
N ARG A 90 3.83 2.85 -10.75
CA ARG A 90 3.96 4.30 -10.63
C ARG A 90 3.58 5.00 -11.95
N GLN A 91 3.29 4.23 -12.98
CA GLN A 91 2.94 4.80 -14.28
C GLN A 91 1.45 5.11 -14.36
N VAL A 92 0.62 4.26 -13.77
CA VAL A 92 -0.82 4.44 -13.80
C VAL A 92 -1.28 5.49 -12.79
N VAL A 93 -1.04 5.21 -11.52
CA VAL A 93 -1.44 6.12 -10.45
C VAL A 93 -0.86 7.52 -10.66
N GLU A 94 0.44 7.58 -10.95
CA GLU A 94 1.10 8.87 -11.18
C GLU A 94 0.49 9.57 -12.38
N ARG A 95 0.08 8.79 -13.37
CA ARG A 95 -0.53 9.34 -14.57
C ARG A 95 -1.90 9.89 -14.24
N GLU A 96 -2.68 9.12 -13.50
CA GLU A 96 -4.02 9.53 -13.10
C GLU A 96 -3.95 10.76 -12.19
N ALA A 97 -2.99 10.74 -11.27
CA ALA A 97 -2.80 11.86 -10.34
C ALA A 97 -2.26 13.09 -11.08
N SER A 98 -1.29 12.85 -11.96
CA SER A 98 -0.69 13.93 -12.73
C SER A 98 -1.70 14.53 -13.70
N GLU A 99 -2.60 13.69 -14.20
CA GLU A 99 -3.63 14.13 -15.14
C GLU A 99 -4.81 14.76 -14.39
N GLN A 100 -5.06 14.26 -13.18
CA GLN A 100 -6.17 14.77 -12.36
C GLN A 100 -5.75 16.02 -11.60
N GLU A 101 -4.45 16.09 -11.26
CA GLU A 101 -3.92 17.25 -10.54
C GLU A 101 -4.53 17.33 -9.14
N LYS A 102 -4.74 16.17 -8.51
CA LYS A 102 -5.31 16.11 -7.17
C LYS A 102 -4.21 15.89 -6.13
N PRO A 103 -4.49 16.22 -4.85
CA PRO A 103 -3.54 16.05 -3.77
C PRO A 103 -2.92 14.65 -3.75
N LEU A 104 -1.65 14.56 -4.12
CA LEU A 104 -0.96 13.27 -4.16
C LEU A 104 -0.92 12.63 -2.77
N MET A 105 -0.92 13.46 -1.74
CA MET A 105 -0.90 12.96 -0.36
C MET A 105 -1.93 11.86 -0.16
N ALA A 106 -3.20 12.22 -0.29
CA ALA A 106 -4.29 11.26 -0.14
C ALA A 106 -4.13 10.12 -1.12
N HIS A 107 -3.54 10.42 -2.28
CA HIS A 107 -3.31 9.41 -3.31
C HIS A 107 -2.57 8.20 -2.76
N TRP A 108 -1.35 8.43 -2.29
CA TRP A 108 -0.53 7.36 -1.72
C TRP A 108 -1.35 6.52 -0.74
N ALA A 109 -1.99 7.20 0.21
CA ALA A 109 -2.81 6.54 1.22
C ALA A 109 -3.91 5.70 0.57
N HIS A 110 -4.52 6.24 -0.47
CA HIS A 110 -5.61 5.54 -1.16
C HIS A 110 -5.08 4.47 -2.11
N MET A 111 -4.16 4.86 -2.98
CA MET A 111 -3.59 3.95 -3.97
C MET A 111 -2.95 2.73 -3.29
N VAL A 112 -2.41 2.92 -2.10
CA VAL A 112 -1.79 1.81 -1.38
C VAL A 112 -2.84 0.87 -0.80
N VAL A 113 -3.84 1.44 -0.12
CA VAL A 113 -4.91 0.67 0.48
C VAL A 113 -5.75 -0.01 -0.61
N HIS A 114 -5.80 0.60 -1.79
CA HIS A 114 -6.57 0.05 -2.90
C HIS A 114 -5.88 -1.18 -3.48
N GLY A 115 -4.62 -1.02 -3.86
CA GLY A 115 -3.86 -2.12 -4.44
C GLY A 115 -3.45 -3.15 -3.42
N SER A 116 -3.55 -2.82 -2.14
CA SER A 116 -3.17 -3.74 -1.07
C SER A 116 -4.25 -4.79 -0.82
N LEU A 117 -5.48 -4.33 -0.62
CA LEU A 117 -6.60 -5.22 -0.35
C LEU A 117 -7.22 -5.78 -1.63
N HIS A 118 -6.79 -5.28 -2.78
CA HIS A 118 -7.33 -5.73 -4.05
C HIS A 118 -6.66 -7.02 -4.54
N LEU A 119 -5.37 -7.17 -4.26
CA LEU A 119 -4.63 -8.34 -4.71
C LEU A 119 -4.47 -9.41 -3.63
N LEU A 120 -4.64 -9.04 -2.36
CA LEU A 120 -4.48 -10.01 -1.29
C LEU A 120 -5.69 -10.09 -0.37
N GLY A 121 -6.30 -8.95 -0.07
CA GLY A 121 -7.46 -8.96 0.81
C GLY A 121 -7.07 -9.21 2.26
N TYR A 122 -6.40 -8.24 2.86
CA TYR A 122 -5.95 -8.38 4.25
C TYR A 122 -7.09 -8.18 5.26
N ASP A 123 -8.33 -8.24 4.79
CA ASP A 123 -9.48 -8.08 5.66
C ASP A 123 -9.95 -9.43 6.22
N HIS A 124 -9.11 -10.45 6.06
CA HIS A 124 -9.43 -11.79 6.54
C HIS A 124 -9.78 -11.78 8.03
N ILE A 125 -9.94 -12.97 8.61
CA ILE A 125 -10.29 -13.14 10.03
C ILE A 125 -11.09 -11.95 10.56
N GLU A 126 -12.40 -12.16 10.69
CA GLU A 126 -13.31 -11.12 11.15
C GLU A 126 -13.22 -10.89 12.66
N ASP A 127 -12.19 -11.42 13.31
CA ASP A 127 -12.05 -11.24 14.76
C ASP A 127 -11.27 -9.97 15.10
N ASP A 128 -9.97 -9.98 14.84
CA ASP A 128 -9.12 -8.83 15.14
C ASP A 128 -8.88 -7.95 13.92
N GLU A 129 -8.04 -8.43 13.00
CA GLU A 129 -7.68 -7.71 11.79
C GLU A 129 -8.87 -6.97 11.17
N ALA A 130 -10.03 -7.61 11.13
CA ALA A 130 -11.21 -6.99 10.56
C ALA A 130 -11.50 -5.63 11.20
N GLU A 131 -11.80 -5.64 12.49
CA GLU A 131 -12.10 -4.41 13.22
C GLU A 131 -10.94 -3.42 13.11
N GLU A 132 -9.74 -3.88 13.45
CA GLU A 132 -8.55 -3.04 13.39
C GLU A 132 -8.35 -2.48 11.98
N MET A 133 -8.29 -3.37 11.00
CA MET A 133 -8.11 -2.97 9.61
C MET A 133 -9.18 -1.95 9.20
N GLU A 134 -10.43 -2.27 9.50
CA GLU A 134 -11.52 -1.37 9.17
C GLU A 134 -11.32 -0.03 9.84
N SER A 135 -11.00 -0.07 11.13
CA SER A 135 -10.77 1.15 11.90
C SER A 135 -9.63 1.96 11.29
N LEU A 136 -8.46 1.36 11.19
CA LEU A 136 -7.30 2.04 10.61
C LEU A 136 -7.60 2.47 9.17
N GLU A 137 -8.06 1.53 8.36
CA GLU A 137 -8.40 1.82 6.96
C GLU A 137 -9.26 3.08 6.88
N THR A 138 -10.35 3.08 7.64
CA THR A 138 -11.25 4.22 7.66
C THR A 138 -10.54 5.44 8.25
N GLN A 139 -9.55 5.18 9.10
CA GLN A 139 -8.79 6.25 9.74
C GLN A 139 -7.80 6.88 8.76
N ILE A 140 -7.25 6.07 7.86
CA ILE A 140 -6.31 6.58 6.87
C ILE A 140 -7.05 7.16 5.67
N MET A 141 -8.17 6.53 5.33
CA MET A 141 -8.98 6.96 4.21
C MET A 141 -9.98 8.06 4.62
N GLN A 142 -10.81 7.75 5.61
CA GLN A 142 -11.82 8.69 6.08
C GLN A 142 -11.27 9.64 7.14
N GLY A 143 -10.44 9.12 8.05
CA GLY A 143 -9.88 9.94 9.11
C GLY A 143 -9.40 11.30 8.64
N LEU A 144 -8.96 11.36 7.38
CA LEU A 144 -8.48 12.61 6.81
C LEU A 144 -9.53 13.24 5.89
N GLY A 145 -10.40 12.40 5.35
CA GLY A 145 -11.44 12.89 4.46
C GLY A 145 -10.91 13.21 3.08
N PHE A 146 -10.60 12.18 2.30
CA PHE A 146 -10.08 12.36 0.95
C PHE A 146 -11.21 12.64 -0.03
N SER A 3 0.72 -1.15 17.17
CA SER A 3 1.96 -0.62 16.55
C SER A 3 1.84 -0.56 15.04
N VAL A 4 1.55 0.63 14.52
CA VAL A 4 1.42 0.83 13.09
C VAL A 4 2.78 1.03 12.43
N LEU A 5 3.08 0.21 11.43
CA LEU A 5 4.34 0.30 10.73
C LEU A 5 4.14 0.23 9.22
N VAL A 6 4.78 1.15 8.51
CA VAL A 6 4.68 1.19 7.04
C VAL A 6 5.98 1.70 6.44
N ASP A 7 6.28 1.26 5.23
CA ASP A 7 7.52 1.69 4.57
C ASP A 7 7.41 1.57 3.05
N LEU A 8 7.41 2.72 2.37
CA LEU A 8 7.34 2.75 0.92
C LEU A 8 8.72 3.10 0.35
N GLN A 9 9.05 2.50 -0.79
CA GLN A 9 10.36 2.76 -1.40
C GLN A 9 10.27 2.93 -2.91
N ILE A 10 10.92 3.99 -3.40
CA ILE A 10 10.94 4.30 -4.83
C ILE A 10 11.94 3.39 -5.55
N ALA A 11 11.73 3.18 -6.84
CA ALA A 11 12.60 2.32 -7.63
C ALA A 11 13.02 2.99 -8.94
N THR A 12 13.25 4.29 -8.88
CA THR A 12 13.65 5.06 -10.05
C THR A 12 14.88 5.90 -9.76
N GLU A 13 15.59 6.29 -10.82
CA GLU A 13 16.78 7.11 -10.68
C GLU A 13 16.42 8.59 -10.65
N ASN A 14 15.32 8.93 -11.30
CA ASN A 14 14.85 10.31 -11.35
C ASN A 14 13.38 10.37 -11.74
N ILE A 15 12.62 11.19 -11.01
CA ILE A 15 11.18 11.34 -11.28
C ILE A 15 10.72 12.77 -11.03
N GLU A 16 9.43 13.00 -11.25
CA GLU A 16 8.85 14.32 -11.04
C GLU A 16 8.68 14.63 -9.56
N GLY A 17 8.46 13.58 -8.76
CA GLY A 17 8.29 13.75 -7.34
C GLY A 17 8.57 12.48 -6.56
N LEU A 18 9.76 12.39 -5.98
CA LEU A 18 10.14 11.22 -5.20
C LEU A 18 9.18 11.01 -4.04
N PRO A 19 8.41 9.91 -4.06
CA PRO A 19 7.44 9.61 -2.99
C PRO A 19 8.12 9.44 -1.63
N THR A 20 8.30 10.54 -0.92
CA THR A 20 8.93 10.51 0.39
C THR A 20 8.05 9.78 1.40
N GLU A 21 8.64 8.82 2.09
CA GLU A 21 7.90 8.04 3.09
C GLU A 21 7.40 8.93 4.22
N GLU A 22 8.28 9.77 4.75
CA GLU A 22 7.91 10.67 5.85
C GLU A 22 6.61 11.39 5.55
N GLN A 23 6.55 12.06 4.41
CA GLN A 23 5.35 12.79 4.00
C GLN A 23 4.16 11.86 3.86
N ILE A 24 4.26 10.91 2.94
CA ILE A 24 3.19 9.94 2.69
C ILE A 24 2.82 9.20 3.97
N VAL A 25 3.77 8.43 4.50
CA VAL A 25 3.55 7.66 5.72
C VAL A 25 2.91 8.53 6.81
N GLN A 26 3.58 9.62 7.16
CA GLN A 26 3.06 10.52 8.19
C GLN A 26 1.69 11.06 7.78
N TRP A 27 1.58 11.52 6.54
CA TRP A 27 0.32 12.06 6.04
C TRP A 27 -0.84 11.09 6.29
N ALA A 28 -0.74 9.89 5.70
CA ALA A 28 -1.78 8.89 5.88
C ALA A 28 -1.62 8.15 7.21
N THR A 29 -0.68 7.22 7.24
CA THR A 29 -0.42 6.43 8.45
C THR A 29 -0.22 7.33 9.67
N GLY A 30 0.51 8.42 9.50
CA GLY A 30 0.75 9.32 10.61
C GLY A 30 -0.54 9.86 11.18
N ALA A 31 -1.46 10.30 10.32
CA ALA A 31 -2.73 10.82 10.77
C ALA A 31 -3.47 9.77 11.60
N VAL A 32 -3.11 8.50 11.40
CA VAL A 32 -3.74 7.39 12.12
C VAL A 32 -2.99 7.07 13.42
N GLN A 33 -1.70 7.40 13.45
CA GLN A 33 -0.87 7.14 14.62
C GLN A 33 -1.57 7.50 15.94
N PRO A 34 -2.14 8.72 16.04
CA PRO A 34 -2.83 9.19 17.24
C PRO A 34 -3.61 8.08 17.95
N GLU A 35 -4.15 7.15 17.17
CA GLU A 35 -4.92 6.04 17.74
C GLU A 35 -4.00 4.86 18.06
N GLY A 36 -3.26 4.40 17.06
CA GLY A 36 -2.35 3.28 17.27
C GLY A 36 -2.95 1.97 16.84
N ASN A 37 -2.44 1.42 15.73
CA ASN A 37 -2.93 0.16 15.20
C ASN A 37 -1.77 -0.74 14.81
N GLU A 38 -1.78 -1.99 15.29
CA GLU A 38 -0.73 -2.95 14.99
C GLU A 38 -0.78 -3.36 13.52
N VAL A 39 0.25 -2.96 12.77
CA VAL A 39 0.32 -3.31 11.35
C VAL A 39 1.73 -3.12 10.80
N GLU A 40 2.00 -3.72 9.65
CA GLU A 40 3.30 -3.62 9.01
C GLU A 40 3.17 -3.65 7.49
N MET A 41 3.27 -2.48 6.88
CA MET A 41 3.15 -2.37 5.42
C MET A 41 4.51 -2.10 4.76
N THR A 42 4.75 -2.79 3.65
CA THR A 42 5.99 -2.61 2.90
C THR A 42 5.68 -2.25 1.45
N VAL A 43 5.49 -0.96 1.20
CA VAL A 43 5.16 -0.49 -0.15
C VAL A 43 6.39 -0.33 -1.02
N ARG A 44 6.25 -0.73 -2.28
CA ARG A 44 7.33 -0.63 -3.26
C ARG A 44 6.83 0.05 -4.53
N ILE A 45 7.20 1.31 -4.71
CA ILE A 45 6.76 2.05 -5.89
C ILE A 45 7.82 1.97 -6.99
N VAL A 46 7.55 1.09 -7.96
CA VAL A 46 8.47 0.88 -9.08
C VAL A 46 7.71 0.84 -10.41
N ASP A 47 8.43 1.01 -11.51
CA ASP A 47 7.81 0.99 -12.84
C ASP A 47 6.98 -0.27 -13.04
N GLU A 48 6.41 -0.42 -14.23
CA GLU A 48 5.58 -1.58 -14.55
C GLU A 48 6.43 -2.79 -14.94
N ALA A 49 7.40 -2.57 -15.81
CA ALA A 49 8.29 -3.64 -16.26
C ALA A 49 8.99 -4.31 -15.08
N GLU A 50 9.72 -3.51 -14.32
CA GLU A 50 10.44 -4.00 -13.15
C GLU A 50 9.48 -4.65 -12.17
N SER A 51 8.38 -3.96 -11.90
CA SER A 51 7.37 -4.45 -10.98
C SER A 51 6.83 -5.80 -11.46
N HIS A 52 6.39 -5.82 -12.71
CA HIS A 52 5.84 -7.05 -13.30
C HIS A 52 6.85 -8.19 -13.21
N GLU A 53 8.08 -7.91 -13.65
CA GLU A 53 9.14 -8.92 -13.59
C GLU A 53 9.44 -9.29 -12.15
N LEU A 54 9.43 -8.29 -11.28
CA LEU A 54 9.70 -8.50 -9.86
C LEU A 54 8.66 -9.42 -9.23
N ASN A 55 7.42 -9.28 -9.65
CA ASN A 55 6.34 -10.10 -9.12
C ASN A 55 6.62 -11.59 -9.32
N LEU A 56 6.76 -11.98 -10.58
CA LEU A 56 7.01 -13.37 -10.92
C LEU A 56 8.39 -13.81 -10.45
N THR A 57 9.39 -12.97 -10.67
CA THR A 57 10.75 -13.31 -10.24
C THR A 57 10.80 -13.48 -8.72
N TYR A 58 9.78 -12.95 -8.03
CA TYR A 58 9.69 -13.06 -6.58
C TYR A 58 8.89 -14.28 -6.17
N ARG A 59 7.73 -14.48 -6.78
CA ARG A 59 6.87 -15.62 -6.43
C ARG A 59 6.28 -16.31 -7.66
N GLY A 60 5.99 -15.54 -8.70
CA GLY A 60 5.42 -16.11 -9.91
C GLY A 60 3.92 -15.93 -10.00
N LYS A 61 3.41 -14.80 -9.51
CA LYS A 61 1.97 -14.54 -9.57
C LYS A 61 1.67 -13.11 -10.01
N ASP A 62 1.52 -12.92 -11.32
CA ASP A 62 1.19 -11.62 -11.88
C ASP A 62 -0.13 -11.66 -12.62
N ARG A 63 -0.62 -10.49 -13.01
CA ARG A 63 -1.88 -10.38 -13.74
C ARG A 63 -2.06 -8.95 -14.23
N PRO A 64 -3.06 -8.70 -15.10
CA PRO A 64 -3.34 -7.36 -15.62
C PRO A 64 -3.79 -6.42 -14.50
N THR A 65 -2.88 -6.13 -13.58
CA THR A 65 -3.17 -5.28 -12.44
C THR A 65 -2.49 -3.92 -12.58
N ASN A 66 -3.12 -2.89 -12.02
CA ASN A 66 -2.56 -1.55 -12.05
C ASN A 66 -1.33 -1.48 -11.16
N VAL A 67 -1.31 -2.35 -10.14
CA VAL A 67 -0.21 -2.41 -9.20
C VAL A 67 -0.11 -3.82 -8.61
N LEU A 68 1.12 -4.33 -8.51
CA LEU A 68 1.33 -5.67 -7.96
C LEU A 68 1.30 -5.63 -6.44
N SER A 69 0.89 -6.73 -5.82
CA SER A 69 0.81 -6.78 -4.37
C SER A 69 1.33 -8.11 -3.82
N PHE A 70 2.26 -8.02 -2.89
CA PHE A 70 2.83 -9.20 -2.27
C PHE A 70 2.27 -9.39 -0.86
N PRO A 71 1.22 -10.21 -0.72
CA PRO A 71 0.59 -10.48 0.57
C PRO A 71 1.40 -11.44 1.43
N PHE A 72 1.17 -11.39 2.73
CA PHE A 72 1.86 -12.26 3.66
C PHE A 72 1.40 -13.70 3.44
N GLU A 73 2.33 -14.59 3.13
CA GLU A 73 2.00 -16.00 2.91
C GLU A 73 1.11 -16.53 4.02
N CYS A 74 -0.20 -16.52 3.80
CA CYS A 74 -1.14 -16.97 4.80
C CYS A 74 -2.12 -18.01 4.24
N PRO A 75 -1.64 -19.23 3.98
CA PRO A 75 -2.48 -20.31 3.48
C PRO A 75 -3.50 -20.72 4.55
N ASP A 76 -3.11 -20.48 5.79
CA ASP A 76 -3.93 -20.77 6.96
C ASP A 76 -4.32 -19.46 7.63
N GLU A 77 -4.67 -18.47 6.80
CA GLU A 77 -5.02 -17.12 7.27
C GLU A 77 -5.42 -17.11 8.74
N VAL A 78 -4.42 -16.86 9.58
CA VAL A 78 -4.60 -16.80 11.02
C VAL A 78 -4.93 -15.39 11.45
N GLU A 79 -4.95 -15.16 12.77
CA GLU A 79 -5.29 -13.85 13.30
C GLU A 79 -4.08 -13.15 13.91
N LEU A 80 -3.32 -12.44 13.06
CA LEU A 80 -2.14 -11.70 13.51
C LEU A 80 -1.98 -10.41 12.72
N PRO A 81 -1.52 -9.32 13.36
CA PRO A 81 -1.34 -8.02 12.69
C PRO A 81 -0.24 -8.05 11.64
N LEU A 82 -0.57 -7.56 10.44
CA LEU A 82 0.39 -7.51 9.33
C LEU A 82 -0.28 -7.05 8.05
N LEU A 83 0.51 -6.47 7.16
CA LEU A 83 -0.01 -5.98 5.88
C LEU A 83 0.77 -6.55 4.70
N GLY A 84 2.00 -6.99 4.95
CA GLY A 84 2.81 -7.57 3.88
C GLY A 84 3.52 -6.51 3.04
N ASP A 85 3.84 -6.87 1.80
CA ASP A 85 4.54 -5.96 0.89
C ASP A 85 3.67 -5.63 -0.32
N LEU A 86 3.82 -4.42 -0.85
CA LEU A 86 3.06 -3.98 -2.00
C LEU A 86 3.95 -3.46 -3.12
N VAL A 87 3.39 -3.37 -4.33
CA VAL A 87 4.13 -2.87 -5.48
C VAL A 87 3.25 -1.97 -6.34
N ILE A 88 3.50 -0.66 -6.28
CA ILE A 88 2.73 0.30 -7.04
C ILE A 88 3.59 0.96 -8.12
N CYS A 89 2.93 1.52 -9.14
CA CYS A 89 3.63 2.19 -10.23
C CYS A 89 3.47 3.70 -10.14
N ARG A 90 4.59 4.41 -10.19
CA ARG A 90 4.59 5.87 -10.09
C ARG A 90 4.20 6.54 -11.42
N GLN A 91 4.02 5.75 -12.46
CA GLN A 91 3.68 6.28 -13.78
C GLN A 91 2.16 6.34 -13.99
N VAL A 92 1.46 5.33 -13.49
CA VAL A 92 0.01 5.27 -13.65
C VAL A 92 -0.73 6.12 -12.61
N VAL A 93 -0.34 5.97 -11.34
CA VAL A 93 -1.00 6.73 -10.28
C VAL A 93 -0.65 8.22 -10.37
N GLU A 94 0.62 8.52 -10.63
CA GLU A 94 1.06 9.90 -10.76
C GLU A 94 0.37 10.55 -11.95
N ARG A 95 0.18 9.78 -13.01
CA ARG A 95 -0.48 10.28 -14.21
C ARG A 95 -1.98 10.44 -13.97
N GLU A 96 -2.58 9.43 -13.34
CA GLU A 96 -4.01 9.46 -13.04
C GLU A 96 -4.32 10.62 -12.10
N ALA A 97 -3.45 10.80 -11.10
CA ALA A 97 -3.63 11.88 -10.14
C ALA A 97 -3.29 13.22 -10.76
N SER A 98 -2.23 13.25 -11.55
CA SER A 98 -1.80 14.48 -12.22
C SER A 98 -2.85 14.92 -13.23
N GLU A 99 -3.51 13.97 -13.85
CA GLU A 99 -4.55 14.25 -14.83
C GLU A 99 -5.89 14.51 -14.14
N GLN A 100 -6.11 13.80 -13.03
CA GLN A 100 -7.35 13.96 -12.27
C GLN A 100 -7.41 15.32 -11.58
N GLU A 101 -6.25 15.96 -11.42
CA GLU A 101 -6.17 17.26 -10.77
C GLU A 101 -6.48 17.14 -9.28
N LYS A 102 -5.84 16.19 -8.62
CA LYS A 102 -6.05 15.98 -7.19
C LYS A 102 -4.71 15.88 -6.45
N PRO A 103 -4.73 16.00 -5.11
CA PRO A 103 -3.51 15.92 -4.29
C PRO A 103 -2.90 14.53 -4.30
N LEU A 104 -1.68 14.43 -4.80
CA LEU A 104 -0.98 13.16 -4.86
C LEU A 104 -0.84 12.53 -3.46
N MET A 105 -0.90 13.37 -2.43
CA MET A 105 -0.79 12.90 -1.05
C MET A 105 -1.78 11.77 -0.78
N ALA A 106 -3.06 12.08 -0.86
CA ALA A 106 -4.11 11.09 -0.62
C ALA A 106 -4.02 9.95 -1.63
N HIS A 107 -3.57 10.27 -2.84
CA HIS A 107 -3.43 9.28 -3.90
C HIS A 107 -2.63 8.08 -3.43
N TRP A 108 -1.40 8.32 -2.98
CA TRP A 108 -0.54 7.25 -2.49
C TRP A 108 -1.22 6.48 -1.37
N ALA A 109 -1.69 7.21 -0.36
CA ALA A 109 -2.37 6.60 0.77
C ALA A 109 -3.45 5.64 0.29
N HIS A 110 -4.44 6.17 -0.43
CA HIS A 110 -5.52 5.36 -0.97
C HIS A 110 -4.96 4.29 -1.90
N MET A 111 -3.94 4.67 -2.68
CA MET A 111 -3.32 3.75 -3.62
C MET A 111 -2.91 2.46 -2.92
N VAL A 112 -1.98 2.56 -1.98
CA VAL A 112 -1.51 1.38 -1.24
C VAL A 112 -2.68 0.54 -0.75
N VAL A 113 -3.61 1.19 -0.05
CA VAL A 113 -4.78 0.51 0.48
C VAL A 113 -5.62 -0.12 -0.63
N HIS A 114 -5.48 0.39 -1.85
CA HIS A 114 -6.23 -0.14 -2.98
C HIS A 114 -5.65 -1.47 -3.46
N GLY A 115 -4.35 -1.48 -3.72
CA GLY A 115 -3.70 -2.70 -4.19
C GLY A 115 -3.32 -3.64 -3.07
N SER A 116 -3.58 -3.22 -1.82
CA SER A 116 -3.25 -4.05 -0.67
C SER A 116 -4.39 -4.99 -0.28
N LEU A 117 -5.58 -4.42 -0.08
CA LEU A 117 -6.73 -5.22 0.31
C LEU A 117 -7.44 -5.83 -0.89
N HIS A 118 -7.39 -5.15 -2.02
CA HIS A 118 -8.05 -5.64 -3.23
C HIS A 118 -7.32 -6.83 -3.85
N LEU A 119 -6.04 -6.99 -3.52
CA LEU A 119 -5.25 -8.09 -4.07
C LEU A 119 -5.24 -9.31 -3.15
N LEU A 120 -5.58 -9.12 -1.88
CA LEU A 120 -5.58 -10.24 -0.93
C LEU A 120 -6.83 -10.25 -0.05
N GLY A 121 -7.14 -9.12 0.57
CA GLY A 121 -8.30 -9.04 1.44
C GLY A 121 -7.95 -9.30 2.89
N TYR A 122 -7.23 -8.36 3.49
CA TYR A 122 -6.82 -8.47 4.89
C TYR A 122 -7.99 -8.83 5.81
N ASP A 123 -9.20 -8.55 5.36
CA ASP A 123 -10.40 -8.84 6.16
C ASP A 123 -10.74 -10.33 6.18
N HIS A 124 -9.73 -11.19 6.32
CA HIS A 124 -9.98 -12.62 6.37
C HIS A 124 -10.60 -13.01 7.70
N ILE A 125 -9.78 -13.27 8.71
CA ILE A 125 -10.30 -13.63 10.03
C ILE A 125 -11.12 -12.49 10.60
N GLU A 126 -11.92 -12.77 11.63
CA GLU A 126 -12.76 -11.75 12.23
C GLU A 126 -12.36 -11.44 13.67
N ASP A 127 -11.20 -11.92 14.11
CA ASP A 127 -10.75 -11.67 15.48
C ASP A 127 -9.94 -10.38 15.61
N ASP A 128 -8.72 -10.39 15.08
CA ASP A 128 -7.85 -9.22 15.17
C ASP A 128 -7.85 -8.39 13.88
N GLU A 129 -7.15 -8.87 12.87
CA GLU A 129 -7.03 -8.18 11.58
C GLU A 129 -8.33 -7.53 11.13
N ALA A 130 -9.45 -8.22 11.29
CA ALA A 130 -10.74 -7.68 10.88
C ALA A 130 -10.96 -6.28 11.44
N GLU A 131 -11.27 -6.20 12.73
CA GLU A 131 -11.51 -4.92 13.37
C GLU A 131 -10.29 -4.01 13.27
N GLU A 132 -9.13 -4.56 13.60
CA GLU A 132 -7.87 -3.82 13.55
C GLU A 132 -7.66 -3.18 12.17
N MET A 133 -7.64 -4.01 11.14
CA MET A 133 -7.44 -3.53 9.77
C MET A 133 -8.59 -2.61 9.36
N GLU A 134 -9.80 -2.94 9.81
CA GLU A 134 -10.97 -2.14 9.50
C GLU A 134 -10.80 -0.72 10.02
N SER A 135 -10.65 -0.60 11.35
CA SER A 135 -10.47 0.70 11.97
C SER A 135 -9.21 1.38 11.45
N LEU A 136 -8.13 0.60 11.38
CA LEU A 136 -6.85 1.11 10.89
C LEU A 136 -7.00 1.72 9.50
N GLU A 137 -7.42 0.89 8.54
CA GLU A 137 -7.61 1.34 7.17
C GLU A 137 -8.63 2.48 7.11
N THR A 138 -9.69 2.35 7.88
CA THR A 138 -10.73 3.36 7.93
C THR A 138 -10.16 4.70 8.44
N GLN A 139 -9.19 4.62 9.33
CA GLN A 139 -8.58 5.82 9.88
C GLN A 139 -7.61 6.46 8.89
N ILE A 140 -6.90 5.64 8.13
CA ILE A 140 -5.94 6.15 7.14
C ILE A 140 -6.67 6.65 5.91
N MET A 141 -7.74 5.94 5.55
CA MET A 141 -8.53 6.30 4.37
C MET A 141 -9.60 7.35 4.71
N GLN A 142 -10.50 7.02 5.62
CA GLN A 142 -11.57 7.92 6.00
C GLN A 142 -11.02 9.14 6.75
N GLY A 143 -9.88 8.96 7.41
CA GLY A 143 -9.28 10.05 8.16
C GLY A 143 -9.00 11.27 7.30
N LEU A 144 -8.81 11.05 6.00
CA LEU A 144 -8.53 12.15 5.08
C LEU A 144 -9.81 12.61 4.37
N GLY A 145 -10.60 11.65 3.91
CA GLY A 145 -11.83 11.97 3.21
C GLY A 145 -11.59 12.33 1.76
N PHE A 146 -11.28 11.34 0.95
CA PHE A 146 -11.01 11.55 -0.47
C PHE A 146 -12.15 11.00 -1.32
N SER A 3 2.82 -0.80 16.37
CA SER A 3 3.29 0.37 15.59
C SER A 3 2.94 0.23 14.10
N VAL A 4 3.20 1.29 13.34
CA VAL A 4 2.91 1.28 11.91
C VAL A 4 4.18 1.08 11.09
N LEU A 5 4.53 -0.18 10.83
CA LEU A 5 5.72 -0.49 10.05
C LEU A 5 5.43 -0.40 8.56
N VAL A 6 5.49 0.81 8.03
CA VAL A 6 5.26 1.03 6.61
C VAL A 6 6.56 1.28 5.88
N ASP A 7 6.77 0.60 4.76
CA ASP A 7 8.01 0.76 3.99
C ASP A 7 7.74 1.04 2.53
N LEU A 8 7.65 2.32 2.17
CA LEU A 8 7.43 2.72 0.79
C LEU A 8 8.74 3.08 0.12
N GLN A 9 8.92 2.61 -1.12
CA GLN A 9 10.16 2.89 -1.86
C GLN A 9 9.88 3.14 -3.33
N ILE A 10 10.45 4.21 -3.86
CA ILE A 10 10.29 4.56 -5.26
C ILE A 10 11.26 3.76 -6.13
N ALA A 11 10.88 3.51 -7.37
CA ALA A 11 11.72 2.75 -8.29
C ALA A 11 12.19 3.61 -9.45
N THR A 12 12.54 4.87 -9.15
CA THR A 12 13.01 5.79 -10.17
C THR A 12 14.32 6.44 -9.76
N GLU A 13 15.07 6.94 -10.75
CA GLU A 13 16.34 7.59 -10.49
C GLU A 13 16.13 8.92 -9.77
N ASN A 14 15.11 9.65 -10.20
CA ASN A 14 14.79 10.95 -9.60
C ASN A 14 13.29 11.15 -9.52
N ILE A 15 12.82 11.54 -8.34
CA ILE A 15 11.41 11.76 -8.10
C ILE A 15 10.87 12.90 -8.96
N GLU A 16 9.90 12.58 -9.81
CA GLU A 16 9.27 13.57 -10.67
C GLU A 16 7.96 14.02 -10.02
N GLY A 17 7.31 13.06 -9.37
CA GLY A 17 6.05 13.32 -8.69
C GLY A 17 5.76 12.28 -7.63
N LEU A 18 6.68 12.12 -6.69
CA LEU A 18 6.54 11.13 -5.62
C LEU A 18 7.08 11.68 -4.30
N PRO A 19 6.19 12.16 -3.43
CA PRO A 19 6.55 12.71 -2.12
C PRO A 19 7.53 11.80 -1.36
N THR A 20 7.86 12.21 -0.14
CA THR A 20 8.77 11.45 0.71
C THR A 20 8.01 10.61 1.73
N GLU A 21 8.67 9.59 2.26
CA GLU A 21 8.05 8.70 3.25
C GLU A 21 7.53 9.48 4.44
N GLU A 22 8.36 10.35 5.01
CA GLU A 22 7.96 11.15 6.16
C GLU A 22 6.58 11.76 5.95
N GLN A 23 6.43 12.48 4.85
CA GLN A 23 5.16 13.13 4.52
C GLN A 23 4.06 12.09 4.34
N ILE A 24 4.17 11.29 3.28
CA ILE A 24 3.18 10.25 2.99
C ILE A 24 2.85 9.43 4.24
N VAL A 25 3.87 8.77 4.77
CA VAL A 25 3.71 7.94 5.96
C VAL A 25 3.02 8.71 7.09
N GLN A 26 3.64 9.81 7.52
CA GLN A 26 3.08 10.63 8.58
C GLN A 26 1.65 11.08 8.26
N TRP A 27 1.49 11.74 7.13
CA TRP A 27 0.17 12.24 6.72
C TRP A 27 -0.86 11.11 6.72
N ALA A 28 -0.64 10.10 5.89
CA ALA A 28 -1.57 8.99 5.78
C ALA A 28 -1.51 8.07 7.00
N THR A 29 -0.49 7.23 7.05
CA THR A 29 -0.34 6.28 8.15
C THR A 29 -0.28 6.97 9.51
N GLY A 30 0.37 8.13 9.57
CA GLY A 30 0.47 8.84 10.83
C GLY A 30 -0.90 9.32 11.32
N ALA A 31 -1.79 9.59 10.37
CA ALA A 31 -3.13 10.06 10.72
C ALA A 31 -4.01 8.92 11.21
N VAL A 32 -3.65 7.68 10.85
CA VAL A 32 -4.42 6.51 11.27
C VAL A 32 -3.90 5.92 12.58
N GLN A 33 -2.73 6.37 13.03
CA GLN A 33 -2.15 5.86 14.27
C GLN A 33 -1.91 6.97 15.28
N PRO A 34 -2.88 7.89 15.45
CA PRO A 34 -2.76 8.99 16.41
C PRO A 34 -2.78 8.50 17.85
N GLU A 35 -3.32 7.30 18.07
CA GLU A 35 -3.40 6.71 19.40
C GLU A 35 -2.31 5.66 19.59
N GLY A 36 -2.31 4.65 18.72
CA GLY A 36 -1.31 3.60 18.81
C GLY A 36 -1.89 2.23 18.53
N ASN A 37 -1.53 1.67 17.37
CA ASN A 37 -2.01 0.35 16.98
C ASN A 37 -0.88 -0.49 16.38
N GLU A 38 -1.20 -1.71 15.98
CA GLU A 38 -0.20 -2.61 15.40
C GLU A 38 -0.50 -2.90 13.93
N VAL A 39 0.37 -2.41 13.05
CA VAL A 39 0.21 -2.62 11.61
C VAL A 39 1.54 -2.45 10.88
N GLU A 40 1.68 -3.11 9.73
CA GLU A 40 2.91 -3.02 8.95
C GLU A 40 2.65 -3.36 7.48
N MET A 41 2.93 -2.39 6.60
CA MET A 41 2.72 -2.57 5.17
C MET A 41 3.93 -2.08 4.36
N THR A 42 4.33 -2.87 3.37
CA THR A 42 5.46 -2.49 2.51
C THR A 42 4.93 -2.01 1.16
N VAL A 43 5.61 -1.03 0.56
CA VAL A 43 5.19 -0.49 -0.72
C VAL A 43 6.35 -0.24 -1.66
N ARG A 44 6.18 -0.63 -2.92
CA ARG A 44 7.19 -0.45 -3.95
C ARG A 44 6.59 0.21 -5.19
N ILE A 45 7.15 1.35 -5.59
CA ILE A 45 6.64 2.08 -6.75
C ILE A 45 7.54 1.90 -7.97
N VAL A 46 7.09 1.07 -8.91
CA VAL A 46 7.86 0.82 -10.14
C VAL A 46 6.93 0.65 -11.33
N ASP A 47 7.45 0.92 -12.53
CA ASP A 47 6.67 0.78 -13.75
C ASP A 47 5.91 -0.54 -13.81
N GLU A 48 4.82 -0.56 -14.57
CA GLU A 48 4.00 -1.77 -14.71
C GLU A 48 4.85 -2.96 -15.15
N ALA A 49 5.49 -2.84 -16.31
CA ALA A 49 6.32 -3.92 -16.83
C ALA A 49 7.33 -4.38 -15.80
N GLU A 50 8.03 -3.43 -15.20
CA GLU A 50 9.03 -3.72 -14.18
C GLU A 50 8.40 -4.45 -13.00
N SER A 51 7.29 -3.90 -12.50
CA SER A 51 6.58 -4.51 -11.37
C SER A 51 6.16 -5.93 -11.71
N HIS A 52 5.44 -6.08 -12.81
CA HIS A 52 4.97 -7.39 -13.26
C HIS A 52 6.15 -8.33 -13.46
N GLU A 53 7.29 -7.75 -13.87
CA GLU A 53 8.50 -8.53 -14.10
C GLU A 53 9.09 -8.99 -12.77
N LEU A 54 9.39 -8.02 -11.89
CA LEU A 54 9.96 -8.33 -10.58
C LEU A 54 9.07 -9.30 -9.81
N ASN A 55 7.79 -8.96 -9.70
CA ASN A 55 6.83 -9.78 -8.98
C ASN A 55 7.00 -11.26 -9.37
N LEU A 56 6.80 -11.53 -10.65
CA LEU A 56 6.93 -12.89 -11.16
C LEU A 56 8.38 -13.34 -11.20
N THR A 57 9.30 -12.38 -11.22
CA THR A 57 10.72 -12.68 -11.27
C THR A 57 11.17 -13.41 -10.00
N TYR A 58 10.46 -13.20 -8.90
CA TYR A 58 10.83 -13.84 -7.65
C TYR A 58 9.77 -14.83 -7.16
N ARG A 59 8.48 -14.52 -7.34
CA ARG A 59 7.42 -15.43 -6.87
C ARG A 59 6.62 -16.04 -8.02
N GLY A 60 6.45 -15.28 -9.09
CA GLY A 60 5.69 -15.78 -10.23
C GLY A 60 4.20 -15.78 -10.00
N LYS A 61 3.57 -14.61 -10.00
CA LYS A 61 2.13 -14.51 -9.80
C LYS A 61 1.56 -13.20 -10.35
N ASP A 62 1.11 -13.23 -11.60
CA ASP A 62 0.54 -12.05 -12.23
C ASP A 62 -0.93 -12.26 -12.59
N ARG A 63 -1.62 -11.16 -12.80
CA ARG A 63 -3.04 -11.16 -13.16
C ARG A 63 -3.44 -9.75 -13.55
N PRO A 64 -4.69 -9.52 -13.99
CA PRO A 64 -5.15 -8.19 -14.35
C PRO A 64 -5.02 -7.23 -13.17
N THR A 65 -3.77 -6.91 -12.82
CA THR A 65 -3.49 -6.04 -11.69
C THR A 65 -2.36 -5.07 -12.01
N ASN A 66 -2.65 -3.78 -11.98
CA ASN A 66 -1.64 -2.76 -12.25
C ASN A 66 -0.77 -2.54 -11.01
N VAL A 67 -1.15 -3.18 -9.90
CA VAL A 67 -0.42 -3.07 -8.65
C VAL A 67 -0.36 -4.42 -7.94
N LEU A 68 0.76 -5.12 -8.09
CA LEU A 68 0.91 -6.44 -7.48
C LEU A 68 1.26 -6.30 -5.99
N SER A 69 0.68 -7.17 -5.18
CA SER A 69 0.93 -7.16 -3.75
C SER A 69 1.78 -8.36 -3.35
N PHE A 70 2.87 -8.11 -2.64
CA PHE A 70 3.76 -9.17 -2.21
C PHE A 70 3.50 -9.55 -0.75
N PRO A 71 2.71 -10.62 -0.53
CA PRO A 71 2.39 -11.08 0.83
C PRO A 71 3.59 -11.70 1.53
N PHE A 72 3.64 -11.53 2.85
CA PHE A 72 4.74 -12.08 3.64
C PHE A 72 4.88 -13.58 3.41
N GLU A 73 6.09 -14.10 3.58
CA GLU A 73 6.33 -15.52 3.39
C GLU A 73 5.64 -16.30 4.50
N CYS A 74 4.32 -16.42 4.39
CA CYS A 74 3.53 -17.13 5.38
C CYS A 74 2.28 -17.72 4.73
N PRO A 75 1.45 -18.45 5.51
CA PRO A 75 0.22 -19.05 4.99
C PRO A 75 -0.87 -18.01 4.74
N ASP A 76 -2.05 -18.48 4.36
CA ASP A 76 -3.17 -17.59 4.08
C ASP A 76 -3.99 -17.31 5.34
N GLU A 77 -4.86 -18.26 5.69
CA GLU A 77 -5.71 -18.11 6.87
C GLU A 77 -4.88 -17.91 8.12
N VAL A 78 -4.67 -16.65 8.50
CA VAL A 78 -3.88 -16.32 9.68
C VAL A 78 -4.61 -15.32 10.56
N GLU A 79 -3.99 -14.98 11.70
CA GLU A 79 -4.57 -14.03 12.64
C GLU A 79 -3.47 -13.26 13.36
N LEU A 80 -3.15 -12.07 12.84
CA LEU A 80 -2.12 -11.23 13.44
C LEU A 80 -2.01 -9.89 12.72
N PRO A 81 -1.49 -8.86 13.39
CA PRO A 81 -1.32 -7.52 12.81
C PRO A 81 -0.30 -7.51 11.67
N LEU A 82 -0.78 -7.36 10.45
CA LEU A 82 0.10 -7.33 9.28
C LEU A 82 -0.69 -7.05 8.01
N LEU A 83 -0.01 -6.51 7.00
CA LEU A 83 -0.65 -6.20 5.73
C LEU A 83 0.11 -6.83 4.56
N GLY A 84 1.44 -6.72 4.61
CA GLY A 84 2.27 -7.28 3.55
C GLY A 84 2.94 -6.22 2.71
N ASP A 85 3.63 -6.65 1.66
CA ASP A 85 4.33 -5.72 0.77
C ASP A 85 3.47 -5.40 -0.45
N LEU A 86 3.80 -4.31 -1.14
CA LEU A 86 3.04 -3.89 -2.32
C LEU A 86 3.94 -3.46 -3.46
N VAL A 87 3.38 -3.45 -4.66
CA VAL A 87 4.09 -3.05 -5.87
C VAL A 87 3.15 -2.26 -6.77
N ILE A 88 3.32 -0.94 -6.77
CA ILE A 88 2.46 -0.07 -7.57
C ILE A 88 3.11 0.31 -8.90
N CYS A 89 2.28 0.86 -9.79
CA CYS A 89 2.74 1.29 -11.11
C CYS A 89 3.07 2.79 -11.10
N ARG A 90 4.25 3.13 -11.60
CA ARG A 90 4.70 4.51 -11.63
C ARG A 90 4.20 5.25 -12.89
N GLN A 91 3.52 4.53 -13.77
CA GLN A 91 3.02 5.14 -15.01
C GLN A 91 1.51 5.35 -14.97
N VAL A 92 0.79 4.40 -14.38
CA VAL A 92 -0.67 4.48 -14.31
C VAL A 92 -1.14 5.35 -13.14
N VAL A 93 -0.79 4.96 -11.92
CA VAL A 93 -1.18 5.72 -10.74
C VAL A 93 -0.55 7.10 -10.75
N GLU A 94 0.66 7.19 -11.31
CA GLU A 94 1.36 8.46 -11.41
C GLU A 94 0.64 9.35 -12.41
N ARG A 95 0.10 8.72 -13.46
CA ARG A 95 -0.63 9.45 -14.49
C ARG A 95 -1.96 9.94 -13.92
N GLU A 96 -2.63 9.05 -13.20
CA GLU A 96 -3.91 9.40 -12.59
C GLU A 96 -3.73 10.48 -11.53
N ALA A 97 -2.69 10.31 -10.71
CA ALA A 97 -2.39 11.28 -9.66
C ALA A 97 -1.84 12.58 -10.26
N SER A 98 -1.24 12.48 -11.44
CA SER A 98 -0.70 13.64 -12.12
C SER A 98 -1.78 14.39 -12.88
N GLU A 99 -2.75 13.65 -13.40
CA GLU A 99 -3.86 14.24 -14.15
C GLU A 99 -4.97 14.71 -13.22
N GLN A 100 -5.19 13.98 -12.13
CA GLN A 100 -6.23 14.31 -11.18
C GLN A 100 -6.10 15.76 -10.69
N GLU A 101 -4.87 16.26 -10.68
CA GLU A 101 -4.62 17.64 -10.25
C GLU A 101 -4.95 17.81 -8.77
N LYS A 102 -4.42 16.91 -7.95
CA LYS A 102 -4.66 16.96 -6.51
C LYS A 102 -3.43 16.47 -5.74
N PRO A 103 -3.39 16.72 -4.42
CA PRO A 103 -2.26 16.29 -3.58
C PRO A 103 -2.06 14.78 -3.60
N LEU A 104 -0.85 14.36 -3.91
CA LEU A 104 -0.52 12.94 -3.98
C LEU A 104 -0.60 12.29 -2.60
N MET A 105 -0.66 13.11 -1.55
CA MET A 105 -0.74 12.61 -0.18
C MET A 105 -1.77 11.48 -0.06
N ALA A 106 -3.00 11.77 -0.46
CA ALA A 106 -4.07 10.78 -0.39
C ALA A 106 -3.84 9.65 -1.40
N HIS A 107 -3.26 10.01 -2.55
CA HIS A 107 -2.99 9.03 -3.59
C HIS A 107 -2.28 7.81 -3.04
N TRP A 108 -1.16 8.04 -2.36
CA TRP A 108 -0.39 6.95 -1.78
C TRP A 108 -1.24 6.16 -0.79
N ALA A 109 -1.83 6.89 0.17
CA ALA A 109 -2.69 6.27 1.18
C ALA A 109 -3.71 5.34 0.56
N HIS A 110 -4.29 5.77 -0.57
CA HIS A 110 -5.29 4.96 -1.27
C HIS A 110 -4.62 3.89 -2.14
N MET A 111 -3.62 4.29 -2.91
CA MET A 111 -2.92 3.35 -3.79
C MET A 111 -2.43 2.14 -3.02
N VAL A 112 -1.97 2.37 -1.79
CA VAL A 112 -1.47 1.27 -0.95
C VAL A 112 -2.62 0.36 -0.53
N VAL A 113 -3.62 0.94 0.11
CA VAL A 113 -4.78 0.18 0.57
C VAL A 113 -5.45 -0.58 -0.58
N HIS A 114 -5.56 0.08 -1.73
CA HIS A 114 -6.18 -0.54 -2.90
C HIS A 114 -5.35 -1.73 -3.38
N GLY A 115 -4.09 -1.48 -3.71
CA GLY A 115 -3.23 -2.54 -4.19
C GLY A 115 -3.00 -3.63 -3.16
N SER A 116 -3.18 -3.30 -1.88
CA SER A 116 -2.99 -4.27 -0.81
C SER A 116 -4.26 -5.08 -0.56
N LEU A 117 -5.41 -4.47 -0.83
CA LEU A 117 -6.69 -5.14 -0.62
C LEU A 117 -7.07 -6.01 -1.82
N HIS A 118 -6.63 -5.60 -3.00
CA HIS A 118 -6.92 -6.34 -4.23
C HIS A 118 -6.26 -7.72 -4.22
N LEU A 119 -5.05 -7.79 -3.70
CA LEU A 119 -4.31 -9.05 -3.66
C LEU A 119 -4.40 -9.73 -2.29
N LEU A 120 -4.77 -8.97 -1.25
CA LEU A 120 -4.86 -9.54 0.09
C LEU A 120 -6.30 -9.57 0.60
N GLY A 121 -7.02 -8.46 0.41
CA GLY A 121 -8.40 -8.41 0.88
C GLY A 121 -8.50 -7.99 2.33
N TYR A 122 -8.20 -6.73 2.61
CA TYR A 122 -8.24 -6.17 3.97
C TYR A 122 -9.31 -6.83 4.85
N ASP A 123 -10.44 -7.18 4.25
CA ASP A 123 -11.55 -7.80 4.98
C ASP A 123 -11.26 -9.23 5.42
N HIS A 124 -10.06 -9.73 5.13
CA HIS A 124 -9.68 -11.09 5.51
C HIS A 124 -9.79 -11.28 7.02
N ILE A 125 -10.05 -12.52 7.44
CA ILE A 125 -10.19 -12.87 8.86
C ILE A 125 -10.92 -11.77 9.64
N GLU A 126 -12.17 -12.04 9.97
CA GLU A 126 -13.00 -11.09 10.70
C GLU A 126 -12.74 -11.12 12.22
N ASP A 127 -11.72 -11.86 12.64
CA ASP A 127 -11.42 -11.96 14.06
C ASP A 127 -10.46 -10.88 14.54
N ASP A 128 -9.19 -10.96 14.13
CA ASP A 128 -8.18 -9.99 14.54
C ASP A 128 -7.95 -8.89 13.50
N GLU A 129 -7.08 -9.18 12.53
CA GLU A 129 -6.72 -8.24 11.48
C GLU A 129 -7.92 -7.43 10.96
N ALA A 130 -9.11 -8.03 11.04
CA ALA A 130 -10.33 -7.35 10.56
C ALA A 130 -10.43 -5.93 11.13
N GLU A 131 -10.70 -5.84 12.43
CA GLU A 131 -10.83 -4.54 13.09
C GLU A 131 -9.68 -3.61 12.72
N GLU A 132 -8.46 -4.15 12.75
CA GLU A 132 -7.27 -3.38 12.42
C GLU A 132 -7.37 -2.82 11.01
N MET A 133 -7.65 -3.70 10.05
CA MET A 133 -7.76 -3.30 8.65
C MET A 133 -8.92 -2.32 8.46
N GLU A 134 -10.13 -2.78 8.75
CA GLU A 134 -11.32 -1.95 8.62
C GLU A 134 -11.13 -0.60 9.30
N SER A 135 -10.78 -0.64 10.58
CA SER A 135 -10.56 0.57 11.36
C SER A 135 -9.45 1.43 10.76
N LEU A 136 -8.25 0.85 10.65
CA LEU A 136 -7.11 1.58 10.10
C LEU A 136 -7.42 2.11 8.70
N GLU A 137 -7.88 1.22 7.81
CA GLU A 137 -8.22 1.63 6.45
C GLU A 137 -9.22 2.77 6.47
N THR A 138 -10.30 2.59 7.21
CA THR A 138 -11.32 3.61 7.33
C THR A 138 -10.72 4.89 7.90
N GLN A 139 -9.67 4.75 8.71
CA GLN A 139 -9.01 5.90 9.32
C GLN A 139 -8.12 6.63 8.30
N ILE A 140 -7.16 5.92 7.74
CA ILE A 140 -6.26 6.52 6.76
C ILE A 140 -7.03 7.04 5.56
N MET A 141 -8.12 6.36 5.22
CA MET A 141 -8.94 6.74 4.07
C MET A 141 -9.98 7.79 4.44
N GLN A 142 -10.89 7.45 5.35
CA GLN A 142 -11.94 8.37 5.77
C GLN A 142 -11.49 9.29 6.89
N GLY A 143 -10.72 8.75 7.84
CA GLY A 143 -10.24 9.53 8.96
C GLY A 143 -9.68 10.88 8.55
N LEU A 144 -9.16 10.97 7.32
CA LEU A 144 -8.59 12.21 6.82
C LEU A 144 -9.59 12.96 5.95
N GLY A 145 -10.44 12.21 5.24
CA GLY A 145 -11.44 12.81 4.38
C GLY A 145 -10.81 13.40 3.13
N PHE A 146 -10.18 12.54 2.33
CA PHE A 146 -9.54 12.98 1.09
C PHE A 146 -10.54 13.69 0.17
N SER A 3 2.16 0.32 17.04
CA SER A 3 3.16 0.85 16.08
C SER A 3 2.83 0.44 14.65
N VAL A 4 2.32 1.40 13.87
CA VAL A 4 1.96 1.12 12.48
C VAL A 4 3.18 1.24 11.57
N LEU A 5 3.90 0.14 11.42
CA LEU A 5 5.08 0.12 10.57
C LEU A 5 4.68 -0.03 9.11
N VAL A 6 5.21 0.87 8.27
CA VAL A 6 4.91 0.84 6.84
C VAL A 6 6.11 1.28 6.03
N ASP A 7 6.14 0.90 4.76
CA ASP A 7 7.26 1.27 3.91
C ASP A 7 6.83 1.50 2.46
N LEU A 8 6.25 2.67 2.21
CA LEU A 8 5.82 3.01 0.85
C LEU A 8 6.87 3.91 0.19
N GLN A 9 7.44 3.44 -0.91
CA GLN A 9 8.48 4.21 -1.60
C GLN A 9 8.43 4.04 -3.11
N ILE A 10 9.02 5.00 -3.82
CA ILE A 10 9.05 4.97 -5.27
C ILE A 10 10.36 4.36 -5.77
N ALA A 11 10.34 3.84 -6.99
CA ALA A 11 11.53 3.22 -7.56
C ALA A 11 11.71 3.66 -9.02
N THR A 12 11.80 4.97 -9.22
CA THR A 12 11.99 5.53 -10.55
C THR A 12 13.29 6.32 -10.63
N GLU A 13 14.06 6.09 -11.69
CA GLU A 13 15.32 6.77 -11.89
C GLU A 13 15.13 8.29 -11.89
N ASN A 14 14.01 8.73 -12.45
CA ASN A 14 13.70 10.15 -12.52
C ASN A 14 12.19 10.39 -12.47
N ILE A 15 11.79 11.44 -11.77
CA ILE A 15 10.38 11.78 -11.65
C ILE A 15 10.18 13.29 -11.63
N GLU A 16 8.92 13.72 -11.61
CA GLU A 16 8.59 15.14 -11.58
C GLU A 16 8.28 15.58 -10.16
N GLY A 17 8.94 14.95 -9.19
CA GLY A 17 8.74 15.27 -7.79
C GLY A 17 8.67 14.02 -6.93
N LEU A 18 9.85 13.49 -6.59
CA LEU A 18 9.93 12.28 -5.77
C LEU A 18 9.08 12.42 -4.51
N PRO A 19 8.54 11.29 -4.00
CA PRO A 19 7.71 11.27 -2.82
C PRO A 19 8.51 11.10 -1.53
N THR A 20 8.04 11.73 -0.45
CA THR A 20 8.72 11.64 0.83
C THR A 20 7.95 10.72 1.78
N GLU A 21 8.65 9.77 2.36
CA GLU A 21 8.03 8.82 3.29
C GLU A 21 7.54 9.50 4.56
N GLU A 22 8.41 10.32 5.15
CA GLU A 22 8.05 11.03 6.38
C GLU A 22 6.68 11.70 6.23
N GLN A 23 6.54 12.52 5.19
CA GLN A 23 5.29 13.22 4.93
C GLN A 23 4.16 12.23 4.66
N ILE A 24 4.24 11.52 3.55
CA ILE A 24 3.21 10.54 3.18
C ILE A 24 2.89 9.62 4.34
N VAL A 25 3.89 8.88 4.81
CA VAL A 25 3.72 7.96 5.92
C VAL A 25 3.04 8.64 7.10
N GLN A 26 3.65 9.70 7.61
CA GLN A 26 3.09 10.43 8.74
C GLN A 26 1.68 10.93 8.45
N TRP A 27 1.53 11.69 7.37
CA TRP A 27 0.23 12.23 6.99
C TRP A 27 -0.84 11.13 6.94
N ALA A 28 -0.64 10.14 6.07
CA ALA A 28 -1.60 9.06 5.93
C ALA A 28 -1.46 8.01 7.04
N THR A 29 -0.45 7.16 6.91
CA THR A 29 -0.23 6.10 7.89
C THR A 29 -0.10 6.64 9.32
N GLY A 30 0.35 7.88 9.44
CA GLY A 30 0.49 8.46 10.76
C GLY A 30 -0.83 8.92 11.33
N ALA A 31 -1.75 9.29 10.45
CA ALA A 31 -3.08 9.76 10.87
C ALA A 31 -4.05 8.60 11.06
N VAL A 32 -3.60 7.37 10.76
CA VAL A 32 -4.46 6.20 10.91
C VAL A 32 -4.24 5.50 12.24
N GLN A 33 -2.99 5.17 12.55
CA GLN A 33 -2.67 4.45 13.78
C GLN A 33 -1.69 5.23 14.66
N PRO A 34 -1.87 6.55 14.83
CA PRO A 34 -0.99 7.35 15.66
C PRO A 34 -0.85 6.75 17.06
N GLU A 35 -1.98 6.54 17.72
CA GLU A 35 -2.01 5.95 19.05
C GLU A 35 -2.77 4.63 19.03
N GLY A 36 -2.73 3.93 17.90
CA GLY A 36 -3.43 2.67 17.77
C GLY A 36 -2.53 1.45 17.97
N ASN A 37 -2.93 0.32 17.38
CA ASN A 37 -2.18 -0.92 17.50
C ASN A 37 -1.02 -0.96 16.51
N GLU A 38 -0.28 -2.07 16.52
CA GLU A 38 0.87 -2.24 15.64
C GLU A 38 0.47 -2.94 14.34
N VAL A 39 1.17 -2.62 13.25
CA VAL A 39 0.89 -3.24 11.96
C VAL A 39 2.10 -3.13 11.02
N GLU A 40 2.04 -3.84 9.89
CA GLU A 40 3.13 -3.82 8.92
C GLU A 40 2.60 -3.72 7.49
N MET A 41 2.72 -2.54 6.89
CA MET A 41 2.26 -2.33 5.52
C MET A 41 3.38 -1.80 4.63
N THR A 42 3.90 -2.68 3.77
CA THR A 42 4.98 -2.30 2.86
C THR A 42 4.41 -1.94 1.49
N VAL A 43 5.02 -0.96 0.82
CA VAL A 43 4.55 -0.53 -0.49
C VAL A 43 5.69 0.02 -1.34
N ARG A 44 5.64 -0.29 -2.63
CA ARG A 44 6.66 0.16 -3.56
C ARG A 44 6.05 0.53 -4.91
N ILE A 45 6.51 1.63 -5.49
CA ILE A 45 6.02 2.07 -6.78
C ILE A 45 7.17 2.10 -7.79
N VAL A 46 7.24 1.07 -8.63
CA VAL A 46 8.29 0.96 -9.63
C VAL A 46 7.70 0.64 -11.00
N ASP A 47 8.50 0.81 -12.05
CA ASP A 47 8.05 0.54 -13.42
C ASP A 47 7.35 -0.82 -13.49
N GLU A 48 6.57 -1.02 -14.56
CA GLU A 48 5.83 -2.25 -14.75
C GLU A 48 6.77 -3.44 -14.99
N ALA A 49 7.75 -3.25 -15.86
CA ALA A 49 8.70 -4.30 -16.18
C ALA A 49 9.47 -4.76 -14.95
N GLU A 50 9.99 -3.80 -14.20
CA GLU A 50 10.74 -4.08 -12.98
C GLU A 50 10.01 -5.07 -12.08
N SER A 51 8.83 -4.67 -11.62
CA SER A 51 8.02 -5.51 -10.74
C SER A 51 7.81 -6.89 -11.35
N HIS A 52 7.30 -6.92 -12.57
CA HIS A 52 7.03 -8.17 -13.28
C HIS A 52 8.30 -9.01 -13.36
N GLU A 53 9.45 -8.36 -13.39
CA GLU A 53 10.71 -9.06 -13.43
C GLU A 53 11.13 -9.48 -12.02
N LEU A 54 10.80 -8.62 -11.07
CA LEU A 54 11.11 -8.86 -9.66
C LEU A 54 10.36 -10.08 -9.14
N ASN A 55 9.03 -10.01 -9.20
CA ASN A 55 8.18 -11.09 -8.71
C ASN A 55 8.51 -12.41 -9.40
N LEU A 56 8.58 -12.39 -10.73
CA LEU A 56 8.89 -13.59 -11.47
C LEU A 56 10.29 -14.09 -11.14
N THR A 57 11.24 -13.16 -11.09
CA THR A 57 12.60 -13.51 -10.74
C THR A 57 12.63 -14.17 -9.37
N TYR A 58 11.59 -13.88 -8.58
CA TYR A 58 11.47 -14.44 -7.23
C TYR A 58 10.78 -15.81 -7.28
N ARG A 59 9.69 -15.91 -8.04
CA ARG A 59 8.97 -17.18 -8.12
C ARG A 59 8.15 -17.34 -9.41
N GLY A 60 7.62 -16.26 -9.94
CA GLY A 60 6.82 -16.34 -11.15
C GLY A 60 5.41 -15.81 -10.94
N LYS A 61 5.30 -14.76 -10.12
CA LYS A 61 4.01 -14.15 -9.81
C LYS A 61 3.28 -13.70 -11.07
N ASP A 62 2.27 -12.85 -10.88
CA ASP A 62 1.46 -12.35 -12.00
C ASP A 62 2.30 -11.83 -13.16
N ARG A 63 1.61 -11.35 -14.18
CA ARG A 63 2.23 -10.81 -15.39
C ARG A 63 1.82 -9.35 -15.58
N PRO A 64 2.05 -8.73 -16.77
CA PRO A 64 1.67 -7.33 -17.00
C PRO A 64 0.39 -6.93 -16.28
N THR A 65 0.56 -6.41 -15.07
CA THR A 65 -0.56 -5.99 -14.23
C THR A 65 -0.63 -4.48 -14.11
N ASN A 66 -1.38 -4.01 -13.12
CA ASN A 66 -1.54 -2.58 -12.87
C ASN A 66 -1.22 -2.25 -11.41
N VAL A 67 -1.70 -3.09 -10.51
CA VAL A 67 -1.47 -2.90 -9.08
C VAL A 67 -1.06 -4.21 -8.42
N LEU A 68 0.17 -4.64 -8.67
CA LEU A 68 0.69 -5.88 -8.10
C LEU A 68 1.16 -5.66 -6.66
N SER A 69 0.90 -6.65 -5.80
CA SER A 69 1.30 -6.56 -4.40
C SER A 69 2.27 -7.67 -4.03
N PHE A 70 2.50 -7.85 -2.73
CA PHE A 70 3.41 -8.88 -2.25
C PHE A 70 3.04 -9.33 -0.84
N PRO A 71 2.09 -10.28 -0.73
CA PRO A 71 1.65 -10.80 0.57
C PRO A 71 2.66 -11.78 1.17
N PHE A 72 2.80 -11.72 2.50
CA PHE A 72 3.74 -12.61 3.19
C PHE A 72 3.26 -14.06 3.13
N GLU A 73 4.09 -14.97 3.63
CA GLU A 73 3.76 -16.39 3.64
C GLU A 73 2.48 -16.64 4.44
N CYS A 74 1.37 -16.79 3.73
CA CYS A 74 0.08 -17.04 4.36
C CYS A 74 -0.31 -18.52 4.27
N PRO A 75 0.01 -19.31 5.30
CA PRO A 75 -0.31 -20.74 5.32
C PRO A 75 -1.81 -21.00 5.19
N ASP A 76 -2.54 -20.76 6.27
CA ASP A 76 -3.98 -20.97 6.28
C ASP A 76 -4.71 -19.67 6.61
N GLU A 77 -4.83 -19.37 7.90
CA GLU A 77 -5.50 -18.15 8.34
C GLU A 77 -4.64 -17.40 9.35
N VAL A 78 -4.09 -18.14 10.30
CA VAL A 78 -3.23 -17.56 11.34
C VAL A 78 -3.87 -16.31 11.95
N GLU A 79 -3.15 -15.68 12.88
CA GLU A 79 -3.65 -14.48 13.53
C GLU A 79 -2.49 -13.58 13.97
N LEU A 80 -2.29 -12.49 13.24
CA LEU A 80 -1.23 -11.55 13.54
C LEU A 80 -1.35 -10.30 12.67
N PRO A 81 -0.91 -9.14 13.19
CA PRO A 81 -0.97 -7.87 12.44
C PRO A 81 -0.04 -7.88 11.24
N LEU A 82 -0.60 -7.71 10.05
CA LEU A 82 0.19 -7.71 8.82
C LEU A 82 -0.61 -7.19 7.64
N LEU A 83 0.07 -6.50 6.73
CA LEU A 83 -0.56 -5.96 5.53
C LEU A 83 0.18 -6.42 4.27
N GLY A 84 1.46 -6.75 4.41
CA GLY A 84 2.23 -7.21 3.27
C GLY A 84 2.87 -6.08 2.49
N ASP A 85 3.61 -6.44 1.44
CA ASP A 85 4.29 -5.45 0.60
C ASP A 85 3.45 -5.12 -0.63
N LEU A 86 3.76 -4.00 -1.29
CA LEU A 86 3.02 -3.59 -2.48
C LEU A 86 3.97 -3.23 -3.63
N VAL A 87 3.46 -3.36 -4.85
CA VAL A 87 4.25 -3.05 -6.04
C VAL A 87 3.35 -2.47 -7.13
N ILE A 88 3.12 -1.16 -7.06
CA ILE A 88 2.27 -0.48 -8.04
C ILE A 88 3.08 0.34 -9.04
N CYS A 89 2.46 0.67 -10.17
CA CYS A 89 3.12 1.46 -11.20
C CYS A 89 2.87 2.95 -10.98
N ARG A 90 3.94 3.73 -10.97
CA ARG A 90 3.84 5.17 -10.77
C ARG A 90 3.31 5.87 -12.01
N GLN A 91 3.69 5.38 -13.18
CA GLN A 91 3.27 5.97 -14.44
C GLN A 91 1.75 6.12 -14.52
N VAL A 92 1.02 5.11 -14.05
CA VAL A 92 -0.44 5.13 -14.10
C VAL A 92 -1.04 5.95 -12.96
N VAL A 93 -0.62 5.67 -11.73
CA VAL A 93 -1.15 6.39 -10.58
C VAL A 93 -0.72 7.86 -10.60
N GLU A 94 0.56 8.09 -10.88
CA GLU A 94 1.08 9.46 -10.95
C GLU A 94 0.34 10.22 -12.04
N ARG A 95 0.03 9.52 -13.12
CA ARG A 95 -0.70 10.12 -14.23
C ARG A 95 -2.12 10.46 -13.79
N GLU A 96 -2.78 9.49 -13.16
CA GLU A 96 -4.13 9.69 -12.67
C GLU A 96 -4.15 10.78 -11.61
N ALA A 97 -3.12 10.79 -10.77
CA ALA A 97 -2.98 11.78 -9.71
C ALA A 97 -2.65 13.15 -10.30
N SER A 98 -2.03 13.15 -11.47
CA SER A 98 -1.66 14.38 -12.15
C SER A 98 -2.84 14.93 -12.92
N GLU A 99 -3.69 14.03 -13.41
CA GLU A 99 -4.88 14.43 -14.17
C GLU A 99 -6.04 14.75 -13.24
N GLN A 100 -6.08 14.07 -12.09
CA GLN A 100 -7.15 14.28 -11.12
C GLN A 100 -7.13 15.71 -10.59
N GLU A 101 -5.95 16.33 -10.59
CA GLU A 101 -5.80 17.70 -10.10
C GLU A 101 -6.01 17.76 -8.59
N LYS A 102 -5.32 16.88 -7.87
CA LYS A 102 -5.43 16.82 -6.41
C LYS A 102 -4.08 16.48 -5.78
N PRO A 103 -3.95 16.69 -4.46
CA PRO A 103 -2.71 16.40 -3.74
C PRO A 103 -2.36 14.91 -3.77
N LEU A 104 -1.08 14.62 -4.00
CA LEU A 104 -0.61 13.23 -4.05
C LEU A 104 -0.64 12.58 -2.67
N MET A 105 -0.67 13.41 -1.62
CA MET A 105 -0.70 12.89 -0.25
C MET A 105 -1.76 11.81 -0.08
N ALA A 106 -2.99 12.14 -0.47
CA ALA A 106 -4.10 11.20 -0.37
C ALA A 106 -3.99 10.12 -1.45
N HIS A 107 -3.40 10.48 -2.59
CA HIS A 107 -3.24 9.55 -3.69
C HIS A 107 -2.46 8.31 -3.25
N TRP A 108 -1.38 8.52 -2.51
CA TRP A 108 -0.56 7.41 -2.04
C TRP A 108 -1.33 6.59 -1.00
N ALA A 109 -1.89 7.28 0.00
CA ALA A 109 -2.66 6.62 1.04
C ALA A 109 -3.79 5.79 0.42
N HIS A 110 -4.39 6.32 -0.63
CA HIS A 110 -5.48 5.64 -1.32
C HIS A 110 -4.93 4.57 -2.25
N MET A 111 -3.89 4.92 -3.00
CA MET A 111 -3.27 3.99 -3.94
C MET A 111 -2.81 2.73 -3.23
N VAL A 112 -2.12 2.90 -2.09
CA VAL A 112 -1.63 1.76 -1.33
C VAL A 112 -2.78 0.88 -0.84
N VAL A 113 -3.76 1.49 -0.20
CA VAL A 113 -4.90 0.75 0.31
C VAL A 113 -5.65 0.04 -0.82
N HIS A 114 -5.67 0.66 -1.99
CA HIS A 114 -6.35 0.07 -3.15
C HIS A 114 -5.50 -1.03 -3.76
N GLY A 115 -4.23 -0.73 -3.97
CA GLY A 115 -3.33 -1.70 -4.57
C GLY A 115 -3.03 -2.87 -3.65
N SER A 116 -3.27 -2.69 -2.35
CA SER A 116 -3.01 -3.75 -1.38
C SER A 116 -4.22 -4.68 -1.22
N LEU A 117 -5.30 -4.15 -0.67
CA LEU A 117 -6.51 -4.93 -0.44
C LEU A 117 -6.94 -5.72 -1.68
N HIS A 118 -6.89 -5.09 -2.84
CA HIS A 118 -7.27 -5.75 -4.08
C HIS A 118 -6.48 -7.03 -4.32
N LEU A 119 -5.20 -7.02 -4.00
CA LEU A 119 -4.34 -8.19 -4.21
C LEU A 119 -4.13 -8.98 -2.93
N LEU A 120 -4.30 -8.34 -1.79
CA LEU A 120 -4.11 -9.00 -0.50
C LEU A 120 -5.41 -9.53 0.06
N GLY A 121 -6.29 -8.61 0.46
CA GLY A 121 -7.56 -9.00 1.03
C GLY A 121 -7.64 -8.68 2.51
N TYR A 122 -7.69 -7.38 2.82
CA TYR A 122 -7.76 -6.89 4.20
C TYR A 122 -8.56 -7.82 5.10
N ASP A 123 -9.57 -8.48 4.53
CA ASP A 123 -10.42 -9.40 5.29
C ASP A 123 -9.65 -10.67 5.67
N HIS A 124 -8.41 -10.53 6.09
CA HIS A 124 -7.58 -11.66 6.50
C HIS A 124 -8.30 -12.53 7.52
N ILE A 125 -8.40 -12.01 8.74
CA ILE A 125 -9.06 -12.71 9.83
C ILE A 125 -10.13 -11.82 10.46
N GLU A 126 -11.13 -12.44 11.08
CA GLU A 126 -12.21 -11.70 11.70
C GLU A 126 -11.89 -11.33 13.16
N ASP A 127 -10.84 -11.93 13.70
CA ASP A 127 -10.44 -11.67 15.08
C ASP A 127 -9.59 -10.42 15.22
N ASP A 128 -8.35 -10.48 14.73
CA ASP A 128 -7.43 -9.35 14.82
C ASP A 128 -7.42 -8.50 13.56
N GLU A 129 -6.73 -9.00 12.54
CA GLU A 129 -6.60 -8.29 11.26
C GLU A 129 -7.90 -7.61 10.84
N ALA A 130 -9.03 -8.19 11.22
CA ALA A 130 -10.33 -7.61 10.88
C ALA A 130 -10.46 -6.20 11.42
N GLU A 131 -10.68 -6.08 12.71
CA GLU A 131 -10.82 -4.77 13.36
C GLU A 131 -9.65 -3.86 13.01
N GLU A 132 -8.45 -4.45 12.93
CA GLU A 132 -7.26 -3.70 12.60
C GLU A 132 -7.37 -3.09 11.20
N MET A 133 -7.51 -3.94 10.20
CA MET A 133 -7.64 -3.49 8.82
C MET A 133 -8.81 -2.52 8.67
N GLU A 134 -9.98 -2.92 9.14
CA GLU A 134 -11.16 -2.08 9.06
C GLU A 134 -10.92 -0.73 9.73
N SER A 135 -10.53 -0.77 11.00
CA SER A 135 -10.26 0.44 11.77
C SER A 135 -9.22 1.31 11.08
N LEU A 136 -8.03 0.76 10.87
CA LEU A 136 -6.96 1.52 10.24
C LEU A 136 -7.37 1.98 8.84
N GLU A 137 -7.88 1.06 8.03
CA GLU A 137 -8.32 1.41 6.67
C GLU A 137 -9.27 2.59 6.71
N THR A 138 -10.25 2.52 7.61
CA THR A 138 -11.22 3.57 7.76
C THR A 138 -10.57 4.83 8.32
N GLN A 139 -9.47 4.67 9.06
CA GLN A 139 -8.77 5.80 9.65
C GLN A 139 -7.95 6.55 8.60
N ILE A 140 -7.35 5.83 7.67
CA ILE A 140 -6.54 6.46 6.62
C ILE A 140 -7.42 6.92 5.46
N MET A 141 -8.43 6.11 5.15
CA MET A 141 -9.34 6.44 4.04
C MET A 141 -10.48 7.35 4.51
N GLN A 142 -11.15 6.96 5.59
CA GLN A 142 -12.26 7.76 6.11
C GLN A 142 -11.79 8.85 7.07
N GLY A 143 -10.88 8.50 7.97
CA GLY A 143 -10.36 9.46 8.92
C GLY A 143 -9.97 10.78 8.28
N LEU A 144 -9.30 10.71 7.14
CA LEU A 144 -8.87 11.91 6.43
C LEU A 144 -9.91 12.34 5.41
N GLY A 145 -10.70 11.39 4.93
CA GLY A 145 -11.73 11.70 3.95
C GLY A 145 -11.15 12.27 2.67
N PHE A 146 -10.37 11.47 1.96
CA PHE A 146 -9.76 11.90 0.71
C PHE A 146 -10.82 12.21 -0.34
N SER A 3 2.50 1.40 16.82
CA SER A 3 3.62 1.61 15.87
C SER A 3 3.30 1.05 14.49
N VAL A 4 2.71 1.88 13.64
CA VAL A 4 2.35 1.46 12.30
C VAL A 4 3.59 1.40 11.41
N LEU A 5 4.25 0.23 11.40
CA LEU A 5 5.44 0.04 10.59
C LEU A 5 5.07 -0.07 9.12
N VAL A 6 5.82 0.60 8.26
CA VAL A 6 5.55 0.56 6.84
C VAL A 6 6.85 0.67 6.04
N ASP A 7 6.83 0.12 4.83
CA ASP A 7 8.01 0.16 3.98
C ASP A 7 7.65 0.53 2.55
N LEU A 8 7.38 1.82 2.33
CA LEU A 8 7.03 2.31 1.00
C LEU A 8 8.27 2.87 0.32
N GLN A 9 8.52 2.43 -0.91
CA GLN A 9 9.70 2.91 -1.64
C GLN A 9 9.44 2.96 -3.15
N ILE A 10 10.27 3.76 -3.82
CA ILE A 10 10.16 3.93 -5.26
C ILE A 10 11.33 3.22 -5.96
N ALA A 11 11.13 2.86 -7.23
CA ALA A 11 12.18 2.18 -7.99
C ALA A 11 12.17 2.61 -9.45
N THR A 12 11.58 3.76 -9.74
CA THR A 12 11.53 4.27 -11.10
C THR A 12 12.62 5.31 -11.34
N GLU A 13 12.85 5.66 -12.59
CA GLU A 13 13.87 6.64 -12.94
C GLU A 13 13.25 7.97 -13.35
N ASN A 14 12.05 7.91 -13.92
CA ASN A 14 11.36 9.12 -14.36
C ASN A 14 10.16 9.42 -13.47
N ILE A 15 10.23 10.56 -12.77
CA ILE A 15 9.15 10.98 -11.89
C ILE A 15 9.04 12.50 -11.85
N GLU A 16 7.82 12.99 -11.58
CA GLU A 16 7.58 14.43 -11.50
C GLU A 16 7.58 14.88 -10.05
N GLY A 17 8.38 14.20 -9.23
CA GLY A 17 8.47 14.53 -7.81
C GLY A 17 8.63 13.30 -6.96
N LEU A 18 9.87 12.89 -6.72
CA LEU A 18 10.16 11.71 -5.91
C LEU A 18 9.30 11.68 -4.65
N PRO A 19 8.69 10.52 -4.34
CA PRO A 19 7.84 10.37 -3.16
C PRO A 19 8.64 10.11 -1.89
N THR A 20 8.44 10.97 -0.89
CA THR A 20 9.15 10.83 0.38
C THR A 20 8.33 10.01 1.38
N GLU A 21 8.95 9.00 1.96
CA GLU A 21 8.28 8.14 2.93
C GLU A 21 7.77 8.94 4.12
N GLU A 22 8.63 9.80 4.67
CA GLU A 22 8.25 10.62 5.82
C GLU A 22 6.91 11.30 5.59
N GLN A 23 6.79 12.02 4.48
CA GLN A 23 5.56 12.72 4.14
C GLN A 23 4.41 11.73 3.98
N ILE A 24 4.49 10.89 2.95
CA ILE A 24 3.46 9.89 2.69
C ILE A 24 3.13 9.09 3.94
N VAL A 25 4.13 8.35 4.44
CA VAL A 25 3.96 7.53 5.63
C VAL A 25 3.30 8.31 6.76
N GLN A 26 3.94 9.40 7.19
CA GLN A 26 3.41 10.23 8.26
C GLN A 26 2.00 10.73 7.93
N TRP A 27 1.86 11.34 6.76
CA TRP A 27 0.59 11.88 6.34
C TRP A 27 -0.53 10.83 6.46
N ALA A 28 -0.38 9.73 5.71
CA ALA A 28 -1.38 8.67 5.74
C ALA A 28 -1.20 7.76 6.94
N THR A 29 -0.21 6.87 6.87
CA THR A 29 0.05 5.92 7.94
C THR A 29 0.32 6.60 9.28
N GLY A 30 0.68 7.87 9.24
CA GLY A 30 0.94 8.58 10.48
C GLY A 30 -0.33 9.09 11.13
N ALA A 31 -1.31 9.45 10.30
CA ALA A 31 -2.58 9.95 10.80
C ALA A 31 -3.54 8.81 11.13
N VAL A 32 -3.14 7.57 10.84
CA VAL A 32 -3.99 6.40 11.11
C VAL A 32 -3.67 5.77 12.46
N GLN A 33 -2.39 5.52 12.72
CA GLN A 33 -2.00 4.87 13.97
C GLN A 33 -1.02 5.74 14.78
N PRO A 34 -1.29 7.05 14.90
CA PRO A 34 -0.43 7.94 15.67
C PRO A 34 -0.26 7.45 17.11
N GLU A 35 -1.39 7.23 17.78
CA GLU A 35 -1.39 6.73 19.14
C GLU A 35 -2.09 5.37 19.23
N GLY A 36 -2.01 4.60 18.14
CA GLY A 36 -2.66 3.31 18.10
C GLY A 36 -1.70 2.15 18.32
N ASN A 37 -2.08 0.98 17.82
CA ASN A 37 -1.28 -0.23 17.96
C ASN A 37 -0.18 -0.29 16.89
N GLU A 38 0.60 -1.37 16.92
CA GLU A 38 1.68 -1.56 15.97
C GLU A 38 1.25 -2.47 14.82
N VAL A 39 1.82 -2.23 13.63
CA VAL A 39 1.50 -3.04 12.46
C VAL A 39 2.63 -3.00 11.43
N GLU A 40 2.43 -3.65 10.28
CA GLU A 40 3.45 -3.69 9.24
C GLU A 40 2.85 -3.69 7.83
N MET A 41 3.06 -2.58 7.11
CA MET A 41 2.56 -2.43 5.75
C MET A 41 3.69 -2.03 4.79
N THR A 42 4.06 -2.95 3.89
CA THR A 42 5.12 -2.67 2.94
C THR A 42 4.56 -2.19 1.60
N VAL A 43 5.34 -1.38 0.89
CA VAL A 43 4.91 -0.84 -0.40
C VAL A 43 6.09 -0.55 -1.32
N ARG A 44 5.94 -0.87 -2.60
CA ARG A 44 6.99 -0.65 -3.58
C ARG A 44 6.41 -0.19 -4.92
N ILE A 45 6.88 0.93 -5.42
CA ILE A 45 6.39 1.43 -6.71
C ILE A 45 7.51 1.55 -7.73
N VAL A 46 7.21 1.13 -8.96
CA VAL A 46 8.18 1.17 -10.04
C VAL A 46 7.50 0.88 -11.39
N ASP A 47 8.18 1.22 -12.48
CA ASP A 47 7.64 0.99 -13.82
C ASP A 47 7.10 -0.43 -13.96
N GLU A 48 6.25 -0.64 -14.97
CA GLU A 48 5.66 -1.96 -15.20
C GLU A 48 6.73 -3.01 -15.42
N ALA A 49 7.48 -2.89 -16.50
CA ALA A 49 8.54 -3.85 -16.83
C ALA A 49 9.45 -4.10 -15.63
N GLU A 50 10.02 -3.02 -15.10
CA GLU A 50 10.92 -3.11 -13.95
C GLU A 50 10.35 -3.98 -12.83
N SER A 51 9.22 -3.56 -12.28
CA SER A 51 8.56 -4.30 -11.20
C SER A 51 8.34 -5.75 -11.60
N HIS A 52 7.68 -5.94 -12.75
CA HIS A 52 7.40 -7.28 -13.25
C HIS A 52 8.68 -8.08 -13.40
N GLU A 53 9.79 -7.39 -13.57
CA GLU A 53 11.09 -8.05 -13.68
C GLU A 53 11.64 -8.29 -12.29
N LEU A 54 11.33 -7.37 -11.38
CA LEU A 54 11.77 -7.45 -10.00
C LEU A 54 11.17 -8.67 -9.31
N ASN A 55 9.85 -8.72 -9.27
CA ASN A 55 9.14 -9.83 -8.62
C ASN A 55 9.50 -11.16 -9.29
N LEU A 56 9.47 -11.18 -10.62
CA LEU A 56 9.77 -12.39 -11.35
C LEU A 56 11.22 -12.84 -11.18
N THR A 57 12.14 -11.91 -11.30
CA THR A 57 13.56 -12.23 -11.18
C THR A 57 13.90 -12.85 -9.82
N TYR A 58 13.05 -12.65 -8.82
CA TYR A 58 13.32 -13.19 -7.49
C TYR A 58 12.31 -14.27 -7.07
N ARG A 59 11.13 -14.33 -7.72
CA ARG A 59 10.13 -15.32 -7.34
C ARG A 59 9.30 -15.82 -8.53
N GLY A 60 9.05 -14.96 -9.49
CA GLY A 60 8.24 -15.36 -10.64
C GLY A 60 6.77 -15.09 -10.40
N LYS A 61 6.42 -13.81 -10.25
CA LYS A 61 5.03 -13.42 -9.99
C LYS A 61 4.23 -13.23 -11.27
N ASP A 62 3.08 -12.60 -11.14
CA ASP A 62 2.17 -12.36 -12.26
C ASP A 62 2.87 -11.67 -13.44
N ARG A 63 2.06 -11.18 -14.37
CA ARG A 63 2.54 -10.48 -15.56
C ARG A 63 2.09 -9.01 -15.50
N PRO A 64 2.19 -8.24 -16.61
CA PRO A 64 1.79 -6.84 -16.63
C PRO A 64 0.51 -6.58 -15.82
N THR A 65 0.71 -6.30 -14.54
CA THR A 65 -0.40 -6.04 -13.63
C THR A 65 -0.54 -4.55 -13.34
N ASN A 66 -1.27 -4.24 -12.27
CA ASN A 66 -1.48 -2.85 -11.86
C ASN A 66 -1.28 -2.71 -10.35
N VAL A 67 -1.95 -3.57 -9.59
CA VAL A 67 -1.84 -3.55 -8.14
C VAL A 67 -1.28 -4.87 -7.62
N LEU A 68 -0.05 -5.17 -8.03
CA LEU A 68 0.61 -6.40 -7.61
C LEU A 68 1.21 -6.23 -6.22
N SER A 69 0.64 -6.94 -5.25
CA SER A 69 1.12 -6.86 -3.88
C SER A 69 1.77 -8.17 -3.45
N PHE A 70 2.56 -8.09 -2.38
CA PHE A 70 3.24 -9.26 -1.86
C PHE A 70 2.60 -9.68 -0.54
N PRO A 71 1.51 -10.47 -0.60
CA PRO A 71 0.80 -10.92 0.59
C PRO A 71 1.51 -12.06 1.31
N PHE A 72 1.18 -12.25 2.58
CA PHE A 72 1.78 -13.31 3.38
C PHE A 72 0.92 -14.56 3.32
N GLU A 73 1.56 -15.74 3.27
CA GLU A 73 0.83 -17.00 3.21
C GLU A 73 -0.31 -17.01 4.21
N CYS A 74 -1.54 -16.97 3.72
CA CYS A 74 -2.71 -16.95 4.59
C CYS A 74 -3.64 -18.14 4.32
N PRO A 75 -3.14 -19.37 4.48
CA PRO A 75 -3.95 -20.58 4.28
C PRO A 75 -4.84 -20.84 5.49
N ASP A 76 -4.35 -20.40 6.66
CA ASP A 76 -5.06 -20.54 7.92
C ASP A 76 -5.30 -19.17 8.53
N GLU A 77 -5.66 -18.21 7.67
CA GLU A 77 -5.89 -16.82 8.07
C GLU A 77 -6.20 -16.71 9.57
N VAL A 78 -5.22 -16.23 10.31
CA VAL A 78 -5.32 -16.08 11.75
C VAL A 78 -5.39 -14.60 12.15
N GLU A 79 -5.27 -14.34 13.44
CA GLU A 79 -5.34 -12.98 13.95
C GLU A 79 -3.99 -12.50 14.46
N LEU A 80 -3.21 -11.86 13.58
CA LEU A 80 -1.90 -11.33 13.95
C LEU A 80 -1.72 -9.92 13.40
N PRO A 81 -0.84 -9.12 14.02
CA PRO A 81 -0.57 -7.75 13.57
C PRO A 81 0.27 -7.70 12.31
N LEU A 82 -0.39 -7.57 11.16
CA LEU A 82 0.30 -7.53 9.88
C LEU A 82 -0.63 -7.06 8.77
N LEU A 83 -0.05 -6.47 7.73
CA LEU A 83 -0.81 -5.98 6.60
C LEU A 83 -0.27 -6.55 5.28
N GLY A 84 1.01 -6.93 5.28
CA GLY A 84 1.61 -7.49 4.08
C GLY A 84 2.44 -6.50 3.29
N ASP A 85 2.86 -6.92 2.09
CA ASP A 85 3.67 -6.08 1.22
C ASP A 85 2.89 -5.68 -0.03
N LEU A 86 3.22 -4.54 -0.63
CA LEU A 86 2.52 -4.06 -1.82
C LEU A 86 3.49 -3.60 -2.90
N VAL A 87 3.04 -3.64 -4.15
CA VAL A 87 3.85 -3.21 -5.29
C VAL A 87 2.97 -2.62 -6.39
N ILE A 88 2.96 -1.29 -6.48
CA ILE A 88 2.13 -0.61 -7.48
C ILE A 88 2.97 0.19 -8.48
N CYS A 89 2.41 0.37 -9.68
CA CYS A 89 3.10 1.13 -10.72
C CYS A 89 2.95 2.62 -10.48
N ARG A 90 4.03 3.37 -10.67
CA ARG A 90 4.03 4.81 -10.45
C ARG A 90 3.52 5.56 -11.68
N GLN A 91 3.25 4.85 -12.77
CA GLN A 91 2.78 5.47 -14.00
C GLN A 91 1.25 5.60 -14.01
N VAL A 92 0.57 4.57 -13.56
CA VAL A 92 -0.90 4.58 -13.55
C VAL A 92 -1.47 5.53 -12.49
N VAL A 93 -1.06 5.34 -11.23
CA VAL A 93 -1.55 6.19 -10.15
C VAL A 93 -1.13 7.64 -10.35
N GLU A 94 0.15 7.85 -10.65
CA GLU A 94 0.66 9.19 -10.89
C GLU A 94 -0.15 9.87 -11.97
N ARG A 95 -0.59 9.07 -12.94
CA ARG A 95 -1.40 9.58 -14.04
C ARG A 95 -2.81 9.89 -13.56
N GLU A 96 -3.37 8.97 -12.77
CA GLU A 96 -4.71 9.16 -12.21
C GLU A 96 -4.74 10.42 -11.36
N ALA A 97 -3.70 10.61 -10.55
CA ALA A 97 -3.60 11.77 -9.68
C ALA A 97 -3.32 13.02 -10.51
N SER A 98 -2.40 12.89 -11.47
CA SER A 98 -2.04 14.01 -12.33
C SER A 98 -3.26 14.48 -13.13
N GLU A 99 -4.13 13.54 -13.46
CA GLU A 99 -5.34 13.85 -14.22
C GLU A 99 -6.46 14.30 -13.28
N GLN A 100 -6.47 13.73 -12.07
CA GLN A 100 -7.48 14.08 -11.07
C GLN A 100 -7.24 15.48 -10.51
N GLU A 101 -6.00 15.96 -10.62
CA GLU A 101 -5.64 17.27 -10.11
C GLU A 101 -5.80 17.34 -8.59
N LYS A 102 -5.30 16.32 -7.91
CA LYS A 102 -5.39 16.26 -6.46
C LYS A 102 -4.04 15.86 -5.84
N PRO A 103 -3.80 16.25 -4.58
CA PRO A 103 -2.56 15.94 -3.88
C PRO A 103 -2.27 14.45 -3.83
N LEU A 104 -1.07 14.07 -4.25
CA LEU A 104 -0.67 12.67 -4.27
C LEU A 104 -0.73 12.05 -2.87
N MET A 105 -0.71 12.91 -1.85
CA MET A 105 -0.76 12.45 -0.46
C MET A 105 -1.92 11.48 -0.25
N ALA A 106 -3.09 11.85 -0.73
CA ALA A 106 -4.29 11.02 -0.59
C ALA A 106 -4.23 9.83 -1.55
N HIS A 107 -3.71 10.07 -2.75
CA HIS A 107 -3.61 9.02 -3.76
C HIS A 107 -2.80 7.85 -3.24
N TRP A 108 -1.70 8.14 -2.55
CA TRP A 108 -0.86 7.08 -1.99
C TRP A 108 -1.64 6.26 -0.97
N ALA A 109 -2.17 6.95 0.04
CA ALA A 109 -2.95 6.30 1.09
C ALA A 109 -4.07 5.46 0.50
N HIS A 110 -4.74 6.02 -0.52
CA HIS A 110 -5.82 5.30 -1.18
C HIS A 110 -5.27 4.20 -2.06
N MET A 111 -4.19 4.51 -2.78
CA MET A 111 -3.55 3.55 -3.67
C MET A 111 -3.17 2.28 -2.93
N VAL A 112 -2.47 2.42 -1.82
CA VAL A 112 -2.04 1.26 -1.03
C VAL A 112 -3.23 0.40 -0.63
N VAL A 113 -4.25 1.03 -0.04
CA VAL A 113 -5.45 0.31 0.38
C VAL A 113 -6.15 -0.35 -0.80
N HIS A 114 -6.27 0.39 -1.90
CA HIS A 114 -6.92 -0.13 -3.09
C HIS A 114 -6.17 -1.33 -3.65
N GLY A 115 -4.85 -1.24 -3.71
CA GLY A 115 -4.05 -2.32 -4.23
C GLY A 115 -3.86 -3.47 -3.24
N SER A 116 -4.11 -3.21 -1.97
CA SER A 116 -3.95 -4.25 -0.95
C SER A 116 -5.24 -5.05 -0.77
N LEU A 117 -6.34 -4.36 -0.53
CA LEU A 117 -7.64 -4.99 -0.33
C LEU A 117 -8.03 -5.86 -1.53
N HIS A 118 -8.04 -5.25 -2.71
CA HIS A 118 -8.42 -5.95 -3.93
C HIS A 118 -7.45 -7.08 -4.26
N LEU A 119 -6.25 -7.03 -3.70
CA LEU A 119 -5.24 -8.04 -3.96
C LEU A 119 -5.52 -9.36 -3.25
N LEU A 120 -5.56 -9.33 -1.92
CA LEU A 120 -5.78 -10.55 -1.14
C LEU A 120 -7.12 -10.53 -0.38
N GLY A 121 -7.38 -9.45 0.35
CA GLY A 121 -8.60 -9.37 1.12
C GLY A 121 -8.31 -9.27 2.61
N TYR A 122 -7.76 -8.14 3.01
CA TYR A 122 -7.41 -7.89 4.40
C TYR A 122 -8.50 -8.32 5.39
N ASP A 123 -9.74 -8.39 4.90
CA ASP A 123 -10.86 -8.79 5.74
C ASP A 123 -10.95 -10.32 5.90
N HIS A 124 -9.80 -10.97 6.09
CA HIS A 124 -9.79 -12.43 6.24
C HIS A 124 -10.38 -12.84 7.59
N ILE A 125 -9.85 -12.30 8.68
CA ILE A 125 -10.35 -12.61 10.01
C ILE A 125 -11.19 -11.45 10.54
N GLU A 126 -12.39 -11.77 11.02
CA GLU A 126 -13.30 -10.75 11.52
C GLU A 126 -13.07 -10.43 13.00
N ASP A 127 -11.98 -10.93 13.56
CA ASP A 127 -11.70 -10.67 14.98
C ASP A 127 -10.88 -9.39 15.17
N ASP A 128 -9.61 -9.42 14.80
CA ASP A 128 -8.73 -8.27 14.94
C ASP A 128 -8.59 -7.47 13.64
N GLU A 129 -7.87 -8.06 12.69
CA GLU A 129 -7.62 -7.43 11.40
C GLU A 129 -8.83 -6.69 10.86
N ALA A 130 -9.94 -7.40 10.63
CA ALA A 130 -11.14 -6.79 10.10
C ALA A 130 -11.47 -5.49 10.84
N GLU A 131 -11.66 -5.59 12.15
CA GLU A 131 -11.97 -4.42 12.97
C GLU A 131 -10.90 -3.35 12.82
N GLU A 132 -9.68 -3.69 13.22
CA GLU A 132 -8.55 -2.76 13.13
C GLU A 132 -8.43 -2.22 11.71
N MET A 133 -8.27 -3.13 10.75
CA MET A 133 -8.16 -2.76 9.34
C MET A 133 -9.21 -1.73 8.97
N GLU A 134 -10.45 -2.00 9.37
CA GLU A 134 -11.54 -1.08 9.10
C GLU A 134 -11.29 0.25 9.80
N SER A 135 -10.87 0.18 11.06
CA SER A 135 -10.57 1.37 11.84
C SER A 135 -9.47 2.18 11.18
N LEU A 136 -8.30 1.54 10.99
CA LEU A 136 -7.17 2.22 10.36
C LEU A 136 -7.56 2.70 8.96
N GLU A 137 -8.08 1.78 8.14
CA GLU A 137 -8.50 2.14 6.79
C GLU A 137 -9.38 3.38 6.82
N THR A 138 -10.26 3.43 7.82
CA THR A 138 -11.16 4.57 7.97
C THR A 138 -10.37 5.79 8.47
N GLN A 139 -9.31 5.54 9.21
CA GLN A 139 -8.48 6.62 9.75
C GLN A 139 -7.54 7.18 8.68
N ILE A 140 -7.05 6.32 7.79
CA ILE A 140 -6.15 6.77 6.72
C ILE A 140 -6.96 7.27 5.53
N MET A 141 -8.10 6.62 5.28
CA MET A 141 -8.97 7.01 4.17
C MET A 141 -9.94 8.11 4.57
N GLN A 142 -10.69 7.88 5.65
CA GLN A 142 -11.67 8.85 6.12
C GLN A 142 -11.06 9.89 7.05
N GLY A 143 -10.17 9.44 7.94
CA GLY A 143 -9.53 10.35 8.88
C GLY A 143 -9.11 11.67 8.25
N LEU A 144 -8.78 11.64 6.97
CA LEU A 144 -8.36 12.84 6.26
C LEU A 144 -9.44 13.31 5.29
N GLY A 145 -10.23 12.36 4.80
CA GLY A 145 -11.29 12.69 3.86
C GLY A 145 -10.76 13.03 2.49
N PHE A 146 -10.46 12.00 1.70
CA PHE A 146 -9.94 12.20 0.36
C PHE A 146 -11.07 12.40 -0.64
#